data_6V0Z
#
_entry.id   6V0Z
#
_cell.length_a   154.964
_cell.length_b   161.647
_cell.length_c   158.542
_cell.angle_alpha   90.000
_cell.angle_beta   94.450
_cell.angle_gamma   90.000
#
_symmetry.space_group_name_H-M   'C 1 2 1'
#
loop_
_entity.id
_entity.type
_entity.pdbx_description
1 polymer 'Alpha-aminoadipic semialdehyde dehydrogenase'
2 non-polymer NICOTINAMIDE-ADENINE-DINUCLEOTIDE
3 non-polymer 1,2-ETHANEDIOL
4 water water
#
_entity_poly.entity_id   1
_entity_poly.type   'polypeptide(L)'
_entity_poly.pdbx_seq_one_letter_code
;GHMSTLLINQPQYAWLKELGLREENEGVYNGSWGGRGEVITTYCPANNEPIARVRQASVADYEETVKKAREAWKIWADIP
APKRGEIVRQIGDALREKIQVLGSLVSLEMGKILVEGVGEVQEYVDICDYAVGLSRMIGGPILPSERSGHALIEQWNPVG
LVGIITAFNFPVAVYGWNNAIAMICGNVCLWKGAPTTSLISVAVTKIIAKVLEDNKLPGAICSLTCGGADIGTAMAKDER
VNLLSFTGSTQVGKQVGLMVQERFGRSLLELGGNNAIIAFEDADLSLVVPSALFAAVGTAGQRCTTARRLFIHESIHDEV
VNRLKKAYAQIRVGNPWDPNVLYGPLHTKQAVSMFLGAVEEAKKEGGTVVYGGKVMDRPGNYVEPTIVTGLGHDASIAHT
ETFAPILYVFKFKNEEEVFAWNNEVKQGLSSSIFTKDLGRIFCWLGPKGSDCGIVNVNIPTSGAEIGGAFGGEKHTGGGR
ESGSDAWKQYMRRSTCTINYSKDLPLAQGIKFQ
;
_entity_poly.pdbx_strand_id   A,B,C,D,E,F,G,H
#
loop_
_chem_comp.id
_chem_comp.type
_chem_comp.name
_chem_comp.formula
EDO non-polymer 1,2-ETHANEDIOL 'C2 H6 O2'
NAD non-polymer NICOTINAMIDE-ADENINE-DINUCLEOTIDE 'C21 H27 N7 O14 P2'
#
# COMPACT_ATOMS: atom_id res chain seq x y z
N THR A 5 -34.64 1.28 29.27
CA THR A 5 -35.64 2.10 28.61
C THR A 5 -35.02 3.32 27.93
N LEU A 6 -35.59 3.72 26.79
CA LEU A 6 -35.02 4.80 26.00
C LEU A 6 -35.30 6.16 26.63
N LEU A 7 -34.29 7.03 26.57
CA LEU A 7 -34.46 8.40 27.06
C LEU A 7 -35.58 9.10 26.31
N ILE A 8 -35.70 8.84 25.01
CA ILE A 8 -36.70 9.53 24.20
C ILE A 8 -38.11 9.19 24.64
N ASN A 9 -38.31 8.05 25.29
CA ASN A 9 -39.61 7.63 25.78
C ASN A 9 -39.93 8.16 27.17
N GLN A 10 -39.03 8.92 27.77
CA GLN A 10 -39.26 9.57 29.05
C GLN A 10 -39.72 11.01 28.86
N PRO A 11 -40.72 11.46 29.65
CA PRO A 11 -41.22 12.83 29.49
C PRO A 11 -40.15 13.89 29.67
N GLN A 12 -39.14 13.61 30.49
CA GLN A 12 -38.05 14.57 30.69
C GLN A 12 -37.33 14.89 29.39
N TYR A 13 -37.40 14.00 28.39
CA TYR A 13 -36.73 14.18 27.11
C TYR A 13 -37.74 14.38 25.97
N ALA A 14 -38.93 14.85 26.30
CA ALA A 14 -39.93 15.06 25.25
C ALA A 14 -39.48 16.12 24.26
N TRP A 15 -38.51 16.96 24.63
CA TRP A 15 -38.01 17.96 23.69
C TRP A 15 -37.35 17.35 22.46
N LEU A 16 -36.83 16.12 22.57
CA LEU A 16 -36.25 15.47 21.40
C LEU A 16 -37.24 15.40 20.23
N LYS A 17 -38.54 15.35 20.52
CA LYS A 17 -39.55 15.29 19.47
C LYS A 17 -39.63 16.57 18.66
N GLU A 18 -39.17 17.70 19.23
CA GLU A 18 -39.10 18.94 18.46
C GLU A 18 -38.15 18.80 17.28
N LEU A 19 -37.27 17.80 17.30
CA LEU A 19 -36.38 17.56 16.18
C LEU A 19 -36.94 16.49 15.25
N GLY A 20 -38.18 16.07 15.47
CA GLY A 20 -38.75 15.02 14.66
C GLY A 20 -38.23 13.64 14.99
N LEU A 21 -37.54 13.48 16.12
CA LEU A 21 -36.93 12.22 16.50
C LEU A 21 -37.95 11.35 17.22
N ARG A 22 -37.87 10.05 16.99
CA ARG A 22 -38.75 9.10 17.68
C ARG A 22 -37.93 7.92 18.16
N GLU A 23 -38.66 6.91 18.61
CA GLU A 23 -38.04 5.71 19.18
C GLU A 23 -37.04 5.09 18.21
N GLU A 24 -37.49 4.79 16.99
CA GLU A 24 -36.65 4.23 15.94
C GLU A 24 -36.70 5.16 14.73
N ASN A 25 -35.56 5.64 14.30
CA ASN A 25 -35.50 6.63 13.23
C ASN A 25 -34.83 6.05 12.00
N GLU A 26 -35.34 6.44 10.84
CA GLU A 26 -34.73 6.04 9.58
C GLU A 26 -33.43 6.80 9.40
N GLY A 27 -32.36 6.08 9.09
CA GLY A 27 -31.04 6.66 8.91
C GLY A 27 -30.60 6.85 7.49
N VAL A 28 -31.49 6.67 6.52
CA VAL A 28 -31.20 6.93 5.11
C VAL A 28 -32.18 7.96 4.61
N TYR A 29 -31.66 9.00 3.96
CA TYR A 29 -32.50 9.97 3.28
C TYR A 29 -31.94 10.24 1.89
N ASN A 30 -32.82 10.15 0.89
CA ASN A 30 -32.42 10.48 -0.47
C ASN A 30 -33.58 11.13 -1.22
N GLY A 31 -34.45 11.84 -0.50
CA GLY A 31 -35.77 12.21 -0.94
C GLY A 31 -36.84 11.36 -0.29
N SER A 32 -36.52 10.10 -0.03
CA SER A 32 -37.34 9.26 0.83
C SER A 32 -36.50 8.87 2.04
N TRP A 33 -37.17 8.54 3.12
CA TRP A 33 -36.51 8.06 4.32
C TRP A 33 -36.56 6.54 4.34
N GLY A 34 -35.44 5.93 4.73
CA GLY A 34 -35.33 4.49 4.81
C GLY A 34 -34.19 4.05 5.71
N GLY A 35 -33.73 2.83 5.50
CA GLY A 35 -32.67 2.25 6.30
C GLY A 35 -32.95 0.78 6.51
N ARG A 36 -32.25 -0.09 5.78
CA ARG A 36 -32.40 -1.53 5.88
C ARG A 36 -31.18 -2.20 6.51
N GLY A 37 -30.16 -1.44 6.90
CA GLY A 37 -29.00 -2.01 7.53
C GLY A 37 -29.31 -2.27 9.00
N GLU A 38 -28.25 -2.44 9.78
CA GLU A 38 -28.39 -2.76 11.19
C GLU A 38 -28.99 -1.60 11.98
N VAL A 39 -29.83 -1.92 12.96
CA VAL A 39 -30.40 -0.89 13.83
C VAL A 39 -29.40 -0.60 14.94
N ILE A 40 -28.99 0.65 15.05
CA ILE A 40 -28.03 1.05 16.08
C ILE A 40 -28.75 1.89 17.12
N THR A 41 -28.39 1.66 18.38
CA THR A 41 -28.84 2.45 19.50
C THR A 41 -27.67 3.32 19.94
N THR A 42 -27.89 4.62 20.07
CA THR A 42 -26.87 5.51 20.61
C THR A 42 -27.19 5.86 22.06
N TYR A 43 -26.13 6.12 22.82
CA TYR A 43 -26.23 6.23 24.26
C TYR A 43 -25.73 7.59 24.70
N CYS A 44 -26.26 8.07 25.82
CA CYS A 44 -25.78 9.29 26.40
C CYS A 44 -24.44 9.03 27.11
N PRO A 45 -23.34 9.64 26.66
CA PRO A 45 -22.05 9.37 27.30
C PRO A 45 -21.94 9.89 28.72
N ALA A 46 -22.88 10.72 29.18
CA ALA A 46 -22.84 11.16 30.57
C ALA A 46 -23.36 10.11 31.55
N ASN A 47 -24.21 9.18 31.07
CA ASN A 47 -24.78 8.16 31.95
C ASN A 47 -24.98 6.79 31.31
N ASN A 48 -24.53 6.58 30.06
CA ASN A 48 -24.67 5.32 29.32
C ASN A 48 -26.12 4.88 29.18
N GLU A 49 -27.03 5.83 29.15
CA GLU A 49 -28.41 5.43 28.93
C GLU A 49 -28.70 5.46 27.43
N PRO A 50 -29.49 4.51 26.92
CA PRO A 50 -29.84 4.55 25.48
C PRO A 50 -30.79 5.71 25.20
N ILE A 51 -30.60 6.37 24.06
CA ILE A 51 -31.40 7.55 23.74
C ILE A 51 -32.55 7.16 22.82
N ALA A 52 -32.20 6.67 21.64
CA ALA A 52 -33.14 6.27 20.59
C ALA A 52 -32.35 5.47 19.55
N ARG A 53 -33.04 4.97 18.52
CA ARG A 53 -32.43 4.06 17.56
C ARG A 53 -32.43 4.69 16.17
N VAL A 54 -31.51 4.20 15.33
CA VAL A 54 -31.37 4.66 13.96
C VAL A 54 -31.21 3.44 13.06
N ARG A 55 -32.01 3.35 12.01
CA ARG A 55 -31.87 2.27 11.03
C ARG A 55 -30.79 2.68 10.06
N GLN A 56 -29.68 1.95 10.04
CA GLN A 56 -28.57 2.35 9.21
C GLN A 56 -28.76 1.85 7.79
N ALA A 57 -27.84 2.27 6.92
CA ALA A 57 -27.92 1.94 5.51
C ALA A 57 -27.35 0.55 5.24
N SER A 58 -28.09 -0.23 4.46
CA SER A 58 -27.53 -1.41 3.84
C SER A 58 -26.75 -0.98 2.60
N VAL A 59 -26.11 -1.95 1.97
CA VAL A 59 -25.43 -1.69 0.71
C VAL A 59 -26.43 -1.20 -0.35
N ALA A 60 -27.58 -1.88 -0.46
CA ALA A 60 -28.60 -1.45 -1.40
C ALA A 60 -29.11 -0.05 -1.10
N ASP A 61 -29.27 0.29 0.20
CA ASP A 61 -29.62 1.65 0.56
C ASP A 61 -28.60 2.63 -0.02
N TYR A 62 -27.32 2.29 0.14
CA TYR A 62 -26.24 3.15 -0.35
C TYR A 62 -26.28 3.27 -1.86
N GLU A 63 -26.40 2.13 -2.55
CA GLU A 63 -26.43 2.13 -4.01
C GLU A 63 -27.56 2.99 -4.54
N GLU A 64 -28.77 2.80 -3.99
CA GLU A 64 -29.92 3.58 -4.45
C GLU A 64 -29.70 5.07 -4.18
N THR A 65 -29.11 5.38 -3.04
CA THR A 65 -28.92 6.77 -2.64
C THR A 65 -27.91 7.49 -3.52
N VAL A 66 -26.79 6.84 -3.85
CA VAL A 66 -25.82 7.48 -4.72
C VAL A 66 -26.44 7.77 -6.08
N LYS A 67 -27.16 6.78 -6.64
CA LYS A 67 -27.83 7.00 -7.92
C LYS A 67 -28.82 8.15 -7.85
N LYS A 68 -29.62 8.18 -6.78
CA LYS A 68 -30.60 9.26 -6.61
C LYS A 68 -29.89 10.60 -6.44
N ALA A 69 -28.76 10.62 -5.74
CA ALA A 69 -27.99 11.85 -5.58
C ALA A 69 -27.46 12.35 -6.93
N ARG A 70 -26.91 11.44 -7.72
CA ARG A 70 -26.35 11.88 -9.00
C ARG A 70 -27.45 12.33 -9.94
N GLU A 71 -28.61 11.68 -9.90
CA GLU A 71 -29.73 12.15 -10.69
C GLU A 71 -30.11 13.56 -10.26
N ALA A 72 -30.19 13.78 -8.94
CA ALA A 72 -30.51 15.10 -8.42
C ALA A 72 -29.48 16.13 -8.85
N TRP A 73 -28.22 15.72 -9.04
CA TRP A 73 -27.18 16.68 -9.44
C TRP A 73 -27.50 17.32 -10.79
N LYS A 74 -28.13 16.58 -11.70
CA LYS A 74 -28.49 17.16 -13.00
C LYS A 74 -29.39 18.37 -12.82
N ILE A 75 -30.35 18.29 -11.89
CA ILE A 75 -31.24 19.42 -11.62
C ILE A 75 -30.48 20.52 -10.89
N TRP A 76 -29.69 20.13 -9.89
CA TRP A 76 -29.05 21.08 -8.99
C TRP A 76 -27.92 21.86 -9.71
N ALA A 77 -27.15 21.19 -10.58
CA ALA A 77 -26.08 21.87 -11.31
C ALA A 77 -26.60 22.92 -12.28
N ASP A 78 -27.85 22.78 -12.75
CA ASP A 78 -28.49 23.78 -13.61
C ASP A 78 -29.03 24.99 -12.84
N ILE A 79 -29.07 24.94 -11.53
CA ILE A 79 -29.64 26.06 -10.77
C ILE A 79 -28.56 27.13 -10.59
N PRO A 80 -28.83 28.40 -10.93
CA PRO A 80 -27.80 29.43 -10.79
C PRO A 80 -27.25 29.47 -9.37
N ALA A 81 -25.94 29.65 -9.27
CA ALA A 81 -25.26 29.67 -7.98
C ALA A 81 -25.92 30.62 -6.97
N PRO A 82 -26.29 31.85 -7.34
CA PRO A 82 -26.99 32.71 -6.38
C PRO A 82 -28.28 32.10 -5.86
N LYS A 83 -29.00 31.37 -6.72
CA LYS A 83 -30.23 30.74 -6.24
C LYS A 83 -29.94 29.55 -5.33
N ARG A 84 -28.85 28.82 -5.57
CA ARG A 84 -28.40 27.80 -4.63
C ARG A 84 -28.05 28.42 -3.29
N GLY A 85 -27.47 29.63 -3.32
CA GLY A 85 -27.22 30.35 -2.08
C GLY A 85 -28.49 30.64 -1.31
N GLU A 86 -29.54 31.02 -2.03
CA GLU A 86 -30.83 31.26 -1.38
C GLU A 86 -31.30 30.01 -0.63
N ILE A 87 -31.07 28.83 -1.21
CA ILE A 87 -31.41 27.59 -0.52
C ILE A 87 -30.61 27.47 0.78
N VAL A 88 -29.32 27.75 0.72
CA VAL A 88 -28.47 27.66 1.89
C VAL A 88 -28.86 28.72 2.92
N ARG A 89 -29.25 29.91 2.44
CA ARG A 89 -29.78 30.90 3.37
C ARG A 89 -30.97 30.33 4.14
N GLN A 90 -31.87 29.64 3.43
CA GLN A 90 -33.03 29.07 4.10
C GLN A 90 -32.62 27.96 5.05
N ILE A 91 -31.60 27.18 4.69
CA ILE A 91 -31.05 26.19 5.62
C ILE A 91 -30.54 26.89 6.88
N GLY A 92 -29.83 28.01 6.71
CA GLY A 92 -29.41 28.79 7.84
C GLY A 92 -30.57 29.18 8.74
N ASP A 93 -31.68 29.59 8.13
CA ASP A 93 -32.86 29.98 8.91
C ASP A 93 -33.48 28.79 9.65
N ALA A 94 -33.64 27.65 8.98
CA ALA A 94 -34.23 26.48 9.63
C ALA A 94 -33.38 26.02 10.81
N LEU A 95 -32.05 26.06 10.66
CA LEU A 95 -31.16 25.79 11.79
C LEU A 95 -31.36 26.81 12.90
N ARG A 96 -31.48 28.09 12.53
CA ARG A 96 -31.77 29.12 13.54
C ARG A 96 -32.96 28.74 14.40
N GLU A 97 -34.05 28.28 13.78
CA GLU A 97 -35.26 27.97 14.54
C GLU A 97 -35.04 26.83 15.53
N LYS A 98 -34.09 25.94 15.27
CA LYS A 98 -33.91 24.76 16.11
C LYS A 98 -32.63 24.80 16.93
N ILE A 99 -31.95 25.94 17.01
CA ILE A 99 -30.57 25.92 17.49
C ILE A 99 -30.51 25.37 18.91
N GLN A 100 -31.49 25.71 19.76
CA GLN A 100 -31.46 25.30 21.16
C GLN A 100 -31.67 23.80 21.30
N VAL A 101 -32.76 23.28 20.72
CA VAL A 101 -33.08 21.86 20.85
C VAL A 101 -32.01 21.01 20.17
N LEU A 102 -31.50 21.46 19.01
CA LEU A 102 -30.44 20.72 18.33
C LEU A 102 -29.16 20.73 19.14
N GLY A 103 -28.81 21.89 19.69
CA GLY A 103 -27.66 21.96 20.58
C GLY A 103 -27.80 21.06 21.79
N SER A 104 -29.04 20.94 22.32
CA SER A 104 -29.28 20.01 23.42
C SER A 104 -29.05 18.58 22.96
N LEU A 105 -29.43 18.27 21.72
CA LEU A 105 -29.17 16.91 21.22
C LEU A 105 -27.68 16.65 21.13
N VAL A 106 -26.92 17.66 20.68
CA VAL A 106 -25.47 17.53 20.61
C VAL A 106 -24.88 17.26 22.00
N SER A 107 -25.33 18.01 23.00
CA SER A 107 -24.84 17.75 24.35
C SER A 107 -25.25 16.36 24.83
N LEU A 108 -26.47 15.95 24.52
CA LEU A 108 -26.98 14.68 25.02
C LEU A 108 -26.29 13.50 24.36
N GLU A 109 -26.24 13.47 23.03
CA GLU A 109 -25.73 12.31 22.31
C GLU A 109 -24.23 12.36 22.12
N MET A 110 -23.66 13.54 21.95
CA MET A 110 -22.21 13.62 21.78
C MET A 110 -21.50 13.81 23.11
N GLY A 111 -22.00 14.73 23.95
CA GLY A 111 -21.51 14.88 25.32
C GLY A 111 -20.76 16.15 25.66
N LYS A 112 -20.60 17.10 24.73
CA LYS A 112 -20.00 18.40 25.04
C LYS A 112 -21.02 19.30 25.74
N ILE A 113 -20.53 20.34 26.43
CA ILE A 113 -21.42 21.21 27.25
C ILE A 113 -22.38 22.00 26.36
N LEU A 114 -23.46 22.47 26.99
CA LEU A 114 -24.57 23.03 26.24
C LEU A 114 -24.14 24.22 25.40
N VAL A 115 -23.33 25.12 25.97
CA VAL A 115 -22.91 26.28 25.20
C VAL A 115 -22.13 25.87 23.95
N GLU A 116 -21.39 24.76 24.01
CA GLU A 116 -20.67 24.29 22.82
C GLU A 116 -21.54 23.52 21.83
N GLY A 117 -22.53 22.76 22.30
CA GLY A 117 -23.47 22.17 21.37
C GLY A 117 -24.22 23.23 20.60
N VAL A 118 -24.73 24.23 21.33
CA VAL A 118 -25.41 25.37 20.71
C VAL A 118 -24.44 26.16 19.84
N GLY A 119 -23.22 26.36 20.32
CA GLY A 119 -22.22 27.05 19.53
C GLY A 119 -21.92 26.32 18.22
N GLU A 120 -21.90 25.00 18.28
CA GLU A 120 -21.67 24.21 17.08
C GLU A 120 -22.73 24.46 16.02
N VAL A 121 -23.99 24.57 16.43
CA VAL A 121 -25.05 24.84 15.46
C VAL A 121 -24.92 26.26 14.93
N GLN A 122 -24.56 27.20 15.81
CA GLN A 122 -24.35 28.58 15.37
C GLN A 122 -23.29 28.67 14.29
N GLU A 123 -22.24 27.83 14.41
CA GLU A 123 -21.22 27.76 13.38
C GLU A 123 -21.82 27.34 12.03
N TYR A 124 -22.73 26.36 12.02
CA TYR A 124 -23.40 26.00 10.76
C TYR A 124 -24.24 27.17 10.23
N VAL A 125 -25.01 27.81 11.12
CA VAL A 125 -25.80 28.96 10.71
C VAL A 125 -24.89 30.03 10.10
N ASP A 126 -23.76 30.30 10.74
CA ASP A 126 -22.86 31.34 10.26
C ASP A 126 -22.31 31.02 8.87
N ILE A 127 -21.84 29.78 8.65
CA ILE A 127 -21.25 29.45 7.35
C ILE A 127 -22.30 29.51 6.24
N CYS A 128 -23.56 29.21 6.57
CA CYS A 128 -24.62 29.39 5.58
C CYS A 128 -24.72 30.85 5.15
N ASP A 129 -24.77 31.77 6.12
CA ASP A 129 -24.91 33.19 5.77
C ASP A 129 -23.71 33.66 4.96
N TYR A 130 -22.53 33.16 5.30
CA TYR A 130 -21.33 33.44 4.52
C TYR A 130 -21.47 32.90 3.11
N ALA A 131 -21.88 31.64 2.99
CA ALA A 131 -21.96 31.00 1.68
C ALA A 131 -22.99 31.70 0.80
N VAL A 132 -23.96 32.38 1.40
CA VAL A 132 -24.93 33.13 0.62
C VAL A 132 -24.23 34.24 -0.16
N GLY A 133 -23.33 34.98 0.50
CA GLY A 133 -22.57 35.97 -0.22
C GLY A 133 -21.59 35.34 -1.21
N LEU A 134 -20.93 34.26 -0.79
CA LEU A 134 -19.96 33.57 -1.64
C LEU A 134 -20.60 33.05 -2.94
N SER A 135 -21.89 32.71 -2.90
CA SER A 135 -22.56 32.15 -4.06
C SER A 135 -22.73 33.15 -5.21
N ARG A 136 -22.54 34.45 -4.96
CA ARG A 136 -22.46 35.45 -6.00
C ARG A 136 -21.03 35.83 -6.38
N MET A 137 -20.02 35.18 -5.80
CA MET A 137 -18.62 35.54 -6.00
C MET A 137 -17.75 34.43 -6.61
N ILE A 138 -18.10 33.16 -6.39
CA ILE A 138 -17.24 32.05 -6.82
C ILE A 138 -17.05 32.08 -8.32
N GLY A 139 -15.82 31.82 -8.77
CA GLY A 139 -15.51 31.84 -10.19
C GLY A 139 -14.04 32.14 -10.39
N GLY A 140 -13.69 32.38 -11.64
CA GLY A 140 -12.31 32.65 -11.97
C GLY A 140 -12.08 33.91 -12.76
N PRO A 141 -10.80 34.22 -13.00
CA PRO A 141 -10.45 35.41 -13.76
C PRO A 141 -10.64 35.26 -15.26
N ILE A 142 -10.95 36.38 -15.91
CA ILE A 142 -10.76 36.55 -17.36
C ILE A 142 -9.34 37.02 -17.58
N LEU A 143 -8.60 36.29 -18.29
CA LEU A 143 -7.19 36.59 -18.45
C LEU A 143 -6.91 37.19 -19.82
N PRO A 144 -5.90 38.03 -19.93
CA PRO A 144 -5.57 38.64 -21.22
C PRO A 144 -4.77 37.64 -22.05
N SER A 145 -5.39 37.12 -23.11
CA SER A 145 -4.71 36.13 -23.93
C SER A 145 -3.55 36.76 -24.68
N GLU A 146 -2.49 35.99 -24.88
CA GLU A 146 -1.42 36.46 -25.76
C GLU A 146 -1.81 36.39 -27.23
N ARG A 147 -2.93 35.75 -27.55
CA ARG A 147 -3.41 35.55 -28.90
C ARG A 147 -4.44 36.61 -29.28
N SER A 148 -4.18 37.34 -30.37
CA SER A 148 -5.18 38.27 -30.89
C SER A 148 -6.47 37.51 -31.19
N GLY A 149 -7.60 38.16 -30.97
CA GLY A 149 -8.88 37.54 -31.27
C GLY A 149 -9.25 36.32 -30.45
N HIS A 150 -8.60 36.09 -29.32
CA HIS A 150 -8.87 34.97 -28.42
C HIS A 150 -9.25 35.50 -27.04
N ALA A 151 -10.16 34.81 -26.38
CA ALA A 151 -10.47 35.05 -24.99
C ALA A 151 -9.91 33.91 -24.16
N LEU A 152 -9.44 34.24 -22.96
CA LEU A 152 -8.90 33.24 -22.02
C LEU A 152 -9.63 33.39 -20.70
N ILE A 153 -10.40 32.37 -20.33
CA ILE A 153 -11.23 32.44 -19.15
C ILE A 153 -10.92 31.22 -18.28
N GLU A 154 -10.94 31.43 -16.96
CA GLU A 154 -10.83 30.33 -16.01
C GLU A 154 -12.23 30.09 -15.46
N GLN A 155 -12.78 28.92 -15.76
CA GLN A 155 -14.11 28.53 -15.32
C GLN A 155 -14.00 27.55 -14.18
N TRP A 156 -14.99 27.56 -13.30
CA TRP A 156 -15.12 26.61 -12.21
C TRP A 156 -16.50 25.96 -12.26
N ASN A 157 -16.55 24.64 -12.19
CA ASN A 157 -17.82 23.94 -12.25
C ASN A 157 -17.88 22.93 -11.11
N PRO A 158 -19.08 22.55 -10.67
CA PRO A 158 -19.17 21.61 -9.56
C PRO A 158 -18.47 20.31 -9.91
N VAL A 159 -17.94 19.62 -8.90
CA VAL A 159 -17.37 18.31 -9.19
C VAL A 159 -18.47 17.27 -9.34
N GLY A 160 -19.65 17.53 -8.80
CA GLY A 160 -20.73 16.57 -8.90
C GLY A 160 -21.17 16.10 -7.52
N LEU A 161 -20.78 14.89 -7.13
CA LEU A 161 -21.18 14.32 -5.84
C LEU A 161 -20.05 14.51 -4.83
N VAL A 162 -20.37 15.17 -3.72
CA VAL A 162 -19.45 15.39 -2.61
C VAL A 162 -19.84 14.42 -1.50
N GLY A 163 -19.02 13.38 -1.29
CA GLY A 163 -19.17 12.54 -0.12
C GLY A 163 -18.56 13.21 1.10
N ILE A 164 -19.24 13.10 2.23
CA ILE A 164 -18.83 13.79 3.44
C ILE A 164 -18.88 12.79 4.60
N ILE A 165 -17.71 12.41 5.09
CA ILE A 165 -17.59 11.56 6.26
C ILE A 165 -17.14 12.43 7.43
N THR A 166 -17.87 12.37 8.53
CA THR A 166 -17.61 13.31 9.62
C THR A 166 -17.32 12.53 10.89
N ALA A 167 -16.71 13.22 11.86
CA ALA A 167 -16.29 12.61 13.11
C ALA A 167 -17.29 12.88 14.22
N PHE A 168 -17.12 12.16 15.36
CA PHE A 168 -18.09 12.28 16.44
C PHE A 168 -18.01 13.63 17.14
N ASN A 169 -16.83 14.27 17.14
CA ASN A 169 -16.61 15.33 18.11
C ASN A 169 -17.19 16.67 17.66
N PHE A 170 -17.40 16.87 16.36
CA PHE A 170 -18.15 18.01 15.84
C PHE A 170 -19.20 17.49 14.89
N PRO A 171 -20.25 16.85 15.42
CA PRO A 171 -21.22 16.16 14.56
C PRO A 171 -22.16 17.07 13.80
N VAL A 172 -22.08 18.39 13.99
CA VAL A 172 -22.92 19.30 13.25
C VAL A 172 -22.08 20.23 12.39
N ALA A 173 -21.11 20.91 13.02
CA ALA A 173 -20.37 21.98 12.37
C ALA A 173 -19.60 21.50 11.16
N VAL A 174 -18.86 20.40 11.30
CA VAL A 174 -18.02 19.94 10.21
C VAL A 174 -18.87 19.71 8.98
N TYR A 175 -19.94 18.94 9.13
CA TYR A 175 -20.86 18.72 8.01
C TYR A 175 -21.36 20.05 7.46
N GLY A 176 -21.78 20.95 8.34
CA GLY A 176 -22.26 22.26 7.90
C GLY A 176 -21.28 23.00 6.99
N TRP A 177 -20.01 23.07 7.40
CA TRP A 177 -19.00 23.73 6.57
C TRP A 177 -18.94 23.10 5.19
N ASN A 178 -18.86 21.77 5.14
CA ASN A 178 -18.77 21.13 3.82
C ASN A 178 -20.04 21.35 3.04
N ASN A 179 -21.18 21.24 3.70
CA ASN A 179 -22.47 21.31 3.02
C ASN A 179 -22.72 22.71 2.47
N ALA A 180 -22.50 23.73 3.29
CA ALA A 180 -22.75 25.10 2.83
C ALA A 180 -21.91 25.41 1.62
N ILE A 181 -20.64 25.04 1.67
CA ILE A 181 -19.73 25.33 0.58
C ILE A 181 -20.03 24.43 -0.63
N ALA A 182 -20.18 23.13 -0.40
CA ALA A 182 -20.41 22.21 -1.51
C ALA A 182 -21.68 22.58 -2.27
N MET A 183 -22.72 23.04 -1.56
CA MET A 183 -24.00 23.30 -2.19
C MET A 183 -23.97 24.54 -3.06
N ILE A 184 -23.44 25.66 -2.54
CA ILE A 184 -23.39 26.84 -3.39
C ILE A 184 -22.52 26.58 -4.60
N CYS A 185 -21.54 25.68 -4.46
CA CYS A 185 -20.66 25.32 -5.58
C CYS A 185 -21.31 24.35 -6.56
N GLY A 186 -22.59 24.01 -6.35
CA GLY A 186 -23.33 23.21 -7.32
C GLY A 186 -23.19 21.72 -7.17
N ASN A 187 -22.74 21.22 -6.04
CA ASN A 187 -22.61 19.80 -5.79
C ASN A 187 -23.79 19.28 -4.99
N VAL A 188 -24.09 17.99 -5.16
CA VAL A 188 -24.95 17.29 -4.23
C VAL A 188 -24.06 16.63 -3.19
N CYS A 189 -24.66 16.29 -2.05
CA CYS A 189 -23.93 15.80 -0.89
C CYS A 189 -24.44 14.44 -0.44
N LEU A 190 -23.51 13.60 -0.02
CA LEU A 190 -23.85 12.35 0.63
C LEU A 190 -23.07 12.32 1.93
N TRP A 191 -23.82 12.32 3.03
CA TRP A 191 -23.30 12.41 4.38
C TRP A 191 -23.33 11.03 5.03
N LYS A 192 -22.20 10.64 5.59
CA LYS A 192 -22.09 9.52 6.53
C LYS A 192 -21.45 10.06 7.79
N GLY A 193 -22.24 10.28 8.84
CA GLY A 193 -21.73 10.77 10.10
C GLY A 193 -21.17 9.65 10.94
N ALA A 194 -20.63 10.03 12.09
CA ALA A 194 -20.13 9.02 13.02
C ALA A 194 -21.31 8.20 13.54
N PRO A 195 -21.18 6.89 13.61
CA PRO A 195 -22.31 6.07 14.09
C PRO A 195 -22.80 6.48 15.47
N THR A 196 -21.89 6.86 16.37
CA THR A 196 -22.30 7.18 17.73
C THR A 196 -22.92 8.58 17.85
N THR A 197 -23.04 9.33 16.75
CA THR A 197 -23.82 10.57 16.72
C THR A 197 -24.87 10.49 15.61
N SER A 198 -25.49 9.32 15.46
CA SER A 198 -26.44 9.09 14.38
C SER A 198 -27.69 9.93 14.54
N LEU A 199 -28.17 10.09 15.77
CA LEU A 199 -29.37 10.88 15.99
C LEU A 199 -29.14 12.32 15.57
N ILE A 200 -27.95 12.84 15.87
CA ILE A 200 -27.60 14.19 15.46
C ILE A 200 -27.65 14.29 13.94
N SER A 201 -27.06 13.32 13.25
CA SER A 201 -27.05 13.34 11.79
C SER A 201 -28.46 13.36 11.24
N VAL A 202 -29.34 12.51 11.79
CA VAL A 202 -30.73 12.48 11.34
C VAL A 202 -31.43 13.79 11.65
N ALA A 203 -31.23 14.32 12.86
CA ALA A 203 -31.91 15.57 13.20
C ALA A 203 -31.51 16.67 12.24
N VAL A 204 -30.22 16.76 11.90
CA VAL A 204 -29.78 17.76 10.94
C VAL A 204 -30.41 17.49 9.58
N THR A 205 -30.35 16.25 9.12
CA THR A 205 -30.89 15.89 7.81
C THR A 205 -32.39 16.19 7.72
N LYS A 206 -33.11 16.01 8.82
CA LYS A 206 -34.53 16.33 8.82
C LYS A 206 -34.74 17.82 8.55
N ILE A 207 -33.90 18.67 9.16
CA ILE A 207 -34.03 20.11 8.99
C ILE A 207 -33.75 20.52 7.55
N ILE A 208 -32.68 19.97 6.96
CA ILE A 208 -32.36 20.30 5.58
C ILE A 208 -33.42 19.76 4.64
N ALA A 209 -33.87 18.52 4.89
CA ALA A 209 -34.82 17.86 4.00
C ALA A 209 -36.12 18.65 3.88
N LYS A 210 -36.54 19.31 4.97
CA LYS A 210 -37.75 20.15 4.91
C LYS A 210 -37.56 21.35 3.98
N VAL A 211 -36.38 21.97 4.03
CA VAL A 211 -36.11 23.15 3.20
C VAL A 211 -36.12 22.76 1.73
N LEU A 212 -35.43 21.66 1.40
CA LEU A 212 -35.41 21.18 0.04
C LEU A 212 -36.83 20.87 -0.45
N GLU A 213 -37.63 20.21 0.37
CA GLU A 213 -38.94 19.79 -0.09
C GLU A 213 -39.89 20.99 -0.23
N ASP A 214 -39.77 21.97 0.67
CA ASP A 214 -40.55 23.19 0.55
C ASP A 214 -40.20 23.95 -0.71
N ASN A 215 -38.99 23.77 -1.20
CA ASN A 215 -38.55 24.40 -2.43
C ASN A 215 -38.73 23.51 -3.63
N LYS A 216 -39.45 22.40 -3.50
CA LYS A 216 -39.72 21.49 -4.62
C LYS A 216 -38.41 21.04 -5.27
N LEU A 217 -37.41 20.80 -4.45
CA LEU A 217 -36.13 20.31 -4.88
C LEU A 217 -35.96 18.85 -4.45
N PRO A 218 -35.26 18.04 -5.23
CA PRO A 218 -35.02 16.66 -4.85
C PRO A 218 -34.16 16.56 -3.59
N GLY A 219 -34.67 15.81 -2.61
CA GLY A 219 -33.99 15.66 -1.33
C GLY A 219 -32.59 15.06 -1.42
N ALA A 220 -32.30 14.33 -2.50
CA ALA A 220 -30.99 13.72 -2.67
C ALA A 220 -29.86 14.74 -2.84
N ILE A 221 -30.21 16.02 -3.03
CA ILE A 221 -29.18 17.06 -3.00
C ILE A 221 -28.41 17.02 -1.67
N CYS A 222 -29.09 16.65 -0.57
CA CYS A 222 -28.42 16.46 0.73
C CYS A 222 -28.78 15.07 1.28
N SER A 223 -28.15 14.05 0.71
CA SER A 223 -28.44 12.68 1.09
C SER A 223 -27.72 12.29 2.38
N LEU A 224 -28.32 11.31 3.07
CA LEU A 224 -27.81 10.77 4.32
C LEU A 224 -27.84 9.27 4.23
N THR A 225 -26.69 8.64 4.47
CA THR A 225 -26.62 7.19 4.63
C THR A 225 -25.82 6.96 5.91
N CYS A 226 -26.54 6.77 7.01
CA CYS A 226 -25.90 6.45 8.27
C CYS A 226 -25.24 5.08 8.19
N GLY A 227 -24.04 4.99 8.74
CA GLY A 227 -23.34 3.72 8.75
C GLY A 227 -21.94 3.87 9.31
N GLY A 228 -21.24 2.75 9.37
CA GLY A 228 -19.91 2.73 9.92
C GLY A 228 -18.85 2.61 8.86
N ALA A 229 -17.81 1.84 9.17
CA ALA A 229 -16.65 1.73 8.30
C ALA A 229 -17.01 1.21 6.92
N ASP A 230 -17.93 0.25 6.86
CA ASP A 230 -18.34 -0.33 5.58
C ASP A 230 -18.88 0.73 4.63
N ILE A 231 -19.92 1.45 5.04
CA ILE A 231 -20.44 2.54 4.21
C ILE A 231 -19.33 3.56 3.95
N GLY A 232 -18.55 3.90 4.99
CA GLY A 232 -17.47 4.84 4.78
C GLY A 232 -16.48 4.38 3.73
N THR A 233 -16.10 3.09 3.77
CA THR A 233 -15.15 2.53 2.81
C THR A 233 -15.74 2.53 1.41
N ALA A 234 -17.02 2.15 1.28
CA ALA A 234 -17.67 2.18 -0.02
C ALA A 234 -17.60 3.56 -0.65
N MET A 235 -17.84 4.61 0.14
CA MET A 235 -17.76 5.97 -0.37
C MET A 235 -16.37 6.29 -0.88
N ALA A 236 -15.33 5.82 -0.16
CA ALA A 236 -13.96 6.10 -0.57
C ALA A 236 -13.55 5.34 -1.83
N LYS A 237 -14.17 4.19 -2.10
CA LYS A 237 -13.86 3.40 -3.29
C LYS A 237 -14.75 3.74 -4.48
N ASP A 238 -15.76 4.57 -4.28
CA ASP A 238 -16.82 4.76 -5.28
C ASP A 238 -16.44 5.85 -6.28
N GLU A 239 -16.23 5.45 -7.54
CA GLU A 239 -15.92 6.42 -8.60
C GLU A 239 -16.99 7.50 -8.77
N ARG A 240 -18.23 7.25 -8.31
CA ARG A 240 -19.30 8.24 -8.41
C ARG A 240 -19.19 9.36 -7.37
N VAL A 241 -18.40 9.16 -6.33
CA VAL A 241 -18.17 10.20 -5.32
C VAL A 241 -16.96 11.00 -5.80
N ASN A 242 -17.22 12.16 -6.40
CA ASN A 242 -16.15 12.89 -7.09
C ASN A 242 -15.17 13.49 -6.10
N LEU A 243 -15.67 14.01 -4.99
CA LEU A 243 -14.86 14.50 -3.89
C LEU A 243 -15.34 13.85 -2.60
N LEU A 244 -14.43 13.27 -1.84
CA LEU A 244 -14.72 12.73 -0.51
C LEU A 244 -14.02 13.61 0.52
N SER A 245 -14.81 14.38 1.24
CA SER A 245 -14.32 15.18 2.36
C SER A 245 -14.38 14.30 3.60
N PHE A 246 -13.21 14.03 4.19
CA PHE A 246 -13.11 13.13 5.34
C PHE A 246 -12.56 13.87 6.54
N THR A 247 -13.30 13.79 7.65
CA THR A 247 -12.89 14.30 8.95
C THR A 247 -12.88 13.11 9.92
N GLY A 248 -11.71 12.84 10.51
CA GLY A 248 -11.56 11.70 11.39
C GLY A 248 -10.10 11.51 11.76
N SER A 249 -9.79 10.32 12.26
CA SER A 249 -8.43 10.05 12.70
C SER A 249 -7.47 9.96 11.50
N THR A 250 -6.19 10.24 11.77
CA THR A 250 -5.15 10.07 10.76
C THR A 250 -5.09 8.63 10.28
N GLN A 251 -5.22 7.68 11.22
CA GLN A 251 -5.15 6.26 10.87
C GLN A 251 -6.18 5.92 9.81
N VAL A 252 -7.44 6.23 10.08
CA VAL A 252 -8.48 5.97 9.09
C VAL A 252 -8.30 6.88 7.87
N GLY A 253 -7.99 8.15 8.09
CA GLY A 253 -7.87 9.08 6.98
C GLY A 253 -6.83 8.68 5.96
N LYS A 254 -5.71 8.10 6.41
CA LYS A 254 -4.67 7.65 5.50
C LYS A 254 -5.20 6.61 4.52
N GLN A 255 -5.99 5.66 5.01
CA GLN A 255 -6.53 4.64 4.13
C GLN A 255 -7.57 5.24 3.18
N VAL A 256 -8.35 6.21 3.68
CA VAL A 256 -9.31 6.90 2.81
C VAL A 256 -8.57 7.61 1.68
N GLY A 257 -7.48 8.31 2.00
CA GLY A 257 -6.74 9.03 0.99
C GLY A 257 -6.13 8.10 -0.05
N LEU A 258 -5.64 6.94 0.39
CA LEU A 258 -5.08 5.99 -0.55
C LEU A 258 -6.14 5.39 -1.45
N MET A 259 -7.30 5.05 -0.89
CA MET A 259 -8.37 4.51 -1.73
C MET A 259 -8.85 5.54 -2.73
N VAL A 260 -9.00 6.80 -2.30
CA VAL A 260 -9.42 7.83 -3.24
C VAL A 260 -8.34 8.06 -4.30
N GLN A 261 -7.08 8.12 -3.89
CA GLN A 261 -6.01 8.31 -4.87
C GLN A 261 -5.98 7.16 -5.86
N GLU A 262 -6.27 5.95 -5.39
CA GLU A 262 -6.23 4.77 -6.26
C GLU A 262 -7.13 4.93 -7.48
N ARG A 263 -8.31 5.52 -7.32
CA ARG A 263 -9.25 5.70 -8.40
C ARG A 263 -9.24 7.10 -8.98
N PHE A 264 -8.19 7.87 -8.68
CA PHE A 264 -8.05 9.22 -9.21
C PHE A 264 -9.26 10.07 -8.89
N GLY A 265 -9.82 9.87 -7.71
CA GLY A 265 -10.84 10.77 -7.20
C GLY A 265 -10.19 11.95 -6.52
N ARG A 266 -11.02 12.80 -5.93
CA ARG A 266 -10.53 13.88 -5.09
C ARG A 266 -10.81 13.58 -3.62
N SER A 267 -9.85 13.88 -2.75
CA SER A 267 -10.11 13.79 -1.32
C SER A 267 -9.77 15.12 -0.65
N LEU A 268 -10.49 15.43 0.41
CA LEU A 268 -10.27 16.59 1.27
C LEU A 268 -10.15 16.03 2.69
N LEU A 269 -8.93 16.00 3.21
CA LEU A 269 -8.60 15.26 4.41
C LEU A 269 -8.42 16.22 5.57
N GLU A 270 -9.13 15.96 6.66
CA GLU A 270 -9.06 16.77 7.89
C GLU A 270 -8.80 15.77 9.02
N LEU A 271 -7.52 15.56 9.35
CA LEU A 271 -7.15 14.45 10.21
C LEU A 271 -6.69 14.97 11.58
N GLY A 272 -5.83 14.19 12.25
CA GLY A 272 -5.56 14.46 13.65
C GLY A 272 -4.64 15.64 13.88
N GLY A 273 -4.67 16.11 15.13
CA GLY A 273 -3.81 17.20 15.55
C GLY A 273 -3.03 16.80 16.78
N ASN A 274 -1.90 17.50 16.98
CA ASN A 274 -1.04 17.34 18.15
C ASN A 274 -0.49 18.73 18.48
N ASN A 275 -1.41 19.60 18.88
CA ASN A 275 -1.23 21.04 18.79
C ASN A 275 -0.51 21.57 20.02
N ALA A 276 0.46 22.45 19.79
CA ALA A 276 1.31 22.98 20.84
C ALA A 276 0.93 24.42 21.17
N ILE A 277 0.99 24.75 22.45
CA ILE A 277 1.01 26.13 22.91
C ILE A 277 2.42 26.38 23.44
N ILE A 278 3.02 27.49 23.01
CA ILE A 278 4.36 27.88 23.43
C ILE A 278 4.25 29.20 24.19
N ALA A 279 4.72 29.21 25.43
CA ALA A 279 4.71 30.42 26.25
C ALA A 279 6.13 30.95 26.40
N PHE A 280 6.38 32.14 25.86
CA PHE A 280 7.68 32.75 26.02
C PHE A 280 7.73 33.57 27.31
N GLU A 281 8.96 33.94 27.72
CA GLU A 281 9.13 34.59 29.01
C GLU A 281 8.41 35.93 29.08
N ASP A 282 8.22 36.60 27.95
CA ASP A 282 7.57 37.90 27.93
C ASP A 282 6.05 37.80 27.84
N ALA A 283 5.50 36.59 27.93
CA ALA A 283 4.08 36.40 27.76
C ALA A 283 3.27 37.02 28.89
N ASP A 284 2.05 37.41 28.57
CA ASP A 284 1.09 37.81 29.60
C ASP A 284 0.58 36.52 30.25
N LEU A 285 1.11 36.20 31.44
CA LEU A 285 0.74 34.93 32.07
C LEU A 285 -0.76 34.90 32.44
N SER A 286 -1.35 36.07 32.72
CA SER A 286 -2.79 36.12 32.94
C SER A 286 -3.57 35.83 31.67
N LEU A 287 -2.92 35.87 30.52
CA LEU A 287 -3.55 35.40 29.29
C LEU A 287 -3.22 33.95 29.02
N VAL A 288 -1.99 33.54 29.34
CA VAL A 288 -1.54 32.19 29.03
C VAL A 288 -2.34 31.14 29.81
N VAL A 289 -2.43 31.29 31.13
CA VAL A 289 -2.97 30.21 31.94
C VAL A 289 -4.41 29.91 31.55
N PRO A 290 -5.35 30.87 31.57
CA PRO A 290 -6.71 30.52 31.09
C PRO A 290 -6.72 30.04 29.65
N SER A 291 -5.91 30.65 28.77
CA SER A 291 -5.88 30.17 27.39
C SER A 291 -5.49 28.69 27.36
N ALA A 292 -4.46 28.33 28.13
CA ALA A 292 -4.00 26.96 28.13
C ALA A 292 -5.06 26.03 28.72
N LEU A 293 -5.65 26.41 29.84
CA LEU A 293 -6.67 25.56 30.46
C LEU A 293 -7.84 25.29 29.53
N PHE A 294 -8.44 26.33 28.98
CA PHE A 294 -9.62 26.15 28.15
C PHE A 294 -9.30 25.40 26.86
N ALA A 295 -8.12 25.65 26.28
CA ALA A 295 -7.75 24.94 25.06
C ALA A 295 -7.38 23.48 25.35
N ALA A 296 -6.91 23.15 26.56
CA ALA A 296 -6.54 21.78 26.88
C ALA A 296 -7.75 20.96 27.35
N VAL A 297 -8.61 21.52 28.20
CA VAL A 297 -9.72 20.73 28.76
C VAL A 297 -11.06 20.99 28.05
N GLY A 298 -11.14 21.98 27.17
CA GLY A 298 -12.36 22.20 26.42
C GLY A 298 -12.84 20.95 25.69
N THR A 299 -14.16 20.70 25.73
CA THR A 299 -14.76 19.53 25.10
C THR A 299 -14.12 18.24 25.63
N ALA A 300 -13.75 18.26 26.91
CA ALA A 300 -13.04 17.14 27.52
C ALA A 300 -11.83 16.73 26.69
N GLY A 301 -11.16 17.74 26.11
CA GLY A 301 -9.96 17.53 25.33
C GLY A 301 -10.16 16.82 24.01
N GLN A 302 -11.38 16.84 23.47
CA GLN A 302 -11.73 16.12 22.25
C GLN A 302 -12.04 17.06 21.09
N ARG A 303 -11.36 18.19 21.01
CA ARG A 303 -11.33 18.97 19.77
C ARG A 303 -10.11 18.55 18.97
N CYS A 304 -10.24 18.55 17.63
CA CYS A 304 -9.06 18.34 16.81
C CYS A 304 -7.99 19.38 17.11
N THR A 305 -8.40 20.59 17.49
CA THR A 305 -7.47 21.66 17.82
C THR A 305 -7.13 21.73 19.31
N THR A 306 -7.48 20.71 20.11
CA THR A 306 -7.16 20.75 21.52
C THR A 306 -5.66 20.94 21.73
N ALA A 307 -5.29 21.78 22.69
CA ALA A 307 -3.90 21.94 23.07
C ALA A 307 -3.43 20.68 23.78
N ARG A 308 -2.48 19.97 23.17
CA ARG A 308 -1.97 18.74 23.77
C ARG A 308 -0.53 18.82 24.21
N ARG A 309 0.21 19.85 23.76
CA ARG A 309 1.58 20.09 24.17
C ARG A 309 1.70 21.55 24.58
N LEU A 310 2.27 21.79 25.77
CA LEU A 310 2.47 23.14 26.31
C LEU A 310 3.96 23.33 26.56
N PHE A 311 4.59 24.21 25.76
CA PHE A 311 5.98 24.59 25.93
C PHE A 311 6.05 25.91 26.68
N ILE A 312 6.76 25.90 27.81
CA ILE A 312 6.92 27.06 28.70
C ILE A 312 8.41 27.34 28.84
N HIS A 313 8.78 28.61 28.77
CA HIS A 313 10.17 28.96 29.03
C HIS A 313 10.54 28.58 30.46
N GLU A 314 11.78 28.11 30.63
CA GLU A 314 12.23 27.61 31.93
C GLU A 314 12.07 28.65 33.04
N SER A 315 12.23 29.94 32.71
CA SER A 315 12.14 30.96 33.75
C SER A 315 10.74 31.02 34.36
N ILE A 316 9.72 30.62 33.61
CA ILE A 316 8.35 30.73 34.07
C ILE A 316 7.65 29.37 34.13
N HIS A 317 8.39 28.28 33.90
CA HIS A 317 7.76 26.97 33.80
C HIS A 317 7.01 26.57 35.07
N ASP A 318 7.68 26.67 36.21
CA ASP A 318 7.06 26.17 37.44
C ASP A 318 5.84 27.01 37.81
N GLU A 319 5.92 28.32 37.64
CA GLU A 319 4.80 29.21 37.95
C GLU A 319 3.58 28.90 37.08
N VAL A 320 3.79 28.72 35.78
CA VAL A 320 2.67 28.43 34.89
C VAL A 320 2.08 27.07 35.21
N VAL A 321 2.94 26.07 35.47
CA VAL A 321 2.44 24.75 35.87
C VAL A 321 1.64 24.86 37.17
N ASN A 322 2.18 25.57 38.17
CA ASN A 322 1.47 25.72 39.44
C ASN A 322 0.14 26.44 39.27
N ARG A 323 0.15 27.56 38.53
CA ARG A 323 -1.08 28.33 38.32
C ARG A 323 -2.09 27.53 37.51
N LEU A 324 -1.61 26.73 36.57
CA LEU A 324 -2.48 25.83 35.81
C LEU A 324 -3.09 24.77 36.71
N LYS A 325 -2.30 24.23 37.64
CA LYS A 325 -2.81 23.26 38.60
C LYS A 325 -3.95 23.85 39.42
N LYS A 326 -3.74 25.05 39.96
CA LYS A 326 -4.78 25.72 40.75
C LYS A 326 -6.02 26.03 39.91
N ALA A 327 -5.84 26.20 38.59
CA ALA A 327 -7.02 26.44 37.76
C ALA A 327 -7.75 25.14 37.46
N TYR A 328 -6.99 24.06 37.18
CA TYR A 328 -7.61 22.76 36.96
C TYR A 328 -8.47 22.34 38.16
N ALA A 329 -8.03 22.68 39.38
CA ALA A 329 -8.78 22.25 40.56
C ALA A 329 -10.20 22.80 40.58
N GLN A 330 -10.45 23.91 39.88
CA GLN A 330 -11.75 24.55 39.86
C GLN A 330 -12.64 24.19 38.66
N ILE A 331 -12.20 23.29 37.78
CA ILE A 331 -13.04 22.89 36.65
C ILE A 331 -14.27 22.14 37.18
N ARG A 332 -15.44 22.62 36.79
CA ARG A 332 -16.71 22.11 37.30
C ARG A 332 -17.21 20.94 36.44
N VAL A 333 -17.38 19.79 37.07
CA VAL A 333 -17.73 18.55 36.39
C VAL A 333 -19.21 18.26 36.59
N GLY A 334 -19.87 17.77 35.55
CA GLY A 334 -21.26 17.38 35.70
C GLY A 334 -21.88 16.97 34.38
N ASN A 335 -23.19 16.86 34.39
CA ASN A 335 -23.93 16.60 33.18
C ASN A 335 -23.74 17.76 32.20
N PRO A 336 -23.43 17.48 30.93
CA PRO A 336 -23.13 18.57 29.99
C PRO A 336 -24.32 19.47 29.72
N TRP A 337 -25.53 19.04 30.04
CA TRP A 337 -26.70 19.91 29.86
C TRP A 337 -26.94 20.84 31.05
N ASP A 338 -26.18 20.67 32.14
CA ASP A 338 -26.30 21.58 33.27
C ASP A 338 -25.57 22.87 32.93
N PRO A 339 -26.20 24.04 33.09
CA PRO A 339 -25.57 25.29 32.64
C PRO A 339 -24.31 25.69 33.41
N ASN A 340 -24.11 25.17 34.62
CA ASN A 340 -22.96 25.51 35.41
C ASN A 340 -21.76 24.62 35.15
N VAL A 341 -21.93 23.56 34.36
CA VAL A 341 -20.88 22.60 34.06
C VAL A 341 -19.93 23.15 33.01
N LEU A 342 -18.63 22.94 33.24
CA LEU A 342 -17.62 23.23 32.23
C LEU A 342 -17.05 21.99 31.60
N TYR A 343 -17.20 20.83 32.24
CA TYR A 343 -16.47 19.64 31.85
C TYR A 343 -17.40 18.43 31.91
N GLY A 344 -17.62 17.82 30.76
CA GLY A 344 -18.49 16.69 30.64
C GLY A 344 -17.69 15.43 30.37
N PRO A 345 -18.35 14.38 29.92
CA PRO A 345 -17.66 13.10 29.74
C PRO A 345 -16.95 13.01 28.40
N LEU A 346 -16.01 12.07 28.34
CA LEU A 346 -15.48 11.62 27.07
C LEU A 346 -16.59 10.91 26.29
N HIS A 347 -16.39 10.82 24.97
CA HIS A 347 -17.49 10.36 24.12
C HIS A 347 -17.79 8.87 24.29
N THR A 348 -16.77 8.04 24.51
CA THR A 348 -16.98 6.60 24.60
C THR A 348 -16.17 6.03 25.77
N LYS A 349 -16.54 4.81 26.17
CA LYS A 349 -15.75 4.10 27.17
C LYS A 349 -14.38 3.73 26.62
N GLN A 350 -14.28 3.42 25.33
CA GLN A 350 -12.98 3.16 24.72
C GLN A 350 -12.05 4.35 24.84
N ALA A 351 -12.59 5.55 24.67
CA ALA A 351 -11.79 6.76 24.86
C ALA A 351 -11.20 6.80 26.27
N VAL A 352 -12.00 6.44 27.27
CA VAL A 352 -11.49 6.34 28.64
C VAL A 352 -10.34 5.37 28.69
N SER A 353 -10.50 4.22 28.06
CA SER A 353 -9.44 3.21 28.04
C SER A 353 -8.18 3.72 27.34
N MET A 354 -8.35 4.49 26.25
CA MET A 354 -7.18 5.08 25.59
C MET A 354 -6.51 6.13 26.49
N PHE A 355 -7.32 6.97 27.14
CA PHE A 355 -6.81 7.91 28.12
C PHE A 355 -5.93 7.21 29.14
N LEU A 356 -6.43 6.13 29.73
CA LEU A 356 -5.67 5.41 30.74
C LEU A 356 -4.37 4.85 30.17
N GLY A 357 -4.43 4.27 28.96
CA GLY A 357 -3.21 3.79 28.33
C GLY A 357 -2.20 4.90 28.13
N ALA A 358 -2.66 6.08 27.74
CA ALA A 358 -1.75 7.20 27.54
C ALA A 358 -1.09 7.62 28.85
N VAL A 359 -1.91 7.75 29.91
CA VAL A 359 -1.36 8.19 31.21
C VAL A 359 -0.30 7.21 31.67
N GLU A 360 -0.62 5.91 31.63
CA GLU A 360 0.33 4.88 31.99
C GLU A 360 1.58 4.98 31.13
N GLU A 361 1.39 5.14 29.82
CA GLU A 361 2.54 5.21 28.93
C GLU A 361 3.39 6.42 29.26
N ALA A 362 2.75 7.55 29.58
CA ALA A 362 3.54 8.74 29.94
C ALA A 362 4.35 8.45 31.19
N LYS A 363 3.75 7.76 32.15
CA LYS A 363 4.52 7.38 33.34
C LYS A 363 5.68 6.46 32.96
N LYS A 364 5.41 5.46 32.11
CA LYS A 364 6.44 4.53 31.68
C LYS A 364 7.52 5.23 30.86
N GLU A 365 7.17 6.29 30.12
CA GLU A 365 8.17 7.02 29.37
C GLU A 365 8.85 8.11 30.20
N GLY A 366 8.56 8.21 31.49
CA GLY A 366 9.28 9.11 32.37
C GLY A 366 8.54 10.37 32.79
N GLY A 367 7.29 10.53 32.40
CA GLY A 367 6.53 11.69 32.80
C GLY A 367 5.97 11.56 34.21
N THR A 368 5.66 12.70 34.80
CA THR A 368 5.03 12.76 36.11
C THR A 368 3.62 13.36 35.97
N VAL A 369 2.62 12.66 36.48
CA VAL A 369 1.28 13.23 36.50
C VAL A 369 1.21 14.19 37.67
N VAL A 370 1.15 15.48 37.36
CA VAL A 370 1.02 16.48 38.42
C VAL A 370 -0.43 16.87 38.69
N TYR A 371 -1.37 16.45 37.84
CA TYR A 371 -2.78 16.63 38.12
C TYR A 371 -3.57 15.61 37.31
N GLY A 372 -4.60 15.03 37.93
CA GLY A 372 -5.49 14.13 37.24
C GLY A 372 -4.94 12.74 37.02
N GLY A 373 -5.20 12.19 35.83
CA GLY A 373 -4.71 10.89 35.43
C GLY A 373 -5.58 9.68 35.78
N LYS A 374 -6.76 9.89 36.35
CA LYS A 374 -7.58 8.77 36.79
C LYS A 374 -8.95 8.90 36.15
N VAL A 375 -9.64 7.75 36.03
CA VAL A 375 -11.07 7.77 35.76
C VAL A 375 -11.81 8.31 36.96
N MET A 376 -12.93 8.99 36.72
CA MET A 376 -13.81 9.39 37.81
C MET A 376 -14.80 8.27 38.11
N ASP A 377 -14.97 7.95 39.40
CA ASP A 377 -15.87 6.88 39.82
C ASP A 377 -17.28 7.44 39.86
N ARG A 378 -17.91 7.48 38.69
CA ARG A 378 -19.24 8.06 38.52
C ARG A 378 -19.82 7.52 37.23
N PRO A 379 -21.15 7.61 37.05
CA PRO A 379 -21.75 7.13 35.78
C PRO A 379 -21.18 7.91 34.61
N GLY A 380 -21.16 7.26 33.44
CA GLY A 380 -20.66 7.91 32.25
C GLY A 380 -19.17 7.72 32.03
N ASN A 381 -18.65 8.45 31.04
CA ASN A 381 -17.26 8.30 30.62
C ASN A 381 -16.37 9.43 31.07
N TYR A 382 -16.36 9.71 32.37
CA TYR A 382 -15.62 10.87 32.88
C TYR A 382 -14.21 10.44 33.26
N VAL A 383 -13.23 11.23 32.82
CA VAL A 383 -11.84 11.09 33.21
C VAL A 383 -11.39 12.43 33.77
N GLU A 384 -10.35 12.43 34.58
CA GLU A 384 -9.83 13.69 35.10
C GLU A 384 -8.99 14.40 34.05
N PRO A 385 -9.17 15.70 33.83
CA PRO A 385 -8.23 16.43 32.96
C PRO A 385 -6.83 16.39 33.57
N THR A 386 -5.84 16.17 32.73
CA THR A 386 -4.54 15.70 33.20
C THR A 386 -3.40 16.57 32.68
N ILE A 387 -2.43 16.83 33.56
CA ILE A 387 -1.21 17.56 33.23
C ILE A 387 -0.02 16.64 33.50
N VAL A 388 0.85 16.47 32.51
CA VAL A 388 2.02 15.61 32.61
C VAL A 388 3.27 16.46 32.34
N THR A 389 4.19 16.48 33.28
CA THR A 389 5.46 17.17 33.16
C THR A 389 6.60 16.17 33.09
N GLY A 390 7.80 16.67 32.78
CA GLY A 390 9.01 15.88 32.86
C GLY A 390 9.34 15.00 31.67
N LEU A 391 8.40 14.82 30.74
CA LEU A 391 8.68 14.06 29.53
C LEU A 391 9.65 14.84 28.65
N GLY A 392 10.54 14.13 27.99
CA GLY A 392 11.28 14.75 26.90
C GLY A 392 10.32 15.13 25.79
N HIS A 393 10.62 16.25 25.13
CA HIS A 393 9.73 16.74 24.07
C HIS A 393 9.55 15.69 22.98
N ASP A 394 10.50 14.78 22.83
CA ASP A 394 10.41 13.74 21.82
C ASP A 394 9.85 12.41 22.35
N ALA A 395 9.36 12.36 23.59
CA ALA A 395 8.80 11.11 24.07
C ALA A 395 7.71 10.65 23.12
N SER A 396 7.69 9.34 22.83
CA SER A 396 6.78 8.81 21.82
C SER A 396 5.32 9.13 22.15
N ILE A 397 4.94 9.02 23.43
CA ILE A 397 3.54 9.26 23.78
C ILE A 397 3.18 10.72 23.56
N ALA A 398 4.13 11.65 23.74
CA ALA A 398 3.82 13.03 23.43
C ALA A 398 3.65 13.23 21.94
N HIS A 399 4.34 12.42 21.12
CA HIS A 399 4.16 12.56 19.68
C HIS A 399 2.89 11.91 19.18
N THR A 400 2.20 11.15 20.01
CA THR A 400 0.96 10.48 19.62
C THR A 400 -0.24 11.36 19.95
N GLU A 401 -1.26 11.32 19.09
CA GLU A 401 -2.52 11.97 19.38
C GLU A 401 -3.39 11.01 20.18
N THR A 402 -3.55 11.28 21.47
CA THR A 402 -4.54 10.60 22.30
C THR A 402 -5.72 11.57 22.51
N PHE A 403 -6.88 11.21 21.97
CA PHE A 403 -8.03 12.13 21.95
C PHE A 403 -8.66 12.21 23.34
N ALA A 404 -7.92 12.84 24.24
CA ALA A 404 -8.33 12.88 25.63
C ALA A 404 -7.70 14.10 26.29
N PRO A 405 -8.22 14.52 27.44
CA PRO A 405 -7.67 15.74 28.07
C PRO A 405 -6.39 15.48 28.85
N ILE A 406 -5.30 15.32 28.11
CA ILE A 406 -3.97 15.14 28.68
C ILE A 406 -3.08 16.23 28.10
N LEU A 407 -2.52 17.05 28.97
CA LEU A 407 -1.65 18.14 28.57
C LEU A 407 -0.21 17.78 28.93
N TYR A 408 0.64 17.66 27.92
CA TYR A 408 2.06 17.40 28.14
C TYR A 408 2.81 18.73 28.17
N VAL A 409 3.55 18.96 29.25
CA VAL A 409 4.21 20.24 29.51
C VAL A 409 5.72 20.06 29.40
N PHE A 410 6.38 20.98 28.69
CA PHE A 410 7.82 20.93 28.49
C PHE A 410 8.47 22.28 28.78
N LYS A 411 9.72 22.20 29.20
CA LYS A 411 10.60 23.37 29.32
C LYS A 411 11.29 23.64 27.98
N PHE A 412 11.62 24.90 27.76
CA PHE A 412 12.47 25.26 26.64
C PHE A 412 13.25 26.52 27.02
N LYS A 413 14.31 26.80 26.28
CA LYS A 413 15.09 27.99 26.55
C LYS A 413 15.10 28.95 25.37
N ASN A 414 15.41 28.46 24.17
CA ASN A 414 15.60 29.35 23.04
C ASN A 414 14.51 29.12 21.99
N GLU A 415 14.31 30.17 21.19
CA GLU A 415 13.23 30.25 20.21
C GLU A 415 13.39 29.24 19.07
N GLU A 416 14.64 29.03 18.61
CA GLU A 416 14.84 28.15 17.46
C GLU A 416 14.42 26.72 17.76
N GLU A 417 14.82 26.21 18.93
CA GLU A 417 14.54 24.81 19.26
C GLU A 417 13.05 24.60 19.54
N VAL A 418 12.36 25.57 20.13
CA VAL A 418 10.96 25.32 20.45
C VAL A 418 10.08 25.41 19.19
N PHE A 419 10.47 26.22 18.21
CA PHE A 419 9.80 26.14 16.90
C PHE A 419 10.06 24.79 16.25
N ALA A 420 11.28 24.28 16.35
CA ALA A 420 11.57 22.95 15.85
C ALA A 420 10.75 21.88 16.56
N TRP A 421 10.57 22.03 17.89
CA TRP A 421 9.82 21.05 18.66
C TRP A 421 8.33 21.12 18.35
N ASN A 422 7.81 22.32 18.09
CA ASN A 422 6.44 22.42 17.60
C ASN A 422 6.25 21.63 16.33
N ASN A 423 7.22 21.70 15.43
CA ASN A 423 7.18 21.16 14.07
C ASN A 423 7.64 19.71 13.94
N GLU A 424 8.24 19.13 14.98
CA GLU A 424 8.86 17.81 14.86
C GLU A 424 7.87 16.67 14.73
N VAL A 425 6.61 16.86 15.13
CA VAL A 425 5.62 15.79 15.10
C VAL A 425 5.09 15.55 13.69
N LYS A 426 4.30 14.49 13.50
CA LYS A 426 3.71 14.21 12.20
C LYS A 426 2.46 15.04 11.92
N GLN A 427 1.75 15.48 12.96
CA GLN A 427 0.55 16.28 12.79
C GLN A 427 0.91 17.72 12.47
N GLY A 428 -0.03 18.41 11.83
CA GLY A 428 0.20 19.80 11.45
C GLY A 428 -1.05 20.66 11.45
N LEU A 429 -1.85 20.56 12.51
CA LEU A 429 -3.10 21.31 12.48
C LEU A 429 -2.92 22.73 13.01
N SER A 430 -2.87 22.90 14.33
CA SER A 430 -2.91 24.21 14.95
C SER A 430 -1.68 24.42 15.82
N SER A 431 -1.36 25.70 16.07
CA SER A 431 -0.18 26.03 16.86
C SER A 431 -0.39 27.43 17.41
N SER A 432 0.19 27.70 18.58
CA SER A 432 0.03 29.01 19.22
C SER A 432 1.30 29.36 19.97
N ILE A 433 1.70 30.62 19.87
CA ILE A 433 2.74 31.17 20.72
C ILE A 433 2.13 32.30 21.53
N PHE A 434 2.62 32.49 22.75
CA PHE A 434 2.24 33.63 23.56
C PHE A 434 3.49 34.45 23.82
N THR A 435 3.49 35.68 23.31
CA THR A 435 4.66 36.54 23.40
C THR A 435 4.26 37.94 22.95
N LYS A 436 5.08 38.90 23.34
CA LYS A 436 4.91 40.28 22.89
C LYS A 436 5.96 40.71 21.88
N ASP A 437 6.90 39.83 21.54
CA ASP A 437 8.06 40.19 20.74
C ASP A 437 7.70 40.28 19.25
N LEU A 438 7.87 41.47 18.66
CA LEU A 438 7.43 41.71 17.29
C LEU A 438 8.16 40.81 16.30
N GLY A 439 9.48 40.70 16.45
CA GLY A 439 10.24 39.86 15.53
C GLY A 439 9.93 38.39 15.69
N ARG A 440 9.76 37.93 16.94
CA ARG A 440 9.42 36.54 17.19
C ARG A 440 8.08 36.17 16.57
N ILE A 441 7.11 37.07 16.69
CA ILE A 441 5.79 36.84 16.12
C ILE A 441 5.86 36.65 14.61
N PHE A 442 6.61 37.51 13.91
CA PHE A 442 6.63 37.35 12.46
C PHE A 442 7.51 36.20 12.02
N CYS A 443 8.56 35.89 12.79
CA CYS A 443 9.29 34.65 12.52
C CYS A 443 8.38 33.44 12.64
N TRP A 444 7.51 33.45 13.65
CA TRP A 444 6.53 32.38 13.84
C TRP A 444 5.61 32.25 12.63
N LEU A 445 5.21 33.37 12.04
CA LEU A 445 4.36 33.38 10.84
C LEU A 445 5.13 33.14 9.54
N GLY A 446 6.46 33.13 9.60
CA GLY A 446 7.27 33.07 8.42
C GLY A 446 7.71 31.66 8.07
N PRO A 447 8.64 31.57 7.11
CA PRO A 447 9.04 30.24 6.61
C PRO A 447 9.83 29.41 7.60
N LYS A 448 10.47 29.99 8.61
CA LYS A 448 11.14 29.19 9.63
C LYS A 448 10.33 29.09 10.92
N GLY A 449 9.04 29.41 10.87
CA GLY A 449 8.16 29.32 12.04
C GLY A 449 7.31 28.08 12.01
N SER A 450 6.07 28.20 12.49
CA SER A 450 5.21 27.04 12.60
C SER A 450 4.88 26.44 11.24
N ASP A 451 4.88 25.11 11.18
CA ASP A 451 4.55 24.45 9.93
C ASP A 451 3.09 24.03 9.84
N CYS A 452 2.23 24.53 10.73
CA CYS A 452 0.83 24.10 10.82
C CYS A 452 -0.07 24.96 9.93
N GLY A 453 -1.28 24.45 9.68
CA GLY A 453 -2.30 25.20 8.95
C GLY A 453 -2.93 26.32 9.74
N ILE A 454 -2.87 26.25 11.07
CA ILE A 454 -3.34 27.31 11.97
C ILE A 454 -2.17 27.73 12.85
N VAL A 455 -1.81 29.00 12.77
CA VAL A 455 -0.59 29.55 13.35
C VAL A 455 -1.05 30.80 14.09
N ASN A 456 -1.19 30.70 15.42
CA ASN A 456 -1.83 31.74 16.23
C ASN A 456 -0.85 32.44 17.15
N VAL A 457 -1.24 33.64 17.57
CA VAL A 457 -0.40 34.51 18.39
C VAL A 457 -1.26 35.09 19.50
N ASN A 458 -0.92 34.76 20.75
CA ASN A 458 -1.64 35.25 21.92
C ASN A 458 -3.12 34.87 21.89
N ILE A 459 -3.40 33.74 21.25
CA ILE A 459 -4.72 33.10 21.30
C ILE A 459 -4.45 31.59 21.22
N PRO A 460 -5.19 30.74 21.93
CA PRO A 460 -4.83 29.32 21.95
C PRO A 460 -5.08 28.62 20.63
N THR A 461 -4.92 27.30 20.63
CA THR A 461 -4.94 26.52 19.40
C THR A 461 -6.32 26.37 18.78
N SER A 462 -7.38 26.62 19.56
CA SER A 462 -8.74 26.51 19.04
C SER A 462 -9.23 27.82 18.46
N GLY A 463 -8.35 28.82 18.33
CA GLY A 463 -8.69 30.07 17.68
C GLY A 463 -8.81 30.01 16.16
N ALA A 464 -10.03 29.99 15.64
CA ALA A 464 -10.30 29.97 14.21
C ALA A 464 -11.74 30.43 13.98
N GLU A 465 -11.96 31.14 12.86
CA GLU A 465 -13.29 31.59 12.48
C GLU A 465 -13.57 31.21 11.04
N ILE A 466 -14.85 31.23 10.66
CA ILE A 466 -15.22 30.73 9.35
C ILE A 466 -14.59 31.57 8.25
N GLY A 467 -14.23 32.83 8.54
CA GLY A 467 -13.67 33.68 7.51
C GLY A 467 -12.44 33.10 6.85
N GLY A 468 -11.66 32.30 7.61
CA GLY A 468 -10.43 31.73 7.10
C GLY A 468 -10.60 30.29 6.72
N ALA A 469 -9.69 29.79 5.89
CA ALA A 469 -9.68 28.36 5.57
C ALA A 469 -9.18 27.58 6.77
N PHE A 470 -9.84 26.46 7.08
CA PHE A 470 -9.53 25.66 8.25
C PHE A 470 -8.98 24.29 7.86
N GLY A 471 -7.80 23.96 8.36
CA GLY A 471 -7.19 22.68 8.08
C GLY A 471 -5.71 22.74 8.39
N GLY A 472 -5.06 21.59 8.24
CA GLY A 472 -3.66 21.45 8.60
C GLY A 472 -2.81 20.86 7.49
N GLU A 473 -1.54 20.68 7.81
CA GLU A 473 -0.55 20.10 6.91
C GLU A 473 -0.04 18.77 7.46
N LYS A 474 0.80 18.11 6.68
CA LYS A 474 1.49 16.86 7.08
C LYS A 474 0.41 15.82 7.40
N HIS A 475 0.51 15.07 8.50
CA HIS A 475 -0.46 14.01 8.76
C HIS A 475 -1.88 14.50 9.02
N THR A 476 -2.11 15.82 9.14
CA THR A 476 -3.48 16.32 9.23
C THR A 476 -4.20 16.29 7.88
N GLY A 477 -3.50 16.06 6.77
CA GLY A 477 -4.17 15.67 5.54
C GLY A 477 -4.14 16.69 4.43
N GLY A 478 -3.99 17.97 4.76
CA GLY A 478 -3.85 19.02 3.77
C GLY A 478 -5.13 19.67 3.31
N GLY A 479 -6.29 19.06 3.56
CA GLY A 479 -7.54 19.68 3.14
C GLY A 479 -7.82 20.98 3.88
N ARG A 480 -8.72 21.78 3.30
CA ARG A 480 -9.16 23.03 3.91
C ARG A 480 -10.68 23.13 3.79
N GLU A 481 -11.29 23.70 4.83
CA GLU A 481 -12.73 23.85 4.93
C GLU A 481 -13.06 25.31 5.23
N SER A 482 -14.30 25.69 4.90
CA SER A 482 -14.88 26.99 5.21
C SER A 482 -14.40 28.13 4.31
N GLY A 483 -13.49 28.97 4.82
CA GLY A 483 -13.25 30.30 4.28
C GLY A 483 -12.15 30.43 3.24
N SER A 484 -11.73 31.68 3.00
CA SER A 484 -10.79 31.98 1.92
C SER A 484 -11.31 31.33 0.64
N ASP A 485 -10.41 30.72 -0.14
CA ASP A 485 -10.83 30.02 -1.35
C ASP A 485 -10.92 28.51 -1.13
N ALA A 486 -11.29 28.09 0.08
CA ALA A 486 -11.52 26.68 0.34
C ALA A 486 -12.56 26.12 -0.62
N TRP A 487 -13.46 26.96 -1.11
CA TRP A 487 -14.49 26.49 -2.03
C TRP A 487 -13.92 25.79 -3.27
N LYS A 488 -12.66 26.10 -3.65
CA LYS A 488 -12.11 25.58 -4.90
C LYS A 488 -11.89 24.07 -4.85
N GLN A 489 -11.71 23.50 -3.66
CA GLN A 489 -11.59 22.06 -3.55
C GLN A 489 -12.88 21.34 -3.94
N TYR A 490 -14.01 22.05 -3.94
CA TYR A 490 -15.31 21.48 -4.26
C TYR A 490 -15.70 21.68 -5.71
N MET A 491 -14.82 22.24 -6.53
CA MET A 491 -15.10 22.53 -7.93
C MET A 491 -13.91 22.11 -8.77
N ARG A 492 -14.12 21.98 -10.08
CA ARG A 492 -13.03 21.73 -11.01
C ARG A 492 -12.75 22.98 -11.85
N ARG A 493 -11.48 23.32 -11.94
CA ARG A 493 -11.05 24.45 -12.74
C ARG A 493 -10.89 24.01 -14.19
N SER A 494 -11.31 24.86 -15.12
CA SER A 494 -10.99 24.68 -16.52
C SER A 494 -10.40 25.99 -17.03
N THR A 495 -9.33 25.87 -17.78
CA THR A 495 -8.69 27.00 -18.43
C THR A 495 -9.19 27.01 -19.87
N CYS A 496 -9.94 28.04 -20.27
CA CYS A 496 -10.68 27.95 -21.50
C CYS A 496 -10.22 29.01 -22.50
N THR A 497 -9.75 28.56 -23.67
CA THR A 497 -9.32 29.46 -24.73
C THR A 497 -10.40 29.44 -25.81
N ILE A 498 -10.91 30.61 -26.13
CA ILE A 498 -11.98 30.76 -27.11
C ILE A 498 -11.45 31.63 -28.23
N ASN A 499 -11.28 31.04 -29.40
CA ASN A 499 -10.98 31.80 -30.60
C ASN A 499 -12.29 32.33 -31.16
N TYR A 500 -12.51 33.65 -31.06
CA TYR A 500 -13.69 34.25 -31.64
C TYR A 500 -13.41 34.92 -32.96
N SER A 501 -12.20 34.80 -33.45
CA SER A 501 -11.75 35.47 -34.67
C SER A 501 -12.09 34.65 -35.91
N LYS A 502 -11.94 35.30 -37.07
CA LYS A 502 -11.96 34.67 -38.38
C LYS A 502 -10.58 34.19 -38.80
N ASP A 503 -9.57 34.39 -37.98
CA ASP A 503 -8.22 34.04 -38.37
C ASP A 503 -8.10 32.53 -38.49
N LEU A 504 -7.41 32.11 -39.46
CA LEU A 504 -7.00 30.77 -39.81
C LEU A 504 -5.54 30.54 -39.44
N PRO A 505 -5.17 29.32 -39.04
CA PRO A 505 -3.77 29.05 -38.72
C PRO A 505 -2.91 29.10 -39.97
N LEU A 506 -1.63 29.41 -39.78
CA LEU A 506 -0.69 29.45 -40.90
C LEU A 506 -0.68 28.09 -41.61
N ALA A 507 -0.66 28.13 -42.94
CA ALA A 507 -0.74 26.89 -43.71
C ALA A 507 0.53 26.07 -43.60
N GLN A 508 1.66 26.68 -43.24
CA GLN A 508 2.93 25.98 -43.09
C GLN A 508 3.26 25.15 -44.33
N GLY A 509 2.95 25.73 -45.50
CA GLY A 509 3.25 25.11 -46.77
C GLY A 509 2.25 24.09 -47.27
N ILE A 510 1.24 23.74 -46.48
CA ILE A 510 0.20 22.81 -46.93
C ILE A 510 -0.87 23.57 -47.67
N LYS A 511 -1.31 23.03 -48.79
CA LYS A 511 -2.39 23.61 -49.57
C LYS A 511 -3.69 22.98 -49.07
N PHE A 512 -4.47 23.73 -48.30
CA PHE A 512 -5.77 23.25 -47.88
C PHE A 512 -6.80 23.69 -48.92
N GLN A 513 -8.04 23.24 -48.75
CA GLN A 513 -9.04 23.54 -49.77
C GLN A 513 -9.85 24.77 -49.43
N THR B 5 30.25 5.98 -33.67
CA THR B 5 30.90 7.07 -32.97
C THR B 5 29.87 8.11 -32.58
N LEU B 6 30.19 8.86 -31.54
CA LEU B 6 29.26 9.81 -30.96
C LEU B 6 29.06 11.02 -31.86
N LEU B 7 27.81 11.50 -31.95
CA LEU B 7 27.52 12.70 -32.71
C LEU B 7 28.30 13.89 -32.18
N ILE B 8 28.51 13.95 -30.86
CA ILE B 8 29.23 15.08 -30.29
C ILE B 8 30.68 15.10 -30.76
N ASN B 9 31.22 13.97 -31.21
CA ASN B 9 32.59 13.93 -31.69
C ASN B 9 32.71 14.24 -33.19
N GLN B 10 31.60 14.39 -33.89
CA GLN B 10 31.62 14.75 -35.31
C GLN B 10 31.49 16.26 -35.47
N PRO B 11 32.30 16.85 -36.34
CA PRO B 11 32.26 18.31 -36.50
C PRO B 11 30.89 18.84 -36.91
N GLN B 12 30.08 18.01 -37.54
CA GLN B 12 28.75 18.44 -37.97
C GLN B 12 27.91 18.91 -36.77
N TYR B 13 28.19 18.40 -35.57
CA TYR B 13 27.42 18.68 -34.37
C TYR B 13 28.24 19.38 -33.27
N ALA B 14 29.32 20.08 -33.63
CA ALA B 14 30.14 20.72 -32.60
C ALA B 14 29.39 21.79 -31.83
N TRP B 15 28.26 22.26 -32.35
CA TRP B 15 27.48 23.24 -31.59
C TRP B 15 27.04 22.69 -30.24
N LEU B 16 27.00 21.37 -30.08
CA LEU B 16 26.69 20.81 -28.77
C LEU B 16 27.63 21.36 -27.72
N LYS B 17 28.88 21.65 -28.10
CA LYS B 17 29.85 22.13 -27.12
C LYS B 17 29.47 23.51 -26.57
N GLU B 18 28.68 24.28 -27.30
CA GLU B 18 28.23 25.56 -26.79
C GLU B 18 27.33 25.43 -25.56
N LEU B 19 26.78 24.24 -25.30
CA LEU B 19 25.99 24.05 -24.08
C LEU B 19 26.81 23.47 -22.96
N GLY B 20 28.13 23.36 -23.16
CA GLY B 20 29.00 22.74 -22.18
C GLY B 20 28.95 21.22 -22.15
N LEU B 21 28.36 20.59 -23.17
CA LEU B 21 28.32 19.14 -23.18
C LEU B 21 29.62 18.59 -23.74
N ARG B 22 30.01 17.43 -23.22
CA ARG B 22 31.21 16.78 -23.72
C ARG B 22 30.83 15.35 -24.02
N GLU B 23 31.83 14.51 -24.32
CA GLU B 23 31.56 13.11 -24.60
C GLU B 23 30.84 12.42 -23.44
N GLU B 24 31.40 12.53 -22.23
CA GLU B 24 30.80 11.95 -21.03
C GLU B 24 30.51 13.10 -20.07
N ASN B 25 29.24 13.25 -19.70
CA ASN B 25 28.76 14.38 -18.93
C ASN B 25 28.31 13.95 -17.54
N GLU B 26 28.59 14.79 -16.54
CA GLU B 26 28.11 14.54 -15.18
C GLU B 26 26.61 14.78 -15.12
N GLY B 27 25.88 13.79 -14.60
CA GLY B 27 24.44 13.89 -14.50
C GLY B 27 23.89 14.21 -13.13
N VAL B 28 24.73 14.60 -12.18
CA VAL B 28 24.28 15.02 -10.86
C VAL B 28 24.79 16.43 -10.62
N TYR B 29 23.91 17.33 -10.21
CA TYR B 29 24.34 18.66 -9.79
C TYR B 29 23.63 19.02 -8.49
N ASN B 30 24.42 19.44 -7.50
CA ASN B 30 23.88 19.83 -6.21
C ASN B 30 24.70 21.00 -5.66
N GLY B 31 25.28 21.80 -6.55
CA GLY B 31 26.33 22.71 -6.19
C GLY B 31 27.67 22.19 -6.63
N SER B 32 27.82 20.88 -6.67
CA SER B 32 28.94 20.19 -7.27
C SER B 32 28.40 19.32 -8.40
N TRP B 33 29.24 19.02 -9.39
CA TRP B 33 28.88 18.10 -10.45
C TRP B 33 29.49 16.74 -10.18
N GLY B 34 28.71 15.69 -10.42
CA GLY B 34 29.20 14.36 -10.18
C GLY B 34 28.34 13.34 -10.85
N GLY B 35 28.39 12.12 -10.34
CA GLY B 35 27.62 11.03 -10.93
C GLY B 35 28.35 9.72 -10.85
N ARG B 36 27.94 8.91 -9.88
CA ARG B 36 28.53 7.61 -9.63
C ARG B 36 27.62 6.48 -10.06
N GLY B 37 26.46 6.81 -10.63
CA GLY B 37 25.52 5.81 -11.10
C GLY B 37 25.88 5.26 -12.47
N GLU B 38 24.86 4.69 -13.10
CA GLU B 38 25.01 4.09 -14.42
C GLU B 38 25.24 5.16 -15.48
N VAL B 39 26.15 4.87 -16.40
CA VAL B 39 26.40 5.75 -17.53
C VAL B 39 25.41 5.39 -18.62
N ILE B 40 24.61 6.36 -19.04
CA ILE B 40 23.64 6.16 -20.11
C ILE B 40 24.12 6.95 -21.32
N THR B 41 24.00 6.35 -22.50
CA THR B 41 24.24 7.00 -23.78
C THR B 41 22.88 7.32 -24.40
N THR B 42 22.63 8.58 -24.74
CA THR B 42 21.36 8.93 -25.36
C THR B 42 21.57 9.05 -26.87
N TYR B 43 20.49 8.78 -27.62
CA TYR B 43 20.54 8.67 -29.07
C TYR B 43 19.62 9.68 -29.74
N CYS B 44 20.02 10.06 -30.96
CA CYS B 44 19.22 10.91 -31.83
C CYS B 44 18.16 10.05 -32.53
N PRO B 45 16.87 10.31 -32.32
CA PRO B 45 15.86 9.47 -32.96
C PRO B 45 15.75 9.63 -34.46
N ALA B 46 16.34 10.68 -35.05
CA ALA B 46 16.27 10.89 -36.49
C ALA B 46 17.21 10.00 -37.27
N ASN B 47 18.26 9.45 -36.65
CA ASN B 47 19.20 8.57 -37.34
C ASN B 47 19.68 7.40 -36.50
N ASN B 48 19.15 7.20 -35.29
CA ASN B 48 19.55 6.11 -34.41
C ASN B 48 21.04 6.11 -34.11
N GLU B 49 21.66 7.28 -34.17
CA GLU B 49 23.06 7.42 -33.79
C GLU B 49 23.20 7.90 -32.36
N PRO B 50 24.22 7.42 -31.63
CA PRO B 50 24.46 7.91 -30.26
C PRO B 50 24.97 9.35 -30.26
N ILE B 51 24.50 10.14 -29.29
CA ILE B 51 24.88 11.55 -29.19
C ILE B 51 26.03 11.77 -28.21
N ALA B 52 25.81 11.44 -26.94
CA ALA B 52 26.81 11.58 -25.87
C ALA B 52 26.32 10.78 -24.66
N ARG B 53 27.15 10.76 -23.63
CA ARG B 53 26.89 9.93 -22.46
C ARG B 53 26.66 10.80 -21.23
N VAL B 54 25.95 10.24 -20.25
CA VAL B 54 25.63 10.90 -19.00
C VAL B 54 25.83 9.92 -17.86
N ARG B 55 26.60 10.31 -16.85
CA ARG B 55 26.75 9.51 -15.63
C ARG B 55 25.58 9.84 -14.73
N GLN B 56 24.71 8.85 -14.47
CA GLN B 56 23.51 9.11 -13.70
C GLN B 56 23.80 9.06 -12.20
N ALA B 57 22.79 9.35 -11.40
CA ALA B 57 22.95 9.39 -9.95
C ALA B 57 22.94 8.00 -9.35
N SER B 58 23.90 7.72 -8.48
CA SER B 58 23.76 6.59 -7.60
C SER B 58 22.85 6.95 -6.43
N VAL B 59 22.56 5.95 -5.60
CA VAL B 59 21.80 6.23 -4.38
C VAL B 59 22.53 7.26 -3.53
N ALA B 60 23.84 7.06 -3.35
CA ALA B 60 24.64 8.00 -2.57
C ALA B 60 24.57 9.41 -3.15
N ASP B 61 24.61 9.52 -4.49
CA ASP B 61 24.43 10.82 -5.14
C ASP B 61 23.10 11.44 -4.72
N TYR B 62 22.03 10.66 -4.77
CA TYR B 62 20.71 11.20 -4.43
C TYR B 62 20.68 11.65 -2.98
N GLU B 63 21.16 10.80 -2.08
CA GLU B 63 21.17 11.15 -0.66
C GLU B 63 21.95 12.43 -0.43
N GLU B 64 23.15 12.52 -1.01
CA GLU B 64 23.97 13.72 -0.84
C GLU B 64 23.27 14.94 -1.43
N THR B 65 22.61 14.76 -2.58
CA THR B 65 21.97 15.89 -3.22
C THR B 65 20.77 16.40 -2.40
N VAL B 66 19.94 15.49 -1.90
CA VAL B 66 18.78 15.93 -1.12
C VAL B 66 19.24 16.68 0.13
N LYS B 67 20.27 16.17 0.81
CA LYS B 67 20.81 16.84 1.99
C LYS B 67 21.29 18.25 1.65
N LYS B 68 22.03 18.36 0.54
CA LYS B 68 22.57 19.65 0.12
C LYS B 68 21.44 20.59 -0.25
N ALA B 69 20.39 20.06 -0.88
CA ALA B 69 19.24 20.90 -1.24
C ALA B 69 18.53 21.43 0.00
N ARG B 70 18.31 20.59 1.02
CA ARG B 70 17.59 21.05 2.19
C ARG B 70 18.43 22.05 3.00
N GLU B 71 19.74 21.85 3.08
CA GLU B 71 20.60 22.89 3.66
C GLU B 71 20.51 24.17 2.84
N ALA B 72 20.54 24.07 1.50
CA ALA B 72 20.43 25.27 0.67
C ALA B 72 19.09 25.96 0.87
N TRP B 73 18.03 25.21 1.16
CA TRP B 73 16.72 25.81 1.35
C TRP B 73 16.72 26.78 2.52
N LYS B 74 17.51 26.51 3.56
CA LYS B 74 17.54 27.41 4.71
C LYS B 74 17.99 28.80 4.30
N ILE B 75 18.97 28.88 3.39
CA ILE B 75 19.41 30.17 2.88
C ILE B 75 18.39 30.74 1.92
N TRP B 76 17.88 29.90 1.02
CA TRP B 76 17.04 30.36 -0.07
C TRP B 76 15.70 30.87 0.45
N ALA B 77 15.15 30.20 1.47
CA ALA B 77 13.87 30.63 2.02
C ALA B 77 13.94 32.00 2.70
N ASP B 78 15.13 32.39 3.18
CA ASP B 78 15.34 33.70 3.79
C ASP B 78 15.47 34.83 2.79
N ILE B 79 15.53 34.54 1.50
CA ILE B 79 15.71 35.57 0.47
C ILE B 79 14.32 36.10 0.14
N PRO B 80 14.09 37.42 0.25
CA PRO B 80 12.75 37.96 -0.03
C PRO B 80 12.26 37.52 -1.40
N ALA B 81 10.97 37.22 -1.49
CA ALA B 81 10.40 36.75 -2.75
C ALA B 81 10.79 37.60 -3.95
N PRO B 82 10.75 38.94 -3.90
CA PRO B 82 11.17 39.71 -5.08
C PRO B 82 12.60 39.43 -5.50
N LYS B 83 13.51 39.26 -4.55
CA LYS B 83 14.90 39.02 -4.94
C LYS B 83 15.07 37.64 -5.53
N ARG B 84 14.29 36.66 -5.05
CA ARG B 84 14.19 35.38 -5.74
C ARG B 84 13.66 35.58 -7.16
N GLY B 85 12.74 36.52 -7.34
CA GLY B 85 12.29 36.83 -8.68
C GLY B 85 13.43 37.34 -9.56
N GLU B 86 14.32 38.14 -8.98
CA GLU B 86 15.48 38.65 -9.72
C GLU B 86 16.37 37.51 -10.21
N ILE B 87 16.58 36.50 -9.38
CA ILE B 87 17.32 35.31 -9.81
C ILE B 87 16.62 34.65 -10.98
N VAL B 88 15.30 34.51 -10.90
CA VAL B 88 14.53 33.87 -11.95
C VAL B 88 14.58 34.70 -13.24
N ARG B 89 14.51 36.03 -13.12
CA ARG B 89 14.70 36.91 -14.27
C ARG B 89 16.03 36.65 -14.96
N GLN B 90 17.08 36.45 -14.18
CA GLN B 90 18.38 36.20 -14.78
C GLN B 90 18.42 34.83 -15.46
N ILE B 91 17.78 33.83 -14.87
CA ILE B 91 17.64 32.54 -15.54
C ILE B 91 16.94 32.70 -16.88
N GLY B 92 15.90 33.53 -16.91
CA GLY B 92 15.27 33.83 -18.19
C GLY B 92 16.24 34.41 -19.19
N ASP B 93 17.09 35.34 -18.76
CA ASP B 93 18.01 35.95 -19.70
C ASP B 93 19.07 34.96 -20.16
N ALA B 94 19.59 34.13 -19.25
CA ALA B 94 20.58 33.14 -19.66
C ALA B 94 20.02 32.18 -20.69
N LEU B 95 18.76 31.78 -20.51
CA LEU B 95 18.08 30.93 -21.48
C LEU B 95 17.92 31.63 -22.83
N ARG B 96 17.63 32.93 -22.81
CA ARG B 96 17.55 33.69 -24.06
C ARG B 96 18.85 33.60 -24.85
N GLU B 97 19.98 33.76 -24.18
CA GLU B 97 21.28 33.75 -24.85
C GLU B 97 21.58 32.39 -25.48
N LYS B 98 20.98 31.31 -24.99
CA LYS B 98 21.22 29.97 -25.49
C LYS B 98 20.02 29.40 -26.25
N ILE B 99 19.01 30.22 -26.58
CA ILE B 99 17.74 29.65 -27.03
C ILE B 99 17.91 28.84 -28.31
N GLN B 100 18.75 29.30 -29.25
CA GLN B 100 18.88 28.61 -30.54
C GLN B 100 19.55 27.25 -30.37
N VAL B 101 20.71 27.24 -29.72
CA VAL B 101 21.45 26.00 -29.50
C VAL B 101 20.68 25.06 -28.57
N LEU B 102 19.98 25.59 -27.55
CA LEU B 102 19.25 24.71 -26.64
C LEU B 102 18.06 24.05 -27.36
N GLY B 103 17.29 24.82 -28.12
CA GLY B 103 16.23 24.22 -28.92
C GLY B 103 16.76 23.21 -29.93
N SER B 104 17.94 23.46 -30.49
CA SER B 104 18.56 22.52 -31.41
C SER B 104 18.89 21.21 -30.72
N LEU B 105 19.33 21.27 -29.46
CA LEU B 105 19.54 20.05 -28.70
C LEU B 105 18.25 19.31 -28.44
N VAL B 106 17.17 20.04 -28.14
CA VAL B 106 15.87 19.41 -27.97
C VAL B 106 15.48 18.67 -29.25
N SER B 107 15.66 19.32 -30.40
CA SER B 107 15.39 18.65 -31.67
C SER B 107 16.30 17.45 -31.88
N LEU B 108 17.56 17.56 -31.45
CA LEU B 108 18.51 16.48 -31.69
C LEU B 108 18.19 15.28 -30.79
N GLU B 109 18.05 15.51 -29.48
CA GLU B 109 17.93 14.40 -28.55
C GLU B 109 16.49 13.93 -28.39
N MET B 110 15.52 14.83 -28.45
CA MET B 110 14.14 14.39 -28.31
C MET B 110 13.50 14.10 -29.66
N GLY B 111 13.70 14.97 -30.66
CA GLY B 111 13.26 14.69 -32.01
C GLY B 111 12.15 15.58 -32.52
N LYS B 112 11.70 16.57 -31.75
CA LYS B 112 10.70 17.47 -32.27
C LYS B 112 11.35 18.50 -33.20
N ILE B 113 10.52 19.12 -34.03
CA ILE B 113 11.08 20.05 -35.01
C ILE B 113 11.61 21.29 -34.30
N LEU B 114 12.48 22.01 -35.01
CA LEU B 114 13.25 23.09 -34.41
C LEU B 114 12.36 24.19 -33.82
N VAL B 115 11.37 24.64 -34.60
CA VAL B 115 10.54 25.75 -34.11
C VAL B 115 9.85 25.35 -32.80
N GLU B 116 9.51 24.06 -32.66
CA GLU B 116 8.93 23.60 -31.40
C GLU B 116 10.01 23.43 -30.34
N GLY B 117 11.23 23.07 -30.74
CA GLY B 117 12.34 23.06 -29.80
C GLY B 117 12.64 24.46 -29.26
N VAL B 118 12.80 25.44 -30.16
CA VAL B 118 13.02 26.81 -29.68
C VAL B 118 11.79 27.31 -28.94
N GLY B 119 10.59 26.96 -29.41
CA GLY B 119 9.37 27.37 -28.71
C GLY B 119 9.34 26.85 -27.29
N GLU B 120 9.79 25.61 -27.09
CA GLU B 120 9.84 25.06 -25.75
C GLU B 120 10.77 25.87 -24.86
N VAL B 121 11.91 26.30 -25.39
CA VAL B 121 12.80 27.14 -24.58
C VAL B 121 12.20 28.53 -24.37
N GLN B 122 11.52 29.06 -25.39
CA GLN B 122 10.84 30.34 -25.23
C GLN B 122 9.80 30.26 -24.11
N GLU B 123 9.14 29.10 -23.99
CA GLU B 123 8.18 28.89 -22.92
C GLU B 123 8.82 29.03 -21.53
N TYR B 124 10.02 28.47 -21.36
CA TYR B 124 10.74 28.64 -20.10
C TYR B 124 11.10 30.12 -19.88
N VAL B 125 11.55 30.80 -20.94
CA VAL B 125 11.82 32.24 -20.88
C VAL B 125 10.57 33.02 -20.46
N ASP B 126 9.43 32.72 -21.10
CA ASP B 126 8.19 33.42 -20.80
C ASP B 126 7.75 33.21 -19.35
N ILE B 127 7.76 31.96 -18.87
CA ILE B 127 7.28 31.72 -17.51
C ILE B 127 8.21 32.36 -16.48
N CYS B 128 9.51 32.45 -16.78
CA CYS B 128 10.43 33.18 -15.91
C CYS B 128 10.02 34.64 -15.80
N ASP B 129 9.80 35.30 -16.94
CA ASP B 129 9.42 36.70 -16.92
C ASP B 129 8.09 36.90 -16.18
N TYR B 130 7.18 35.94 -16.32
CA TYR B 130 5.95 35.96 -15.55
C TYR B 130 6.22 35.86 -14.05
N ALA B 131 7.07 34.90 -13.68
CA ALA B 131 7.36 34.63 -12.27
C ALA B 131 8.01 35.83 -11.58
N VAL B 132 8.67 36.71 -12.33
CA VAL B 132 9.25 37.92 -11.75
C VAL B 132 8.17 38.83 -11.19
N GLY B 133 7.09 39.04 -11.94
CA GLY B 133 6.02 39.87 -11.44
C GLY B 133 5.29 39.20 -10.30
N LEU B 134 5.02 37.89 -10.45
CA LEU B 134 4.35 37.13 -9.42
C LEU B 134 5.11 37.17 -8.10
N SER B 135 6.44 37.34 -8.14
CA SER B 135 7.24 37.29 -6.93
C SER B 135 6.99 38.49 -6.02
N ARG B 136 6.36 39.55 -6.52
CA ARG B 136 5.92 40.68 -5.72
C ARG B 136 4.44 40.57 -5.36
N MET B 137 3.79 39.48 -5.74
CA MET B 137 2.36 39.31 -5.61
C MET B 137 1.93 38.11 -4.76
N ILE B 138 2.74 37.04 -4.69
CA ILE B 138 2.28 35.84 -4.01
C ILE B 138 1.97 36.18 -2.55
N GLY B 139 0.89 35.62 -2.04
CA GLY B 139 0.47 35.87 -0.68
C GLY B 139 -1.02 35.68 -0.57
N GLY B 140 -1.54 36.02 0.62
CA GLY B 140 -2.94 35.88 0.91
C GLY B 140 -3.55 37.17 1.45
N PRO B 141 -4.86 37.15 1.65
CA PRO B 141 -5.55 38.34 2.12
C PRO B 141 -5.39 38.52 3.62
N ILE B 142 -5.49 39.77 4.03
CA ILE B 142 -5.80 40.11 5.42
C ILE B 142 -7.32 40.12 5.55
N LEU B 143 -7.83 39.29 6.41
CA LEU B 143 -9.27 39.12 6.50
C LEU B 143 -9.80 39.84 7.74
N PRO B 144 -11.03 40.33 7.73
CA PRO B 144 -11.56 41.02 8.93
C PRO B 144 -11.98 40.01 9.97
N SER B 145 -11.26 39.98 11.08
CA SER B 145 -11.58 39.05 12.13
C SER B 145 -12.91 39.40 12.80
N GLU B 146 -13.64 38.38 13.23
CA GLU B 146 -14.82 38.64 14.04
C GLU B 146 -14.46 39.04 15.47
N ARG B 147 -13.21 38.85 15.89
CA ARG B 147 -12.81 39.13 17.25
C ARG B 147 -12.23 40.54 17.31
N SER B 148 -12.80 41.39 18.17
CA SER B 148 -12.20 42.69 18.42
C SER B 148 -10.75 42.52 18.89
N GLY B 149 -9.90 43.46 18.50
CA GLY B 149 -8.51 43.40 18.92
C GLY B 149 -7.71 42.26 18.31
N HIS B 150 -8.19 41.66 17.23
CA HIS B 150 -7.48 40.58 16.55
C HIS B 150 -7.28 40.91 15.08
N ALA B 151 -6.14 40.48 14.55
CA ALA B 151 -5.95 40.46 13.11
C ALA B 151 -6.04 39.03 12.62
N LEU B 152 -6.55 38.85 11.40
CA LEU B 152 -6.67 37.54 10.78
C LEU B 152 -6.04 37.62 9.40
N ILE B 153 -4.96 36.87 9.20
CA ILE B 153 -4.19 36.92 7.96
C ILE B 153 -3.97 35.50 7.46
N GLU B 154 -4.00 35.33 6.14
CA GLU B 154 -3.67 34.07 5.49
C GLU B 154 -2.26 34.20 4.94
N GLN B 155 -1.35 33.39 5.45
CA GLN B 155 0.06 33.39 5.04
C GLN B 155 0.34 32.27 4.07
N TRP B 156 1.33 32.48 3.21
CA TRP B 156 1.83 31.44 2.32
C TRP B 156 3.34 31.32 2.49
N ASN B 157 3.81 30.09 2.68
CA ASN B 157 5.22 29.81 2.87
C ASN B 157 5.64 28.63 2.00
N PRO B 158 6.92 28.55 1.63
CA PRO B 158 7.38 27.43 0.79
C PRO B 158 7.19 26.08 1.48
N VAL B 159 6.95 25.05 0.67
CA VAL B 159 6.87 23.70 1.21
C VAL B 159 8.27 23.15 1.52
N GLY B 160 9.30 23.67 0.86
CA GLY B 160 10.66 23.22 1.14
C GLY B 160 11.33 22.69 -0.10
N LEU B 161 11.44 21.36 -0.22
CA LEU B 161 12.05 20.72 -1.38
C LEU B 161 10.96 20.28 -2.35
N VAL B 162 11.01 20.80 -3.56
CA VAL B 162 10.11 20.39 -4.63
C VAL B 162 10.89 19.46 -5.56
N GLY B 163 10.55 18.18 -5.55
CA GLY B 163 11.04 17.27 -6.57
C GLY B 163 10.24 17.41 -7.85
N ILE B 164 10.95 17.35 -8.98
CA ILE B 164 10.34 17.59 -10.29
C ILE B 164 10.76 16.43 -11.20
N ILE B 165 9.82 15.54 -11.50
CA ILE B 165 10.04 14.44 -12.44
C ILE B 165 9.32 14.76 -13.73
N THR B 166 10.04 14.69 -14.84
CA THR B 166 9.52 15.11 -16.14
C THR B 166 9.64 14.01 -17.18
N ALA B 167 8.89 14.19 -18.26
CA ALA B 167 8.73 13.26 -19.37
C ALA B 167 9.66 13.64 -20.53
N PHE B 168 9.75 12.73 -21.51
CA PHE B 168 10.68 12.96 -22.63
C PHE B 168 10.16 14.07 -23.56
N ASN B 169 8.84 14.23 -23.67
CA ASN B 169 8.31 14.95 -24.81
C ASN B 169 8.34 16.46 -24.64
N PHE B 170 8.39 16.97 -23.40
CA PHE B 170 8.64 18.39 -23.14
C PHE B 170 9.78 18.44 -22.14
N PRO B 171 11.01 18.20 -22.60
CA PRO B 171 12.14 18.05 -21.69
C PRO B 171 12.67 19.36 -21.13
N VAL B 172 12.15 20.49 -21.57
CA VAL B 172 12.55 21.80 -21.07
C VAL B 172 11.37 22.53 -20.41
N ALA B 173 10.25 22.65 -21.14
CA ALA B 173 9.14 23.51 -20.71
C ALA B 173 8.53 23.05 -19.38
N VAL B 174 8.24 21.75 -19.26
CA VAL B 174 7.60 21.24 -18.05
C VAL B 174 8.42 21.58 -16.83
N TYR B 175 9.72 21.23 -16.88
CA TYR B 175 10.63 21.60 -15.82
C TYR B 175 10.62 23.11 -15.62
N GLY B 176 10.71 23.87 -16.72
CA GLY B 176 10.73 25.32 -16.63
C GLY B 176 9.57 25.89 -15.82
N TRP B 177 8.34 25.43 -16.11
CA TRP B 177 7.15 25.90 -15.40
C TRP B 177 7.27 25.64 -13.91
N ASN B 178 7.68 24.42 -13.56
CA ASN B 178 7.81 24.05 -12.16
C ASN B 178 8.92 24.82 -11.49
N ASN B 179 10.05 24.99 -12.18
CA ASN B 179 11.21 25.62 -11.57
C ASN B 179 10.96 27.10 -11.29
N ALA B 180 10.46 27.82 -12.29
CA ALA B 180 10.28 29.26 -12.12
C ALA B 180 9.32 29.57 -10.99
N ILE B 181 8.20 28.85 -10.95
CA ILE B 181 7.17 29.08 -9.95
C ILE B 181 7.67 28.62 -8.57
N ALA B 182 8.22 27.41 -8.50
CA ALA B 182 8.73 26.91 -7.24
C ALA B 182 9.83 27.81 -6.68
N MET B 183 10.65 28.39 -7.55
CA MET B 183 11.77 29.18 -7.07
C MET B 183 11.31 30.48 -6.44
N ILE B 184 10.45 31.24 -7.13
CA ILE B 184 10.00 32.48 -6.51
C ILE B 184 9.18 32.17 -5.26
N CYS B 185 8.55 31.00 -5.20
CA CYS B 185 7.81 30.66 -4.01
C CYS B 185 8.69 30.22 -2.85
N GLY B 186 10.01 30.30 -3.02
CA GLY B 186 10.95 30.03 -1.95
C GLY B 186 11.35 28.59 -1.77
N ASN B 187 11.11 27.73 -2.78
CA ASN B 187 11.48 26.32 -2.71
C ASN B 187 12.82 26.07 -3.38
N VAL B 188 13.51 25.01 -2.93
CA VAL B 188 14.58 24.41 -3.71
C VAL B 188 13.97 23.29 -4.55
N CYS B 189 14.66 22.95 -5.64
CA CYS B 189 14.15 22.01 -6.64
C CYS B 189 15.11 20.85 -6.78
N LEU B 190 14.55 19.67 -7.04
CA LEU B 190 15.32 18.49 -7.43
C LEU B 190 14.72 17.92 -8.70
N TRP B 191 15.50 17.91 -9.79
CA TRP B 191 15.01 17.46 -11.09
C TRP B 191 15.49 16.04 -11.42
N LYS B 192 14.56 15.17 -11.79
CA LYS B 192 14.87 13.88 -12.40
C LYS B 192 14.13 13.85 -13.74
N GLY B 193 14.85 14.13 -14.84
CA GLY B 193 14.25 14.13 -16.16
C GLY B 193 14.17 12.75 -16.75
N ALA B 194 13.57 12.67 -17.93
CA ALA B 194 13.53 11.40 -18.62
C ALA B 194 14.93 11.00 -19.04
N PRO B 195 15.31 9.73 -18.84
CA PRO B 195 16.67 9.32 -19.20
C PRO B 195 17.02 9.61 -20.65
N THR B 196 16.05 9.51 -21.56
CA THR B 196 16.33 9.67 -22.99
C THR B 196 16.48 11.11 -23.43
N THR B 197 16.26 12.08 -22.54
CA THR B 197 16.56 13.48 -22.74
C THR B 197 17.54 13.96 -21.68
N SER B 198 18.51 13.11 -21.33
CA SER B 198 19.44 13.42 -20.24
C SER B 198 20.35 14.59 -20.59
N LEU B 199 20.76 14.68 -21.85
CA LEU B 199 21.64 15.77 -22.25
C LEU B 199 20.91 17.10 -22.11
N ILE B 200 19.63 17.12 -22.45
CA ILE B 200 18.83 18.33 -22.30
C ILE B 200 18.76 18.73 -20.82
N SER B 201 18.48 17.76 -19.94
CA SER B 201 18.46 18.07 -18.52
C SER B 201 19.81 18.57 -18.05
N VAL B 202 20.90 17.94 -18.51
CA VAL B 202 22.22 18.42 -18.15
C VAL B 202 22.44 19.82 -18.69
N ALA B 203 22.09 20.04 -19.96
CA ALA B 203 22.32 21.34 -20.58
C ALA B 203 21.55 22.45 -19.88
N VAL B 204 20.28 22.21 -19.54
CA VAL B 204 19.49 23.24 -18.84
C VAL B 204 20.10 23.54 -17.48
N THR B 205 20.43 22.48 -16.73
CA THR B 205 20.99 22.63 -15.39
C THR B 205 22.29 23.44 -15.41
N LYS B 206 23.11 23.26 -16.45
CA LYS B 206 24.33 24.04 -16.55
C LYS B 206 24.01 25.54 -16.68
N ILE B 207 22.98 25.88 -17.46
CA ILE B 207 22.61 27.29 -17.62
C ILE B 207 22.12 27.84 -16.29
N ILE B 208 21.29 27.06 -15.59
CA ILE B 208 20.78 27.48 -14.29
C ILE B 208 21.92 27.53 -13.27
N ALA B 209 22.81 26.53 -13.31
CA ALA B 209 23.90 26.48 -12.36
C ALA B 209 24.79 27.70 -12.46
N LYS B 210 25.02 28.19 -13.67
CA LYS B 210 25.88 29.36 -13.80
C LYS B 210 25.25 30.59 -13.18
N VAL B 211 23.94 30.79 -13.38
CA VAL B 211 23.26 31.95 -12.80
C VAL B 211 23.32 31.90 -11.27
N LEU B 212 22.97 30.75 -10.70
CA LEU B 212 23.03 30.59 -9.24
C LEU B 212 24.43 30.84 -8.71
N GLU B 213 25.43 30.24 -9.35
CA GLU B 213 26.78 30.40 -8.86
C GLU B 213 27.29 31.80 -9.10
N ASP B 214 26.88 32.44 -10.21
CA ASP B 214 27.26 33.83 -10.42
C ASP B 214 26.67 34.74 -9.34
N ASN B 215 25.54 34.35 -8.76
CA ASN B 215 24.91 35.14 -7.70
C ASN B 215 25.34 34.68 -6.30
N LYS B 216 26.41 33.91 -6.20
CA LYS B 216 26.95 33.47 -4.91
C LYS B 216 25.88 32.77 -4.08
N LEU B 217 25.06 31.98 -4.76
CA LEU B 217 24.02 31.18 -4.17
C LEU B 217 24.39 29.70 -4.24
N PRO B 218 23.98 28.91 -3.26
CA PRO B 218 24.26 27.47 -3.31
C PRO B 218 23.57 26.82 -4.51
N GLY B 219 24.35 26.10 -5.32
CA GLY B 219 23.81 25.50 -6.53
C GLY B 219 22.67 24.51 -6.29
N ALA B 220 22.57 23.96 -5.10
CA ALA B 220 21.57 22.94 -4.80
C ALA B 220 20.15 23.48 -4.83
N ILE B 221 19.97 24.82 -4.89
CA ILE B 221 18.64 25.40 -5.07
C ILE B 221 17.97 24.86 -6.33
N CYS B 222 18.76 24.53 -7.35
CA CYS B 222 18.25 23.85 -8.53
C CYS B 222 19.12 22.62 -8.74
N SER B 223 18.84 21.58 -7.93
CA SER B 223 19.59 20.34 -7.97
C SER B 223 19.11 19.45 -9.12
N LEU B 224 20.03 18.60 -9.59
CA LEU B 224 19.74 17.69 -10.69
C LEU B 224 20.27 16.31 -10.32
N THR B 225 19.40 15.29 -10.39
CA THR B 225 19.84 13.89 -10.28
C THR B 225 19.24 13.14 -11.45
N CYS B 226 20.02 12.99 -12.53
CA CYS B 226 19.55 12.22 -13.67
C CYS B 226 19.37 10.74 -13.28
N GLY B 227 18.29 10.14 -13.72
CA GLY B 227 18.05 8.74 -13.45
C GLY B 227 16.69 8.33 -13.94
N GLY B 228 16.42 7.02 -13.81
CA GLY B 228 15.17 6.44 -14.28
C GLY B 228 14.21 6.11 -13.16
N ALA B 229 13.57 4.93 -13.26
CA ALA B 229 12.55 4.53 -12.29
C ALA B 229 13.08 4.47 -10.87
N ASP B 230 14.35 4.13 -10.72
CA ASP B 230 14.91 4.02 -9.38
CA ASP B 230 14.99 4.04 -9.41
C ASP B 230 14.89 5.36 -8.65
N ILE B 231 15.44 6.41 -9.27
CA ILE B 231 15.55 7.72 -8.63
C ILE B 231 14.16 8.33 -8.42
N GLY B 232 13.30 8.21 -9.42
CA GLY B 232 11.92 8.68 -9.29
C GLY B 232 11.18 8.03 -8.13
N THR B 233 11.35 6.72 -7.97
CA THR B 233 10.67 6.04 -6.88
C THR B 233 11.18 6.51 -5.54
N ALA B 234 12.51 6.66 -5.40
CA ALA B 234 13.09 7.18 -4.17
C ALA B 234 12.53 8.56 -3.84
N MET B 235 12.42 9.43 -4.85
CA MET B 235 11.80 10.73 -4.64
C MET B 235 10.37 10.59 -4.17
N ALA B 236 9.63 9.66 -4.76
CA ALA B 236 8.25 9.48 -4.37
C ALA B 236 8.11 8.96 -2.94
N LYS B 237 9.08 8.19 -2.45
CA LYS B 237 9.03 7.66 -1.10
C LYS B 237 9.74 8.55 -0.07
N ASP B 238 10.45 9.56 -0.51
CA ASP B 238 11.32 10.34 0.37
C ASP B 238 10.50 11.41 1.06
N GLU B 239 10.33 11.27 2.38
CA GLU B 239 9.66 12.27 3.17
C GLU B 239 10.30 13.64 3.05
N ARG B 240 11.59 13.70 2.71
CA ARG B 240 12.23 15.00 2.56
C ARG B 240 11.77 15.73 1.29
N VAL B 241 11.10 15.04 0.37
CA VAL B 241 10.58 15.69 -0.83
C VAL B 241 9.19 16.21 -0.48
N ASN B 242 9.10 17.49 -0.15
CA ASN B 242 7.84 17.99 0.39
C ASN B 242 6.76 18.00 -0.68
N LEU B 243 7.11 18.40 -1.90
CA LEU B 243 6.19 18.35 -3.03
C LEU B 243 6.88 17.60 -4.16
N LEU B 244 6.19 16.62 -4.72
CA LEU B 244 6.68 15.91 -5.89
C LEU B 244 5.76 16.26 -7.06
N SER B 245 6.28 17.07 -7.98
CA SER B 245 5.59 17.35 -9.23
C SER B 245 6.02 16.30 -10.23
N PHE B 246 5.08 15.49 -10.70
CA PHE B 246 5.35 14.39 -11.61
C PHE B 246 4.63 14.62 -12.92
N THR B 247 5.37 14.57 -14.02
CA THR B 247 4.78 14.60 -15.36
C THR B 247 5.17 13.30 -16.05
N GLY B 248 4.17 12.54 -16.49
CA GLY B 248 4.46 11.27 -17.11
C GLY B 248 3.20 10.49 -17.38
N SER B 249 3.37 9.18 -17.59
CA SER B 249 2.27 8.32 -17.94
C SER B 249 1.31 8.20 -16.77
N THR B 250 0.04 7.91 -17.09
CA THR B 250 -0.93 7.64 -16.05
C THR B 250 -0.51 6.44 -15.22
N GLN B 251 -0.02 5.40 -15.88
CA GLN B 251 0.39 4.18 -15.21
C GLN B 251 1.45 4.45 -14.14
N VAL B 252 2.53 5.13 -14.53
CA VAL B 252 3.54 5.48 -13.53
C VAL B 252 3.00 6.53 -12.58
N GLY B 253 2.27 7.53 -13.12
CA GLY B 253 1.78 8.60 -12.27
C GLY B 253 0.86 8.12 -11.15
N LYS B 254 0.04 7.11 -11.44
CA LYS B 254 -0.83 6.54 -10.41
C LYS B 254 -0.01 5.95 -9.27
N GLN B 255 1.08 5.25 -9.58
CA GLN B 255 1.91 4.67 -8.55
C GLN B 255 2.67 5.74 -7.78
N VAL B 256 3.14 6.78 -8.50
CA VAL B 256 3.77 7.92 -7.84
C VAL B 256 2.80 8.59 -6.90
N GLY B 257 1.54 8.76 -7.33
CA GLY B 257 0.56 9.41 -6.46
C GLY B 257 0.25 8.62 -5.21
N LEU B 258 0.19 7.29 -5.33
CA LEU B 258 -0.08 6.43 -4.17
C LEU B 258 1.06 6.45 -3.18
N MET B 259 2.31 6.41 -3.67
CA MET B 259 3.46 6.43 -2.77
C MET B 259 3.51 7.72 -1.97
N VAL B 260 3.28 8.87 -2.63
CA VAL B 260 3.31 10.16 -1.95
C VAL B 260 2.18 10.28 -0.94
N GLN B 261 0.99 9.80 -1.31
CA GLN B 261 -0.14 9.81 -0.39
C GLN B 261 0.15 8.96 0.84
N GLU B 262 0.88 7.85 0.64
CA GLU B 262 1.23 6.96 1.74
C GLU B 262 1.97 7.71 2.85
N ARG B 263 2.84 8.64 2.47
CA ARG B 263 3.65 9.39 3.43
C ARG B 263 3.08 10.77 3.73
N PHE B 264 1.83 11.03 3.36
CA PHE B 264 1.16 12.31 3.59
C PHE B 264 2.00 13.45 3.01
N GLY B 265 2.62 13.20 1.86
CA GLY B 265 3.26 14.25 1.10
C GLY B 265 2.29 14.95 0.18
N ARG B 266 2.82 15.89 -0.60
CA ARG B 266 2.05 16.58 -1.62
C ARG B 266 2.51 16.12 -3.00
N SER B 267 1.55 15.86 -3.88
CA SER B 267 1.88 15.57 -5.27
C SER B 267 1.13 16.50 -6.20
N LEU B 268 1.76 16.77 -7.34
CA LEU B 268 1.21 17.51 -8.47
C LEU B 268 1.36 16.60 -9.68
N LEU B 269 0.25 16.05 -10.16
CA LEU B 269 0.26 15.00 -11.17
C LEU B 269 -0.28 15.57 -12.47
N GLU B 270 0.51 15.41 -13.54
CA GLU B 270 0.21 15.87 -14.89
C GLU B 270 0.34 14.62 -15.74
N LEU B 271 -0.77 13.92 -15.98
CA LEU B 271 -0.63 12.60 -16.51
C LEU B 271 -1.12 12.55 -17.97
N GLY B 272 -1.63 11.39 -18.38
CA GLY B 272 -1.87 11.15 -19.78
C GLY B 272 -3.07 11.90 -20.31
N GLY B 273 -3.14 11.97 -21.63
CA GLY B 273 -4.24 12.61 -22.31
C GLY B 273 -4.83 11.70 -23.37
N ASN B 274 -6.09 12.00 -23.72
CA ASN B 274 -6.78 11.33 -24.79
C ASN B 274 -7.74 12.35 -25.40
N ASN B 275 -7.16 13.39 -26.01
CA ASN B 275 -7.83 14.65 -26.28
C ASN B 275 -8.66 14.62 -27.56
N ALA B 276 -9.89 15.09 -27.46
CA ALA B 276 -10.84 15.05 -28.55
C ALA B 276 -11.04 16.43 -29.15
N ILE B 277 -11.21 16.47 -30.46
CA ILE B 277 -11.73 17.62 -31.17
C ILE B 277 -13.12 17.26 -31.65
N ILE B 278 -14.08 18.16 -31.46
CA ILE B 278 -15.45 17.96 -31.94
C ILE B 278 -15.76 19.04 -32.96
N ALA B 279 -16.07 18.63 -34.18
CA ALA B 279 -16.45 19.57 -35.23
C ALA B 279 -17.95 19.47 -35.49
N PHE B 280 -18.66 20.54 -35.20
CA PHE B 280 -20.11 20.59 -35.43
C PHE B 280 -20.41 21.06 -36.86
N GLU B 281 -21.67 20.87 -37.26
CA GLU B 281 -22.05 21.10 -38.65
C GLU B 281 -21.87 22.56 -39.05
N ASP B 282 -21.92 23.47 -38.08
CA ASP B 282 -21.75 24.90 -38.35
C ASP B 282 -20.29 25.34 -38.25
N ALA B 283 -19.36 24.43 -38.02
CA ALA B 283 -17.97 24.85 -37.87
C ALA B 283 -17.38 25.35 -39.18
N ASP B 284 -16.45 26.31 -39.07
CA ASP B 284 -15.67 26.78 -40.23
C ASP B 284 -14.67 25.69 -40.61
N LEU B 285 -14.97 24.96 -41.69
CA LEU B 285 -14.12 23.84 -42.08
C LEU B 285 -12.72 24.30 -42.49
N SER B 286 -12.59 25.52 -43.02
CA SER B 286 -11.25 26.02 -43.34
C SER B 286 -10.41 26.26 -42.08
N LEU B 287 -11.04 26.30 -40.92
CA LEU B 287 -10.34 26.37 -39.65
C LEU B 287 -10.18 24.98 -39.04
N VAL B 288 -11.20 24.14 -39.19
CA VAL B 288 -11.21 22.82 -38.57
C VAL B 288 -10.09 21.96 -39.13
N VAL B 289 -9.99 21.88 -40.45
CA VAL B 289 -9.11 20.91 -41.08
C VAL B 289 -7.66 21.17 -40.67
N PRO B 290 -7.08 22.35 -40.88
CA PRO B 290 -5.71 22.56 -40.37
C PRO B 290 -5.58 22.42 -38.88
N SER B 291 -6.57 22.88 -38.08
CA SER B 291 -6.48 22.77 -36.63
C SER B 291 -6.28 21.31 -36.21
N ALA B 292 -7.06 20.41 -36.82
CA ALA B 292 -6.95 18.99 -36.50
C ALA B 292 -5.62 18.42 -36.95
N LEU B 293 -5.21 18.72 -38.18
CA LEU B 293 -3.95 18.21 -38.70
C LEU B 293 -2.79 18.62 -37.79
N PHE B 294 -2.66 19.91 -37.52
CA PHE B 294 -1.53 20.36 -36.72
C PHE B 294 -1.61 19.81 -35.29
N ALA B 295 -2.82 19.71 -34.74
CA ALA B 295 -2.95 19.18 -33.40
C ALA B 295 -2.77 17.66 -33.38
N ALA B 296 -3.08 16.98 -34.48
CA ALA B 296 -2.93 15.53 -34.46
C ALA B 296 -1.50 15.11 -34.79
N VAL B 297 -0.84 15.75 -35.77
CA VAL B 297 0.48 15.30 -36.21
C VAL B 297 1.61 16.12 -35.61
N GLY B 298 1.33 17.26 -34.99
CA GLY B 298 2.39 18.02 -34.37
C GLY B 298 3.19 17.19 -33.38
N THR B 299 4.51 17.39 -33.34
CA THR B 299 5.40 16.64 -32.46
C THR B 299 5.28 15.14 -32.73
N ALA B 300 5.01 14.76 -33.99
CA ALA B 300 4.73 13.38 -34.37
C ALA B 300 3.70 12.77 -33.41
N GLY B 301 2.75 13.59 -32.98
CA GLY B 301 1.68 13.16 -32.11
C GLY B 301 2.11 12.81 -30.70
N GLN B 302 3.22 13.38 -30.22
CA GLN B 302 3.77 13.07 -28.91
C GLN B 302 3.65 14.25 -27.94
N ARG B 303 2.59 15.03 -28.06
CA ARG B 303 2.25 16.00 -27.00
C ARG B 303 1.22 15.36 -26.10
N CYS B 304 1.30 15.68 -24.80
CA CYS B 304 0.24 15.26 -23.90
C CYS B 304 -1.10 15.77 -24.38
N THR B 305 -1.11 16.93 -25.06
CA THR B 305 -2.32 17.55 -25.58
C THR B 305 -2.63 17.24 -27.05
N THR B 306 -1.94 16.27 -27.64
CA THR B 306 -2.20 15.89 -29.03
C THR B 306 -3.66 15.50 -29.23
N ALA B 307 -4.22 15.89 -30.38
CA ALA B 307 -5.55 15.45 -30.77
C ALA B 307 -5.50 13.97 -31.14
N ARG B 308 -6.17 13.12 -30.36
CA ARG B 308 -6.23 11.70 -30.67
C ARG B 308 -7.62 11.22 -31.05
N ARG B 309 -8.65 12.01 -30.80
CA ARG B 309 -10.02 11.65 -31.16
C ARG B 309 -10.64 12.84 -31.88
N LEU B 310 -11.23 12.59 -33.05
CA LEU B 310 -11.87 13.62 -33.86
C LEU B 310 -13.33 13.24 -34.11
N PHE B 311 -14.25 13.98 -33.50
CA PHE B 311 -15.68 13.75 -33.71
C PHE B 311 -16.19 14.74 -34.75
N ILE B 312 -16.79 14.22 -35.82
CA ILE B 312 -17.31 15.08 -36.88
C ILE B 312 -18.81 14.83 -37.02
N HIS B 313 -19.58 15.91 -37.10
CA HIS B 313 -21.00 15.73 -37.33
C HIS B 313 -21.19 14.96 -38.63
N GLU B 314 -22.17 14.05 -38.63
CA GLU B 314 -22.33 13.14 -39.76
C GLU B 314 -22.47 13.88 -41.07
N SER B 315 -23.07 15.08 -41.05
CA SER B 315 -23.29 15.83 -42.29
C SER B 315 -21.99 16.24 -42.95
N ILE B 316 -20.91 16.39 -42.18
CA ILE B 316 -19.65 16.84 -42.72
C ILE B 316 -18.53 15.83 -42.50
N HIS B 317 -18.86 14.64 -42.00
CA HIS B 317 -17.83 13.66 -41.66
C HIS B 317 -17.01 13.27 -42.87
N ASP B 318 -17.67 12.89 -43.96
CA ASP B 318 -16.94 12.40 -45.12
C ASP B 318 -16.07 13.49 -45.73
N GLU B 319 -16.59 14.72 -45.78
CA GLU B 319 -15.81 15.83 -46.33
C GLU B 319 -14.60 16.16 -45.46
N VAL B 320 -14.77 16.20 -44.13
CA VAL B 320 -13.65 16.56 -43.27
C VAL B 320 -12.55 15.51 -43.36
N VAL B 321 -12.93 14.22 -43.40
CA VAL B 321 -11.95 13.14 -43.58
C VAL B 321 -11.27 13.26 -44.94
N ASN B 322 -12.04 13.49 -46.01
CA ASN B 322 -11.42 13.61 -47.33
C ASN B 322 -10.44 14.78 -47.37
N ARG B 323 -10.81 15.92 -46.78
CA ARG B 323 -9.93 17.07 -46.77
C ARG B 323 -8.69 16.84 -45.91
N LEU B 324 -8.86 16.11 -44.80
CA LEU B 324 -7.70 15.77 -43.97
C LEU B 324 -6.72 14.87 -44.73
N LYS B 325 -7.25 13.86 -45.43
CA LYS B 325 -6.40 12.99 -46.22
C LYS B 325 -5.61 13.77 -47.25
N LYS B 326 -6.29 14.68 -47.98
CA LYS B 326 -5.59 15.49 -48.97
C LYS B 326 -4.50 16.35 -48.32
N ALA B 327 -4.72 16.77 -47.08
CA ALA B 327 -3.72 17.60 -46.42
C ALA B 327 -2.60 16.75 -45.84
N TYR B 328 -2.94 15.59 -45.27
CA TYR B 328 -1.91 14.70 -44.73
C TYR B 328 -0.88 14.32 -45.78
N ALA B 329 -1.30 14.13 -47.02
CA ALA B 329 -0.36 13.71 -48.05
C ALA B 329 0.73 14.74 -48.27
N GLN B 330 0.48 16.00 -47.89
CA GLN B 330 1.44 17.07 -48.08
C GLN B 330 2.31 17.32 -46.85
N ILE B 331 2.16 16.54 -45.79
CA ILE B 331 3.00 16.74 -44.60
C ILE B 331 4.45 16.38 -44.96
N ARG B 332 5.36 17.32 -44.73
CA ARG B 332 6.76 17.18 -45.10
C ARG B 332 7.57 16.56 -43.97
N VAL B 333 8.20 15.41 -44.26
CA VAL B 333 8.99 14.62 -43.31
C VAL B 333 10.48 14.85 -43.54
N GLY B 334 11.25 14.84 -42.47
CA GLY B 334 12.69 15.00 -42.59
C GLY B 334 13.36 15.06 -41.24
N ASN B 335 14.61 15.48 -41.26
CA ASN B 335 15.34 15.74 -40.02
C ASN B 335 14.64 16.87 -39.26
N PRO B 336 14.36 16.68 -37.96
CA PRO B 336 13.56 17.68 -37.23
C PRO B 336 14.27 19.02 -37.09
N TRP B 337 15.57 19.06 -37.32
CA TRP B 337 16.31 20.31 -37.29
C TRP B 337 16.34 21.01 -38.66
N ASP B 338 15.81 20.37 -39.71
CA ASP B 338 15.77 21.01 -41.01
C ASP B 338 14.58 21.97 -41.09
N PRO B 339 14.78 23.18 -41.63
CA PRO B 339 13.75 24.21 -41.53
C PRO B 339 12.45 23.91 -42.28
N ASN B 340 12.49 23.20 -43.40
CA ASN B 340 11.23 22.93 -44.08
C ASN B 340 10.43 21.81 -43.42
N VAL B 341 11.00 21.13 -42.42
CA VAL B 341 10.36 19.93 -41.88
C VAL B 341 9.24 20.31 -40.91
N LEU B 342 8.10 19.67 -41.10
CA LEU B 342 6.96 19.82 -40.21
C LEU B 342 6.77 18.59 -39.33
N TYR B 343 7.39 17.48 -39.68
CA TYR B 343 7.09 16.19 -39.08
C TYR B 343 8.40 15.48 -38.86
N GLY B 344 8.72 15.16 -37.60
CA GLY B 344 9.93 14.45 -37.29
C GLY B 344 9.66 13.02 -36.86
N PRO B 345 10.65 12.36 -36.28
CA PRO B 345 10.50 10.95 -35.91
C PRO B 345 9.89 10.79 -34.53
N LEU B 346 9.42 9.57 -34.27
CA LEU B 346 9.07 9.11 -32.93
C LEU B 346 10.33 9.01 -32.05
N HIS B 347 10.12 9.06 -30.74
CA HIS B 347 11.22 9.24 -29.81
C HIS B 347 12.12 8.01 -29.70
N THR B 348 11.54 6.80 -29.79
CA THR B 348 12.30 5.57 -29.64
C THR B 348 11.86 4.56 -30.71
N LYS B 349 12.68 3.51 -30.85
CA LYS B 349 12.28 2.38 -31.67
C LYS B 349 11.08 1.66 -31.08
N GLN B 350 10.99 1.60 -29.74
CA GLN B 350 9.82 0.99 -29.12
C GLN B 350 8.54 1.73 -29.50
N ALA B 351 8.60 3.07 -29.50
CA ALA B 351 7.43 3.86 -29.88
C ALA B 351 6.97 3.51 -31.29
N VAL B 352 7.90 3.26 -32.21
CA VAL B 352 7.52 2.83 -33.55
C VAL B 352 6.75 1.52 -33.50
N SER B 353 7.25 0.55 -32.75
CA SER B 353 6.56 -0.72 -32.66
C SER B 353 5.18 -0.54 -32.07
N MET B 354 5.06 0.34 -31.07
CA MET B 354 3.78 0.62 -30.44
C MET B 354 2.83 1.24 -31.43
N PHE B 355 3.33 2.13 -32.30
CA PHE B 355 2.53 2.64 -33.39
C PHE B 355 1.92 1.49 -34.17
N LEU B 356 2.77 0.56 -34.64
CA LEU B 356 2.28 -0.56 -35.42
C LEU B 356 1.29 -1.40 -34.63
N GLY B 357 1.59 -1.65 -33.35
CA GLY B 357 0.65 -2.39 -32.53
C GLY B 357 -0.71 -1.71 -32.44
N ALA B 358 -0.73 -0.39 -32.27
CA ALA B 358 -2.02 0.29 -32.17
C ALA B 358 -2.77 0.19 -33.49
N VAL B 359 -2.08 0.43 -34.60
CA VAL B 359 -2.73 0.35 -35.92
C VAL B 359 -3.35 -1.03 -36.11
N GLU B 360 -2.58 -2.09 -35.86
CA GLU B 360 -3.12 -3.44 -36.00
C GLU B 360 -4.32 -3.63 -35.08
N GLU B 361 -4.21 -3.14 -33.84
CA GLU B 361 -5.33 -3.20 -32.91
C GLU B 361 -6.55 -2.44 -33.43
N ALA B 362 -6.32 -1.28 -34.06
CA ALA B 362 -7.47 -0.54 -34.61
C ALA B 362 -8.15 -1.32 -35.72
N LYS B 363 -7.36 -1.96 -36.59
CA LYS B 363 -7.93 -2.82 -37.64
C LYS B 363 -8.68 -3.99 -37.02
N LYS B 364 -8.10 -4.62 -35.99
CA LYS B 364 -8.75 -5.75 -35.33
C LYS B 364 -10.06 -5.36 -34.67
N GLU B 365 -10.17 -4.12 -34.18
CA GLU B 365 -11.40 -3.67 -33.56
C GLU B 365 -12.41 -3.16 -34.57
N GLY B 366 -12.13 -3.29 -35.86
CA GLY B 366 -13.06 -2.93 -36.90
C GLY B 366 -12.74 -1.64 -37.62
N GLY B 367 -11.61 -0.99 -37.31
CA GLY B 367 -11.28 0.26 -37.93
C GLY B 367 -10.67 0.12 -39.32
N THR B 368 -10.79 1.19 -40.09
CA THR B 368 -10.23 1.27 -41.44
C THR B 368 -9.14 2.33 -41.44
N VAL B 369 -7.94 1.95 -41.87
CA VAL B 369 -6.87 2.92 -42.03
C VAL B 369 -7.13 3.63 -43.35
N VAL B 370 -7.59 4.89 -43.27
CA VAL B 370 -7.83 5.66 -44.49
C VAL B 370 -6.64 6.53 -44.84
N TYR B 371 -5.66 6.66 -43.97
CA TYR B 371 -4.40 7.31 -44.34
C TYR B 371 -3.31 6.84 -43.39
N GLY B 372 -2.12 6.58 -43.92
CA GLY B 372 -0.98 6.23 -43.10
C GLY B 372 -0.95 4.80 -42.61
N GLY B 373 -0.61 4.62 -41.34
CA GLY B 373 -0.57 3.31 -40.72
C GLY B 373 0.71 2.52 -40.88
N LYS B 374 1.73 3.05 -41.56
CA LYS B 374 2.96 2.30 -41.79
C LYS B 374 4.18 3.10 -41.33
N VAL B 375 5.26 2.37 -41.03
CA VAL B 375 6.56 3.01 -40.86
C VAL B 375 7.02 3.59 -42.20
N MET B 376 7.78 4.67 -42.14
CA MET B 376 8.37 5.26 -43.34
C MET B 376 9.72 4.62 -43.62
N ASP B 377 9.98 4.32 -44.90
CA ASP B 377 11.21 3.64 -45.30
C ASP B 377 12.32 4.68 -45.40
N ARG B 378 12.88 5.02 -44.24
CA ARG B 378 13.96 5.97 -44.14
C ARG B 378 14.67 5.72 -42.82
N PRO B 379 15.91 6.20 -42.67
CA PRO B 379 16.59 6.08 -41.37
C PRO B 379 15.82 6.80 -40.29
N GLY B 380 15.99 6.33 -39.04
CA GLY B 380 15.31 6.94 -37.89
C GLY B 380 14.00 6.27 -37.54
N ASN B 381 13.27 6.91 -36.63
CA ASN B 381 12.01 6.34 -36.12
C ASN B 381 10.80 7.04 -36.73
N TYR B 382 10.72 7.02 -38.06
CA TYR B 382 9.67 7.76 -38.76
C TYR B 382 8.46 6.89 -39.06
N VAL B 383 7.28 7.34 -38.67
CA VAL B 383 6.05 6.64 -39.01
C VAL B 383 5.13 7.59 -39.75
N GLU B 384 4.24 7.02 -40.53
CA GLU B 384 3.29 7.87 -41.26
C GLU B 384 2.20 8.34 -40.30
N PRO B 385 1.84 9.63 -40.29
CA PRO B 385 0.70 10.06 -39.49
C PRO B 385 -0.57 9.41 -40.03
N THR B 386 -1.43 8.95 -39.13
CA THR B 386 -2.42 7.93 -39.49
C THR B 386 -3.82 8.38 -39.09
N ILE B 387 -4.78 8.13 -39.97
CA ILE B 387 -6.19 8.44 -39.74
C ILE B 387 -6.99 7.14 -39.81
N VAL B 388 -7.80 6.88 -38.77
CA VAL B 388 -8.58 5.66 -38.66
C VAL B 388 -10.06 6.03 -38.58
N THR B 389 -10.86 5.48 -39.48
CA THR B 389 -12.30 5.71 -39.42
C THR B 389 -13.00 4.41 -39.05
N GLY B 390 -14.28 4.52 -38.72
CA GLY B 390 -15.13 3.37 -38.50
C GLY B 390 -15.09 2.76 -37.11
N LEU B 391 -14.15 3.13 -36.24
CA LEU B 391 -14.15 2.61 -34.88
C LEU B 391 -15.34 3.16 -34.11
N GLY B 392 -15.89 2.33 -33.23
CA GLY B 392 -16.84 2.84 -32.26
C GLY B 392 -16.14 3.77 -31.30
N HIS B 393 -16.84 4.81 -30.87
CA HIS B 393 -16.24 5.77 -29.95
C HIS B 393 -15.78 5.09 -28.67
N ASP B 394 -16.37 3.94 -28.33
CA ASP B 394 -16.06 3.17 -27.13
C ASP B 394 -15.04 2.08 -27.40
N ALA B 395 -14.46 2.05 -28.60
CA ALA B 395 -13.45 1.07 -28.94
C ALA B 395 -12.28 1.14 -27.97
N SER B 396 -11.78 -0.04 -27.60
CA SER B 396 -10.75 -0.13 -26.58
C SER B 396 -9.52 0.67 -26.94
N ILE B 397 -9.08 0.58 -28.20
CA ILE B 397 -7.88 1.29 -28.58
C ILE B 397 -8.13 2.80 -28.60
N ALA B 398 -9.37 3.23 -28.89
CA ALA B 398 -9.65 4.66 -28.88
C ALA B 398 -9.61 5.22 -27.46
N HIS B 399 -9.99 4.43 -26.46
CA HIS B 399 -9.93 4.91 -25.08
C HIS B 399 -8.54 4.80 -24.49
N THR B 400 -7.61 4.20 -25.21
CA THR B 400 -6.21 4.12 -24.78
C THR B 400 -5.41 5.29 -25.34
N GLU B 401 -4.46 5.77 -24.54
CA GLU B 401 -3.49 6.73 -25.01
C GLU B 401 -2.35 5.96 -25.66
N THR B 402 -2.28 6.05 -26.98
CA THR B 402 -1.13 5.56 -27.72
C THR B 402 -0.31 6.76 -28.11
N PHE B 403 0.89 6.87 -27.57
CA PHE B 403 1.70 8.07 -27.75
C PHE B 403 2.33 8.07 -29.15
N ALA B 404 1.47 8.24 -30.16
CA ALA B 404 1.87 8.17 -31.56
C ALA B 404 0.84 8.92 -32.42
N PRO B 405 1.20 9.30 -33.66
CA PRO B 405 0.27 10.08 -34.50
C PRO B 405 -0.80 9.22 -35.16
N ILE B 406 -1.78 8.84 -34.36
CA ILE B 406 -2.93 8.06 -34.81
C ILE B 406 -4.18 8.84 -34.45
N LEU B 407 -4.97 9.18 -35.46
CA LEU B 407 -6.19 9.97 -35.22
C LEU B 407 -7.41 9.09 -35.44
N TYR B 408 -8.20 8.90 -34.39
CA TYR B 408 -9.43 8.12 -34.50
C TYR B 408 -10.59 9.07 -34.77
N VAL B 409 -11.34 8.79 -35.84
CA VAL B 409 -12.41 9.65 -36.32
C VAL B 409 -13.74 8.99 -36.03
N PHE B 410 -14.69 9.78 -35.52
CA PHE B 410 -16.00 9.26 -35.21
C PHE B 410 -17.08 10.17 -35.78
N LYS B 411 -18.22 9.57 -36.13
CA LYS B 411 -19.42 10.32 -36.45
C LYS B 411 -20.19 10.61 -35.17
N PHE B 412 -20.96 11.70 -35.17
CA PHE B 412 -21.90 11.96 -34.11
C PHE B 412 -23.07 12.71 -34.71
N LYS B 413 -24.18 12.73 -33.98
CA LYS B 413 -25.38 13.42 -34.44
C LYS B 413 -25.77 14.56 -33.52
N ASN B 414 -25.81 14.32 -32.21
CA ASN B 414 -26.37 15.24 -31.23
C ASN B 414 -25.26 15.81 -30.35
N GLU B 415 -25.53 17.00 -29.83
CA GLU B 415 -24.55 17.69 -29.00
C GLU B 415 -24.34 16.97 -27.66
N GLU B 416 -25.42 16.52 -27.05
CA GLU B 416 -25.31 15.92 -25.72
C GLU B 416 -24.50 14.62 -25.78
N GLU B 417 -24.74 13.78 -26.79
CA GLU B 417 -24.02 12.52 -26.83
C GLU B 417 -22.53 12.73 -27.11
N VAL B 418 -22.19 13.70 -27.96
CA VAL B 418 -20.78 13.86 -28.29
C VAL B 418 -20.02 14.54 -27.15
N PHE B 419 -20.69 15.38 -26.36
CA PHE B 419 -20.09 15.80 -25.09
C PHE B 419 -19.89 14.60 -24.19
N ALA B 420 -20.88 13.71 -24.15
CA ALA B 420 -20.74 12.51 -23.34
C ALA B 420 -19.55 11.68 -23.80
N TRP B 421 -19.33 11.60 -25.11
CA TRP B 421 -18.22 10.83 -25.65
C TRP B 421 -16.89 11.52 -25.37
N ASN B 422 -16.88 12.85 -25.36
CA ASN B 422 -15.67 13.55 -24.94
C ASN B 422 -15.29 13.14 -23.52
N ASN B 423 -16.30 12.98 -22.65
CA ASN B 423 -16.09 12.77 -21.22
C ASN B 423 -15.97 11.29 -20.82
N GLU B 424 -16.33 10.34 -21.69
CA GLU B 424 -16.42 8.94 -21.28
C GLU B 424 -15.06 8.31 -21.04
N VAL B 425 -13.97 8.89 -21.53
CA VAL B 425 -12.66 8.26 -21.33
C VAL B 425 -12.15 8.54 -19.92
N LYS B 426 -11.06 7.87 -19.52
CA LYS B 426 -10.50 8.08 -18.20
C LYS B 426 -9.60 9.31 -18.13
N GLN B 427 -9.04 9.73 -19.25
CA GLN B 427 -8.19 10.92 -19.28
C GLN B 427 -9.06 12.17 -19.28
N GLY B 428 -8.50 13.27 -18.76
CA GLY B 428 -9.27 14.49 -18.69
C GLY B 428 -8.42 15.72 -18.91
N LEU B 429 -7.57 15.68 -19.94
CA LEU B 429 -6.61 16.75 -20.14
C LEU B 429 -7.20 17.91 -20.96
N SER B 430 -7.26 17.76 -22.28
CA SER B 430 -7.66 18.83 -23.17
C SER B 430 -8.86 18.45 -24.04
N SER B 431 -9.55 19.47 -24.55
CA SER B 431 -10.77 19.21 -25.31
C SER B 431 -11.05 20.41 -26.21
N SER B 432 -11.62 20.14 -27.39
CA SER B 432 -11.95 21.24 -28.28
C SER B 432 -13.24 20.96 -29.02
N ILE B 433 -14.11 21.96 -29.07
CA ILE B 433 -15.20 21.94 -30.04
C ILE B 433 -14.96 23.07 -31.04
N PHE B 434 -15.39 22.85 -32.27
CA PHE B 434 -15.38 23.88 -33.31
C PHE B 434 -16.83 24.14 -33.70
N THR B 435 -17.29 25.37 -33.48
CA THR B 435 -18.70 25.67 -33.69
C THR B 435 -18.88 27.18 -33.64
N LYS B 436 -20.00 27.64 -34.19
CA LYS B 436 -20.37 29.05 -34.12
C LYS B 436 -21.51 29.29 -33.15
N ASP B 437 -22.10 28.24 -32.59
CA ASP B 437 -23.33 28.35 -31.82
C ASP B 437 -23.03 28.89 -30.41
N LEU B 438 -23.58 30.06 -30.09
CA LEU B 438 -23.25 30.70 -28.82
C LEU B 438 -23.69 29.83 -27.63
N GLY B 439 -24.91 29.29 -27.70
CA GLY B 439 -25.39 28.48 -26.60
C GLY B 439 -24.58 27.20 -26.43
N ARG B 440 -24.21 26.59 -27.56
CA ARG B 440 -23.40 25.38 -27.50
C ARG B 440 -22.04 25.67 -26.85
N ILE B 441 -21.42 26.79 -27.21
CA ILE B 441 -20.12 27.15 -26.64
C ILE B 441 -20.20 27.25 -25.12
N PHE B 442 -21.20 27.97 -24.61
CA PHE B 442 -21.24 28.15 -23.16
C PHE B 442 -21.67 26.89 -22.45
N CYS B 443 -22.53 26.09 -23.08
CA CYS B 443 -22.82 24.77 -22.52
C CYS B 443 -21.56 23.94 -22.40
N TRP B 444 -20.71 23.98 -23.44
CA TRP B 444 -19.42 23.28 -23.42
C TRP B 444 -18.54 23.75 -22.28
N LEU B 445 -18.54 25.05 -22.02
CA LEU B 445 -17.75 25.60 -20.94
C LEU B 445 -18.41 25.39 -19.58
N GLY B 446 -19.65 24.90 -19.53
CA GLY B 446 -20.44 24.83 -18.32
C GLY B 446 -20.42 23.48 -17.63
N PRO B 447 -21.31 23.29 -16.65
CA PRO B 447 -21.25 22.05 -15.82
C PRO B 447 -21.68 20.79 -16.55
N LYS B 448 -22.49 20.91 -17.60
CA LYS B 448 -22.86 19.76 -18.42
C LYS B 448 -21.99 19.69 -19.68
N GLY B 449 -20.87 20.40 -19.68
CA GLY B 449 -19.98 20.43 -20.82
C GLY B 449 -18.80 19.51 -20.64
N SER B 450 -17.65 19.95 -21.15
CA SER B 450 -16.42 19.16 -21.11
C SER B 450 -15.90 19.00 -19.69
N ASP B 451 -15.40 17.81 -19.36
CA ASP B 451 -14.88 17.52 -18.03
C ASP B 451 -13.37 17.72 -17.93
N CYS B 452 -12.74 18.36 -18.91
CA CYS B 452 -11.30 18.46 -18.99
C CYS B 452 -10.77 19.73 -18.32
N GLY B 453 -9.46 19.73 -18.04
CA GLY B 453 -8.79 20.89 -17.50
C GLY B 453 -8.56 22.00 -18.50
N ILE B 454 -8.52 21.64 -19.79
CA ILE B 454 -8.42 22.60 -20.90
C ILE B 454 -9.61 22.39 -21.82
N VAL B 455 -10.41 23.43 -21.98
CA VAL B 455 -11.69 23.36 -22.65
C VAL B 455 -11.68 24.47 -23.68
N ASN B 456 -11.43 24.13 -24.94
CA ASN B 456 -11.15 25.13 -25.97
C ASN B 456 -12.29 25.25 -26.97
N VAL B 457 -12.33 26.41 -27.63
CA VAL B 457 -13.38 26.75 -28.58
C VAL B 457 -12.73 27.34 -29.82
N ASN B 458 -12.93 26.66 -30.96
CA ASN B 458 -12.41 27.09 -32.27
C ASN B 458 -10.89 27.24 -32.27
N ILE B 459 -10.22 26.48 -31.42
CA ILE B 459 -8.77 26.37 -31.42
C ILE B 459 -8.48 24.96 -30.92
N PRO B 460 -7.47 24.26 -31.43
CA PRO B 460 -7.31 22.85 -31.07
C PRO B 460 -6.87 22.55 -29.64
N THR B 461 -6.60 21.27 -29.39
CA THR B 461 -6.33 20.76 -28.06
C THR B 461 -4.99 21.19 -27.49
N SER B 462 -4.09 21.72 -28.32
CA SER B 462 -2.82 22.27 -27.85
C SER B 462 -2.87 23.78 -27.62
N GLY B 463 -4.05 24.39 -27.71
CA GLY B 463 -4.17 25.79 -27.38
C GLY B 463 -4.04 26.06 -25.88
N ALA B 464 -2.88 26.57 -25.47
CA ALA B 464 -2.63 26.87 -24.08
C ALA B 464 -1.47 27.85 -23.97
N GLU B 465 -1.58 28.78 -23.01
CA GLU B 465 -0.53 29.76 -22.73
C GLU B 465 -0.27 29.83 -21.23
N ILE B 466 0.88 30.41 -20.87
CA ILE B 466 1.32 30.40 -19.48
C ILE B 466 0.37 31.18 -18.55
N GLY B 467 -0.42 32.12 -19.08
CA GLY B 467 -1.30 32.90 -18.21
C GLY B 467 -2.24 32.05 -17.37
N GLY B 468 -2.64 30.88 -17.88
CA GLY B 468 -3.60 30.03 -17.22
C GLY B 468 -2.96 28.84 -16.54
N ALA B 469 -3.70 28.21 -15.63
CA ALA B 469 -3.23 26.97 -15.05
C ALA B 469 -3.39 25.85 -16.07
N PHE B 470 -2.36 25.03 -16.19
CA PHE B 470 -2.33 23.97 -17.17
C PHE B 470 -2.38 22.62 -16.47
N GLY B 471 -3.33 21.80 -16.86
CA GLY B 471 -3.44 20.45 -16.34
C GLY B 471 -4.82 19.91 -16.65
N GLY B 472 -5.01 18.65 -16.27
CA GLY B 472 -6.24 17.94 -16.56
C GLY B 472 -6.90 17.41 -15.30
N GLU B 473 -8.00 16.71 -15.51
CA GLU B 473 -8.77 16.06 -14.46
C GLU B 473 -8.76 14.54 -14.66
N LYS B 474 -9.39 13.85 -13.72
CA LYS B 474 -9.56 12.39 -13.77
C LYS B 474 -8.15 11.77 -13.82
N HIS B 475 -7.94 10.74 -14.64
CA HIS B 475 -6.64 10.06 -14.69
C HIS B 475 -5.54 10.99 -15.21
N THR B 476 -5.88 12.22 -15.61
CA THR B 476 -4.80 13.14 -15.91
C THR B 476 -4.10 13.62 -14.64
N GLY B 477 -4.67 13.39 -13.45
CA GLY B 477 -3.94 13.52 -12.20
C GLY B 477 -4.39 14.69 -11.36
N GLY B 478 -4.93 15.73 -11.98
CA GLY B 478 -5.50 16.84 -11.26
C GLY B 478 -4.55 17.97 -10.94
N GLY B 479 -3.24 17.77 -11.08
CA GLY B 479 -2.30 18.84 -10.84
C GLY B 479 -2.46 19.97 -11.84
N ARG B 480 -1.90 21.15 -11.47
CA ARG B 480 -1.89 22.33 -12.33
C ARG B 480 -0.51 22.99 -12.30
N GLU B 481 -0.12 23.58 -13.44
CA GLU B 481 1.16 24.24 -13.58
C GLU B 481 0.98 25.62 -14.22
N SER B 482 2.03 26.44 -14.05
CA SER B 482 2.21 27.74 -14.70
C SER B 482 1.36 28.86 -14.12
N GLY B 483 0.21 29.16 -14.73
CA GLY B 483 -0.47 30.43 -14.52
C GLY B 483 -1.51 30.42 -13.40
N SER B 484 -2.33 31.48 -13.40
CA SER B 484 -3.31 31.72 -12.35
C SER B 484 -2.69 31.55 -10.98
N ASP B 485 -3.39 30.92 -10.04
CA ASP B 485 -2.84 30.66 -8.71
C ASP B 485 -2.27 29.26 -8.58
N ALA B 486 -1.72 28.73 -9.68
CA ALA B 486 -1.02 27.45 -9.63
C ALA B 486 0.12 27.46 -8.61
N TRP B 487 0.68 28.63 -8.33
CA TRP B 487 1.74 28.76 -7.34
C TRP B 487 1.35 28.21 -5.96
N LYS B 488 0.04 28.16 -5.63
CA LYS B 488 -0.35 27.72 -4.28
C LYS B 488 -0.01 26.26 -4.01
N GLN B 489 0.13 25.43 -5.03
CA GLN B 489 0.55 24.04 -4.81
C GLN B 489 2.00 23.94 -4.35
N TYR B 490 2.80 24.98 -4.59
CA TYR B 490 4.20 25.01 -4.22
C TYR B 490 4.42 25.69 -2.87
N MET B 491 3.34 26.04 -2.17
CA MET B 491 3.42 26.72 -0.89
C MET B 491 2.41 26.11 0.06
N ARG B 492 2.60 26.35 1.35
CA ARG B 492 1.63 25.92 2.35
C ARG B 492 0.92 27.12 2.93
N ARG B 493 -0.41 27.02 2.99
CA ARG B 493 -1.25 28.07 3.53
C ARG B 493 -1.35 27.92 5.05
N SER B 494 -1.27 29.04 5.74
CA SER B 494 -1.57 29.09 7.16
C SER B 494 -2.57 30.21 7.39
N THR B 495 -3.58 29.93 8.20
CA THR B 495 -4.57 30.93 8.59
C THR B 495 -4.19 31.41 9.98
N CYS B 496 -3.84 32.69 10.09
CA CYS B 496 -3.15 33.20 11.27
C CYS B 496 -4.02 34.23 11.97
N THR B 497 -4.34 33.95 13.24
CA THR B 497 -5.06 34.86 14.12
C THR B 497 -4.08 35.47 15.12
N ILE B 498 -4.02 36.80 15.15
CA ILE B 498 -3.12 37.50 16.05
C ILE B 498 -3.95 38.32 17.01
N ASN B 499 -3.94 37.93 18.27
CA ASN B 499 -4.54 38.74 19.32
C ASN B 499 -3.49 39.77 19.73
N TYR B 500 -3.72 41.02 19.35
CA TYR B 500 -2.84 42.13 19.71
C TYR B 500 -3.47 42.95 20.84
N SER B 501 -4.58 42.49 21.39
CA SER B 501 -5.30 43.27 22.38
C SER B 501 -4.73 43.02 23.77
N LYS B 502 -5.18 43.83 24.71
CA LYS B 502 -4.96 43.62 26.11
C LYS B 502 -6.04 42.76 26.74
N ASP B 503 -7.03 42.34 25.96
CA ASP B 503 -8.18 41.64 26.53
C ASP B 503 -7.83 40.26 27.07
N LEU B 504 -8.42 39.91 28.23
CA LEU B 504 -8.27 38.58 28.77
C LEU B 504 -9.54 37.76 28.53
N PRO B 505 -9.40 36.45 28.31
CA PRO B 505 -10.57 35.61 28.07
C PRO B 505 -11.44 35.50 29.31
N LEU B 506 -12.72 35.21 29.07
CA LEU B 506 -13.69 35.05 30.16
C LEU B 506 -13.21 34.01 31.18
N ALA B 507 -13.42 34.33 32.46
CA ALA B 507 -12.97 33.44 33.53
C ALA B 507 -13.82 32.19 33.61
N GLN B 508 -15.05 32.23 33.10
CA GLN B 508 -15.99 31.11 33.17
C GLN B 508 -16.12 30.57 34.59
N GLY B 509 -16.10 31.47 35.58
CA GLY B 509 -16.27 31.09 36.95
C GLY B 509 -15.02 30.61 37.66
N ILE B 510 -13.91 30.46 36.95
CA ILE B 510 -12.64 30.06 37.56
C ILE B 510 -11.88 31.30 38.02
N LYS B 511 -11.28 31.22 39.21
CA LYS B 511 -10.50 32.32 39.77
C LYS B 511 -9.06 32.20 39.27
N PHE B 512 -8.70 33.05 38.34
CA PHE B 512 -7.36 33.22 37.78
C PHE B 512 -6.60 34.32 38.51
N GLN B 513 -5.35 34.53 38.09
CA GLN B 513 -4.50 35.57 38.68
C GLN B 513 -3.57 36.14 37.60
N THR C 5 -58.30 66.03 1.38
CA THR C 5 -57.82 65.22 2.50
C THR C 5 -56.60 64.36 2.14
N LEU C 6 -55.73 64.16 3.12
CA LEU C 6 -54.52 63.39 2.90
C LEU C 6 -54.86 61.92 2.73
N LEU C 7 -54.16 61.24 1.82
CA LEU C 7 -54.40 59.82 1.63
C LEU C 7 -54.20 59.05 2.93
N ILE C 8 -53.24 59.48 3.76
CA ILE C 8 -53.00 58.74 5.00
C ILE C 8 -54.18 58.81 5.96
N ASN C 9 -55.03 59.82 5.84
CA ASN C 9 -56.22 59.96 6.68
C ASN C 9 -57.44 59.25 6.12
N GLN C 10 -57.32 58.64 4.98
CA GLN C 10 -58.41 57.85 4.42
C GLN C 10 -58.26 56.39 4.86
N PRO C 11 -59.36 55.75 5.24
CA PRO C 11 -59.24 54.35 5.70
C PRO C 11 -58.64 53.43 4.65
N GLN C 12 -58.83 53.75 3.37
CA GLN C 12 -58.35 52.93 2.27
C GLN C 12 -56.84 52.73 2.29
N TYR C 13 -56.09 53.65 2.90
CA TYR C 13 -54.64 53.61 2.90
C TYR C 13 -54.05 53.43 4.30
N ALA C 14 -54.82 52.83 5.21
CA ALA C 14 -54.37 52.65 6.58
C ALA C 14 -53.14 51.75 6.67
N TRP C 15 -52.84 50.98 5.63
CA TRP C 15 -51.63 50.18 5.63
C TRP C 15 -50.38 51.03 5.73
N LEU C 16 -50.46 52.32 5.37
CA LEU C 16 -49.33 53.22 5.55
C LEU C 16 -48.86 53.25 7.00
N LYS C 17 -49.79 53.12 7.94
CA LYS C 17 -49.44 53.16 9.35
C LYS C 17 -48.61 51.96 9.79
N GLU C 18 -48.67 50.85 9.05
CA GLU C 18 -47.80 49.72 9.37
C GLU C 18 -46.33 50.06 9.19
N LEU C 19 -46.03 51.12 8.45
CA LEU C 19 -44.65 51.57 8.27
C LEU C 19 -44.28 52.66 9.27
N GLY C 20 -45.14 52.91 10.25
CA GLY C 20 -44.90 53.97 11.22
C GLY C 20 -45.17 55.36 10.73
N LEU C 21 -45.85 55.50 9.60
CA LEU C 21 -46.13 56.83 9.05
C LEU C 21 -47.38 57.44 9.68
N ARG C 22 -47.36 58.77 9.77
CA ARG C 22 -48.53 59.49 10.26
C ARG C 22 -48.83 60.66 9.33
N GLU C 23 -49.76 61.51 9.77
CA GLU C 23 -50.12 62.69 9.00
C GLU C 23 -48.89 63.55 8.74
N GLU C 24 -48.17 63.92 9.80
CA GLU C 24 -46.95 64.71 9.71
C GLU C 24 -45.81 63.90 10.34
N ASN C 25 -44.75 63.67 9.56
CA ASN C 25 -43.65 62.80 9.95
C ASN C 25 -42.36 63.59 10.16
N GLU C 26 -41.53 63.10 11.08
CA GLU C 26 -40.19 63.65 11.25
C GLU C 26 -39.28 63.18 10.12
N GLY C 27 -38.62 64.14 9.48
CA GLY C 27 -37.70 63.86 8.38
C GLY C 27 -36.25 63.93 8.77
N VAL C 28 -35.93 64.06 10.06
CA VAL C 28 -34.56 63.98 10.54
C VAL C 28 -34.48 62.86 11.56
N TYR C 29 -33.51 61.97 11.38
CA TYR C 29 -33.22 60.92 12.34
C TYR C 29 -31.71 60.83 12.58
N ASN C 30 -31.32 60.92 13.84
CA ASN C 30 -29.93 60.81 14.23
C ASN C 30 -29.80 60.04 15.55
N GLY C 31 -30.76 59.15 15.82
CA GLY C 31 -30.99 58.59 17.13
C GLY C 31 -32.23 59.15 17.80
N SER C 32 -32.54 60.41 17.55
CA SER C 32 -33.84 60.99 17.83
C SER C 32 -34.45 61.47 16.53
N TRP C 33 -35.78 61.55 16.52
CA TRP C 33 -36.54 62.04 15.37
C TRP C 33 -36.88 63.52 15.59
N GLY C 34 -36.75 64.30 14.54
CA GLY C 34 -37.07 65.72 14.59
C GLY C 34 -37.19 66.30 13.18
N GLY C 35 -36.98 67.61 13.08
CA GLY C 35 -37.10 68.28 11.80
C GLY C 35 -37.64 69.69 11.95
N ARG C 36 -36.77 70.68 11.87
CA ARG C 36 -37.16 72.08 12.02
C ARG C 36 -37.21 72.83 10.70
N GLY C 37 -36.94 72.14 9.59
CA GLY C 37 -36.98 72.74 8.26
C GLY C 37 -38.40 72.83 7.71
N GLU C 38 -38.47 73.05 6.39
CA GLU C 38 -39.76 73.22 5.74
C GLU C 38 -40.52 71.90 5.72
N VAL C 39 -41.83 72.01 5.93
CA VAL C 39 -42.73 70.86 5.83
C VAL C 39 -43.09 70.69 4.36
N ILE C 40 -42.83 69.50 3.82
CA ILE C 40 -43.13 69.17 2.43
C ILE C 40 -44.26 68.15 2.40
N THR C 41 -45.19 68.35 1.48
CA THR C 41 -46.25 67.41 1.21
C THR C 41 -45.92 66.71 -0.09
N THR C 42 -45.88 65.39 -0.06
CA THR C 42 -45.65 64.61 -1.27
C THR C 42 -46.99 64.09 -1.75
N TYR C 43 -47.07 63.86 -3.05
CA TYR C 43 -48.32 63.54 -3.70
C TYR C 43 -48.19 62.19 -4.42
N CYS C 44 -49.33 61.55 -4.59
CA CYS C 44 -49.39 60.34 -5.40
C CYS C 44 -49.41 60.72 -6.88
N PRO C 45 -48.41 60.34 -7.67
CA PRO C 45 -48.40 60.73 -9.09
C PRO C 45 -49.49 60.07 -9.90
N ALA C 46 -50.17 59.05 -9.36
CA ALA C 46 -51.27 58.43 -10.07
C ALA C 46 -52.55 59.24 -10.01
N ASN C 47 -52.70 60.12 -9.00
CA ASN C 47 -53.88 60.95 -8.89
C ASN C 47 -53.63 62.36 -8.36
N ASN C 48 -52.37 62.75 -8.11
CA ASN C 48 -52.00 64.09 -7.61
C ASN C 48 -52.73 64.43 -6.32
N GLU C 49 -53.01 63.42 -5.52
CA GLU C 49 -53.59 63.61 -4.20
C GLU C 49 -52.49 63.61 -3.14
N PRO C 50 -52.60 64.46 -2.12
CA PRO C 50 -51.59 64.48 -1.06
C PRO C 50 -51.64 63.21 -0.23
N ILE C 51 -50.45 62.69 0.14
CA ILE C 51 -50.36 61.47 0.93
C ILE C 51 -50.17 61.82 2.40
N ALA C 52 -49.06 62.47 2.70
CA ALA C 52 -48.71 62.83 4.07
C ALA C 52 -47.60 63.88 4.00
N ARG C 53 -47.21 64.39 5.16
CA ARG C 53 -46.22 65.46 5.26
C ARG C 53 -44.99 65.00 6.02
N VAL C 54 -43.87 65.64 5.72
CA VAL C 54 -42.59 65.36 6.35
C VAL C 54 -41.90 66.68 6.62
N ARG C 55 -41.45 66.87 7.85
CA ARG C 55 -40.67 68.04 8.23
C ARG C 55 -39.21 67.82 7.86
N GLN C 56 -38.70 68.65 6.96
CA GLN C 56 -37.36 68.44 6.43
C GLN C 56 -36.32 68.98 7.42
N ALA C 57 -35.05 68.74 7.11
CA ALA C 57 -33.97 69.19 7.99
C ALA C 57 -33.69 70.67 7.76
N SER C 58 -33.57 71.42 8.84
CA SER C 58 -32.96 72.75 8.77
C SER C 58 -31.44 72.60 8.84
N VAL C 59 -30.74 73.72 8.64
CA VAL C 59 -29.29 73.73 8.81
C VAL C 59 -28.91 73.23 10.21
N ALA C 60 -29.59 73.73 11.23
CA ALA C 60 -29.29 73.27 12.58
C ALA C 60 -29.47 71.75 12.72
N ASP C 61 -30.54 71.21 12.13
CA ASP C 61 -30.72 69.76 12.09
C ASP C 61 -29.54 69.07 11.42
N TYR C 62 -29.12 69.58 10.27
CA TYR C 62 -28.02 68.96 9.54
C TYR C 62 -26.75 69.01 10.39
N GLU C 63 -26.44 70.18 10.95
CA GLU C 63 -25.25 70.28 11.78
C GLU C 63 -25.30 69.28 12.94
N GLU C 64 -26.43 69.21 13.64
CA GLU C 64 -26.58 68.29 14.76
C GLU C 64 -26.44 66.83 14.30
N THR C 65 -27.01 66.51 13.14
CA THR C 65 -27.00 65.13 12.68
C THR C 65 -25.60 64.69 12.28
N VAL C 66 -24.86 65.57 11.59
CA VAL C 66 -23.50 65.24 11.18
C VAL C 66 -22.60 65.04 12.40
N LYS C 67 -22.75 65.92 13.41
CA LYS C 67 -21.97 65.75 14.63
C LYS C 67 -22.28 64.42 15.30
N LYS C 68 -23.56 64.08 15.42
CA LYS C 68 -23.92 62.81 16.05
C LYS C 68 -23.44 61.61 15.22
N ALA C 69 -23.56 61.69 13.89
CA ALA C 69 -23.10 60.57 13.06
C ALA C 69 -21.60 60.35 13.22
N ARG C 70 -20.82 61.44 13.21
CA ARG C 70 -19.38 61.33 13.34
C ARG C 70 -18.97 60.81 14.71
N GLU C 71 -19.70 61.19 15.76
CA GLU C 71 -19.46 60.59 17.06
C GLU C 71 -19.76 59.09 17.04
N ALA C 72 -20.92 58.72 16.48
CA ALA C 72 -21.28 57.32 16.42
C ALA C 72 -20.27 56.52 15.61
N TRP C 73 -19.62 57.15 14.61
CA TRP C 73 -18.64 56.41 13.83
C TRP C 73 -17.52 55.89 14.69
N LYS C 74 -17.16 56.64 15.75
CA LYS C 74 -16.12 56.16 16.65
C LYS C 74 -16.50 54.82 17.25
N ILE C 75 -17.78 54.65 17.57
CA ILE C 75 -18.27 53.39 18.12
C ILE C 75 -18.32 52.32 17.03
N TRP C 76 -18.82 52.69 15.85
CA TRP C 76 -19.16 51.73 14.80
C TRP C 76 -17.91 51.16 14.15
N ALA C 77 -16.89 52.00 13.92
CA ALA C 77 -15.65 51.50 13.34
C ALA C 77 -14.92 50.54 14.28
N ASP C 78 -15.18 50.61 15.59
CA ASP C 78 -14.56 49.67 16.53
C ASP C 78 -15.23 48.30 16.50
N ILE C 79 -16.35 48.17 15.81
CA ILE C 79 -17.08 46.91 15.76
C ILE C 79 -16.50 46.04 14.65
N PRO C 80 -16.07 44.82 14.98
CA PRO C 80 -15.49 43.95 13.94
C PRO C 80 -16.45 43.80 12.77
N ALA C 81 -15.89 43.87 11.56
CA ALA C 81 -16.66 43.85 10.33
C ALA C 81 -17.69 42.73 10.26
N PRO C 82 -17.37 41.48 10.59
CA PRO C 82 -18.42 40.46 10.55
C PRO C 82 -19.61 40.82 11.42
N LYS C 83 -19.38 41.48 12.57
CA LYS C 83 -20.49 41.84 13.45
C LYS C 83 -21.32 42.96 12.84
N ARG C 84 -20.66 43.87 12.13
CA ARG C 84 -21.41 44.82 11.32
C ARG C 84 -22.22 44.07 10.28
N GLY C 85 -21.65 42.98 9.74
CA GLY C 85 -22.40 42.17 8.81
C GLY C 85 -23.67 41.59 9.43
N GLU C 86 -23.58 41.17 10.69
CA GLU C 86 -24.76 40.66 11.38
C GLU C 86 -25.84 41.75 11.45
N ILE C 87 -25.44 42.98 11.72
CA ILE C 87 -26.39 44.09 11.72
C ILE C 87 -27.07 44.22 10.36
N VAL C 88 -26.28 44.16 9.27
CA VAL C 88 -26.84 44.29 7.94
C VAL C 88 -27.78 43.12 7.62
N ARG C 89 -27.43 41.91 8.06
CA ARG C 89 -28.35 40.77 7.95
C ARG C 89 -29.67 41.07 8.64
N GLN C 90 -29.62 41.63 9.86
CA GLN C 90 -30.85 41.93 10.56
C GLN C 90 -31.63 43.02 9.83
N ILE C 91 -30.94 44.01 9.26
CA ILE C 91 -31.63 44.97 8.41
C ILE C 91 -32.32 44.27 7.25
N GLY C 92 -31.59 43.33 6.59
CA GLY C 92 -32.22 42.59 5.50
C GLY C 92 -33.48 41.87 5.93
N ASP C 93 -33.44 41.21 7.09
CA ASP C 93 -34.62 40.52 7.61
C ASP C 93 -35.75 41.50 7.95
N ALA C 94 -35.40 42.64 8.53
CA ALA C 94 -36.43 43.64 8.85
C ALA C 94 -37.14 44.14 7.60
N LEU C 95 -36.39 44.31 6.50
CA LEU C 95 -37.01 44.68 5.23
C LEU C 95 -37.93 43.58 4.72
N ARG C 96 -37.50 42.32 4.86
CA ARG C 96 -38.35 41.19 4.48
C ARG C 96 -39.71 41.30 5.16
N GLU C 97 -39.71 41.62 6.46
CA GLU C 97 -40.96 41.68 7.21
C GLU C 97 -41.88 42.79 6.70
N LYS C 98 -41.35 43.83 6.06
CA LYS C 98 -42.16 44.94 5.59
C LYS C 98 -42.22 45.02 4.07
N ILE C 99 -41.79 43.98 3.36
CA ILE C 99 -41.56 44.15 1.93
C ILE C 99 -42.86 44.55 1.20
N GLN C 100 -44.00 44.01 1.63
CA GLN C 100 -45.23 44.27 0.91
C GLN C 100 -45.68 45.72 1.06
N VAL C 101 -45.75 46.20 2.31
CA VAL C 101 -46.21 47.57 2.54
C VAL C 101 -45.20 48.58 1.99
N LEU C 102 -43.90 48.29 2.13
CA LEU C 102 -42.90 49.24 1.64
C LEU C 102 -42.93 49.33 0.13
N GLY C 103 -43.04 48.18 -0.56
CA GLY C 103 -43.23 48.22 -2.00
C GLY C 103 -44.48 48.99 -2.40
N SER C 104 -45.55 48.86 -1.62
CA SER C 104 -46.77 49.63 -1.90
C SER C 104 -46.53 51.12 -1.73
N LEU C 105 -45.76 51.50 -0.72
CA LEU C 105 -45.41 52.90 -0.55
C LEU C 105 -44.58 53.41 -1.72
N VAL C 106 -43.61 52.61 -2.16
CA VAL C 106 -42.82 52.98 -3.33
C VAL C 106 -43.75 53.16 -4.51
N SER C 107 -44.69 52.23 -4.70
CA SER C 107 -45.68 52.39 -5.76
C SER C 107 -46.54 53.63 -5.55
N LEU C 108 -46.94 53.91 -4.30
CA LEU C 108 -47.86 55.02 -4.04
C LEU C 108 -47.16 56.36 -4.18
N GLU C 109 -45.99 56.50 -3.56
CA GLU C 109 -45.32 57.78 -3.50
C GLU C 109 -44.46 58.04 -4.74
N MET C 110 -43.84 57.00 -5.29
CA MET C 110 -42.99 57.16 -6.46
C MET C 110 -43.72 56.88 -7.78
N GLY C 111 -44.53 55.82 -7.83
CA GLY C 111 -45.39 55.60 -8.98
C GLY C 111 -45.04 54.40 -9.83
N LYS C 112 -44.00 53.64 -9.49
CA LYS C 112 -43.76 52.43 -10.25
C LYS C 112 -44.74 51.34 -9.83
N ILE C 113 -44.91 50.35 -10.69
CA ILE C 113 -45.88 49.29 -10.42
C ILE C 113 -45.42 48.46 -9.21
N LEU C 114 -46.39 47.79 -8.59
CA LEU C 114 -46.14 47.12 -7.30
C LEU C 114 -45.04 46.07 -7.42
N VAL C 115 -45.07 45.26 -8.49
CA VAL C 115 -44.05 44.22 -8.60
C VAL C 115 -42.66 44.84 -8.61
N GLU C 116 -42.52 46.04 -9.17
CA GLU C 116 -41.22 46.70 -9.13
C GLU C 116 -40.98 47.41 -7.80
N GLY C 117 -42.04 47.91 -7.17
CA GLY C 117 -41.89 48.43 -5.82
C GLY C 117 -41.40 47.35 -4.87
N VAL C 118 -42.04 46.18 -4.91
CA VAL C 118 -41.57 45.05 -4.12
C VAL C 118 -40.17 44.64 -4.54
N GLY C 119 -39.92 44.59 -5.86
CA GLY C 119 -38.61 44.18 -6.35
C GLY C 119 -37.50 45.08 -5.87
N GLU C 120 -37.77 46.38 -5.78
CA GLU C 120 -36.76 47.31 -5.29
C GLU C 120 -36.38 46.98 -3.85
N VAL C 121 -37.36 46.62 -3.03
CA VAL C 121 -37.03 46.26 -1.65
C VAL C 121 -36.26 44.95 -1.63
N GLN C 122 -36.66 43.99 -2.47
CA GLN C 122 -35.98 42.71 -2.53
C GLN C 122 -34.52 42.88 -2.87
N GLU C 123 -34.22 43.83 -3.75
CA GLU C 123 -32.83 44.15 -4.07
C GLU C 123 -32.07 44.56 -2.83
N TYR C 124 -32.69 45.39 -1.98
CA TYR C 124 -32.08 45.78 -0.71
C TYR C 124 -31.91 44.57 0.20
N VAL C 125 -32.93 43.72 0.28
CA VAL C 125 -32.81 42.46 1.04
C VAL C 125 -31.63 41.65 0.52
N ASP C 126 -31.56 41.51 -0.81
CA ASP C 126 -30.51 40.70 -1.45
C ASP C 126 -29.14 41.29 -1.23
N ILE C 127 -28.99 42.61 -1.40
CA ILE C 127 -27.68 43.23 -1.20
C ILE C 127 -27.26 43.15 0.25
N CYS C 128 -28.22 43.16 1.18
CA CYS C 128 -27.88 42.91 2.58
C CYS C 128 -27.26 41.53 2.74
N ASP C 129 -27.92 40.50 2.20
CA ASP C 129 -27.43 39.13 2.38
C ASP C 129 -26.06 38.94 1.76
N TYR C 130 -25.84 39.59 0.61
CA TYR C 130 -24.52 39.59 -0.02
C TYR C 130 -23.48 40.20 0.91
N ALA C 131 -23.79 41.37 1.48
CA ALA C 131 -22.86 42.08 2.35
C ALA C 131 -22.54 41.30 3.61
N VAL C 132 -23.41 40.37 4.01
CA VAL C 132 -23.10 39.52 5.16
C VAL C 132 -21.88 38.67 4.85
N GLY C 133 -21.84 38.08 3.65
CA GLY C 133 -20.67 37.33 3.24
C GLY C 133 -19.47 38.23 3.01
N LEU C 134 -19.69 39.37 2.34
CA LEU C 134 -18.59 40.29 2.09
C LEU C 134 -17.94 40.80 3.37
N SER C 135 -18.71 40.89 4.46
CA SER C 135 -18.17 41.47 5.70
C SER C 135 -17.06 40.63 6.30
N ARG C 136 -16.94 39.36 5.88
CA ARG C 136 -15.86 38.47 6.30
C ARG C 136 -14.74 38.39 5.27
N MET C 137 -14.83 39.17 4.20
CA MET C 137 -13.88 39.09 3.09
C MET C 137 -13.14 40.38 2.82
N ILE C 138 -13.72 41.55 3.16
CA ILE C 138 -13.09 42.80 2.77
C ILE C 138 -11.72 42.90 3.40
N GLY C 139 -10.78 43.40 2.63
CA GLY C 139 -9.42 43.54 3.08
C GLY C 139 -8.50 43.54 1.88
N GLY C 140 -7.21 43.51 2.15
CA GLY C 140 -6.21 43.54 1.11
C GLY C 140 -5.21 42.42 1.26
N PRO C 141 -4.30 42.31 0.30
CA PRO C 141 -3.29 41.24 0.32
C PRO C 141 -2.15 41.52 1.30
N ILE C 142 -1.53 40.45 1.76
CA ILE C 142 -0.20 40.51 2.36
C ILE C 142 0.80 40.35 1.23
N LEU C 143 1.62 41.32 1.06
CA LEU C 143 2.50 41.20 -0.10
C LEU C 143 3.90 40.81 0.34
N PRO C 144 4.64 40.10 -0.47
CA PRO C 144 6.01 39.75 -0.08
C PRO C 144 6.94 40.93 -0.30
N SER C 145 7.48 41.49 0.79
CA SER C 145 8.36 42.64 0.68
C SER C 145 9.72 42.25 0.11
N GLU C 146 10.33 43.19 -0.64
CA GLU C 146 11.70 43.04 -1.11
C GLU C 146 12.72 43.24 0.01
N ARG C 147 12.28 43.74 1.17
CA ARG C 147 13.18 44.01 2.29
C ARG C 147 13.12 42.83 3.24
N SER C 148 14.28 42.23 3.51
CA SER C 148 14.35 41.17 4.49
C SER C 148 13.84 41.66 5.85
N GLY C 149 13.14 40.79 6.56
CA GLY C 149 12.66 41.15 7.87
C GLY C 149 11.59 42.22 7.90
N HIS C 150 10.92 42.47 6.78
CA HIS C 150 9.81 43.40 6.73
C HIS C 150 8.57 42.68 6.23
N ALA C 151 7.41 43.13 6.71
CA ALA C 151 6.12 42.75 6.15
C ALA C 151 5.57 43.91 5.35
N LEU C 152 4.82 43.59 4.30
CA LEU C 152 4.14 44.57 3.46
C LEU C 152 2.68 44.18 3.40
N ILE C 153 1.81 45.02 3.92
CA ILE C 153 0.40 44.65 3.95
C ILE C 153 -0.41 45.80 3.38
N GLU C 154 -1.49 45.47 2.70
CA GLU C 154 -2.44 46.46 2.22
C GLU C 154 -3.63 46.44 3.14
N GLN C 155 -3.86 47.54 3.85
CA GLN C 155 -4.97 47.65 4.78
C GLN C 155 -6.10 48.46 4.18
N TRP C 156 -7.32 48.13 4.56
CA TRP C 156 -8.48 48.92 4.20
C TRP C 156 -9.22 49.30 5.47
N ASN C 157 -9.58 50.56 5.59
CA ASN C 157 -10.30 51.08 6.76
C ASN C 157 -11.43 51.97 6.27
N PRO C 158 -12.47 52.14 7.08
CA PRO C 158 -13.60 52.98 6.65
C PRO C 158 -13.14 54.40 6.34
N VAL C 159 -13.89 55.05 5.46
CA VAL C 159 -13.61 56.46 5.20
C VAL C 159 -14.20 57.35 6.29
N GLY C 160 -15.24 56.88 6.99
CA GLY C 160 -15.86 57.64 8.07
C GLY C 160 -17.35 57.84 7.84
N LEU C 161 -17.72 59.06 7.46
CA LEU C 161 -19.11 59.41 7.17
C LEU C 161 -19.31 59.37 5.66
N VAL C 162 -20.26 58.54 5.22
CA VAL C 162 -20.64 58.46 3.82
C VAL C 162 -21.99 59.17 3.67
N GLY C 163 -21.99 60.32 3.00
CA GLY C 163 -23.22 60.96 2.61
C GLY C 163 -23.79 60.28 1.38
N ILE C 164 -25.11 60.10 1.37
CA ILE C 164 -25.77 59.37 0.29
C ILE C 164 -26.96 60.21 -0.16
N ILE C 165 -26.86 60.83 -1.35
CA ILE C 165 -27.94 61.56 -1.99
C ILE C 165 -28.52 60.67 -3.09
N THR C 166 -29.84 60.46 -3.07
CA THR C 166 -30.46 59.54 -4.02
C THR C 166 -31.55 60.23 -4.81
N ALA C 167 -31.91 59.61 -5.93
CA ALA C 167 -32.86 60.17 -6.88
C ALA C 167 -34.25 59.59 -6.60
N PHE C 168 -35.27 60.16 -7.28
CA PHE C 168 -36.64 59.74 -7.00
C PHE C 168 -36.96 58.35 -7.49
N ASN C 169 -36.29 57.88 -8.56
CA ASN C 169 -36.80 56.75 -9.34
C ASN C 169 -36.45 55.39 -8.74
N PHE C 170 -35.39 55.29 -7.96
CA PHE C 170 -35.12 54.09 -7.15
C PHE C 170 -34.91 54.53 -5.71
N PRO C 171 -35.98 54.93 -5.04
CA PRO C 171 -35.86 55.54 -3.71
C PRO C 171 -35.60 54.56 -2.58
N VAL C 172 -35.48 53.27 -2.85
CA VAL C 172 -35.13 52.33 -1.78
C VAL C 172 -33.78 51.70 -2.13
N ALA C 173 -33.69 51.10 -3.33
CA ALA C 173 -32.55 50.26 -3.68
C ALA C 173 -31.23 51.03 -3.71
N VAL C 174 -31.24 52.23 -4.30
CA VAL C 174 -29.99 52.97 -4.42
C VAL C 174 -29.41 53.24 -3.03
N TYR C 175 -30.23 53.76 -2.12
CA TYR C 175 -29.77 53.93 -0.75
C TYR C 175 -29.33 52.60 -0.18
N GLY C 176 -30.14 51.57 -0.40
CA GLY C 176 -29.82 50.23 0.09
C GLY C 176 -28.43 49.74 -0.31
N TRP C 177 -28.10 49.86 -1.62
CA TRP C 177 -26.79 49.43 -2.11
C TRP C 177 -25.66 50.15 -1.40
N ASN C 178 -25.79 51.46 -1.26
CA ASN C 178 -24.78 52.26 -0.57
C ASN C 178 -24.75 51.94 0.93
N ASN C 179 -25.91 51.72 1.54
CA ASN C 179 -25.96 51.50 2.99
C ASN C 179 -25.35 50.16 3.38
N ALA C 180 -25.80 49.07 2.77
CA ALA C 180 -25.30 47.75 3.14
C ALA C 180 -23.77 47.68 2.98
N ILE C 181 -23.25 48.20 1.87
CA ILE C 181 -21.83 48.14 1.61
C ILE C 181 -21.06 49.09 2.53
N ALA C 182 -21.48 50.36 2.61
CA ALA C 182 -20.78 51.30 3.47
C ALA C 182 -20.79 50.87 4.93
N MET C 183 -21.87 50.20 5.36
CA MET C 183 -21.98 49.79 6.76
C MET C 183 -21.03 48.64 7.09
N ILE C 184 -21.01 47.58 6.28
CA ILE C 184 -20.07 46.50 6.58
C ILE C 184 -18.64 47.01 6.46
N CYS C 185 -18.42 48.05 5.62
CA CYS C 185 -17.10 48.66 5.52
C CYS C 185 -16.77 49.60 6.68
N GLY C 186 -17.62 49.65 7.71
CA GLY C 186 -17.31 50.42 8.91
C GLY C 186 -17.62 51.90 8.85
N ASN C 187 -18.42 52.34 7.89
CA ASN C 187 -18.76 53.75 7.77
C ASN C 187 -20.14 53.98 8.38
N VAL C 188 -20.36 55.19 8.87
CA VAL C 188 -21.71 55.63 9.16
C VAL C 188 -22.28 56.32 7.92
N CYS C 189 -23.60 56.37 7.84
CA CYS C 189 -24.29 56.82 6.64
C CYS C 189 -25.18 58.00 6.99
N LEU C 190 -25.25 58.95 6.07
CA LEU C 190 -26.15 60.08 6.13
C LEU C 190 -26.90 60.18 4.82
N TRP C 191 -28.21 60.01 4.89
CA TRP C 191 -29.06 59.92 3.73
C TRP C 191 -29.81 61.24 3.49
N LYS C 192 -29.74 61.76 2.28
CA LYS C 192 -30.65 62.82 1.83
C LYS C 192 -31.34 62.30 0.59
N GLY C 193 -32.59 61.88 0.72
CA GLY C 193 -33.30 61.33 -0.42
C GLY C 193 -33.92 62.42 -1.27
N ALA C 194 -34.52 61.98 -2.37
CA ALA C 194 -35.22 62.94 -3.20
C ALA C 194 -36.41 63.50 -2.44
N PRO C 195 -36.64 64.81 -2.49
CA PRO C 195 -37.75 65.41 -1.71
C PRO C 195 -39.09 64.77 -2.01
N THR C 196 -39.35 64.36 -3.26
CA THR C 196 -40.64 63.80 -3.63
C THR C 196 -40.83 62.34 -3.23
N THR C 197 -39.83 61.72 -2.64
CA THR C 197 -39.99 60.41 -2.03
C THR C 197 -39.60 60.47 -0.56
N SER C 198 -39.99 61.57 0.11
CA SER C 198 -39.61 61.77 1.50
C SER C 198 -40.23 60.72 2.41
N LEU C 199 -41.45 60.28 2.09
CA LEU C 199 -42.10 59.26 2.92
C LEU C 199 -41.34 57.93 2.83
N ILE C 200 -40.86 57.57 1.64
CA ILE C 200 -40.09 56.35 1.49
C ILE C 200 -38.82 56.40 2.34
N SER C 201 -38.12 57.53 2.30
CA SER C 201 -36.90 57.66 3.09
C SER C 201 -37.19 57.51 4.59
N VAL C 202 -38.27 58.14 5.06
CA VAL C 202 -38.65 58.02 6.47
C VAL C 202 -38.99 56.57 6.79
N ALA C 203 -39.78 55.92 5.93
CA ALA C 203 -40.19 54.55 6.20
C ALA C 203 -38.98 53.60 6.30
N VAL C 204 -38.06 53.71 5.34
CA VAL C 204 -36.86 52.86 5.37
C VAL C 204 -36.03 53.16 6.63
N THR C 205 -35.86 54.44 6.93
CA THR C 205 -35.07 54.85 8.09
C THR C 205 -35.69 54.30 9.38
N LYS C 206 -37.03 54.30 9.48
CA LYS C 206 -37.67 53.73 10.66
C LYS C 206 -37.37 52.25 10.79
N ILE C 207 -37.36 51.52 9.66
CA ILE C 207 -37.06 50.09 9.70
C ILE C 207 -35.63 49.86 10.18
N ILE C 208 -34.68 50.63 9.66
CA ILE C 208 -33.29 50.51 10.09
C ILE C 208 -33.13 50.96 11.53
N ALA C 209 -33.80 52.06 11.91
CA ALA C 209 -33.64 52.61 13.25
C ALA C 209 -34.02 51.61 14.33
N LYS C 210 -35.07 50.83 14.10
CA LYS C 210 -35.45 49.81 15.09
C LYS C 210 -34.35 48.77 15.23
N VAL C 211 -33.76 48.34 14.11
CA VAL C 211 -32.71 47.32 14.17
C VAL C 211 -31.51 47.85 14.95
N LEU C 212 -31.07 49.06 14.64
CA LEU C 212 -29.95 49.65 15.38
C LEU C 212 -30.28 49.77 16.86
N GLU C 213 -31.49 50.21 17.19
CA GLU C 213 -31.86 50.40 18.58
C GLU C 213 -31.94 49.07 19.29
N ASP C 214 -32.45 48.03 18.61
CA ASP C 214 -32.49 46.71 19.23
C ASP C 214 -31.11 46.17 19.52
N ASN C 215 -30.11 46.60 18.76
CA ASN C 215 -28.74 46.18 18.99
C ASN C 215 -27.96 47.15 19.87
N LYS C 216 -28.65 48.09 20.52
CA LYS C 216 -28.01 49.05 21.44
C LYS C 216 -26.87 49.79 20.74
N LEU C 217 -27.11 50.13 19.47
CA LEU C 217 -26.16 50.89 18.69
C LEU C 217 -26.71 52.29 18.40
N PRO C 218 -25.84 53.29 18.30
CA PRO C 218 -26.33 54.65 17.99
C PRO C 218 -27.02 54.71 16.63
N GLY C 219 -28.26 55.20 16.64
CA GLY C 219 -29.04 55.26 15.42
C GLY C 219 -28.44 56.15 14.35
N ALA C 220 -27.61 57.12 14.73
CA ALA C 220 -27.01 58.03 13.75
C ALA C 220 -26.06 57.32 12.81
N ILE C 221 -25.76 56.05 13.04
CA ILE C 221 -25.02 55.24 12.07
C ILE C 221 -25.75 55.24 10.73
N CYS C 222 -27.08 55.31 10.75
CA CYS C 222 -27.89 55.45 9.54
C CYS C 222 -28.75 56.67 9.76
N SER C 223 -28.13 57.82 9.61
CA SER C 223 -28.79 59.09 9.81
C SER C 223 -29.59 59.48 8.57
N LEU C 224 -30.60 60.29 8.79
CA LEU C 224 -31.46 60.80 7.73
C LEU C 224 -31.63 62.30 7.93
N THR C 225 -31.37 63.08 6.89
CA THR C 225 -31.73 64.50 6.88
C THR C 225 -32.49 64.75 5.57
N CYS C 226 -33.82 64.72 5.64
CA CYS C 226 -34.64 65.05 4.48
C CYS C 226 -34.46 66.52 4.07
N GLY C 227 -34.36 66.73 2.77
CA GLY C 227 -34.20 68.07 2.23
C GLY C 227 -33.96 68.01 0.73
N GLY C 228 -33.84 69.21 0.15
CA GLY C 228 -33.64 69.38 -1.28
C GLY C 228 -32.22 69.80 -1.62
N ALA C 229 -32.07 70.72 -2.57
CA ALA C 229 -30.73 71.12 -2.96
C ALA C 229 -29.95 71.72 -1.79
N ASP C 230 -30.63 72.42 -0.88
CA ASP C 230 -29.93 73.12 0.20
C ASP C 230 -29.13 72.14 1.06
N ILE C 231 -29.74 71.04 1.48
CA ILE C 231 -29.03 70.04 2.27
C ILE C 231 -28.05 69.27 1.38
N GLY C 232 -28.45 68.94 0.15
CA GLY C 232 -27.55 68.27 -0.76
C GLY C 232 -26.28 69.06 -1.01
N THR C 233 -26.42 70.36 -1.19
CA THR C 233 -25.22 71.17 -1.40
C THR C 233 -24.33 71.18 -0.17
N ALA C 234 -24.93 71.32 1.02
CA ALA C 234 -24.14 71.31 2.24
C ALA C 234 -23.30 70.04 2.33
N MET C 235 -23.89 68.89 2.02
CA MET C 235 -23.14 67.64 2.04
C MET C 235 -21.98 67.69 1.06
N ALA C 236 -22.20 68.30 -0.11
CA ALA C 236 -21.15 68.35 -1.13
C ALA C 236 -20.00 69.26 -0.69
N LYS C 237 -20.29 70.27 0.13
CA LYS C 237 -19.28 71.21 0.62
C LYS C 237 -18.70 70.83 1.98
N ASP C 238 -19.26 69.82 2.65
CA ASP C 238 -18.94 69.52 4.04
C ASP C 238 -17.69 68.65 4.11
N GLU C 239 -16.59 69.19 4.62
CA GLU C 239 -15.39 68.39 4.83
C GLU C 239 -15.65 67.21 5.75
N ARG C 240 -16.69 67.28 6.59
CA ARG C 240 -16.96 66.14 7.46
C ARG C 240 -17.55 64.97 6.70
N VAL C 241 -18.07 65.17 5.49
CA VAL C 241 -18.59 64.06 4.71
C VAL C 241 -17.45 63.48 3.88
N ASN C 242 -16.92 62.34 4.34
CA ASN C 242 -15.71 61.80 3.74
C ASN C 242 -15.96 61.28 2.33
N LEU C 243 -17.09 60.61 2.12
CA LEU C 243 -17.51 60.15 0.79
C LEU C 243 -18.95 60.59 0.56
N LEU C 244 -19.20 61.22 -0.58
CA LEU C 244 -20.54 61.58 -1.00
C LEU C 244 -20.92 60.70 -2.18
N SER C 245 -21.82 59.76 -1.95
CA SER C 245 -22.39 59.00 -3.05
C SER C 245 -23.60 59.78 -3.56
N PHE C 246 -23.55 60.19 -4.82
CA PHE C 246 -24.63 60.97 -5.40
C PHE C 246 -25.22 60.20 -6.57
N THR C 247 -26.53 60.01 -6.55
CA THR C 247 -27.29 59.43 -7.65
C THR C 247 -28.32 60.45 -8.11
N GLY C 248 -28.23 60.84 -9.37
CA GLY C 248 -29.12 61.88 -9.86
C GLY C 248 -28.72 62.34 -11.25
N SER C 249 -29.21 63.51 -11.62
CA SER C 249 -28.99 64.02 -12.97
C SER C 249 -27.52 64.33 -13.16
N THR C 250 -27.09 64.26 -14.43
CA THR C 250 -25.74 64.68 -14.78
C THR C 250 -25.55 66.14 -14.44
N GLN C 251 -26.57 66.95 -14.73
CA GLN C 251 -26.45 68.38 -14.45
C GLN C 251 -26.13 68.61 -12.99
N VAL C 252 -26.94 68.04 -12.09
CA VAL C 252 -26.67 68.22 -10.68
C VAL C 252 -25.39 67.50 -10.26
N GLY C 253 -25.20 66.26 -10.75
CA GLY C 253 -24.05 65.47 -10.35
C GLY C 253 -22.71 66.13 -10.67
N LYS C 254 -22.64 66.83 -11.80
CA LYS C 254 -21.42 67.54 -12.17
C LYS C 254 -21.07 68.60 -11.13
N GLN C 255 -22.07 69.35 -10.66
CA GLN C 255 -21.81 70.38 -9.65
C GLN C 255 -21.41 69.78 -8.30
N VAL C 256 -22.02 68.65 -7.93
CA VAL C 256 -21.61 67.92 -6.72
C VAL C 256 -20.17 67.45 -6.84
N GLY C 257 -19.82 66.91 -8.01
CA GLY C 257 -18.46 66.43 -8.22
C GLY C 257 -17.41 67.53 -8.10
N LEU C 258 -17.75 68.74 -8.58
CA LEU C 258 -16.83 69.85 -8.48
C LEU C 258 -16.68 70.31 -7.03
N MET C 259 -17.79 70.41 -6.30
CA MET C 259 -17.72 70.83 -4.91
C MET C 259 -16.93 69.83 -4.08
N VAL C 260 -17.13 68.53 -4.31
CA VAL C 260 -16.38 67.52 -3.59
C VAL C 260 -14.91 67.58 -3.98
N GLN C 261 -14.62 67.77 -5.27
CA GLN C 261 -13.23 67.88 -5.70
C GLN C 261 -12.56 69.12 -5.11
N GLU C 262 -13.30 70.23 -5.07
CA GLU C 262 -12.76 71.49 -4.53
C GLU C 262 -12.21 71.32 -3.11
N ARG C 263 -12.87 70.49 -2.30
CA ARG C 263 -12.43 70.28 -0.92
C ARG C 263 -11.67 68.98 -0.74
N PHE C 264 -11.28 68.31 -1.83
CA PHE C 264 -10.53 67.07 -1.76
C PHE C 264 -11.27 65.98 -0.98
N GLY C 265 -12.59 65.92 -1.16
CA GLY C 265 -13.37 64.80 -0.68
C GLY C 265 -13.38 63.66 -1.68
N ARG C 266 -14.16 62.62 -1.36
CA ARG C 266 -14.40 61.53 -2.30
C ARG C 266 -15.84 61.62 -2.82
N SER C 267 -16.00 61.38 -4.12
CA SER C 267 -17.32 61.32 -4.69
C SER C 267 -17.51 60.00 -5.40
N LEU C 268 -18.77 59.53 -5.39
CA LEU C 268 -19.22 58.35 -6.12
C LEU C 268 -20.42 58.84 -6.89
N LEU C 269 -20.26 59.02 -8.20
CA LEU C 269 -21.25 59.67 -9.04
C LEU C 269 -21.93 58.63 -9.92
N GLU C 270 -23.26 58.61 -9.88
CA GLU C 270 -24.12 57.71 -10.63
C GLU C 270 -25.12 58.62 -11.33
N LEU C 271 -24.80 59.02 -12.56
CA LEU C 271 -25.52 60.08 -13.21
C LEU C 271 -26.35 59.49 -14.34
N GLY C 272 -26.60 60.27 -15.39
CA GLY C 272 -27.58 59.93 -16.39
C GLY C 272 -27.13 58.89 -17.41
N GLY C 273 -28.14 58.35 -18.10
CA GLY C 273 -27.91 57.36 -19.13
C GLY C 273 -28.63 57.76 -20.40
N ASN C 274 -28.18 57.16 -21.50
CA ASN C 274 -28.82 57.34 -22.79
C ASN C 274 -28.67 56.01 -23.53
N ASN C 275 -29.29 54.97 -22.99
CA ASN C 275 -28.84 53.61 -23.23
C ASN C 275 -29.38 53.05 -24.54
N ALA C 276 -28.50 52.41 -25.31
CA ALA C 276 -28.84 51.91 -26.64
C ALA C 276 -28.97 50.40 -26.65
N ILE C 277 -29.93 49.93 -27.43
CA ILE C 277 -30.04 48.53 -27.83
C ILE C 277 -29.72 48.47 -29.33
N ILE C 278 -28.86 47.53 -29.73
CA ILE C 278 -28.49 47.35 -31.13
C ILE C 278 -29.00 45.99 -31.55
N ALA C 279 -29.87 45.95 -32.55
CA ALA C 279 -30.35 44.68 -33.06
C ALA C 279 -29.70 44.44 -34.43
N PHE C 280 -28.86 43.41 -34.51
CA PHE C 280 -28.20 43.02 -35.75
C PHE C 280 -29.11 42.10 -36.58
N GLU C 281 -28.71 41.91 -37.83
CA GLU C 281 -29.56 41.18 -38.76
C GLU C 281 -29.81 39.75 -38.29
N ASP C 282 -28.85 39.14 -37.59
CA ASP C 282 -29.00 37.77 -37.12
C ASP C 282 -29.67 37.67 -35.76
N ALA C 283 -30.16 38.77 -35.19
CA ALA C 283 -30.74 38.69 -33.88
C ALA C 283 -32.03 37.86 -33.91
N ASP C 284 -32.32 37.20 -32.78
CA ASP C 284 -33.59 36.53 -32.54
C ASP C 284 -34.66 37.57 -32.30
N LEU C 285 -35.51 37.80 -33.31
CA LEU C 285 -36.52 38.87 -33.18
C LEU C 285 -37.52 38.59 -32.06
N SER C 286 -37.76 37.32 -31.74
CA SER C 286 -38.65 36.96 -30.62
C SER C 286 -38.04 37.30 -29.26
N LEU C 287 -36.74 37.58 -29.21
CA LEU C 287 -36.08 38.12 -28.04
C LEU C 287 -35.96 39.64 -28.11
N VAL C 288 -35.72 40.18 -29.30
CA VAL C 288 -35.49 41.61 -29.46
C VAL C 288 -36.72 42.40 -29.07
N VAL C 289 -37.89 42.00 -29.58
CA VAL C 289 -39.08 42.81 -29.43
C VAL C 289 -39.47 42.92 -27.95
N PRO C 290 -39.73 41.82 -27.24
CA PRO C 290 -40.08 41.97 -25.80
C PRO C 290 -38.96 42.61 -25.00
N SER C 291 -37.70 42.25 -25.25
CA SER C 291 -36.59 42.87 -24.51
C SER C 291 -36.63 44.39 -24.69
N ALA C 292 -36.77 44.84 -25.92
CA ALA C 292 -36.80 46.28 -26.18
C ALA C 292 -38.04 46.90 -25.57
N LEU C 293 -39.19 46.25 -25.73
CA LEU C 293 -40.41 46.81 -25.14
C LEU C 293 -40.27 47.01 -23.65
N PHE C 294 -39.90 45.95 -22.93
CA PHE C 294 -39.85 46.05 -21.47
C PHE C 294 -38.75 47.00 -21.02
N ALA C 295 -37.63 47.03 -21.73
CA ALA C 295 -36.57 47.96 -21.36
C ALA C 295 -36.92 49.40 -21.72
N ALA C 296 -37.74 49.62 -22.75
CA ALA C 296 -38.00 50.99 -23.14
C ALA C 296 -39.11 51.63 -22.31
N VAL C 297 -40.19 50.89 -22.03
CA VAL C 297 -41.34 51.51 -21.36
C VAL C 297 -41.41 51.17 -19.89
N GLY C 298 -40.62 50.23 -19.40
CA GLY C 298 -40.60 49.87 -17.99
C GLY C 298 -40.39 51.04 -17.06
N THR C 299 -41.10 51.05 -15.92
CA THR C 299 -40.99 52.15 -14.97
C THR C 299 -41.31 53.46 -15.65
N ALA C 300 -42.23 53.38 -16.63
CA ALA C 300 -42.60 54.50 -17.50
C ALA C 300 -41.35 55.19 -18.06
N GLY C 301 -40.34 54.40 -18.38
CA GLY C 301 -39.12 54.96 -18.96
C GLY C 301 -38.29 55.79 -18.02
N GLN C 302 -38.42 55.56 -16.70
CA GLN C 302 -37.71 56.35 -15.70
C GLN C 302 -36.68 55.51 -14.94
N ARG C 303 -36.05 54.56 -15.62
CA ARG C 303 -34.87 53.96 -15.05
C ARG C 303 -33.66 54.64 -15.65
N CYS C 304 -32.60 54.79 -14.86
CA CYS C 304 -31.34 55.28 -15.42
C CYS C 304 -30.89 54.41 -16.58
N THR C 305 -31.20 53.11 -16.55
CA THR C 305 -30.83 52.15 -17.58
C THR C 305 -31.91 51.95 -18.64
N THR C 306 -32.92 52.82 -18.69
CA THR C 306 -34.00 52.69 -19.67
C THR C 306 -33.43 52.65 -21.09
N ALA C 307 -34.03 51.84 -21.96
CA ALA C 307 -33.67 51.89 -23.36
C ALA C 307 -34.23 53.16 -23.97
N ARG C 308 -33.36 54.08 -24.36
CA ARG C 308 -33.82 55.30 -24.99
C ARG C 308 -33.42 55.40 -26.47
N ARG C 309 -32.49 54.56 -26.95
CA ARG C 309 -32.11 54.51 -28.36
C ARG C 309 -32.11 53.07 -28.83
N LEU C 310 -32.81 52.78 -29.93
CA LEU C 310 -32.87 51.44 -30.49
C LEU C 310 -32.32 51.45 -31.90
N PHE C 311 -31.15 50.84 -32.09
CA PHE C 311 -30.55 50.70 -33.42
C PHE C 311 -30.87 49.32 -33.99
N ILE C 312 -31.45 49.30 -35.19
CA ILE C 312 -31.84 48.08 -35.87
C ILE C 312 -31.18 48.03 -37.24
N HIS C 313 -30.65 46.87 -37.62
CA HIS C 313 -30.12 46.71 -38.96
C HIS C 313 -31.21 46.99 -40.00
N GLU C 314 -30.82 47.61 -41.12
CA GLU C 314 -31.80 48.02 -42.14
C GLU C 314 -32.72 46.89 -42.57
N SER C 315 -32.17 45.67 -42.69
CA SER C 315 -32.91 44.54 -43.24
C SER C 315 -34.12 44.16 -42.39
N ILE C 316 -34.09 44.45 -41.09
CA ILE C 316 -35.15 44.07 -40.17
C ILE C 316 -35.79 45.27 -39.48
N HIS C 317 -35.41 46.49 -39.87
CA HIS C 317 -35.84 47.69 -39.15
C HIS C 317 -37.37 47.83 -39.16
N ASP C 318 -37.98 47.73 -40.34
CA ASP C 318 -39.43 47.95 -40.45
C ASP C 318 -40.21 46.87 -39.70
N GLU C 319 -39.77 45.61 -39.79
CA GLU C 319 -40.48 44.52 -39.12
C GLU C 319 -40.42 44.67 -37.60
N VAL C 320 -39.25 45.04 -37.06
CA VAL C 320 -39.12 45.21 -35.62
C VAL C 320 -39.99 46.38 -35.15
N VAL C 321 -40.02 47.47 -35.92
CA VAL C 321 -40.86 48.61 -35.55
C VAL C 321 -42.33 48.22 -35.54
N ASN C 322 -42.76 47.49 -36.57
CA ASN C 322 -44.15 47.04 -36.64
C ASN C 322 -44.48 46.14 -35.46
N ARG C 323 -43.60 45.21 -35.13
CA ARG C 323 -43.86 44.32 -34.00
C ARG C 323 -43.82 45.08 -32.69
N LEU C 324 -42.96 46.08 -32.58
CA LEU C 324 -42.97 46.91 -31.36
C LEU C 324 -44.28 47.68 -31.28
N LYS C 325 -44.77 48.21 -32.40
CA LYS C 325 -46.06 48.89 -32.45
C LYS C 325 -47.18 47.97 -31.99
N LYS C 326 -47.25 46.75 -32.56
CA LYS C 326 -48.29 45.80 -32.16
C LYS C 326 -48.20 45.46 -30.68
N ALA C 327 -47.00 45.51 -30.11
CA ALA C 327 -46.84 45.20 -28.70
C ALA C 327 -47.12 46.40 -27.80
N TYR C 328 -46.67 47.60 -28.19
CA TYR C 328 -46.94 48.79 -27.38
C TYR C 328 -48.43 48.96 -27.15
N ALA C 329 -49.25 48.66 -28.15
CA ALA C 329 -50.69 48.84 -28.01
C ALA C 329 -51.26 47.98 -26.89
N GLN C 330 -50.59 46.90 -26.49
CA GLN C 330 -51.09 46.02 -25.46
C GLN C 330 -50.57 46.36 -24.07
N ILE C 331 -49.80 47.45 -23.93
CA ILE C 331 -49.30 47.82 -22.62
C ILE C 331 -50.48 48.21 -21.74
N ARG C 332 -50.62 47.56 -20.60
CA ARG C 332 -51.77 47.78 -19.74
C ARG C 332 -51.50 48.93 -18.78
N VAL C 333 -52.30 49.98 -18.89
CA VAL C 333 -52.11 51.19 -18.12
C VAL C 333 -53.07 51.20 -16.93
N GLY C 334 -52.61 51.70 -15.79
CA GLY C 334 -53.49 51.83 -14.65
C GLY C 334 -52.74 52.37 -13.45
N ASN C 335 -53.42 52.38 -12.31
CA ASN C 335 -52.77 52.77 -11.07
C ASN C 335 -51.65 51.80 -10.79
N PRO C 336 -50.47 52.27 -10.41
CA PRO C 336 -49.32 51.37 -10.33
C PRO C 336 -49.49 50.27 -9.28
N TRP C 337 -50.41 50.41 -8.32
CA TRP C 337 -50.68 49.36 -7.35
C TRP C 337 -51.82 48.43 -7.79
N ASP C 338 -52.49 48.72 -8.92
CA ASP C 338 -53.61 47.88 -9.37
C ASP C 338 -53.08 46.59 -10.00
N PRO C 339 -53.75 45.47 -9.77
CA PRO C 339 -53.22 44.18 -10.22
C PRO C 339 -53.07 44.17 -11.73
N ASN C 340 -52.00 43.51 -12.20
CA ASN C 340 -51.69 43.30 -13.61
C ASN C 340 -51.29 44.56 -14.36
N VAL C 341 -51.20 45.72 -13.71
CA VAL C 341 -50.83 46.93 -14.42
C VAL C 341 -49.34 46.84 -14.80
N LEU C 342 -49.02 47.24 -16.03
CA LEU C 342 -47.63 47.24 -16.45
C LEU C 342 -47.03 48.64 -16.53
N TYR C 343 -47.86 49.68 -16.60
CA TYR C 343 -47.41 51.02 -16.92
C TYR C 343 -48.14 52.01 -16.02
N GLY C 344 -47.39 52.79 -15.24
CA GLY C 344 -47.94 53.84 -14.41
C GLY C 344 -47.58 55.24 -14.89
N PRO C 345 -47.76 56.23 -14.03
CA PRO C 345 -47.51 57.63 -14.44
C PRO C 345 -46.04 58.03 -14.31
N LEU C 346 -45.71 59.12 -14.98
CA LEU C 346 -44.46 59.80 -14.71
C LEU C 346 -44.49 60.33 -13.29
N HIS C 347 -43.30 60.56 -12.74
CA HIS C 347 -43.18 60.88 -11.31
C HIS C 347 -43.75 62.26 -10.98
N THR C 348 -43.59 63.23 -11.88
CA THR C 348 -44.06 64.58 -11.63
C THR C 348 -44.73 65.09 -12.88
N LYS C 349 -45.50 66.18 -12.73
CA LYS C 349 -46.03 66.83 -13.92
C LYS C 349 -44.91 67.50 -14.72
N GLN C 350 -43.87 67.97 -14.04
CA GLN C 350 -42.75 68.59 -14.75
C GLN C 350 -42.15 67.61 -15.74
N ALA C 351 -42.04 66.33 -15.36
CA ALA C 351 -41.56 65.29 -16.27
C ALA C 351 -42.43 65.19 -17.51
N VAL C 352 -43.76 65.27 -17.36
CA VAL C 352 -44.64 65.27 -18.53
C VAL C 352 -44.30 66.44 -19.46
N SER C 353 -44.04 67.62 -18.91
CA SER C 353 -43.66 68.74 -19.78
C SER C 353 -42.38 68.45 -20.55
N MET C 354 -41.40 67.81 -19.91
CA MET C 354 -40.18 67.47 -20.63
C MET C 354 -40.46 66.45 -21.72
N PHE C 355 -41.33 65.47 -21.44
CA PHE C 355 -41.76 64.48 -22.43
C PHE C 355 -42.33 65.14 -23.68
N LEU C 356 -43.37 65.97 -23.49
CA LEU C 356 -44.01 66.63 -24.62
C LEU C 356 -43.02 67.52 -25.36
N GLY C 357 -42.17 68.24 -24.61
CA GLY C 357 -41.14 69.03 -25.24
C GLY C 357 -40.22 68.19 -26.11
N ALA C 358 -39.83 67.01 -25.61
CA ALA C 358 -38.95 66.13 -26.38
C ALA C 358 -39.65 65.61 -27.62
N VAL C 359 -40.90 65.17 -27.48
CA VAL C 359 -41.66 64.68 -28.63
C VAL C 359 -41.78 65.77 -29.68
N GLU C 360 -42.20 66.97 -29.25
CA GLU C 360 -42.31 68.08 -30.18
C GLU C 360 -40.96 68.41 -30.80
N GLU C 361 -39.89 68.38 -29.99
CA GLU C 361 -38.57 68.65 -30.55
C GLU C 361 -38.17 67.61 -31.58
N ALA C 362 -38.45 66.35 -31.31
CA ALA C 362 -38.09 65.30 -32.27
C ALA C 362 -38.86 65.46 -33.57
N LYS C 363 -40.16 65.77 -33.50
CA LYS C 363 -40.90 66.01 -34.73
C LYS C 363 -40.30 67.17 -35.50
N LYS C 364 -39.94 68.24 -34.80
CA LYS C 364 -39.34 69.40 -35.46
C LYS C 364 -37.99 69.05 -36.07
N GLU C 365 -37.24 68.12 -35.47
CA GLU C 365 -35.96 67.69 -36.01
C GLU C 365 -36.12 66.64 -37.09
N GLY C 366 -37.35 66.32 -37.49
CA GLY C 366 -37.60 65.42 -38.60
C GLY C 366 -38.06 64.03 -38.24
N GLY C 367 -38.27 63.72 -36.95
CA GLY C 367 -38.70 62.39 -36.57
C GLY C 367 -40.20 62.19 -36.77
N THR C 368 -40.62 60.93 -36.86
CA THR C 368 -42.04 60.60 -36.97
C THR C 368 -42.47 59.81 -35.74
N VAL C 369 -43.55 60.25 -35.12
CA VAL C 369 -44.15 59.52 -34.01
C VAL C 369 -44.97 58.38 -34.61
N VAL C 370 -44.45 57.15 -34.51
CA VAL C 370 -45.19 55.99 -35.02
C VAL C 370 -46.02 55.35 -33.94
N TYR C 371 -45.82 55.73 -32.67
CA TYR C 371 -46.69 55.32 -31.59
C TYR C 371 -46.56 56.33 -30.46
N GLY C 372 -47.68 56.68 -29.85
CA GLY C 372 -47.70 57.50 -28.66
C GLY C 372 -47.46 58.97 -28.88
N GLY C 373 -46.69 59.58 -27.99
CA GLY C 373 -46.38 60.98 -28.09
C GLY C 373 -47.39 61.91 -27.48
N LYS C 374 -48.42 61.37 -26.82
CA LYS C 374 -49.51 62.16 -26.28
C LYS C 374 -49.69 61.87 -24.79
N VAL C 375 -50.30 62.83 -24.10
CA VAL C 375 -50.80 62.61 -22.76
C VAL C 375 -52.02 61.71 -22.80
N MET C 376 -52.19 60.94 -21.74
CA MET C 376 -53.42 60.20 -21.51
C MET C 376 -54.39 61.07 -20.72
N ASP C 377 -55.65 61.06 -21.15
CA ASP C 377 -56.71 61.87 -20.54
C ASP C 377 -57.25 61.12 -19.31
N ARG C 378 -56.51 61.24 -18.20
CA ARG C 378 -56.85 60.56 -16.96
C ARG C 378 -56.11 61.25 -15.82
N PRO C 379 -56.53 61.01 -14.57
CA PRO C 379 -55.80 61.59 -13.43
C PRO C 379 -54.36 61.10 -13.40
N GLY C 380 -53.50 61.91 -12.80
CA GLY C 380 -52.09 61.56 -12.68
C GLY C 380 -51.24 62.09 -13.81
N ASN C 381 -49.99 61.62 -13.81
CA ASN C 381 -48.99 62.11 -14.75
C ASN C 381 -48.75 61.09 -15.87
N TYR C 382 -49.83 60.71 -16.56
CA TYR C 382 -49.77 59.65 -17.55
C TYR C 382 -49.51 60.17 -18.96
N VAL C 383 -48.48 59.62 -19.59
CA VAL C 383 -48.18 59.87 -20.99
C VAL C 383 -48.11 58.52 -21.71
N GLU C 384 -48.31 58.58 -23.01
CA GLU C 384 -48.24 57.37 -23.82
C GLU C 384 -46.78 56.96 -24.05
N PRO C 385 -46.45 55.67 -23.91
CA PRO C 385 -45.12 55.21 -24.30
C PRO C 385 -44.92 55.39 -25.81
N THR C 386 -43.75 55.90 -26.19
CA THR C 386 -43.60 56.52 -27.49
C THR C 386 -42.42 55.95 -28.27
N ILE C 387 -42.62 55.73 -29.57
CA ILE C 387 -41.58 55.25 -30.49
C ILE C 387 -41.39 56.29 -31.58
N VAL C 388 -40.15 56.71 -31.79
CA VAL C 388 -39.83 57.75 -32.78
C VAL C 388 -38.86 57.17 -33.80
N THR C 389 -39.25 57.20 -35.06
CA THR C 389 -38.40 56.78 -36.17
C THR C 389 -38.04 57.98 -37.04
N GLY C 390 -37.04 57.75 -37.90
CA GLY C 390 -36.64 58.73 -38.88
C GLY C 390 -35.65 59.77 -38.41
N LEU C 391 -35.38 59.89 -37.10
CA LEU C 391 -34.34 60.81 -36.66
C LEU C 391 -32.97 60.28 -37.02
N GLY C 392 -32.07 61.18 -37.39
CA GLY C 392 -30.67 60.82 -37.50
C GLY C 392 -30.08 60.55 -36.13
N HIS C 393 -29.17 59.59 -36.07
CA HIS C 393 -28.59 59.19 -34.78
C HIS C 393 -27.92 60.36 -34.08
N ASP C 394 -27.52 61.39 -34.81
CA ASP C 394 -26.88 62.55 -34.23
C ASP C 394 -27.85 63.66 -33.87
N ALA C 395 -29.15 63.41 -33.96
CA ALA C 395 -30.12 64.42 -33.59
C ALA C 395 -29.91 64.85 -32.14
N SER C 396 -29.99 66.15 -31.90
CA SER C 396 -29.66 66.67 -30.56
C SER C 396 -30.57 66.08 -29.50
N ILE C 397 -31.88 65.94 -29.79
CA ILE C 397 -32.82 65.42 -28.80
C ILE C 397 -32.57 63.94 -28.56
N ALA C 398 -32.07 63.23 -29.57
CA ALA C 398 -31.70 61.84 -29.35
C ALA C 398 -30.47 61.74 -28.45
N HIS C 399 -29.59 62.73 -28.50
CA HIS C 399 -28.41 62.73 -27.64
C HIS C 399 -28.68 63.22 -26.21
N THR C 400 -29.85 63.78 -25.92
CA THR C 400 -30.19 64.23 -24.58
C THR C 400 -30.99 63.17 -23.85
N GLU C 401 -30.77 63.06 -22.53
CA GLU C 401 -31.57 62.17 -21.70
C GLU C 401 -32.84 62.88 -21.27
N THR C 402 -33.97 62.47 -21.85
CA THR C 402 -35.29 62.91 -21.41
C THR C 402 -35.90 61.74 -20.63
N PHE C 403 -36.09 61.93 -19.32
CA PHE C 403 -36.47 60.84 -18.43
C PHE C 403 -37.93 60.43 -18.58
N ALA C 404 -38.26 59.84 -19.73
CA ALA C 404 -39.62 59.52 -20.10
C ALA C 404 -39.60 58.40 -21.12
N PRO C 405 -40.71 57.71 -21.34
CA PRO C 405 -40.67 56.55 -22.27
C PRO C 405 -40.71 56.97 -23.74
N ILE C 406 -39.58 57.44 -24.25
CA ILE C 406 -39.45 57.80 -25.66
C ILE C 406 -38.32 56.96 -26.23
N LEU C 407 -38.65 56.10 -27.17
CA LEU C 407 -37.68 55.22 -27.80
C LEU C 407 -37.41 55.73 -29.21
N TYR C 408 -36.18 56.19 -29.44
CA TYR C 408 -35.77 56.68 -30.74
C TYR C 408 -35.16 55.52 -31.54
N VAL C 409 -35.69 55.29 -32.73
CA VAL C 409 -35.32 54.15 -33.56
C VAL C 409 -34.50 54.67 -34.73
N PHE C 410 -33.35 54.02 -34.98
CA PHE C 410 -32.43 54.39 -36.04
C PHE C 410 -32.06 53.17 -36.87
N LYS C 411 -31.81 53.39 -38.15
CA LYS C 411 -31.26 52.37 -39.03
C LYS C 411 -29.74 52.38 -39.01
N PHE C 412 -29.15 51.21 -39.25
CA PHE C 412 -27.72 51.13 -39.45
C PHE C 412 -27.44 50.00 -40.41
N LYS C 413 -26.22 49.99 -40.93
CA LYS C 413 -25.75 48.96 -41.84
C LYS C 413 -24.61 48.14 -41.24
N ASN C 414 -23.60 48.80 -40.70
CA ASN C 414 -22.38 48.12 -40.30
C ASN C 414 -22.13 48.16 -38.79
N GLU C 415 -21.34 47.20 -38.36
CA GLU C 415 -21.04 47.03 -36.94
C GLU C 415 -20.22 48.18 -36.39
N GLU C 416 -19.18 48.60 -37.13
CA GLU C 416 -18.26 49.60 -36.61
C GLU C 416 -18.98 50.93 -36.42
N GLU C 417 -19.80 51.33 -37.40
CA GLU C 417 -20.47 52.62 -37.30
C GLU C 417 -21.50 52.61 -36.17
N VAL C 418 -22.17 51.48 -35.95
CA VAL C 418 -23.18 51.49 -34.91
C VAL C 418 -22.54 51.40 -33.54
N PHE C 419 -21.38 50.74 -33.41
CA PHE C 419 -20.63 50.84 -32.16
C PHE C 419 -20.19 52.28 -31.93
N ALA C 420 -19.76 52.96 -32.99
CA ALA C 420 -19.42 54.38 -32.87
C ALA C 420 -20.62 55.18 -32.41
N TRP C 421 -21.80 54.82 -32.93
CA TRP C 421 -23.02 55.53 -32.57
C TRP C 421 -23.44 55.26 -31.13
N ASN C 422 -23.22 54.04 -30.64
CA ASN C 422 -23.45 53.82 -29.22
C ASN C 422 -22.58 54.75 -28.40
N ASN C 423 -21.32 54.91 -28.82
CA ASN C 423 -20.32 55.60 -28.02
C ASN C 423 -20.32 57.12 -28.23
N GLU C 424 -20.99 57.63 -29.26
CA GLU C 424 -20.87 59.04 -29.61
C GLU C 424 -21.54 59.98 -28.60
N VAL C 425 -22.45 59.49 -27.75
CA VAL C 425 -23.12 60.36 -26.78
C VAL C 425 -22.24 60.62 -25.57
N LYS C 426 -22.66 61.54 -24.70
CA LYS C 426 -21.91 61.83 -23.49
C LYS C 426 -22.22 60.87 -22.34
N GLN C 427 -23.36 60.21 -22.33
CA GLN C 427 -23.65 59.28 -21.26
C GLN C 427 -22.89 57.96 -21.49
N GLY C 428 -22.69 57.22 -20.40
CA GLY C 428 -21.96 55.97 -20.53
C GLY C 428 -22.38 54.90 -19.56
N LEU C 429 -23.68 54.71 -19.40
CA LEU C 429 -24.18 53.77 -18.40
C LEU C 429 -24.33 52.37 -19.00
N SER C 430 -25.41 52.14 -19.74
CA SER C 430 -25.75 50.81 -20.21
C SER C 430 -25.78 50.73 -21.74
N SER C 431 -25.63 49.51 -22.26
CA SER C 431 -25.57 49.24 -23.68
C SER C 431 -25.92 47.78 -23.94
N SER C 432 -26.59 47.50 -25.05
CA SER C 432 -26.91 46.11 -25.40
C SER C 432 -26.76 45.88 -26.89
N ILE C 433 -26.24 44.71 -27.24
CA ILE C 433 -26.38 44.22 -28.60
C ILE C 433 -27.13 42.90 -28.58
N PHE C 434 -27.92 42.69 -29.63
CA PHE C 434 -28.64 41.45 -29.85
C PHE C 434 -28.11 40.87 -31.15
N THR C 435 -27.52 39.68 -31.06
CA THR C 435 -26.85 39.04 -32.19
C THR C 435 -26.47 37.62 -31.78
N LYS C 436 -26.19 36.79 -32.78
CA LYS C 436 -25.67 35.45 -32.55
C LYS C 436 -24.20 35.34 -32.92
N ASP C 437 -23.61 36.40 -33.47
CA ASP C 437 -22.27 36.35 -34.05
C ASP C 437 -21.21 36.40 -32.94
N LEU C 438 -20.42 35.33 -32.83
CA LEU C 438 -19.46 35.21 -31.74
C LEU C 438 -18.39 36.29 -31.78
N GLY C 439 -17.83 36.54 -32.96
CA GLY C 439 -16.78 37.54 -33.08
C GLY C 439 -17.27 38.95 -32.84
N ARG C 440 -18.50 39.22 -33.27
CA ARG C 440 -19.10 40.50 -32.97
C ARG C 440 -19.29 40.67 -31.47
N ILE C 441 -19.72 39.60 -30.80
CA ILE C 441 -19.97 39.66 -29.36
C ILE C 441 -18.69 40.05 -28.63
N PHE C 442 -17.56 39.43 -28.98
CA PHE C 442 -16.34 39.78 -28.28
C PHE C 442 -15.76 41.12 -28.70
N CYS C 443 -16.01 41.58 -29.94
CA CYS C 443 -15.64 42.95 -30.29
C CYS C 443 -16.40 43.97 -29.43
N TRP C 444 -17.70 43.72 -29.20
CA TRP C 444 -18.52 44.56 -28.34
C TRP C 444 -17.96 44.65 -26.92
N LEU C 445 -17.45 43.55 -26.37
CA LEU C 445 -16.85 43.51 -25.03
C LEU C 445 -15.42 44.03 -24.98
N GLY C 446 -14.79 44.30 -26.13
CA GLY C 446 -13.39 44.60 -26.19
C GLY C 446 -13.08 46.09 -26.23
N PRO C 447 -11.82 46.41 -26.53
CA PRO C 447 -11.38 47.82 -26.49
C PRO C 447 -11.99 48.69 -27.59
N LYS C 448 -12.43 48.12 -28.70
CA LYS C 448 -13.14 48.86 -29.74
C LYS C 448 -14.66 48.67 -29.67
N GLY C 449 -15.17 48.18 -28.54
CA GLY C 449 -16.59 47.94 -28.40
C GLY C 449 -17.30 49.05 -27.65
N SER C 450 -18.25 48.66 -26.81
CA SER C 450 -19.04 49.63 -26.06
C SER C 450 -18.18 50.34 -25.03
N ASP C 451 -18.38 51.66 -24.88
CA ASP C 451 -17.62 52.43 -23.91
C ASP C 451 -18.35 52.59 -22.57
N CYS C 452 -19.42 51.83 -22.35
CA CYS C 452 -20.33 51.99 -21.22
C CYS C 452 -19.90 51.12 -20.04
N GLY C 453 -20.47 51.41 -18.85
CA GLY C 453 -20.22 50.58 -17.69
C GLY C 453 -20.94 49.25 -17.66
N ILE C 454 -22.06 49.12 -18.37
CA ILE C 454 -22.80 47.87 -18.49
C ILE C 454 -22.84 47.52 -19.98
N VAL C 455 -22.32 46.34 -20.33
CA VAL C 455 -22.11 45.95 -21.73
C VAL C 455 -22.78 44.60 -21.88
N ASN C 456 -23.98 44.58 -22.46
CA ASN C 456 -24.79 43.39 -22.47
C ASN C 456 -24.87 42.79 -23.87
N VAL C 457 -25.21 41.49 -23.89
CA VAL C 457 -25.35 40.69 -25.10
C VAL C 457 -26.64 39.90 -24.95
N ASN C 458 -27.59 40.13 -25.87
CA ASN C 458 -28.86 39.40 -25.91
C ASN C 458 -29.64 39.53 -24.59
N ILE C 459 -29.40 40.62 -23.87
CA ILE C 459 -30.21 41.01 -22.74
C ILE C 459 -30.26 42.54 -22.81
N PRO C 460 -31.38 43.17 -22.51
CA PRO C 460 -31.49 44.63 -22.68
C PRO C 460 -30.69 45.44 -21.69
N THR C 461 -30.91 46.78 -21.74
CA THR C 461 -30.06 47.71 -21.02
C THR C 461 -30.24 47.67 -19.50
N SER C 462 -31.34 47.09 -18.99
CA SER C 462 -31.50 47.02 -17.54
C SER C 462 -30.98 45.70 -16.95
N GLY C 463 -30.32 44.86 -17.75
CA GLY C 463 -29.75 43.65 -17.23
C GLY C 463 -28.56 43.88 -16.32
N ALA C 464 -28.79 43.77 -15.01
CA ALA C 464 -27.76 43.96 -14.01
C ALA C 464 -28.20 43.29 -12.72
N GLU C 465 -27.24 42.70 -12.02
CA GLU C 465 -27.49 42.02 -10.75
C GLU C 465 -26.46 42.48 -9.71
N ILE C 466 -26.75 42.20 -8.43
CA ILE C 466 -25.89 42.76 -7.39
C ILE C 466 -24.49 42.16 -7.43
N GLY C 467 -24.33 40.96 -7.98
CA GLY C 467 -23.03 40.31 -7.99
C GLY C 467 -21.95 41.15 -8.64
N GLY C 468 -22.30 41.98 -9.63
CA GLY C 468 -21.33 42.81 -10.31
C GLY C 468 -21.40 44.27 -9.87
N ALA C 469 -20.34 45.02 -10.18
CA ALA C 469 -20.36 46.45 -9.91
C ALA C 469 -21.27 47.14 -10.91
N PHE C 470 -22.06 48.10 -10.41
CA PHE C 470 -23.02 48.84 -11.20
C PHE C 470 -22.62 50.31 -11.30
N GLY C 471 -22.57 50.81 -12.52
CA GLY C 471 -22.26 52.21 -12.76
C GLY C 471 -21.90 52.42 -14.22
N GLY C 472 -21.68 53.70 -14.56
CA GLY C 472 -21.43 54.12 -15.92
C GLY C 472 -20.14 54.91 -16.05
N GLU C 473 -19.83 55.26 -17.30
CA GLU C 473 -18.64 56.03 -17.63
C GLU C 473 -19.03 57.39 -18.21
N LYS C 474 -18.02 58.22 -18.47
CA LYS C 474 -18.20 59.52 -19.10
C LYS C 474 -19.14 60.37 -18.23
N HIS C 475 -20.13 61.04 -18.80
CA HIS C 475 -21.04 61.87 -18.02
C HIS C 475 -21.90 61.07 -17.05
N THR C 476 -21.85 59.74 -17.06
CA THR C 476 -22.54 58.96 -16.03
C THR C 476 -21.78 58.96 -14.70
N GLY C 477 -20.52 59.42 -14.66
CA GLY C 477 -19.88 59.80 -13.42
C GLY C 477 -18.73 58.91 -12.97
N GLY C 478 -18.71 57.65 -13.37
CA GLY C 478 -17.59 56.78 -13.05
C GLY C 478 -17.69 56.00 -11.75
N GLY C 479 -18.64 56.35 -10.89
CA GLY C 479 -18.85 55.60 -9.67
C GLY C 479 -19.36 54.19 -9.94
N ARG C 480 -19.20 53.34 -8.93
CA ARG C 480 -19.68 51.96 -8.97
C ARG C 480 -20.33 51.61 -7.63
N GLU C 481 -21.36 50.77 -7.70
CA GLU C 481 -22.10 50.34 -6.54
C GLU C 481 -22.26 48.82 -6.52
N SER C 482 -22.58 48.31 -5.32
CA SER C 482 -22.94 46.93 -5.05
C SER C 482 -21.78 45.95 -5.18
N GLY C 483 -21.61 45.31 -6.34
CA GLY C 483 -20.82 44.10 -6.44
C GLY C 483 -19.35 44.30 -6.78
N SER C 484 -18.72 43.19 -7.13
CA SER C 484 -17.27 43.12 -7.35
C SER C 484 -16.56 43.81 -6.19
N ASP C 485 -15.50 44.58 -6.47
CA ASP C 485 -14.78 45.29 -5.42
C ASP C 485 -15.23 46.74 -5.31
N ALA C 486 -16.52 46.98 -5.58
CA ALA C 486 -17.10 48.30 -5.38
C ALA C 486 -16.96 48.77 -3.94
N TRP C 487 -16.87 47.83 -2.98
CA TRP C 487 -16.71 48.20 -1.58
C TRP C 487 -15.46 49.06 -1.35
N LYS C 488 -14.46 48.96 -2.22
CA LYS C 488 -13.25 49.75 -2.04
C LYS C 488 -13.49 51.25 -2.14
N GLN C 489 -14.55 51.69 -2.84
CA GLN C 489 -14.81 53.13 -2.87
C GLN C 489 -15.21 53.65 -1.49
N TYR C 490 -15.66 52.77 -0.62
CA TYR C 490 -16.15 53.09 0.71
C TYR C 490 -15.06 52.98 1.76
N MET C 491 -13.83 52.74 1.33
CA MET C 491 -12.72 52.56 2.25
C MET C 491 -11.50 53.30 1.73
N ARG C 492 -10.54 53.51 2.64
CA ARG C 492 -9.24 54.07 2.30
C ARG C 492 -8.20 52.96 2.39
N ARG C 493 -7.38 52.89 1.35
CA ARG C 493 -6.28 51.93 1.27
C ARG C 493 -5.04 52.51 1.92
N SER C 494 -4.33 51.67 2.66
CA SER C 494 -3.01 52.05 3.14
C SER C 494 -2.03 50.94 2.81
N THR C 495 -0.86 51.32 2.35
CA THR C 495 0.22 50.38 2.06
C THR C 495 1.19 50.43 3.23
N CYS C 496 1.31 49.33 3.96
CA CYS C 496 1.93 49.36 5.28
C CYS C 496 3.17 48.49 5.25
N THR C 497 4.32 49.09 5.56
CA THR C 497 5.57 48.36 5.66
C THR C 497 5.93 48.23 7.13
N ILE C 498 6.11 47.00 7.60
CA ILE C 498 6.42 46.75 9.01
C ILE C 498 7.79 46.11 9.11
N ASN C 499 8.75 46.84 9.69
CA ASN C 499 10.07 46.30 10.03
C ASN C 499 9.97 45.65 11.40
N TYR C 500 10.03 44.32 11.42
CA TYR C 500 10.05 43.57 12.66
C TYR C 500 11.44 43.06 12.98
N SER C 501 12.43 43.47 12.21
CA SER C 501 13.80 43.01 12.42
C SER C 501 14.51 43.90 13.41
N LYS C 502 15.66 43.44 13.86
CA LYS C 502 16.56 44.26 14.65
C LYS C 502 17.57 45.01 13.79
N ASP C 503 17.47 44.90 12.47
CA ASP C 503 18.45 45.50 11.57
C ASP C 503 18.37 47.02 11.65
N LEU C 504 19.52 47.66 11.60
CA LEU C 504 19.65 49.10 11.56
C LEU C 504 19.98 49.56 10.14
N PRO C 505 19.59 50.79 9.79
CA PRO C 505 19.91 51.32 8.46
C PRO C 505 21.40 51.45 8.27
N LEU C 506 21.83 51.42 7.02
CA LEU C 506 23.23 51.62 6.71
C LEU C 506 23.70 52.97 7.27
N ALA C 507 24.89 52.96 7.88
CA ALA C 507 25.39 54.16 8.54
C ALA C 507 25.84 55.23 7.56
N GLN C 508 26.24 54.83 6.35
CA GLN C 508 26.70 55.75 5.30
C GLN C 508 27.79 56.69 5.83
N GLY C 509 28.66 56.17 6.67
CA GLY C 509 29.76 56.96 7.17
C GLY C 509 29.44 57.90 8.31
N ILE C 510 28.18 58.01 8.70
CA ILE C 510 27.82 58.87 9.83
C ILE C 510 27.98 58.07 11.11
N LYS C 511 28.59 58.69 12.11
CA LYS C 511 28.83 58.04 13.40
C LYS C 511 27.64 58.30 14.31
N PHE C 512 26.80 57.28 14.46
CA PHE C 512 25.68 57.24 15.39
C PHE C 512 26.19 56.54 16.66
N GLN C 513 25.33 56.38 17.66
CA GLN C 513 25.81 55.78 18.91
C GLN C 513 25.58 54.28 18.92
N THR D 5 29.12 79.25 -20.97
CA THR D 5 29.05 78.16 -21.94
C THR D 5 28.35 76.95 -21.33
N LEU D 6 27.70 76.17 -22.17
CA LEU D 6 26.88 75.06 -21.69
C LEU D 6 27.73 73.93 -21.14
N LEU D 7 27.24 73.30 -20.08
CA LEU D 7 27.98 72.17 -19.51
C LEU D 7 28.17 71.06 -20.55
N ILE D 8 27.17 70.85 -21.41
CA ILE D 8 27.25 69.75 -22.38
C ILE D 8 28.37 69.97 -23.41
N ASN D 9 28.84 71.20 -23.59
CA ASN D 9 29.96 71.49 -24.48
C ASN D 9 31.33 71.35 -23.80
N GLN D 10 31.35 71.08 -22.50
CA GLN D 10 32.57 70.88 -21.72
C GLN D 10 32.95 69.41 -21.67
N PRO D 11 34.24 69.08 -21.84
CA PRO D 11 34.63 67.66 -21.89
C PRO D 11 34.25 66.88 -20.65
N GLN D 12 34.21 67.52 -19.49
CA GLN D 12 33.84 66.82 -18.25
C GLN D 12 32.44 66.22 -18.34
N TYR D 13 31.58 66.79 -19.20
CA TYR D 13 30.19 66.37 -19.33
C TYR D 13 29.91 65.73 -20.68
N ALA D 14 30.94 65.21 -21.33
CA ALA D 14 30.75 64.58 -22.63
C ALA D 14 29.89 63.33 -22.52
N TRP D 15 29.76 62.74 -21.33
CA TRP D 15 28.92 61.56 -21.16
C TRP D 15 27.46 61.84 -21.50
N LEU D 16 27.01 63.09 -21.42
CA LEU D 16 25.65 63.42 -21.83
C LEU D 16 25.36 62.98 -23.26
N LYS D 17 26.38 62.99 -24.13
CA LYS D 17 26.18 62.60 -25.53
C LYS D 17 25.79 61.13 -25.68
N GLU D 18 26.12 60.31 -24.68
CA GLU D 18 25.70 58.91 -24.68
C GLU D 18 24.18 58.78 -24.54
N LEU D 19 23.49 59.83 -24.09
CA LEU D 19 22.04 59.85 -23.99
C LEU D 19 21.39 60.48 -25.21
N GLY D 20 22.17 60.78 -26.24
CA GLY D 20 21.62 61.42 -27.42
C GLY D 20 21.30 62.89 -27.24
N LEU D 21 21.82 63.50 -26.17
CA LEU D 21 21.57 64.91 -25.89
C LEU D 21 22.59 65.74 -26.65
N ARG D 22 22.16 66.91 -27.11
CA ARG D 22 23.04 67.85 -27.78
C ARG D 22 22.87 69.24 -27.17
N GLU D 23 23.49 70.23 -27.80
CA GLU D 23 23.37 71.60 -27.28
C GLU D 23 21.92 72.02 -27.16
N GLU D 24 21.17 71.88 -28.25
CA GLU D 24 19.75 72.21 -28.30
C GLU D 24 18.98 70.97 -28.74
N ASN D 25 18.04 70.53 -27.92
CA ASN D 25 17.33 69.28 -28.12
C ASN D 25 15.86 69.53 -28.41
N GLU D 26 15.29 68.68 -29.26
CA GLU D 26 13.86 68.75 -29.51
C GLU D 26 13.09 68.22 -28.32
N GLY D 27 12.08 68.97 -27.88
CA GLY D 27 11.26 68.60 -26.75
C GLY D 27 9.90 68.03 -27.08
N VAL D 28 9.60 67.72 -28.34
CA VAL D 28 8.38 67.01 -28.70
C VAL D 28 8.74 65.76 -29.47
N TYR D 29 8.14 64.64 -29.08
CA TYR D 29 8.23 63.39 -29.83
C TYR D 29 6.84 62.77 -29.90
N ASN D 30 6.42 62.43 -31.12
CA ASN D 30 5.15 61.79 -31.40
C ASN D 30 5.31 60.74 -32.50
N GLY D 31 6.51 60.13 -32.58
CA GLY D 31 6.97 59.36 -33.72
C GLY D 31 8.04 60.10 -34.52
N SER D 32 7.92 61.41 -34.60
CA SER D 32 8.96 62.28 -35.08
C SER D 32 9.29 63.26 -33.96
N TRP D 33 10.48 63.84 -34.04
CA TRP D 33 10.96 64.83 -33.08
C TRP D 33 10.74 66.26 -33.59
N GLY D 34 10.35 67.14 -32.66
CA GLY D 34 10.18 68.53 -32.97
C GLY D 34 10.13 69.37 -31.71
N GLY D 35 9.52 70.55 -31.85
CA GLY D 35 9.41 71.52 -30.78
C GLY D 35 9.47 72.91 -31.36
N ARG D 36 8.31 73.56 -31.50
CA ARG D 36 8.25 74.89 -32.05
C ARG D 36 7.93 75.96 -31.02
N GLY D 37 7.77 75.58 -29.74
CA GLY D 37 7.49 76.53 -28.68
C GLY D 37 8.75 77.23 -28.18
N GLU D 38 8.64 77.81 -26.99
CA GLU D 38 9.75 78.56 -26.41
C GLU D 38 10.89 77.62 -26.08
N VAL D 39 12.12 78.08 -26.30
CA VAL D 39 13.33 77.32 -25.98
C VAL D 39 13.68 77.57 -24.51
N ILE D 40 13.79 76.49 -23.74
CA ILE D 40 14.12 76.58 -22.32
C ILE D 40 15.53 76.05 -22.09
N THR D 41 16.27 76.74 -21.22
CA THR D 41 17.59 76.30 -20.75
C THR D 41 17.45 75.76 -19.33
N THR D 42 17.93 74.55 -19.10
CA THR D 42 17.92 73.97 -17.77
C THR D 42 19.30 74.08 -17.14
N TYR D 43 19.34 74.24 -15.81
CA TYR D 43 20.57 74.56 -15.11
C TYR D 43 20.88 73.49 -14.07
N CYS D 44 22.17 73.32 -13.80
CA CYS D 44 22.63 72.40 -12.77
C CYS D 44 22.49 73.09 -11.41
N PRO D 45 21.69 72.56 -10.49
CA PRO D 45 21.52 73.23 -9.18
C PRO D 45 22.76 73.20 -8.31
N ALA D 46 23.77 72.40 -8.63
CA ALA D 46 24.99 72.33 -7.83
C ALA D 46 25.93 73.50 -8.09
N ASN D 47 25.81 74.15 -9.24
CA ASN D 47 26.65 75.29 -9.56
C ASN D 47 25.94 76.37 -10.37
N ASN D 48 24.63 76.22 -10.62
CA ASN D 48 23.85 77.18 -11.41
C ASN D 48 24.42 77.33 -12.83
N GLU D 49 25.04 76.28 -13.35
CA GLU D 49 25.54 76.40 -14.71
C GLU D 49 24.53 75.83 -15.71
N PRO D 50 24.37 76.46 -16.88
CA PRO D 50 23.46 75.90 -17.89
C PRO D 50 24.02 74.61 -18.48
N ILE D 51 23.13 73.63 -18.69
CA ILE D 51 23.54 72.34 -19.21
C ILE D 51 23.34 72.27 -20.72
N ALA D 52 22.09 72.41 -21.15
CA ALA D 52 21.72 72.38 -22.57
C ALA D 52 20.32 72.97 -22.68
N ARG D 53 19.81 73.03 -23.91
CA ARG D 53 18.51 73.63 -24.18
C ARG D 53 17.52 72.61 -24.71
N VAL D 54 16.24 72.90 -24.53
CA VAL D 54 15.15 72.06 -25.01
C VAL D 54 14.13 72.95 -25.68
N ARG D 55 13.78 72.62 -26.92
CA ARG D 55 12.71 73.33 -27.63
C ARG D 55 11.38 72.76 -27.15
N GLN D 56 10.58 73.58 -26.50
CA GLN D 56 9.34 73.07 -25.94
C GLN D 56 8.23 73.00 -26.99
N ALA D 57 7.09 72.44 -26.59
CA ALA D 57 5.96 72.24 -27.49
C ALA D 57 5.17 73.52 -27.68
N SER D 58 4.85 73.83 -28.94
CA SER D 58 3.83 74.83 -29.21
C SER D 58 2.45 74.19 -29.13
N VAL D 59 1.42 75.04 -29.26
CA VAL D 59 0.05 74.52 -29.30
C VAL D 59 -0.13 73.57 -30.48
N ALA D 60 0.34 73.98 -31.66
CA ALA D 60 0.27 73.11 -32.82
C ALA D 60 1.01 71.80 -32.57
N ASP D 61 2.18 71.87 -31.92
CA ASP D 61 2.92 70.67 -31.56
C ASP D 61 2.06 69.75 -30.70
N TYR D 62 1.43 70.32 -29.67
CA TYR D 62 0.58 69.54 -28.80
C TYR D 62 -0.58 68.94 -29.58
N GLU D 63 -1.27 69.76 -30.39
CA GLU D 63 -2.42 69.27 -31.15
C GLU D 63 -2.05 68.08 -32.02
N GLU D 64 -0.96 68.20 -32.79
CA GLU D 64 -0.53 67.10 -33.65
C GLU D 64 -0.17 65.86 -32.84
N THR D 65 0.46 66.05 -31.68
CA THR D 65 0.89 64.93 -30.88
C THR D 65 -0.32 64.16 -30.31
N VAL D 66 -1.32 64.89 -29.82
CA VAL D 66 -2.52 64.23 -29.30
C VAL D 66 -3.20 63.43 -30.42
N LYS D 67 -3.35 64.03 -31.60
CA LYS D 67 -3.97 63.32 -32.72
C LYS D 67 -3.18 62.07 -33.10
N LYS D 68 -1.86 62.19 -33.17
CA LYS D 68 -1.01 61.06 -33.50
C LYS D 68 -1.06 59.99 -32.41
N ALA D 69 -1.09 60.41 -31.15
CA ALA D 69 -1.19 59.46 -30.05
C ALA D 69 -2.50 58.67 -30.12
N ARG D 70 -3.61 59.34 -30.41
CA ARG D 70 -4.87 58.62 -30.49
C ARG D 70 -4.90 57.68 -31.70
N GLU D 71 -4.28 58.08 -32.81
CA GLU D 71 -4.14 57.17 -33.96
C GLU D 71 -3.36 55.93 -33.57
N ALA D 72 -2.22 56.12 -32.92
CA ALA D 72 -1.42 54.98 -32.51
C ALA D 72 -2.19 54.10 -31.53
N TRP D 73 -3.10 54.70 -30.74
CA TRP D 73 -3.85 53.87 -29.80
C TRP D 73 -4.70 52.82 -30.53
N LYS D 74 -5.19 53.12 -31.75
CA LYS D 74 -5.96 52.13 -32.50
C LYS D 74 -5.15 50.88 -32.75
N ILE D 75 -3.86 51.03 -33.06
CA ILE D 75 -2.97 49.90 -33.26
C ILE D 75 -2.62 49.26 -31.93
N TRP D 76 -2.25 50.08 -30.95
CA TRP D 76 -1.69 49.58 -29.70
C TRP D 76 -2.74 48.83 -28.89
N ALA D 77 -3.99 49.32 -28.90
CA ALA D 77 -5.04 48.64 -28.16
C ALA D 77 -5.34 47.25 -28.71
N ASP D 78 -5.07 47.00 -29.99
CA ASP D 78 -5.29 45.69 -30.59
C ASP D 78 -4.19 44.67 -30.31
N ILE D 79 -3.07 45.08 -29.73
CA ILE D 79 -1.96 44.19 -29.43
C ILE D 79 -2.25 43.48 -28.11
N PRO D 80 -2.24 42.15 -28.07
CA PRO D 80 -2.57 41.45 -26.81
C PRO D 80 -1.67 41.89 -25.67
N ALA D 81 -2.26 42.03 -24.49
CA ALA D 81 -1.55 42.56 -23.33
C ALA D 81 -0.21 41.87 -23.08
N PRO D 82 -0.09 40.54 -23.12
CA PRO D 82 1.24 39.93 -22.94
C PRO D 82 2.25 40.44 -23.94
N LYS D 83 1.80 40.78 -25.15
CA LYS D 83 2.71 41.35 -26.14
C LYS D 83 3.03 42.80 -25.83
N ARG D 84 2.09 43.57 -25.27
CA ARG D 84 2.44 44.88 -24.76
C ARG D 84 3.46 44.78 -23.63
N GLY D 85 3.33 43.74 -22.78
CA GLY D 85 4.31 43.52 -21.74
C GLY D 85 5.71 43.27 -22.27
N GLU D 86 5.80 42.53 -23.39
CA GLU D 86 7.11 42.30 -24.01
C GLU D 86 7.77 43.63 -24.34
N ILE D 87 7.01 44.58 -24.88
CA ILE D 87 7.57 45.90 -25.18
C ILE D 87 8.10 46.55 -23.92
N VAL D 88 7.30 46.49 -22.84
CA VAL D 88 7.67 47.10 -21.57
C VAL D 88 8.88 46.39 -20.96
N ARG D 89 8.99 45.06 -21.15
CA ARG D 89 10.22 44.37 -20.79
C ARG D 89 11.41 44.96 -21.53
N GLN D 90 11.25 45.24 -22.82
CA GLN D 90 12.36 45.79 -23.59
C GLN D 90 12.67 47.21 -23.13
N ILE D 91 11.65 47.98 -22.78
CA ILE D 91 11.90 49.29 -22.18
C ILE D 91 12.75 49.15 -20.92
N GLY D 92 12.40 48.21 -20.04
CA GLY D 92 13.23 47.97 -18.87
C GLY D 92 14.66 47.68 -19.24
N ASP D 93 14.88 46.86 -20.27
CA ASP D 93 16.24 46.53 -20.69
C ASP D 93 16.97 47.74 -21.25
N ALA D 94 16.30 48.54 -22.08
CA ALA D 94 16.99 49.72 -22.62
C ALA D 94 17.42 50.65 -21.50
N LEU D 95 16.60 50.75 -20.45
CA LEU D 95 16.96 51.54 -19.27
C LEU D 95 18.18 50.97 -18.55
N ARG D 96 18.22 49.64 -18.36
CA ARG D 96 19.39 49.00 -17.75
C ARG D 96 20.67 49.38 -18.48
N GLU D 97 20.63 49.36 -19.81
CA GLU D 97 21.84 49.64 -20.57
C GLU D 97 22.33 51.07 -20.33
N LYS D 98 21.44 51.98 -19.97
CA LYS D 98 21.77 53.38 -19.79
C LYS D 98 21.72 53.82 -18.33
N ILE D 99 21.66 52.88 -17.38
CA ILE D 99 21.30 53.25 -16.00
C ILE D 99 22.29 54.25 -15.43
N GLN D 100 23.58 54.08 -15.75
CA GLN D 100 24.61 54.94 -15.17
C GLN D 100 24.53 56.36 -15.73
N VAL D 101 24.53 56.49 -17.06
CA VAL D 101 24.49 57.83 -17.66
C VAL D 101 23.18 58.53 -17.32
N LEU D 102 22.06 57.78 -17.29
CA LEU D 102 20.77 58.39 -16.99
C LEU D 102 20.71 58.86 -15.54
N GLY D 103 21.14 58.00 -14.61
CA GLY D 103 21.23 58.42 -13.23
C GLY D 103 22.16 59.60 -13.02
N SER D 104 23.24 59.69 -13.81
CA SER D 104 24.11 60.85 -13.76
C SER D 104 23.39 62.12 -14.22
N LEU D 105 22.55 62.01 -15.25
CA LEU D 105 21.78 63.19 -15.68
C LEU D 105 20.80 63.64 -14.60
N VAL D 106 20.14 62.68 -13.94
CA VAL D 106 19.24 63.03 -12.84
C VAL D 106 20.00 63.76 -11.75
N SER D 107 21.20 63.28 -11.42
CA SER D 107 22.03 63.98 -10.45
C SER D 107 22.40 65.36 -10.95
N LEU D 108 22.73 65.47 -12.24
CA LEU D 108 23.20 66.74 -12.79
C LEU D 108 22.06 67.75 -12.91
N GLU D 109 20.95 67.35 -13.52
CA GLU D 109 19.90 68.32 -13.85
C GLU D 109 18.93 68.53 -12.71
N MET D 110 18.66 67.51 -11.91
CA MET D 110 17.74 67.67 -10.80
C MET D 110 18.47 68.00 -9.51
N GLY D 111 19.56 67.29 -9.21
CA GLY D 111 20.40 67.62 -8.09
C GLY D 111 20.40 66.63 -6.95
N LYS D 112 19.70 65.50 -7.06
CA LYS D 112 19.79 64.50 -6.00
C LYS D 112 21.11 63.73 -6.15
N ILE D 113 21.52 63.05 -5.07
CA ILE D 113 22.83 62.40 -5.08
C ILE D 113 22.80 61.24 -6.06
N LEU D 114 24.01 60.83 -6.49
CA LEU D 114 24.13 59.90 -7.62
C LEU D 114 23.41 58.59 -7.34
N VAL D 115 23.58 58.03 -6.14
CA VAL D 115 22.93 56.75 -5.84
C VAL D 115 21.41 56.87 -5.98
N GLU D 116 20.84 58.04 -5.67
CA GLU D 116 19.40 58.19 -5.81
C GLU D 116 18.98 58.42 -7.26
N GLY D 117 19.81 59.10 -8.05
CA GLY D 117 19.54 59.17 -9.48
C GLY D 117 19.53 57.80 -10.13
N VAL D 118 20.57 57.01 -9.87
CA VAL D 118 20.63 55.63 -10.35
C VAL D 118 19.49 54.81 -9.75
N GLY D 119 19.22 55.01 -8.46
CA GLY D 119 18.10 54.33 -7.82
C GLY D 119 16.78 54.64 -8.51
N GLU D 120 16.60 55.89 -8.93
CA GLU D 120 15.36 56.25 -9.62
C GLU D 120 15.20 55.46 -10.92
N VAL D 121 16.30 55.27 -11.66
CA VAL D 121 16.22 54.47 -12.89
C VAL D 121 15.97 53.01 -12.55
N GLN D 122 16.56 52.52 -11.46
CA GLN D 122 16.29 51.14 -11.06
C GLN D 122 14.80 50.92 -10.83
N GLU D 123 14.13 51.92 -10.25
CA GLU D 123 12.70 51.85 -10.03
C GLU D 123 11.94 51.69 -11.35
N TYR D 124 12.34 52.44 -12.37
CA TYR D 124 11.69 52.28 -13.66
C TYR D 124 11.96 50.89 -14.20
N VAL D 125 13.21 50.44 -14.13
CA VAL D 125 13.57 49.10 -14.57
C VAL D 125 12.73 48.06 -13.84
N ASP D 126 12.65 48.18 -12.52
CA ASP D 126 11.91 47.21 -11.73
C ASP D 126 10.42 47.20 -12.06
N ILE D 127 9.80 48.38 -12.18
CA ILE D 127 8.36 48.40 -12.47
C ILE D 127 8.08 47.80 -13.84
N CYS D 128 9.00 47.94 -14.78
CA CYS D 128 8.81 47.30 -16.08
C CYS D 128 8.73 45.78 -15.91
N ASP D 129 9.69 45.20 -15.20
CA ASP D 129 9.72 43.75 -15.03
C ASP D 129 8.50 43.24 -14.25
N TYR D 130 8.06 44.00 -13.24
CA TYR D 130 6.80 43.71 -12.57
C TYR D 130 5.64 43.75 -13.56
N ALA D 131 5.57 44.82 -14.36
CA ALA D 131 4.48 44.99 -15.30
C ALA D 131 4.46 43.91 -16.39
N VAL D 132 5.58 43.26 -16.66
CA VAL D 132 5.58 42.17 -17.63
C VAL D 132 4.67 41.03 -17.17
N GLY D 133 4.81 40.65 -15.90
CA GLY D 133 3.94 39.63 -15.35
C GLY D 133 2.50 40.11 -15.24
N LEU D 134 2.30 41.35 -14.82
CA LEU D 134 0.95 41.85 -14.70
C LEU D 134 0.23 41.80 -16.04
N SER D 135 0.95 41.99 -17.15
CA SER D 135 0.34 42.03 -18.46
C SER D 135 -0.30 40.69 -18.84
N ARG D 136 0.05 39.59 -18.15
CA ARG D 136 -0.67 38.34 -18.35
C ARG D 136 -1.74 38.11 -17.30
N MET D 137 -1.96 39.08 -16.41
CA MET D 137 -2.85 38.90 -15.28
C MET D 137 -4.03 39.85 -15.25
N ILE D 138 -3.91 41.05 -15.81
CA ILE D 138 -4.96 42.06 -15.66
C ILE D 138 -6.29 41.57 -16.23
N GLY D 139 -7.35 41.86 -15.51
CA GLY D 139 -8.70 41.46 -15.87
C GLY D 139 -9.55 41.43 -14.62
N GLY D 140 -10.80 40.98 -14.81
CA GLY D 140 -11.76 40.90 -13.73
C GLY D 140 -12.33 39.50 -13.63
N PRO D 141 -13.20 39.27 -12.64
CA PRO D 141 -13.74 37.93 -12.43
C PRO D 141 -14.86 37.55 -13.40
N ILE D 142 -14.95 36.24 -13.67
CA ILE D 142 -16.17 35.62 -14.21
C ILE D 142 -17.00 35.25 -12.98
N LEU D 143 -18.18 35.89 -12.85
CA LEU D 143 -19.07 35.82 -11.71
C LEU D 143 -20.27 34.94 -12.00
N PRO D 144 -20.83 34.29 -10.98
CA PRO D 144 -22.03 33.48 -11.20
C PRO D 144 -23.25 34.37 -11.33
N SER D 145 -23.87 34.37 -12.50
CA SER D 145 -25.10 35.12 -12.70
C SER D 145 -26.27 34.43 -12.01
N GLU D 146 -27.19 35.24 -11.48
CA GLU D 146 -28.42 34.67 -10.95
C GLU D 146 -29.36 34.24 -12.07
N ARG D 147 -29.07 34.63 -13.29
CA ARG D 147 -29.94 34.33 -14.43
C ARG D 147 -29.45 33.06 -15.10
N SER D 148 -30.33 32.07 -15.19
CA SER D 148 -30.03 30.84 -15.94
C SER D 148 -29.69 31.17 -17.40
N GLY D 149 -28.74 30.43 -17.97
CA GLY D 149 -28.36 30.64 -19.35
C GLY D 149 -27.65 31.95 -19.64
N HIS D 150 -27.14 32.61 -18.61
CA HIS D 150 -26.43 33.87 -18.75
C HIS D 150 -25.04 33.75 -18.15
N ALA D 151 -24.11 34.46 -18.74
CA ALA D 151 -22.79 34.67 -18.16
C ALA D 151 -22.70 36.08 -17.62
N LEU D 152 -21.87 36.28 -16.61
CA LEU D 152 -21.61 37.60 -16.05
C LEU D 152 -20.09 37.75 -15.97
N ILE D 153 -19.53 38.69 -16.72
CA ILE D 153 -18.08 38.87 -16.72
C ILE D 153 -17.79 40.34 -16.46
N GLU D 154 -16.70 40.61 -15.77
CA GLU D 154 -16.23 41.97 -15.55
C GLU D 154 -15.01 42.17 -16.44
N GLN D 155 -15.14 43.07 -17.41
CA GLN D 155 -14.09 43.33 -18.37
C GLN D 155 -13.36 44.62 -18.04
N TRP D 156 -12.06 44.63 -18.37
CA TRP D 156 -11.23 45.81 -18.23
C TRP D 156 -10.62 46.14 -19.59
N ASN D 157 -10.71 47.40 -19.99
CA ASN D 157 -10.20 47.85 -21.28
C ASN D 157 -9.46 49.16 -21.10
N PRO D 158 -8.50 49.47 -21.98
CA PRO D 158 -7.76 50.73 -21.84
C PRO D 158 -8.68 51.94 -21.87
N VAL D 159 -8.29 53.00 -21.15
CA VAL D 159 -9.06 54.23 -21.26
C VAL D 159 -8.70 54.99 -22.53
N GLY D 160 -7.50 54.77 -23.09
CA GLY D 160 -7.11 55.44 -24.32
C GLY D 160 -5.82 56.25 -24.16
N LEU D 161 -5.92 57.57 -24.11
CA LEU D 161 -4.74 58.41 -23.94
C LEU D 161 -4.59 58.78 -22.47
N VAL D 162 -3.45 58.43 -21.88
CA VAL D 162 -3.09 58.77 -20.51
C VAL D 162 -2.09 59.93 -20.57
N GLY D 163 -2.52 61.12 -20.19
CA GLY D 163 -1.56 62.20 -20.00
C GLY D 163 -0.88 62.05 -18.65
N ILE D 164 0.43 62.32 -18.63
CA ILE D 164 1.23 62.12 -17.42
C ILE D 164 2.04 63.38 -17.18
N ILE D 165 1.64 64.16 -16.16
CA ILE D 165 2.35 65.36 -15.74
C ILE D 165 3.11 65.00 -14.47
N THR D 166 4.43 65.30 -14.46
CA THR D 166 5.33 64.87 -13.40
C THR D 166 6.08 66.06 -12.81
N ALA D 167 6.64 65.84 -11.62
CA ALA D 167 7.33 66.86 -10.87
C ALA D 167 8.83 66.79 -11.13
N PHE D 168 9.54 67.83 -10.65
CA PHE D 168 10.97 67.91 -10.89
C PHE D 168 11.72 66.89 -10.05
N ASN D 169 11.18 66.53 -8.90
CA ASN D 169 11.97 65.85 -7.86
C ASN D 169 12.10 64.35 -8.07
N PHE D 170 11.18 63.71 -8.80
CA PHE D 170 11.35 62.33 -9.26
C PHE D 170 11.10 62.34 -10.75
N PRO D 171 12.07 62.82 -11.52
CA PRO D 171 11.84 63.06 -12.94
C PRO D 171 11.88 61.82 -13.80
N VAL D 172 12.16 60.64 -13.23
CA VAL D 172 12.17 59.43 -14.04
C VAL D 172 11.13 58.45 -13.51
N ALA D 173 11.21 58.14 -12.21
CA ALA D 173 10.43 57.05 -11.65
C ALA D 173 8.93 57.30 -11.77
N VAL D 174 8.48 58.51 -11.42
CA VAL D 174 7.04 58.79 -11.43
C VAL D 174 6.48 58.54 -12.83
N TYR D 175 7.13 59.12 -13.85
CA TYR D 175 6.73 58.79 -15.21
C TYR D 175 6.84 57.29 -15.45
N GLY D 176 7.95 56.69 -15.02
CA GLY D 176 8.12 55.26 -15.17
C GLY D 176 6.98 54.43 -14.62
N TRP D 177 6.56 54.71 -13.38
CA TRP D 177 5.44 53.97 -12.78
C TRP D 177 4.20 54.08 -13.66
N ASN D 178 3.87 55.29 -14.08
CA ASN D 178 2.68 55.49 -14.91
C ASN D 178 2.86 54.87 -16.29
N ASN D 179 4.06 54.95 -16.85
CA ASN D 179 4.25 54.46 -18.21
C ASN D 179 4.17 52.92 -18.27
N ALA D 180 4.94 52.22 -17.44
CA ALA D 180 4.94 50.76 -17.54
C ALA D 180 3.53 50.21 -17.33
N ILE D 181 2.80 50.73 -16.33
CA ILE D 181 1.47 50.23 -16.02
C ILE D 181 0.47 50.65 -17.09
N ALA D 182 0.47 51.93 -17.48
CA ALA D 182 -0.48 52.38 -18.49
C ALA D 182 -0.30 51.65 -19.80
N MET D 183 0.95 51.30 -20.14
CA MET D 183 1.24 50.65 -21.41
C MET D 183 0.71 49.22 -21.43
N ILE D 184 0.99 48.43 -20.38
CA ILE D 184 0.45 47.07 -20.34
C ILE D 184 -1.06 47.11 -20.31
N CYS D 185 -1.64 48.19 -19.79
CA CYS D 185 -3.10 48.30 -19.77
C CYS D 185 -3.67 48.72 -21.13
N GLY D 186 -2.83 48.81 -22.16
CA GLY D 186 -3.31 49.10 -23.49
C GLY D 186 -3.51 50.56 -23.81
N ASN D 187 -2.95 51.47 -23.03
CA ASN D 187 -3.08 52.91 -23.25
C ASN D 187 -1.86 53.46 -23.95
N VAL D 188 -2.05 54.56 -24.68
CA VAL D 188 -0.96 55.41 -25.11
C VAL D 188 -0.74 56.48 -24.05
N CYS D 189 0.46 57.05 -24.04
CA CYS D 189 0.91 57.99 -23.03
C CYS D 189 1.34 59.29 -23.69
N LEU D 190 1.07 60.40 -23.01
CA LEU D 190 1.59 61.72 -23.37
C LEU D 190 2.24 62.34 -22.15
N TRP D 191 3.56 62.57 -22.23
CA TRP D 191 4.36 63.03 -21.10
C TRP D 191 4.66 64.53 -21.23
N LYS D 192 4.36 65.28 -20.17
CA LYS D 192 4.85 66.65 -19.98
C LYS D 192 5.54 66.72 -18.63
N GLY D 193 6.87 66.70 -18.63
CA GLY D 193 7.62 66.74 -17.39
C GLY D 193 7.78 68.14 -16.86
N ALA D 194 8.41 68.25 -15.70
CA ALA D 194 8.68 69.56 -15.12
C ALA D 194 9.67 70.29 -16.02
N PRO D 195 9.44 71.56 -16.32
CA PRO D 195 10.33 72.27 -17.24
C PRO D 195 11.78 72.21 -16.82
N THR D 196 12.07 72.23 -15.51
CA THR D 196 13.45 72.24 -15.04
C THR D 196 14.14 70.90 -15.14
N THR D 197 13.47 69.84 -15.57
CA THR D 197 14.10 68.56 -15.85
C THR D 197 13.80 68.11 -17.27
N SER D 198 13.82 69.06 -18.20
CA SER D 198 13.42 68.76 -19.57
C SER D 198 14.38 67.77 -20.22
N LEU D 199 15.68 67.91 -19.94
CA LEU D 199 16.67 66.99 -20.51
C LEU D 199 16.43 65.55 -20.04
N ILE D 200 16.07 65.38 -18.76
CA ILE D 200 15.76 64.05 -18.26
C ILE D 200 14.59 63.46 -19.02
N SER D 201 13.53 64.24 -19.19
CA SER D 201 12.38 63.78 -19.95
C SER D 201 12.78 63.42 -21.38
N VAL D 202 13.59 64.27 -22.00
CA VAL D 202 14.02 64.00 -23.37
C VAL D 202 14.86 62.74 -23.43
N ALA D 203 15.81 62.61 -22.51
CA ALA D 203 16.68 61.44 -22.52
C ALA D 203 15.89 60.15 -22.33
N VAL D 204 14.93 60.15 -21.40
CA VAL D 204 14.08 58.99 -21.21
C VAL D 204 13.27 58.72 -22.48
N THR D 205 12.68 59.77 -23.06
CA THR D 205 11.90 59.55 -24.27
C THR D 205 12.75 58.94 -25.38
N LYS D 206 14.03 59.32 -25.48
CA LYS D 206 14.88 58.73 -26.54
C LYS D 206 15.07 57.23 -26.34
N ILE D 207 15.28 56.80 -25.09
CA ILE D 207 15.44 55.38 -24.81
C ILE D 207 14.16 54.62 -25.15
N ILE D 208 13.01 55.16 -24.74
CA ILE D 208 11.73 54.52 -25.03
C ILE D 208 11.46 54.53 -26.53
N ALA D 209 11.73 55.67 -27.20
CA ALA D 209 11.42 55.78 -28.63
C ALA D 209 12.19 54.75 -29.44
N LYS D 210 13.45 54.47 -29.06
CA LYS D 210 14.25 53.48 -29.78
C LYS D 210 13.60 52.10 -29.67
N VAL D 211 13.12 51.73 -28.49
CA VAL D 211 12.47 50.42 -28.34
C VAL D 211 11.23 50.35 -29.22
N LEU D 212 10.39 51.39 -29.19
CA LEU D 212 9.19 51.37 -30.03
C LEU D 212 9.55 51.26 -31.50
N GLU D 213 10.55 52.03 -31.95
CA GLU D 213 10.90 52.03 -33.37
C GLU D 213 11.54 50.70 -33.76
N ASP D 214 12.35 50.11 -32.88
CA ASP D 214 12.91 48.79 -33.17
C ASP D 214 11.83 47.74 -33.31
N ASN D 215 10.70 47.96 -32.65
CA ASN D 215 9.58 47.03 -32.73
C ASN D 215 8.55 47.43 -33.75
N LYS D 216 8.87 48.42 -34.59
CA LYS D 216 8.00 48.83 -35.69
C LYS D 216 6.62 49.21 -35.19
N LEU D 217 6.59 49.90 -34.06
CA LEU D 217 5.41 50.45 -33.41
C LEU D 217 5.41 51.96 -33.56
N PRO D 218 4.23 52.58 -33.68
CA PRO D 218 4.19 54.04 -33.79
C PRO D 218 4.72 54.71 -32.53
N GLY D 219 5.70 55.58 -32.72
CA GLY D 219 6.35 56.21 -31.59
C GLY D 219 5.40 56.97 -30.68
N ALA D 220 4.26 57.41 -31.20
CA ALA D 220 3.34 58.20 -30.40
C ALA D 220 2.73 57.43 -29.23
N ILE D 221 2.92 56.11 -29.16
CA ILE D 221 2.48 55.37 -27.97
C ILE D 221 3.09 55.99 -26.70
N CYS D 222 4.31 56.49 -26.80
CA CYS D 222 4.94 57.20 -25.68
C CYS D 222 5.34 58.58 -26.20
N SER D 223 4.35 59.44 -26.30
CA SER D 223 4.56 60.79 -26.79
C SER D 223 5.11 61.67 -25.68
N LEU D 224 5.82 62.72 -26.09
CA LEU D 224 6.42 63.71 -25.19
C LEU D 224 6.11 65.09 -25.72
N THR D 225 5.54 65.95 -24.88
CA THR D 225 5.42 67.38 -25.17
C THR D 225 5.92 68.18 -23.97
N CYS D 226 7.19 68.56 -24.00
CA CYS D 226 7.75 69.40 -22.95
C CYS D 226 7.06 70.76 -22.95
N GLY D 227 6.77 71.25 -21.76
CA GLY D 227 6.13 72.54 -21.61
C GLY D 227 5.85 72.79 -20.15
N GLY D 228 5.32 73.97 -19.87
CA GLY D 228 5.01 74.39 -18.53
C GLY D 228 3.52 74.36 -18.27
N ALA D 229 3.01 75.37 -17.58
CA ALA D 229 1.59 75.37 -17.21
C ALA D 229 0.70 75.38 -18.45
N ASP D 230 1.13 76.12 -19.50
CA ASP D 230 0.39 76.17 -20.75
C ASP D 230 -0.02 74.78 -21.23
N ILE D 231 0.96 73.90 -21.43
CA ILE D 231 0.72 72.55 -21.91
C ILE D 231 -0.01 71.71 -20.87
N GLY D 232 0.39 71.85 -19.60
CA GLY D 232 -0.29 71.13 -18.54
C GLY D 232 -1.77 71.46 -18.46
N THR D 233 -2.09 72.75 -18.59
CA THR D 233 -3.50 73.16 -18.56
C THR D 233 -4.27 72.63 -19.77
N ALA D 234 -3.65 72.61 -20.94
CA ALA D 234 -4.33 72.04 -22.10
C ALA D 234 -4.72 70.59 -21.84
N MET D 235 -3.77 69.82 -21.32
CA MET D 235 -4.04 68.42 -21.02
C MET D 235 -5.19 68.27 -20.03
N ALA D 236 -5.25 69.14 -19.01
CA ALA D 236 -6.30 68.97 -18.00
C ALA D 236 -7.67 69.31 -18.55
N LYS D 237 -7.75 70.18 -19.56
CA LYS D 237 -9.01 70.57 -20.18
C LYS D 237 -9.37 69.72 -21.40
N ASP D 238 -8.47 68.86 -21.86
CA ASP D 238 -8.61 68.18 -23.15
C ASP D 238 -9.43 66.90 -22.99
N GLU D 239 -10.65 66.89 -23.55
CA GLU D 239 -11.46 65.67 -23.53
C GLU D 239 -10.74 64.48 -24.16
N ARG D 240 -9.76 64.72 -25.04
CA ARG D 240 -9.08 63.57 -25.63
C ARG D 240 -8.11 62.90 -24.68
N VAL D 241 -7.78 63.52 -23.55
CA VAL D 241 -6.90 62.91 -22.55
C VAL D 241 -7.79 62.13 -21.59
N ASN D 242 -7.86 60.81 -21.76
CA ASN D 242 -8.87 60.02 -21.05
C ASN D 242 -8.54 59.88 -19.58
N LEU D 243 -7.26 59.73 -19.25
CA LEU D 243 -6.81 59.76 -17.86
C LEU D 243 -5.69 60.77 -17.80
N LEU D 244 -5.77 61.70 -16.84
CA LEU D 244 -4.69 62.64 -16.55
C LEU D 244 -4.10 62.32 -15.18
N SER D 245 -2.91 61.73 -15.17
CA SER D 245 -2.13 61.48 -13.97
C SER D 245 -1.25 62.71 -13.70
N PHE D 246 -1.50 63.37 -12.58
CA PHE D 246 -0.76 64.57 -12.22
C PHE D 246 0.00 64.29 -10.93
N THR D 247 1.30 64.53 -10.95
CA THR D 247 2.15 64.46 -9.77
C THR D 247 2.78 65.83 -9.62
N GLY D 248 2.53 66.48 -8.50
CA GLY D 248 3.00 67.84 -8.29
C GLY D 248 2.42 68.42 -7.01
N SER D 249 2.48 69.75 -6.90
CA SER D 249 2.02 70.38 -5.67
C SER D 249 0.50 70.25 -5.54
N THR D 250 0.05 70.26 -4.28
CA THR D 250 -1.36 70.28 -3.99
C THR D 250 -2.05 71.50 -4.61
N GLN D 251 -1.39 72.67 -4.55
CA GLN D 251 -1.98 73.89 -5.11
C GLN D 251 -2.33 73.71 -6.59
N VAL D 252 -1.36 73.28 -7.41
CA VAL D 252 -1.64 73.07 -8.82
C VAL D 252 -2.59 71.87 -9.02
N GLY D 253 -2.33 70.76 -8.30
CA GLY D 253 -3.12 69.54 -8.47
C GLY D 253 -4.61 69.72 -8.25
N LYS D 254 -4.98 70.60 -7.30
CA LYS D 254 -6.39 70.93 -7.04
C LYS D 254 -7.07 71.55 -8.26
N GLN D 255 -6.39 72.47 -8.96
CA GLN D 255 -6.97 73.08 -10.16
C GLN D 255 -7.05 72.08 -11.31
N VAL D 256 -6.05 71.21 -11.45
CA VAL D 256 -6.09 70.15 -12.46
C VAL D 256 -7.24 69.19 -12.18
N GLY D 257 -7.44 68.81 -10.91
CA GLY D 257 -8.54 67.94 -10.58
C GLY D 257 -9.89 68.55 -10.91
N LEU D 258 -10.03 69.87 -10.71
CA LEU D 258 -11.27 70.56 -11.05
C LEU D 258 -11.47 70.65 -12.56
N MET D 259 -10.40 70.94 -13.30
CA MET D 259 -10.54 71.00 -14.75
C MET D 259 -10.93 69.64 -15.33
N VAL D 260 -10.31 68.56 -14.84
CA VAL D 260 -10.66 67.22 -15.31
C VAL D 260 -12.08 66.85 -14.90
N GLN D 261 -12.46 67.18 -13.65
CA GLN D 261 -13.80 66.89 -13.20
C GLN D 261 -14.85 67.62 -14.01
N GLU D 262 -14.53 68.86 -14.39
CA GLU D 262 -15.47 69.69 -15.16
C GLU D 262 -15.90 69.00 -16.46
N ARG D 263 -14.97 68.30 -17.08
CA ARG D 263 -15.24 67.61 -18.34
C ARG D 263 -15.49 66.12 -18.16
N PHE D 264 -15.74 65.65 -16.93
CA PHE D 264 -15.99 64.24 -16.64
C PHE D 264 -14.86 63.36 -17.15
N GLY D 265 -13.62 63.84 -17.00
CA GLY D 265 -12.46 63.01 -17.23
C GLY D 265 -12.08 62.17 -16.00
N ARG D 266 -10.97 61.46 -16.14
CA ARG D 266 -10.34 60.74 -15.05
C ARG D 266 -9.07 61.48 -14.66
N SER D 267 -8.84 61.65 -13.37
CA SER D 267 -7.58 62.19 -12.91
C SER D 267 -7.01 61.21 -11.90
N LEU D 268 -5.70 61.19 -11.85
CA LEU D 268 -4.95 60.42 -10.86
C LEU D 268 -4.01 61.42 -10.22
N LEU D 269 -4.28 61.78 -8.97
CA LEU D 269 -3.58 62.89 -8.32
C LEU D 269 -2.61 62.35 -7.29
N GLU D 270 -1.36 62.82 -7.37
CA GLU D 270 -0.27 62.49 -6.46
C GLU D 270 0.30 63.84 -6.00
N LEU D 271 -0.22 64.35 -4.88
CA LEU D 271 0.01 65.74 -4.50
C LEU D 271 0.95 65.79 -3.28
N GLY D 272 0.81 66.84 -2.46
CA GLY D 272 1.81 67.14 -1.47
C GLY D 272 1.76 66.27 -0.23
N GLY D 273 2.86 66.31 0.52
CA GLY D 273 2.97 65.58 1.75
C GLY D 273 3.44 66.47 2.88
N ASN D 274 3.12 66.05 4.10
CA ASN D 274 3.52 66.70 5.33
C ASN D 274 3.72 65.57 6.36
N ASN D 275 4.71 64.73 6.10
CA ASN D 275 4.80 63.39 6.67
C ASN D 275 5.45 63.40 8.05
N ALA D 276 4.84 62.69 8.98
CA ALA D 276 5.29 62.67 10.37
C ALA D 276 5.96 61.35 10.69
N ILE D 277 7.00 61.43 11.52
CA ILE D 277 7.54 60.27 12.23
C ILE D 277 7.19 60.44 13.69
N ILE D 278 6.69 59.37 14.30
CA ILE D 278 6.37 59.37 15.72
C ILE D 278 7.24 58.30 16.37
N ALA D 279 8.05 58.71 17.35
CA ALA D 279 8.89 57.79 18.10
C ALA D 279 8.33 57.69 19.52
N PHE D 280 7.88 56.49 19.88
CA PHE D 280 7.36 56.23 21.21
C PHE D 280 8.48 55.91 22.18
N GLU D 281 8.13 55.88 23.46
CA GLU D 281 9.15 55.75 24.49
C GLU D 281 9.89 54.42 24.40
N ASP D 282 9.23 53.38 23.89
CA ASP D 282 9.86 52.07 23.81
C ASP D 282 10.65 51.87 22.52
N ALA D 283 10.76 52.90 21.69
CA ALA D 283 11.43 52.76 20.41
C ALA D 283 12.93 52.53 20.58
N ASP D 284 13.50 51.76 19.64
CA ASP D 284 14.94 51.60 19.54
C ASP D 284 15.53 52.89 19.00
N LEU D 285 16.14 53.69 19.88
CA LEU D 285 16.69 54.98 19.47
C LEU D 285 17.82 54.78 18.47
N SER D 286 18.54 53.65 18.53
CA SER D 286 19.57 53.35 17.52
C SER D 286 18.98 53.13 16.13
N LEU D 287 17.68 52.90 16.05
CA LEU D 287 16.96 52.88 14.79
C LEU D 287 16.29 54.22 14.47
N VAL D 288 15.81 54.91 15.51
CA VAL D 288 15.07 56.17 15.33
C VAL D 288 15.95 57.25 14.73
N VAL D 289 17.14 57.44 15.28
CA VAL D 289 17.96 58.59 14.91
C VAL D 289 18.36 58.48 13.45
N PRO D 290 19.05 57.42 13.00
CA PRO D 290 19.38 57.35 11.57
C PRO D 290 18.15 57.34 10.67
N SER D 291 17.10 56.62 11.05
CA SER D 291 15.89 56.60 10.22
C SER D 291 15.37 58.01 10.03
N ALA D 292 15.29 58.80 11.11
CA ALA D 292 14.80 60.16 11.00
C ALA D 292 15.75 61.04 10.20
N LEU D 293 17.04 60.97 10.48
CA LEU D 293 18.01 61.78 9.75
C LEU D 293 17.89 61.56 8.25
N PHE D 294 17.97 60.30 7.81
CA PHE D 294 17.96 60.01 6.39
C PHE D 294 16.60 60.33 5.76
N ALA D 295 15.51 60.12 6.48
CA ALA D 295 14.22 60.44 5.90
C ALA D 295 13.99 61.96 5.81
N ALA D 296 14.61 62.74 6.69
CA ALA D 296 14.42 64.19 6.68
C ALA D 296 15.33 64.91 5.69
N VAL D 297 16.59 64.52 5.59
CA VAL D 297 17.55 65.27 4.79
C VAL D 297 17.83 64.61 3.45
N GLY D 298 17.41 63.36 3.26
CA GLY D 298 17.60 62.72 1.97
C GLY D 298 16.98 63.55 0.86
N THR D 299 17.68 63.61 -0.27
CA THR D 299 17.23 64.38 -1.41
C THR D 299 17.05 65.85 -1.02
N ALA D 300 17.90 66.31 -0.10
CA ALA D 300 17.83 67.65 0.46
C ALA D 300 16.39 67.99 0.89
N GLY D 301 15.69 66.98 1.42
CA GLY D 301 14.33 67.17 1.88
C GLY D 301 13.30 67.42 0.78
N GLN D 302 13.58 67.00 -0.46
CA GLN D 302 12.67 67.29 -1.57
C GLN D 302 11.99 66.04 -2.09
N ARG D 303 11.70 65.09 -1.20
CA ARG D 303 10.83 63.98 -1.56
C ARG D 303 9.40 64.31 -1.13
N CYS D 304 8.45 63.84 -1.93
CA CYS D 304 7.05 63.92 -1.48
C CYS D 304 6.87 63.22 -0.14
N THR D 305 7.63 62.15 0.12
CA THR D 305 7.54 61.40 1.37
C THR D 305 8.57 61.86 2.42
N THR D 306 9.21 63.01 2.24
CA THR D 306 10.18 63.50 3.24
C THR D 306 9.52 63.64 4.61
N ALA D 307 10.23 63.22 5.65
CA ALA D 307 9.78 63.43 7.02
C ALA D 307 9.90 64.91 7.37
N ARG D 308 8.76 65.57 7.56
CA ARG D 308 8.76 66.98 7.89
C ARG D 308 8.28 67.25 9.30
N ARG D 309 7.70 66.26 9.98
CA ARG D 309 7.26 66.38 11.36
C ARG D 309 7.82 65.21 12.17
N LEU D 310 8.49 65.50 13.29
CA LEU D 310 9.04 64.45 14.15
C LEU D 310 8.45 64.59 15.54
N PHE D 311 7.58 63.67 15.91
CA PHE D 311 7.01 63.64 17.25
C PHE D 311 7.82 62.65 18.07
N ILE D 312 8.33 63.10 19.21
CA ILE D 312 9.11 62.26 20.10
C ILE D 312 8.44 62.27 21.46
N HIS D 313 8.32 61.09 22.07
CA HIS D 313 7.76 61.04 23.42
C HIS D 313 8.61 61.92 24.33
N GLU D 314 7.95 62.63 25.24
CA GLU D 314 8.64 63.61 26.06
C GLU D 314 9.81 63.00 26.83
N SER D 315 9.69 61.72 27.22
CA SER D 315 10.74 61.07 28.01
C SER D 315 12.07 60.97 27.26
N ILE D 316 12.03 60.89 25.94
CA ILE D 316 13.21 60.71 25.10
C ILE D 316 13.41 61.86 24.12
N HIS D 317 12.61 62.91 24.23
CA HIS D 317 12.64 63.99 23.26
C HIS D 317 14.00 64.66 23.19
N ASP D 318 14.53 65.08 24.34
CA ASP D 318 15.78 65.83 24.34
C ASP D 318 16.94 64.97 23.86
N GLU D 319 16.96 63.70 24.25
CA GLU D 319 18.05 62.83 23.81
C GLU D 319 18.02 62.64 22.30
N VAL D 320 16.84 62.42 21.73
CA VAL D 320 16.75 62.21 20.28
C VAL D 320 17.16 63.46 19.54
N VAL D 321 16.71 64.62 20.00
CA VAL D 321 17.07 65.88 19.36
C VAL D 321 18.57 66.09 19.42
N ASN D 322 19.17 65.85 20.59
CA ASN D 322 20.62 66.01 20.73
C ASN D 322 21.38 65.03 19.83
N ARG D 323 20.95 63.76 19.83
CA ARG D 323 21.62 62.75 18.99
C ARG D 323 21.40 63.05 17.51
N LEU D 324 20.24 63.61 17.15
CA LEU D 324 20.02 64.01 15.76
C LEU D 324 20.96 65.14 15.35
N LYS D 325 21.11 66.14 16.22
CA LYS D 325 22.00 67.27 15.94
C LYS D 325 23.43 66.80 15.72
N LYS D 326 23.93 65.94 16.61
CA LYS D 326 25.30 65.44 16.46
C LYS D 326 25.47 64.67 15.16
N ALA D 327 24.38 64.08 14.65
CA ALA D 327 24.45 63.34 13.41
C ALA D 327 24.33 64.25 12.19
N TYR D 328 23.45 65.25 12.24
CA TYR D 328 23.31 66.22 11.16
C TYR D 328 24.64 66.90 10.85
N ALA D 329 25.41 67.21 11.89
CA ALA D 329 26.70 67.87 11.70
C ALA D 329 27.70 67.00 10.92
N GLN D 330 27.46 65.68 10.84
CA GLN D 330 28.33 64.80 10.08
C GLN D 330 27.84 64.54 8.67
N ILE D 331 26.79 65.22 8.23
CA ILE D 331 26.30 65.07 6.86
C ILE D 331 27.35 65.60 5.89
N ARG D 332 27.75 64.78 4.92
CA ARG D 332 28.80 65.13 3.98
C ARG D 332 28.18 65.84 2.77
N VAL D 333 28.53 67.11 2.58
CA VAL D 333 27.95 67.94 1.55
C VAL D 333 28.90 68.00 0.36
N GLY D 334 28.35 68.01 -0.84
CA GLY D 334 29.20 68.15 -2.02
C GLY D 334 28.39 68.11 -3.30
N ASN D 335 29.11 67.98 -4.41
CA ASN D 335 28.47 67.79 -5.69
C ASN D 335 27.70 66.46 -5.66
N PRO D 336 26.44 66.44 -6.08
CA PRO D 336 25.64 65.21 -5.91
C PRO D 336 26.16 64.03 -6.71
N TRP D 337 27.01 64.26 -7.71
CA TRP D 337 27.65 63.16 -8.42
C TRP D 337 28.97 62.73 -7.79
N ASP D 338 29.49 63.48 -6.84
CA ASP D 338 30.75 63.08 -6.23
C ASP D 338 30.53 62.02 -5.17
N PRO D 339 31.40 61.02 -5.11
CA PRO D 339 31.20 59.91 -4.18
C PRO D 339 31.23 60.36 -2.73
N ASN D 340 30.64 59.53 -1.87
CA ASN D 340 30.53 59.76 -0.43
C ASN D 340 29.64 60.95 -0.10
N VAL D 341 29.20 61.71 -1.10
CA VAL D 341 28.37 62.87 -0.84
C VAL D 341 26.96 62.39 -0.52
N LEU D 342 26.40 62.93 0.56
CA LEU D 342 25.07 62.55 1.00
C LEU D 342 24.03 63.63 0.76
N TYR D 343 24.47 64.88 0.55
CA TYR D 343 23.60 66.04 0.60
C TYR D 343 23.98 67.01 -0.51
N GLY D 344 23.04 67.24 -1.43
CA GLY D 344 23.26 68.16 -2.50
C GLY D 344 22.42 69.40 -2.30
N PRO D 345 22.25 70.18 -3.36
CA PRO D 345 21.52 71.45 -3.26
C PRO D 345 20.03 71.27 -3.45
N LEU D 346 19.29 72.33 -3.10
CA LEU D 346 17.91 72.49 -3.51
C LEU D 346 17.83 72.66 -5.03
N HIS D 347 16.65 72.36 -5.57
CA HIS D 347 16.52 72.26 -7.02
C HIS D 347 16.65 73.60 -7.71
N THR D 348 16.15 74.68 -7.08
CA THR D 348 16.15 76.00 -7.68
C THR D 348 16.57 77.04 -6.66
N LYS D 349 16.87 78.24 -7.17
CA LYS D 349 17.12 79.39 -6.31
C LYS D 349 15.85 79.78 -5.56
N GLN D 350 14.72 79.64 -6.24
CA GLN D 350 13.44 79.97 -5.64
C GLN D 350 13.19 79.14 -4.39
N ALA D 351 13.51 77.83 -4.44
CA ALA D 351 13.37 76.98 -3.27
C ALA D 351 14.19 77.50 -2.10
N VAL D 352 15.40 78.01 -2.36
CA VAL D 352 16.22 78.58 -1.30
C VAL D 352 15.48 79.73 -0.63
N SER D 353 14.86 80.60 -1.44
CA SER D 353 14.08 81.71 -0.89
C SER D 353 12.91 81.21 -0.05
N MET D 354 12.24 80.15 -0.51
CA MET D 354 11.15 79.54 0.24
C MET D 354 11.65 78.90 1.53
N PHE D 355 12.83 78.28 1.47
CA PHE D 355 13.45 77.76 2.68
C PHE D 355 13.61 78.86 3.72
N LEU D 356 14.27 79.97 3.33
CA LEU D 356 14.50 81.08 4.25
C LEU D 356 13.19 81.69 4.74
N GLY D 357 12.18 81.81 3.87
CA GLY D 357 10.88 82.28 4.31
C GLY D 357 10.27 81.41 5.39
N ALA D 358 10.39 80.08 5.25
CA ALA D 358 9.83 79.17 6.24
C ALA D 358 10.54 79.27 7.59
N VAL D 359 11.88 79.34 7.58
CA VAL D 359 12.66 79.45 8.80
C VAL D 359 12.24 80.69 9.59
N GLU D 360 12.18 81.84 8.92
CA GLU D 360 11.73 83.05 9.61
C GLU D 360 10.30 82.88 10.13
N GLU D 361 9.42 82.30 9.32
CA GLU D 361 8.04 82.10 9.76
C GLU D 361 7.97 81.16 10.97
N ALA D 362 8.80 80.12 10.99
CA ALA D 362 8.83 79.24 12.15
C ALA D 362 9.31 79.99 13.37
N LYS D 363 10.32 80.86 13.20
CA LYS D 363 10.80 81.68 14.31
C LYS D 363 9.69 82.58 14.86
N LYS D 364 8.97 83.25 13.96
CA LYS D 364 7.90 84.14 14.40
C LYS D 364 6.77 83.38 15.08
N GLU D 365 6.52 82.15 14.67
CA GLU D 365 5.45 81.36 15.24
C GLU D 365 5.87 80.67 16.52
N GLY D 366 7.08 80.97 17.02
CA GLY D 366 7.54 80.51 18.30
C GLY D 366 8.56 79.38 18.25
N GLY D 367 8.99 78.97 17.05
CA GLY D 367 9.95 77.89 16.94
C GLY D 367 11.37 78.36 17.13
N THR D 368 12.21 77.42 17.55
CA THR D 368 13.63 77.66 17.75
C THR D 368 14.42 76.79 16.79
N VAL D 369 15.32 77.40 16.04
CA VAL D 369 16.23 76.67 15.16
C VAL D 369 17.37 76.13 16.02
N VAL D 370 17.37 74.82 16.27
CA VAL D 370 18.45 74.20 17.04
C VAL D 370 19.55 73.64 16.15
N TYR D 371 19.33 73.60 14.83
CA TYR D 371 20.36 73.26 13.86
C TYR D 371 19.97 73.83 12.50
N GLY D 372 20.96 74.35 11.78
CA GLY D 372 20.77 74.83 10.42
C GLY D 372 20.09 76.17 10.32
N GLY D 373 19.17 76.27 9.37
CA GLY D 373 18.38 77.46 9.16
C GLY D 373 18.99 78.50 8.24
N LYS D 374 20.18 78.24 7.69
CA LYS D 374 20.90 79.20 6.89
C LYS D 374 21.28 78.61 5.53
N VAL D 375 21.47 79.50 4.56
CA VAL D 375 22.09 79.12 3.30
C VAL D 375 23.57 78.82 3.52
N MET D 376 24.10 77.88 2.74
CA MET D 376 25.53 77.60 2.77
C MET D 376 26.26 78.55 1.83
N ASP D 377 27.39 79.11 2.31
CA ASP D 377 28.17 80.07 1.53
C ASP D 377 29.04 79.32 0.54
N ARG D 378 28.41 78.87 -0.55
CA ARG D 378 29.07 78.09 -1.58
C ARG D 378 28.24 78.16 -2.84
N PRO D 379 28.83 77.88 -4.00
CA PRO D 379 28.05 77.88 -5.25
C PRO D 379 26.90 76.89 -5.21
N GLY D 380 25.87 77.19 -5.98
CA GLY D 380 24.70 76.35 -6.07
C GLY D 380 23.63 76.75 -5.06
N ASN D 381 22.61 75.92 -5.01
CA ASN D 381 21.43 76.20 -4.19
C ASN D 381 21.48 75.36 -2.91
N TYR D 382 22.56 75.51 -2.15
CA TYR D 382 22.77 74.71 -0.96
C TYR D 382 22.25 75.42 0.29
N VAL D 383 21.40 74.73 1.05
CA VAL D 383 20.93 75.21 2.34
C VAL D 383 21.25 74.16 3.39
N GLU D 384 21.31 74.60 4.63
CA GLU D 384 21.64 73.71 5.73
C GLU D 384 20.42 72.89 6.11
N PRO D 385 20.54 71.57 6.30
CA PRO D 385 19.42 70.81 6.86
C PRO D 385 19.12 71.34 8.25
N THR D 386 17.83 71.51 8.54
CA THR D 386 17.39 72.37 9.64
C THR D 386 16.46 71.63 10.58
N ILE D 387 16.68 71.82 11.89
CA ILE D 387 15.85 71.23 12.94
C ILE D 387 15.23 72.37 13.75
N VAL D 388 13.90 72.35 13.87
CA VAL D 388 13.16 73.38 14.57
C VAL D 388 12.38 72.71 15.70
N THR D 389 12.59 73.19 16.91
CA THR D 389 11.90 72.72 18.11
C THR D 389 10.97 73.82 18.64
N GLY D 390 10.10 73.43 19.58
CA GLY D 390 9.32 74.40 20.31
C GLY D 390 8.04 74.91 19.65
N LEU D 391 7.84 74.65 18.36
CA LEU D 391 6.58 75.04 17.73
C LEU D 391 5.44 74.18 18.26
N GLY D 392 4.26 74.78 18.32
CA GLY D 392 3.06 73.99 18.54
C GLY D 392 2.81 73.08 17.35
N HIS D 393 2.29 71.89 17.65
CA HIS D 393 1.96 70.96 16.58
C HIS D 393 0.98 71.56 15.59
N ASP D 394 0.20 72.56 16.02
CA ASP D 394 -0.80 73.23 15.20
C ASP D 394 -0.29 74.51 14.55
N ALA D 395 1.01 74.81 14.66
CA ALA D 395 1.55 75.98 14.01
C ALA D 395 1.28 75.92 12.50
N SER D 396 0.88 77.07 11.93
CA SER D 396 0.47 77.10 10.54
C SER D 396 1.61 76.67 9.61
N ILE D 397 2.84 77.10 9.90
CA ILE D 397 3.98 76.73 9.07
C ILE D 397 4.26 75.23 9.18
N ALA D 398 3.93 74.63 10.32
CA ALA D 398 4.10 73.19 10.45
C ALA D 398 3.07 72.42 9.61
N HIS D 399 1.87 72.98 9.43
CA HIS D 399 0.85 72.33 8.62
C HIS D 399 1.04 72.54 7.13
N THR D 400 1.99 73.39 6.74
CA THR D 400 2.30 73.63 5.34
C THR D 400 3.45 72.74 4.89
N GLU D 401 3.37 72.32 3.63
CA GLU D 401 4.47 71.63 2.99
C GLU D 401 5.41 72.68 2.45
N THR D 402 6.57 72.83 3.07
CA THR D 402 7.66 73.63 2.52
C THR D 402 8.66 72.65 1.95
N PHE D 403 8.79 72.63 0.61
CA PHE D 403 9.58 71.60 -0.05
C PHE D 403 11.06 71.90 0.10
N ALA D 404 11.52 71.79 1.34
CA ALA D 404 12.87 72.14 1.72
C ALA D 404 13.21 71.36 2.99
N PRO D 405 14.51 71.18 3.30
CA PRO D 405 14.89 70.31 4.44
C PRO D 405 14.75 70.96 5.82
N ILE D 406 13.49 71.05 6.27
CA ILE D 406 13.15 71.58 7.57
C ILE D 406 12.34 70.53 8.32
N LEU D 407 12.85 70.08 9.46
CA LEU D 407 12.20 69.07 10.29
C LEU D 407 11.64 69.74 11.53
N TYR D 408 10.31 69.70 11.68
CA TYR D 408 9.64 70.24 12.86
C TYR D 408 9.49 69.12 13.89
N VAL D 409 10.03 69.35 15.08
CA VAL D 409 10.12 68.36 16.14
C VAL D 409 9.14 68.75 17.25
N PHE D 410 8.35 67.77 17.70
CA PHE D 410 7.35 68.03 18.74
C PHE D 410 7.45 67.01 19.85
N LYS D 411 7.07 67.44 21.05
CA LYS D 411 6.90 66.57 22.20
C LYS D 411 5.49 66.00 22.19
N PHE D 412 5.34 64.81 22.77
CA PHE D 412 4.01 64.27 23.01
C PHE D 412 4.07 63.33 24.20
N LYS D 413 2.91 63.04 24.77
CA LYS D 413 2.84 62.13 25.90
C LYS D 413 2.06 60.86 25.60
N ASN D 414 0.83 60.97 25.07
CA ASN D 414 -0.01 59.79 24.93
C ASN D 414 -0.27 59.46 23.46
N GLU D 415 -0.63 58.20 23.26
CA GLU D 415 -0.82 57.63 21.93
C GLU D 415 -2.01 58.22 21.19
N GLU D 416 -3.12 58.44 21.89
CA GLU D 416 -4.31 58.91 21.18
C GLU D 416 -4.09 60.30 20.62
N GLU D 417 -3.49 61.20 21.41
CA GLU D 417 -3.34 62.57 20.93
C GLU D 417 -2.36 62.65 19.76
N VAL D 418 -1.28 61.86 19.80
CA VAL D 418 -0.27 61.99 18.76
C VAL D 418 -0.69 61.33 17.44
N PHE D 419 -1.55 60.30 17.48
CA PHE D 419 -2.16 59.85 16.23
C PHE D 419 -3.03 60.96 15.63
N ALA D 420 -3.77 61.66 16.50
CA ALA D 420 -4.61 62.77 16.05
C ALA D 420 -3.77 63.89 15.44
N TRP D 421 -2.58 64.16 16.01
CA TRP D 421 -1.74 65.21 15.44
C TRP D 421 -1.16 64.78 14.10
N ASN D 422 -0.84 63.49 13.94
CA ASN D 422 -0.44 62.99 12.63
C ASN D 422 -1.52 63.23 11.59
N ASN D 423 -2.77 63.00 11.96
CA ASN D 423 -3.89 63.05 11.03
C ASN D 423 -4.46 64.45 10.90
N GLU D 424 -4.08 65.39 11.77
CA GLU D 424 -4.74 66.69 11.77
C GLU D 424 -4.36 67.56 10.56
N VAL D 425 -3.25 67.27 9.87
CA VAL D 425 -2.86 68.11 8.74
C VAL D 425 -3.75 67.75 7.55
N LYS D 426 -3.72 68.59 6.51
CA LYS D 426 -4.54 68.32 5.33
C LYS D 426 -3.91 67.30 4.40
N GLN D 427 -2.59 67.12 4.48
CA GLN D 427 -1.89 66.14 3.67
C GLN D 427 -2.11 64.74 4.25
N GLY D 428 -2.03 63.73 3.39
CA GLY D 428 -2.26 62.36 3.82
C GLY D 428 -1.45 61.33 3.07
N LEU D 429 -0.15 61.59 2.93
CA LEU D 429 0.74 60.74 2.13
C LEU D 429 1.38 59.63 2.95
N SER D 430 2.44 59.96 3.69
CA SER D 430 3.23 58.97 4.38
C SER D 430 3.27 59.26 5.89
N SER D 431 3.52 58.21 6.66
CA SER D 431 3.53 58.26 8.11
C SER D 431 4.33 57.08 8.64
N SER D 432 4.92 57.24 9.83
CA SER D 432 5.68 56.16 10.46
C SER D 432 5.62 56.28 11.99
N ILE D 433 5.50 55.13 12.67
CA ILE D 433 5.74 55.06 14.10
C ILE D 433 6.93 54.15 14.38
N PHE D 434 7.66 54.50 15.42
CA PHE D 434 8.76 53.69 15.92
C PHE D 434 8.39 53.23 17.32
N THR D 435 8.20 51.94 17.47
CA THR D 435 7.68 51.38 18.70
C THR D 435 7.85 49.88 18.61
N LYS D 436 7.83 49.23 19.77
CA LYS D 436 7.83 47.76 19.86
C LYS D 436 6.48 47.22 20.27
N ASP D 437 5.52 48.08 20.61
CA ASP D 437 4.28 47.66 21.22
C ASP D 437 3.35 47.07 20.16
N LEU D 438 3.00 45.80 20.34
CA LEU D 438 2.19 45.09 19.35
C LEU D 438 0.80 45.70 19.24
N GLY D 439 0.18 46.05 20.37
CA GLY D 439 -1.16 46.63 20.31
C GLY D 439 -1.16 48.00 19.64
N ARG D 440 -0.14 48.80 19.93
CA ARG D 440 -0.01 50.12 19.32
C ARG D 440 0.17 50.02 17.81
N ILE D 441 0.97 49.06 17.35
CA ILE D 441 1.23 48.90 15.93
C ILE D 441 -0.08 48.65 15.19
N PHE D 442 -0.91 47.74 15.70
CA PHE D 442 -2.16 47.43 15.01
C PHE D 442 -3.21 48.51 15.21
N CYS D 443 -3.15 49.25 16.31
CA CYS D 443 -3.98 50.45 16.40
C CYS D 443 -3.59 51.45 15.32
N TRP D 444 -2.28 51.64 15.13
CA TRP D 444 -1.79 52.52 14.08
C TRP D 444 -2.24 52.05 12.70
N LEU D 445 -2.27 50.75 12.47
CA LEU D 445 -2.71 50.23 11.18
C LEU D 445 -4.23 50.20 11.04
N GLY D 446 -4.96 50.43 12.12
CA GLY D 446 -6.38 50.23 12.12
C GLY D 446 -7.16 51.50 11.89
N PRO D 447 -8.47 51.42 12.11
CA PRO D 447 -9.36 52.55 11.79
C PRO D 447 -9.13 53.78 12.65
N LYS D 448 -8.54 53.64 13.84
CA LYS D 448 -8.16 54.79 14.63
C LYS D 448 -6.67 55.10 14.53
N GLY D 449 -6.01 54.61 13.49
CA GLY D 449 -4.58 54.88 13.35
C GLY D 449 -4.33 56.05 12.41
N SER D 450 -3.25 55.94 11.65
CA SER D 450 -2.87 56.99 10.69
C SER D 450 -3.85 57.05 9.54
N ASP D 451 -4.12 58.26 9.06
CA ASP D 451 -5.05 58.42 7.94
C ASP D 451 -4.33 58.49 6.59
N CYS D 452 -3.07 58.09 6.53
CA CYS D 452 -2.28 58.31 5.33
C CYS D 452 -2.38 57.14 4.37
N GLY D 453 -1.94 57.39 3.14
CA GLY D 453 -1.88 56.31 2.17
C GLY D 453 -0.75 55.34 2.41
N ILE D 454 0.29 55.77 3.12
CA ILE D 454 1.43 54.93 3.50
C ILE D 454 1.58 55.00 5.00
N VAL D 455 1.50 53.84 5.64
CA VAL D 455 1.43 53.73 7.10
C VAL D 455 2.50 52.71 7.52
N ASN D 456 3.64 53.21 8.03
CA ASN D 456 4.82 52.39 8.26
C ASN D 456 5.11 52.19 9.74
N VAL D 457 5.90 51.15 10.03
CA VAL D 457 6.29 50.79 11.39
C VAL D 457 7.78 50.49 11.38
N ASN D 458 8.55 51.23 12.18
CA ASN D 458 9.99 51.00 12.36
C ASN D 458 10.77 51.09 11.05
N ILE D 459 10.23 51.82 10.09
CA ILE D 459 10.89 52.20 8.86
C ILE D 459 10.35 53.59 8.59
N PRO D 460 11.15 54.53 8.08
CA PRO D 460 10.70 55.94 7.95
C PRO D 460 9.66 56.15 6.86
N THR D 461 9.37 57.42 6.57
CA THR D 461 8.25 57.82 5.73
C THR D 461 8.49 57.57 4.25
N SER D 462 9.71 57.28 3.83
CA SER D 462 10.00 56.93 2.45
C SER D 462 10.05 55.41 2.20
N GLY D 463 9.67 54.60 3.18
CA GLY D 463 9.61 53.16 2.98
C GLY D 463 8.46 52.75 2.07
N ALA D 464 8.76 52.44 0.80
CA ALA D 464 7.76 52.03 -0.18
C ALA D 464 8.44 51.26 -1.31
N GLU D 465 7.77 50.22 -1.79
CA GLU D 465 8.30 49.38 -2.85
C GLU D 465 7.26 49.19 -3.95
N ILE D 466 7.75 48.66 -5.08
CA ILE D 466 6.94 48.52 -6.29
C ILE D 466 5.73 47.63 -6.07
N GLY D 467 5.83 46.67 -5.15
CA GLY D 467 4.76 45.70 -4.96
C GLY D 467 3.42 46.28 -4.59
N GLY D 468 3.40 47.38 -3.83
CA GLY D 468 2.17 47.97 -3.33
C GLY D 468 1.77 49.23 -4.08
N ALA D 469 0.51 49.62 -3.88
CA ALA D 469 0.03 50.87 -4.43
C ALA D 469 0.63 52.04 -3.66
N PHE D 470 1.08 53.06 -4.38
CA PHE D 470 1.72 54.21 -3.79
C PHE D 470 0.85 55.44 -3.99
N GLY D 471 0.55 56.12 -2.91
CA GLY D 471 -0.23 57.34 -3.01
C GLY D 471 -0.79 57.70 -1.65
N GLY D 472 -1.47 58.84 -1.62
CA GLY D 472 -1.97 59.40 -0.37
C GLY D 472 -3.46 59.67 -0.40
N GLU D 473 -3.94 60.19 0.73
CA GLU D 473 -5.33 60.55 0.96
C GLU D 473 -5.44 62.05 1.17
N LYS D 474 -6.67 62.52 1.31
CA LYS D 474 -6.96 63.92 1.64
C LYS D 474 -6.33 64.78 0.55
N HIS D 475 -5.64 65.89 0.90
CA HIS D 475 -5.05 66.77 -0.09
C HIS D 475 -3.89 66.12 -0.87
N THR D 476 -3.46 64.89 -0.55
CA THR D 476 -2.46 64.22 -1.39
C THR D 476 -3.07 63.70 -2.70
N GLY D 477 -4.41 63.70 -2.84
CA GLY D 477 -5.07 63.55 -4.12
C GLY D 477 -5.85 62.25 -4.29
N GLY D 478 -5.43 61.18 -3.62
CA GLY D 478 -6.15 59.93 -3.66
C GLY D 478 -5.70 58.93 -4.71
N GLY D 479 -4.91 59.35 -5.70
CA GLY D 479 -4.42 58.42 -6.70
C GLY D 479 -3.45 57.40 -6.14
N ARG D 480 -3.28 56.31 -6.88
CA ARG D 480 -2.34 55.23 -6.56
C ARG D 480 -1.56 54.86 -7.81
N GLU D 481 -0.30 54.51 -7.61
CA GLU D 481 0.61 54.16 -8.69
C GLU D 481 1.30 52.84 -8.36
N SER D 482 1.88 52.23 -9.40
CA SER D 482 2.74 51.07 -9.27
C SER D 482 1.94 49.80 -8.94
N GLY D 483 1.97 49.36 -7.67
CA GLY D 483 1.62 47.99 -7.32
C GLY D 483 0.17 47.75 -6.96
N SER D 484 -0.08 46.59 -6.33
CA SER D 484 -1.43 46.13 -6.01
C SER D 484 -2.31 46.22 -7.24
N ASP D 485 -3.56 46.67 -7.12
CA ASP D 485 -4.43 46.84 -8.28
C ASP D 485 -4.54 48.29 -8.73
N ALA D 486 -3.46 49.06 -8.56
CA ALA D 486 -3.45 50.44 -9.04
C ALA D 486 -3.73 50.51 -10.54
N TRP D 487 -3.38 49.46 -11.28
CA TRP D 487 -3.61 49.44 -12.72
C TRP D 487 -5.06 49.70 -13.06
N LYS D 488 -6.00 49.41 -12.15
CA LYS D 488 -7.39 49.60 -12.48
C LYS D 488 -7.72 51.05 -12.78
N GLN D 489 -6.91 52.00 -12.28
CA GLN D 489 -7.11 53.39 -12.64
C GLN D 489 -6.81 53.68 -14.11
N TYR D 490 -6.02 52.85 -14.77
CA TYR D 490 -5.63 53.08 -16.15
C TYR D 490 -6.56 52.40 -17.12
N MET D 491 -7.65 51.81 -16.62
CA MET D 491 -8.57 51.04 -17.42
C MET D 491 -9.99 51.41 -17.03
N ARG D 492 -10.94 51.03 -17.88
CA ARG D 492 -12.37 51.17 -17.59
C ARG D 492 -12.98 49.79 -17.36
N ARG D 493 -13.77 49.70 -16.30
CA ARG D 493 -14.48 48.48 -15.94
C ARG D 493 -15.81 48.44 -16.66
N SER D 494 -16.17 47.26 -17.16
CA SER D 494 -17.52 47.04 -17.66
C SER D 494 -18.07 45.74 -17.08
N THR D 495 -19.32 45.77 -16.63
CA THR D 495 -19.98 44.57 -16.13
C THR D 495 -20.87 44.04 -17.24
N CYS D 496 -20.57 42.85 -17.70
CA CYS D 496 -21.14 42.38 -18.95
C CYS D 496 -21.98 41.13 -18.69
N THR D 497 -23.26 41.20 -19.02
CA THR D 497 -24.16 40.06 -18.92
C THR D 497 -24.42 39.54 -20.32
N ILE D 498 -24.14 38.26 -20.53
CA ILE D 498 -24.31 37.63 -21.83
C ILE D 498 -25.39 36.57 -21.68
N ASN D 499 -26.51 36.76 -22.38
CA ASN D 499 -27.52 35.73 -22.53
C ASN D 499 -27.13 34.86 -23.73
N TYR D 500 -26.73 33.62 -23.46
CA TYR D 500 -26.43 32.63 -24.50
C TYR D 500 -27.54 31.61 -24.64
N SER D 501 -28.62 31.76 -23.91
CA SER D 501 -29.71 30.81 -23.94
C SER D 501 -30.70 31.12 -25.07
N LYS D 502 -31.61 30.19 -25.29
CA LYS D 502 -32.77 30.36 -26.16
C LYS D 502 -34.00 30.88 -25.41
N ASP D 503 -33.88 31.12 -24.10
CA ASP D 503 -35.05 31.52 -23.32
C ASP D 503 -35.54 32.91 -23.71
N LEU D 504 -36.83 33.04 -23.80
CA LEU D 504 -37.39 34.34 -24.07
C LEU D 504 -37.94 34.93 -22.77
N PRO D 505 -37.92 36.25 -22.60
CA PRO D 505 -38.46 36.83 -21.37
C PRO D 505 -39.97 36.60 -21.29
N LEU D 506 -40.46 36.64 -20.06
CA LEU D 506 -41.89 36.47 -19.83
C LEU D 506 -42.68 37.46 -20.66
N ALA D 507 -43.76 36.97 -21.28
CA ALA D 507 -44.60 37.82 -22.11
C ALA D 507 -45.42 38.78 -21.27
N GLN D 508 -45.65 38.45 -20.00
CA GLN D 508 -46.37 39.33 -19.08
C GLN D 508 -47.72 39.75 -19.66
N GLY D 509 -48.39 38.80 -20.33
CA GLY D 509 -49.72 39.03 -20.85
C GLY D 509 -49.78 39.72 -22.19
N ILE D 510 -48.67 40.18 -22.71
CA ILE D 510 -48.63 40.78 -24.03
C ILE D 510 -48.45 39.68 -25.05
N LYS D 511 -49.18 39.76 -26.17
CA LYS D 511 -49.14 38.75 -27.23
C LYS D 511 -48.06 39.15 -28.23
N PHE D 512 -46.94 38.43 -28.22
CA PHE D 512 -45.91 38.65 -29.22
C PHE D 512 -46.12 37.69 -30.39
N GLN D 513 -45.31 37.88 -31.42
CA GLN D 513 -45.44 37.10 -32.64
C GLN D 513 -44.91 35.68 -32.45
N THR E 5 -11.73 -13.39 -41.89
CA THR E 5 -12.31 -14.71 -41.68
C THR E 5 -11.59 -15.49 -40.57
N LEU E 6 -12.38 -16.23 -39.79
CA LEU E 6 -11.86 -16.98 -38.66
C LEU E 6 -11.12 -18.24 -39.11
N LEU E 7 -10.02 -18.56 -38.42
CA LEU E 7 -9.29 -19.80 -38.72
C LEU E 7 -10.15 -21.03 -38.48
N ILE E 8 -11.02 -21.00 -37.46
CA ILE E 8 -11.85 -22.15 -37.18
C ILE E 8 -12.85 -22.42 -38.31
N ASN E 9 -13.17 -21.39 -39.10
CA ASN E 9 -14.09 -21.51 -40.22
C ASN E 9 -13.43 -21.90 -41.54
N GLN E 10 -12.10 -22.05 -41.59
CA GLN E 10 -11.36 -22.53 -42.75
C GLN E 10 -11.10 -24.03 -42.63
N PRO E 11 -11.26 -24.79 -43.72
CA PRO E 11 -11.11 -26.25 -43.63
C PRO E 11 -9.74 -26.72 -43.13
N GLN E 12 -8.67 -25.97 -43.39
CA GLN E 12 -7.35 -26.38 -42.94
C GLN E 12 -7.25 -26.55 -41.42
N TYR E 13 -8.16 -25.96 -40.65
CA TYR E 13 -8.12 -26.01 -39.18
C TYR E 13 -9.33 -26.75 -38.60
N ALA E 14 -9.94 -27.65 -39.37
CA ALA E 14 -11.12 -28.36 -38.88
C ALA E 14 -10.82 -29.21 -37.65
N TRP E 15 -9.55 -29.50 -37.37
CA TRP E 15 -9.20 -30.24 -36.17
C TRP E 15 -9.58 -29.51 -34.89
N LEU E 16 -9.69 -28.18 -34.95
CA LEU E 16 -10.12 -27.40 -33.78
C LEU E 16 -11.46 -27.90 -33.27
N LYS E 17 -12.32 -28.40 -34.15
CA LYS E 17 -13.62 -28.93 -33.75
C LYS E 17 -13.48 -30.21 -32.92
N GLU E 18 -12.36 -30.93 -33.04
CA GLU E 18 -12.18 -32.11 -32.21
C GLU E 18 -12.09 -31.75 -30.72
N LEU E 19 -11.86 -30.47 -30.40
CA LEU E 19 -11.85 -29.95 -29.05
C LEU E 19 -13.19 -29.36 -28.64
N GLY E 20 -14.21 -29.51 -29.46
CA GLY E 20 -15.51 -28.94 -29.16
C GLY E 20 -15.59 -27.45 -29.36
N LEU E 21 -14.60 -26.86 -30.02
CA LEU E 21 -14.60 -25.43 -30.23
C LEU E 21 -15.45 -25.09 -31.46
N ARG E 22 -16.07 -23.91 -31.41
CA ARG E 22 -16.89 -23.36 -32.49
C ARG E 22 -16.50 -21.92 -32.75
N GLU E 23 -17.25 -21.21 -33.59
CA GLU E 23 -16.95 -19.81 -33.86
C GLU E 23 -16.92 -18.99 -32.57
N GLU E 24 -17.99 -19.04 -31.80
CA GLU E 24 -18.12 -18.28 -30.57
C GLU E 24 -18.36 -19.24 -29.41
N ASN E 25 -17.48 -19.19 -28.43
CA ASN E 25 -17.46 -20.15 -27.35
C ASN E 25 -17.83 -19.51 -26.03
N GLU E 26 -18.56 -20.26 -25.21
CA GLU E 26 -18.88 -19.84 -23.85
C GLU E 26 -17.60 -19.86 -23.02
N GLY E 27 -17.31 -18.75 -22.35
CA GLY E 27 -16.13 -18.65 -21.52
C GLY E 27 -16.38 -18.81 -20.04
N VAL E 28 -17.58 -19.22 -19.64
CA VAL E 28 -17.89 -19.51 -18.25
C VAL E 28 -18.37 -20.94 -18.19
N TYR E 29 -17.81 -21.71 -17.26
CA TYR E 29 -18.32 -23.04 -16.95
C TYR E 29 -18.38 -23.18 -15.44
N ASN E 30 -19.55 -23.57 -14.94
CA ASN E 30 -19.72 -23.82 -13.51
C ASN E 30 -20.69 -24.97 -13.31
N GLY E 31 -20.73 -25.91 -14.28
CA GLY E 31 -21.80 -26.86 -14.42
C GLY E 31 -22.69 -26.52 -15.60
N SER E 32 -22.89 -25.24 -15.86
CA SER E 32 -23.50 -24.76 -17.10
C SER E 32 -22.47 -23.92 -17.84
N TRP E 33 -22.62 -23.85 -19.15
CA TRP E 33 -21.77 -23.03 -19.98
C TRP E 33 -22.49 -21.73 -20.27
N GLY E 34 -21.77 -20.62 -20.17
CA GLY E 34 -22.34 -19.33 -20.42
C GLY E 34 -21.29 -18.27 -20.61
N GLY E 35 -21.68 -17.04 -20.37
CA GLY E 35 -20.75 -15.96 -20.57
C GLY E 35 -21.49 -14.76 -21.11
N ARG E 36 -21.75 -13.80 -20.24
CA ARG E 36 -22.45 -12.58 -20.60
C ARG E 36 -21.52 -11.39 -20.65
N GLY E 37 -20.23 -11.59 -20.38
CA GLY E 37 -19.27 -10.51 -20.45
C GLY E 37 -18.87 -10.23 -21.89
N GLU E 38 -17.75 -9.53 -22.04
CA GLU E 38 -17.30 -9.12 -23.36
C GLU E 38 -16.82 -10.32 -24.18
N VAL E 39 -17.13 -10.29 -25.46
CA VAL E 39 -16.67 -11.33 -26.38
C VAL E 39 -15.26 -10.96 -26.83
N ILE E 40 -14.31 -11.87 -26.61
CA ILE E 40 -12.92 -11.64 -27.01
C ILE E 40 -12.57 -12.56 -28.16
N THR E 41 -11.83 -12.02 -29.12
CA THR E 41 -11.28 -12.78 -30.24
C THR E 41 -9.79 -13.00 -29.98
N THR E 42 -9.36 -14.25 -30.04
CA THR E 42 -7.94 -14.55 -29.89
C THR E 42 -7.33 -14.80 -31.26
N TYR E 43 -6.04 -14.47 -31.38
CA TYR E 43 -5.36 -14.45 -32.66
C TYR E 43 -4.15 -15.36 -32.65
N CYS E 44 -3.83 -15.88 -33.82
CA CYS E 44 -2.64 -16.69 -33.98
C CYS E 44 -1.42 -15.78 -34.01
N PRO E 45 -0.48 -15.94 -33.07
CA PRO E 45 0.69 -15.04 -33.05
C PRO E 45 1.64 -15.26 -34.20
N ALA E 46 1.50 -16.34 -34.98
CA ALA E 46 2.37 -16.55 -36.13
C ALA E 46 1.93 -15.76 -37.36
N ASN E 47 0.66 -15.42 -37.48
CA ASN E 47 0.18 -14.72 -38.67
C ASN E 47 -0.85 -13.65 -38.37
N ASN E 48 -1.14 -13.36 -37.09
CA ASN E 48 -2.12 -12.35 -36.70
C ASN E 48 -3.50 -12.59 -37.28
N GLU E 49 -3.83 -13.85 -37.55
CA GLU E 49 -5.15 -14.16 -38.05
C GLU E 49 -6.08 -14.50 -36.88
N PRO E 50 -7.34 -14.05 -36.92
CA PRO E 50 -8.28 -14.38 -35.84
C PRO E 50 -8.64 -15.87 -35.88
N ILE E 51 -8.68 -16.49 -34.72
CA ILE E 51 -8.95 -17.93 -34.61
C ILE E 51 -10.42 -18.23 -34.36
N ALA E 52 -10.94 -17.75 -33.21
CA ALA E 52 -12.33 -17.94 -32.80
C ALA E 52 -12.59 -16.97 -31.65
N ARG E 53 -13.84 -16.94 -31.15
CA ARG E 53 -14.24 -15.97 -30.14
C ARG E 53 -14.67 -16.66 -28.85
N VAL E 54 -14.58 -15.94 -27.74
CA VAL E 54 -14.97 -16.46 -26.43
C VAL E 54 -15.78 -15.39 -25.72
N ARG E 55 -16.98 -15.73 -25.26
CA ARG E 55 -17.79 -14.81 -24.47
C ARG E 55 -17.29 -14.89 -23.03
N GLN E 56 -16.69 -13.80 -22.54
CA GLN E 56 -16.08 -13.86 -21.22
C GLN E 56 -17.11 -13.66 -20.13
N ALA E 57 -16.66 -13.78 -18.88
CA ALA E 57 -17.54 -13.69 -17.72
C ALA E 57 -17.85 -12.24 -17.38
N SER E 58 -19.12 -11.97 -17.14
CA SER E 58 -19.52 -10.76 -16.45
C SER E 58 -19.35 -10.95 -14.95
N VAL E 59 -19.58 -9.88 -14.19
CA VAL E 59 -19.53 -9.96 -12.73
C VAL E 59 -20.55 -10.99 -12.24
N ALA E 60 -21.78 -10.91 -12.77
CA ALA E 60 -22.83 -11.85 -12.39
C ALA E 60 -22.41 -13.28 -12.67
N ASP E 61 -21.75 -13.51 -13.80
CA ASP E 61 -21.20 -14.83 -14.08
C ASP E 61 -20.26 -15.26 -12.98
N TYR E 62 -19.34 -14.36 -12.62
CA TYR E 62 -18.36 -14.68 -11.59
C TYR E 62 -19.03 -14.95 -10.26
N GLU E 63 -19.96 -14.09 -9.85
CA GLU E 63 -20.72 -14.29 -8.61
C GLU E 63 -21.45 -15.61 -8.64
N GLU E 64 -22.15 -15.90 -9.74
CA GLU E 64 -22.90 -17.14 -9.84
C GLU E 64 -21.96 -18.33 -9.80
N THR E 65 -20.82 -18.23 -10.45
CA THR E 65 -19.89 -19.34 -10.50
C THR E 65 -19.25 -19.58 -9.14
N VAL E 66 -18.84 -18.52 -8.44
CA VAL E 66 -18.26 -18.72 -7.12
C VAL E 66 -19.26 -19.40 -6.21
N LYS E 67 -20.52 -18.94 -6.22
CA LYS E 67 -21.55 -19.58 -5.41
C LYS E 67 -21.72 -21.05 -5.77
N LYS E 68 -21.76 -21.35 -7.07
CA LYS E 68 -21.90 -22.75 -7.51
C LYS E 68 -20.68 -23.57 -7.10
N ALA E 69 -19.48 -22.99 -7.19
CA ALA E 69 -18.29 -23.71 -6.78
C ALA E 69 -18.34 -24.07 -5.29
N ARG E 70 -18.79 -23.13 -4.45
CA ARG E 70 -18.81 -23.38 -3.01
C ARG E 70 -19.86 -24.42 -2.65
N GLU E 71 -21.01 -24.40 -3.31
CA GLU E 71 -21.98 -25.48 -3.11
C GLU E 71 -21.38 -26.81 -3.53
N ALA E 72 -20.72 -26.82 -4.69
CA ALA E 72 -20.09 -28.06 -5.14
C ALA E 72 -19.03 -28.54 -4.17
N TRP E 73 -18.38 -27.63 -3.42
CA TRP E 73 -17.36 -28.06 -2.48
C TRP E 73 -17.93 -28.92 -1.36
N LYS E 74 -19.17 -28.67 -0.97
CA LYS E 74 -19.81 -29.49 0.06
C LYS E 74 -19.88 -30.95 -0.39
N ILE E 75 -20.15 -31.18 -1.67
CA ILE E 75 -20.16 -32.54 -2.21
C ILE E 75 -18.74 -33.06 -2.37
N TRP E 76 -17.85 -32.23 -2.90
CA TRP E 76 -16.52 -32.72 -3.28
C TRP E 76 -15.65 -33.03 -2.06
N ALA E 77 -15.72 -32.18 -1.02
CA ALA E 77 -14.91 -32.41 0.16
C ALA E 77 -15.26 -33.70 0.88
N ASP E 78 -16.51 -34.15 0.74
CA ASP E 78 -16.99 -35.39 1.32
C ASP E 78 -16.53 -36.63 0.57
N ILE E 79 -15.94 -36.45 -0.60
CA ILE E 79 -15.49 -37.60 -1.38
C ILE E 79 -14.11 -38.02 -0.87
N PRO E 80 -13.93 -39.29 -0.51
CA PRO E 80 -12.63 -39.72 0.01
C PRO E 80 -11.53 -39.35 -0.98
N ALA E 81 -10.38 -38.95 -0.44
CA ALA E 81 -9.25 -38.53 -1.25
C ALA E 81 -8.88 -39.53 -2.35
N PRO E 82 -8.73 -40.82 -2.10
CA PRO E 82 -8.42 -41.74 -3.21
C PRO E 82 -9.42 -41.70 -4.33
N LYS E 83 -10.70 -41.48 -4.00
CA LYS E 83 -11.72 -41.40 -5.04
C LYS E 83 -11.63 -40.09 -5.81
N ARG E 84 -11.22 -39.00 -5.16
CA ARG E 84 -10.88 -37.81 -5.92
C ARG E 84 -9.70 -38.07 -6.84
N GLY E 85 -8.73 -38.84 -6.38
CA GLY E 85 -7.61 -39.20 -7.24
C GLY E 85 -8.05 -39.97 -8.48
N GLU E 86 -9.03 -40.86 -8.32
CA GLU E 86 -9.57 -41.59 -9.46
C GLU E 86 -10.15 -40.63 -10.50
N ILE E 87 -10.83 -39.59 -10.03
CA ILE E 87 -11.34 -38.58 -10.95
C ILE E 87 -10.18 -37.91 -11.68
N VAL E 88 -9.13 -37.56 -10.94
CA VAL E 88 -7.95 -36.94 -11.55
C VAL E 88 -7.27 -37.93 -12.51
N ARG E 89 -7.26 -39.22 -12.17
CA ARG E 89 -6.76 -40.22 -13.11
C ARG E 89 -7.51 -40.16 -14.44
N GLN E 90 -8.83 -40.02 -14.37
CA GLN E 90 -9.62 -39.96 -15.60
C GLN E 90 -9.35 -38.66 -16.36
N ILE E 91 -9.16 -37.55 -15.64
CA ILE E 91 -8.71 -36.34 -16.33
C ILE E 91 -7.41 -36.61 -17.06
N GLY E 92 -6.47 -37.32 -16.42
CA GLY E 92 -5.24 -37.67 -17.10
C GLY E 92 -5.50 -38.43 -18.40
N ASP E 93 -6.40 -39.42 -18.36
CA ASP E 93 -6.70 -40.20 -19.56
C ASP E 93 -7.42 -39.37 -20.61
N ALA E 94 -8.37 -38.53 -20.19
CA ALA E 94 -9.08 -37.70 -21.16
C ALA E 94 -8.12 -36.77 -21.90
N LEU E 95 -7.12 -36.22 -21.20
CA LEU E 95 -6.10 -35.38 -21.83
C LEU E 95 -5.23 -36.20 -22.79
N ARG E 96 -4.90 -37.43 -22.42
CA ARG E 96 -4.13 -38.33 -23.29
C ARG E 96 -4.80 -38.50 -24.65
N GLU E 97 -6.13 -38.65 -24.67
CA GLU E 97 -6.86 -38.87 -25.92
C GLU E 97 -6.85 -37.66 -26.84
N LYS E 98 -6.71 -36.46 -26.28
CA LYS E 98 -6.74 -35.23 -27.08
C LYS E 98 -5.38 -34.58 -27.17
N ILE E 99 -4.32 -35.30 -26.82
CA ILE E 99 -3.04 -34.63 -26.61
C ILE E 99 -2.60 -33.93 -27.90
N GLN E 100 -2.88 -34.53 -29.06
CA GLN E 100 -2.39 -33.97 -30.31
C GLN E 100 -3.13 -32.68 -30.67
N VAL E 101 -4.47 -32.72 -30.72
CA VAL E 101 -5.22 -31.52 -31.09
C VAL E 101 -5.05 -30.42 -30.05
N LEU E 102 -4.98 -30.78 -28.76
CA LEU E 102 -4.77 -29.76 -27.73
C LEU E 102 -3.38 -29.16 -27.83
N GLY E 103 -2.36 -30.00 -28.00
CA GLY E 103 -1.03 -29.47 -28.22
C GLY E 103 -0.98 -28.59 -29.46
N SER E 104 -1.73 -28.97 -30.50
CA SER E 104 -1.82 -28.13 -31.70
C SER E 104 -2.50 -26.81 -31.39
N LEU E 105 -3.51 -26.81 -30.50
CA LEU E 105 -4.17 -25.57 -30.14
C LEU E 105 -3.20 -24.65 -29.40
N VAL E 106 -2.37 -25.21 -28.52
CA VAL E 106 -1.36 -24.40 -27.83
C VAL E 106 -0.40 -23.76 -28.83
N SER E 107 0.05 -24.53 -29.82
CA SER E 107 0.93 -23.96 -30.83
C SER E 107 0.23 -22.86 -31.62
N LEU E 108 -1.07 -23.05 -31.90
CA LEU E 108 -1.80 -22.08 -32.71
C LEU E 108 -2.06 -20.80 -31.93
N GLU E 109 -2.63 -20.93 -30.71
CA GLU E 109 -3.09 -19.76 -29.98
C GLU E 109 -2.01 -19.11 -29.15
N MET E 110 -1.11 -19.89 -28.56
CA MET E 110 -0.07 -19.30 -27.74
C MET E 110 1.19 -19.04 -28.55
N GLY E 111 1.59 -20.00 -29.39
CA GLY E 111 2.66 -19.79 -30.34
C GLY E 111 3.94 -20.58 -30.13
N LYS E 112 4.02 -21.44 -29.12
CA LYS E 112 5.21 -22.27 -28.92
C LYS E 112 5.21 -23.43 -29.91
N ILE E 113 6.38 -24.03 -30.11
CA ILE E 113 6.48 -25.06 -31.15
C ILE E 113 5.70 -26.30 -30.73
N LEU E 114 5.36 -27.12 -31.73
CA LEU E 114 4.40 -28.19 -31.52
C LEU E 114 4.87 -29.17 -30.44
N VAL E 115 6.14 -29.57 -30.46
CA VAL E 115 6.61 -30.54 -29.46
C VAL E 115 6.41 -30.00 -28.05
N GLU E 116 6.52 -28.68 -27.85
CA GLU E 116 6.30 -28.10 -26.52
C GLU E 116 4.82 -27.95 -26.20
N GLY E 117 3.99 -27.66 -27.20
CA GLY E 117 2.55 -27.69 -26.96
C GLY E 117 2.10 -29.08 -26.53
N VAL E 118 2.54 -30.10 -27.27
CA VAL E 118 2.28 -31.49 -26.87
C VAL E 118 2.92 -31.78 -25.52
N GLY E 119 4.15 -31.31 -25.32
CA GLY E 119 4.82 -31.53 -24.04
C GLY E 119 4.06 -30.91 -22.87
N GLU E 120 3.47 -29.74 -23.08
CA GLU E 120 2.72 -29.12 -22.00
C GLU E 120 1.52 -29.96 -21.60
N VAL E 121 0.83 -30.56 -22.56
CA VAL E 121 -0.28 -31.44 -22.21
C VAL E 121 0.25 -32.68 -21.49
N GLN E 122 1.39 -33.21 -21.95
CA GLN E 122 2.01 -34.35 -21.28
C GLN E 122 2.33 -34.02 -19.82
N GLU E 123 2.76 -32.79 -19.55
CA GLU E 123 3.01 -32.37 -18.18
C GLU E 123 1.74 -32.49 -17.33
N TYR E 124 0.61 -32.03 -17.86
CA TYR E 124 -0.64 -32.15 -17.12
C TYR E 124 -1.00 -33.61 -16.91
N VAL E 125 -0.87 -34.42 -17.95
CA VAL E 125 -1.11 -35.86 -17.83
C VAL E 125 -0.23 -36.46 -16.74
N ASP E 126 1.06 -36.13 -16.75
CA ASP E 126 1.97 -36.72 -15.78
C ASP E 126 1.59 -36.36 -14.36
N ILE E 127 1.28 -35.07 -14.13
CA ILE E 127 0.94 -34.67 -12.78
C ILE E 127 -0.38 -35.31 -12.35
N CYS E 128 -1.30 -35.54 -13.29
CA CYS E 128 -2.51 -36.27 -12.94
C CYS E 128 -2.16 -37.65 -12.38
N ASP E 129 -1.35 -38.42 -13.13
CA ASP E 129 -1.03 -39.77 -12.69
C ASP E 129 -0.25 -39.76 -11.37
N TYR E 130 0.63 -38.79 -11.20
CA TYR E 130 1.32 -38.57 -9.94
C TYR E 130 0.35 -38.32 -8.80
N ALA E 131 -0.59 -37.38 -9.01
CA ALA E 131 -1.57 -37.00 -8.00
C ALA E 131 -2.46 -38.15 -7.60
N VAL E 132 -2.61 -39.16 -8.48
CA VAL E 132 -3.40 -40.33 -8.15
C VAL E 132 -2.80 -41.10 -6.96
N GLY E 133 -1.48 -41.29 -6.96
CA GLY E 133 -0.84 -41.92 -5.82
C GLY E 133 -0.82 -41.03 -4.59
N LEU E 134 -0.55 -39.74 -4.79
CA LEU E 134 -0.56 -38.80 -3.68
C LEU E 134 -1.92 -38.79 -2.99
N SER E 135 -2.99 -39.09 -3.72
CA SER E 135 -4.32 -39.02 -3.13
C SER E 135 -4.52 -40.08 -2.06
N ARG E 136 -3.67 -41.11 -2.05
CA ARG E 136 -3.63 -42.12 -1.02
C ARG E 136 -2.55 -41.84 0.01
N MET E 137 -1.87 -40.71 -0.08
CA MET E 137 -0.75 -40.40 0.80
C MET E 137 -0.90 -39.12 1.60
N ILE E 138 -1.66 -38.12 1.12
CA ILE E 138 -1.71 -36.82 1.80
C ILE E 138 -2.22 -36.98 3.22
N GLY E 139 -1.64 -36.23 4.14
CA GLY E 139 -2.02 -36.31 5.53
C GLY E 139 -0.86 -35.89 6.39
N GLY E 140 -1.04 -36.04 7.71
CA GLY E 140 -0.01 -35.63 8.64
C GLY E 140 0.37 -36.76 9.59
N PRO E 141 1.35 -36.49 10.46
CA PRO E 141 1.77 -37.53 11.40
C PRO E 141 0.84 -37.65 12.61
N ILE E 142 0.76 -38.88 13.13
CA ILE E 142 0.27 -39.14 14.49
C ILE E 142 1.44 -38.97 15.42
N LEU E 143 1.31 -38.04 16.37
CA LEU E 143 2.45 -37.71 17.23
C LEU E 143 2.28 -38.32 18.62
N PRO E 144 3.36 -38.65 19.32
CA PRO E 144 3.24 -39.21 20.68
C PRO E 144 3.04 -38.07 21.68
N SER E 145 1.84 -37.99 22.25
CA SER E 145 1.57 -36.90 23.17
C SER E 145 2.34 -37.05 24.47
N GLU E 146 2.70 -35.90 25.06
CA GLU E 146 3.27 -35.91 26.41
C GLU E 146 2.24 -36.19 27.50
N ARG E 147 0.94 -36.12 27.18
CA ARG E 147 -0.12 -36.31 28.14
C ARG E 147 -0.60 -37.75 28.07
N SER E 148 -0.55 -38.45 29.20
CA SER E 148 -1.13 -39.80 29.25
C SER E 148 -2.60 -39.74 28.88
N GLY E 149 -3.08 -40.78 28.20
CA GLY E 149 -4.47 -40.83 27.81
C GLY E 149 -4.89 -39.83 26.73
N HIS E 150 -3.93 -39.27 25.99
CA HIS E 150 -4.20 -38.34 24.91
C HIS E 150 -3.58 -38.81 23.60
N ALA E 151 -4.27 -38.55 22.52
CA ALA E 151 -3.72 -38.70 21.19
C ALA E 151 -3.43 -37.31 20.61
N LEU E 152 -2.38 -37.21 19.82
CA LEU E 152 -2.00 -35.98 19.15
C LEU E 152 -1.85 -36.30 17.67
N ILE E 153 -2.72 -35.71 16.84
CA ILE E 153 -2.73 -36.00 15.41
C ILE E 153 -2.66 -34.69 14.66
N GLU E 154 -1.95 -34.69 13.53
CA GLU E 154 -1.91 -33.55 12.63
C GLU E 154 -2.81 -33.86 11.45
N GLN E 155 -3.91 -33.10 11.32
CA GLN E 155 -4.87 -33.31 10.27
C GLN E 155 -4.67 -32.30 9.16
N TRP E 156 -5.00 -32.72 7.93
CA TRP E 156 -4.99 -31.80 6.80
C TRP E 156 -6.34 -31.87 6.13
N ASN E 157 -6.90 -30.70 5.84
CA ASN E 157 -8.21 -30.58 5.23
C ASN E 157 -8.17 -29.58 4.09
N PRO E 158 -9.07 -29.70 3.11
CA PRO E 158 -9.07 -28.77 1.99
C PRO E 158 -9.27 -27.34 2.45
N VAL E 159 -8.68 -26.40 1.71
CA VAL E 159 -8.93 -25.01 2.06
C VAL E 159 -10.29 -24.57 1.59
N GLY E 160 -10.86 -25.24 0.61
CA GLY E 160 -12.18 -24.87 0.11
C GLY E 160 -12.13 -24.54 -1.38
N LEU E 161 -12.17 -23.26 -1.74
CA LEU E 161 -12.13 -22.85 -3.14
C LEU E 161 -10.73 -22.37 -3.49
N VAL E 162 -10.11 -23.00 -4.48
CA VAL E 162 -8.79 -22.59 -4.97
C VAL E 162 -9.02 -21.85 -6.28
N GLY E 163 -8.84 -20.54 -6.25
CA GLY E 163 -8.81 -19.76 -7.47
C GLY E 163 -7.45 -19.88 -8.13
N ILE E 164 -7.46 -19.99 -9.46
CA ILE E 164 -6.24 -20.23 -10.21
C ILE E 164 -6.18 -19.23 -11.35
N ILE E 165 -5.25 -18.29 -11.25
CA ILE E 165 -4.97 -17.33 -12.32
C ILE E 165 -3.65 -17.76 -12.96
N THR E 166 -3.66 -17.91 -14.28
CA THR E 166 -2.53 -18.44 -15.01
C THR E 166 -2.08 -17.47 -16.11
N ALA E 167 -0.85 -17.67 -16.60
CA ALA E 167 -0.24 -16.82 -17.61
C ALA E 167 -0.39 -17.42 -19.02
N PHE E 168 -0.03 -16.64 -20.04
CA PHE E 168 -0.19 -17.08 -21.43
C PHE E 168 0.83 -18.15 -21.81
N ASN E 169 2.00 -18.13 -21.18
CA ASN E 169 3.15 -18.85 -21.74
C ASN E 169 3.09 -20.34 -21.42
N PHE E 170 2.37 -20.73 -20.40
CA PHE E 170 2.05 -22.13 -20.15
C PHE E 170 0.55 -22.23 -19.93
N PRO E 171 -0.23 -22.14 -21.00
CA PRO E 171 -1.68 -22.07 -20.85
C PRO E 171 -2.34 -23.38 -20.46
N VAL E 172 -1.59 -24.47 -20.37
CA VAL E 172 -2.18 -25.73 -19.93
C VAL E 172 -1.53 -26.22 -18.63
N ALA E 173 -0.20 -26.33 -18.64
CA ALA E 173 0.51 -27.00 -17.55
C ALA E 173 0.31 -26.32 -16.21
N VAL E 174 0.45 -24.99 -16.15
CA VAL E 174 0.36 -24.32 -14.86
C VAL E 174 -0.98 -24.64 -14.20
N TYR E 175 -2.08 -24.45 -14.95
CA TYR E 175 -3.40 -24.82 -14.45
C TYR E 175 -3.44 -26.29 -14.03
N GLY E 176 -2.92 -27.17 -14.88
CA GLY E 176 -2.91 -28.60 -14.57
C GLY E 176 -2.28 -28.94 -13.24
N TRP E 177 -1.08 -28.39 -12.97
CA TRP E 177 -0.40 -28.62 -11.70
C TRP E 177 -1.29 -28.21 -10.55
N ASN E 178 -1.88 -27.02 -10.65
CA ASN E 178 -2.74 -26.49 -9.61
C ASN E 178 -4.01 -27.32 -9.50
N ASN E 179 -4.55 -27.73 -10.65
CA ASN E 179 -5.82 -28.42 -10.66
C ASN E 179 -5.68 -29.82 -10.06
N ALA E 180 -4.72 -30.59 -10.55
CA ALA E 180 -4.55 -31.97 -10.08
C ALA E 180 -4.28 -32.03 -8.58
N ILE E 181 -3.38 -31.16 -8.10
CA ILE E 181 -3.03 -31.18 -6.69
C ILE E 181 -4.20 -30.69 -5.85
N ALA E 182 -4.79 -29.55 -6.24
CA ALA E 182 -5.92 -29.02 -5.48
C ALA E 182 -7.10 -29.99 -5.46
N MET E 183 -7.30 -30.75 -6.55
CA MET E 183 -8.47 -31.61 -6.58
C MET E 183 -8.32 -32.79 -5.62
N ILE E 184 -7.18 -33.47 -5.64
CA ILE E 184 -7.06 -34.58 -4.70
C ILE E 184 -7.10 -34.08 -3.27
N CYS E 185 -6.71 -32.81 -3.03
CA CYS E 185 -6.75 -32.26 -1.69
C CYS E 185 -8.15 -31.83 -1.27
N GLY E 186 -9.16 -32.10 -2.09
CA GLY E 186 -10.53 -31.81 -1.70
C GLY E 186 -11.01 -30.39 -1.95
N ASN E 187 -10.31 -29.62 -2.78
CA ASN E 187 -10.72 -28.25 -3.10
C ASN E 187 -11.48 -28.21 -4.41
N VAL E 188 -12.35 -27.25 -4.54
CA VAL E 188 -12.88 -26.89 -5.85
C VAL E 188 -11.99 -25.81 -6.44
N CYS E 189 -12.07 -25.68 -7.77
CA CYS E 189 -11.18 -24.83 -8.55
C CYS E 189 -11.98 -23.83 -9.35
N LEU E 190 -11.44 -22.62 -9.45
CA LEU E 190 -11.99 -21.58 -10.31
C LEU E 190 -10.84 -21.03 -11.13
N TRP E 191 -10.93 -21.19 -12.46
CA TRP E 191 -9.84 -20.85 -13.37
C TRP E 191 -10.17 -19.56 -14.13
N LYS E 192 -9.23 -18.62 -14.10
CA LYS E 192 -9.23 -17.46 -14.98
C LYS E 192 -7.91 -17.48 -15.72
N GLY E 193 -7.93 -17.91 -16.97
CA GLY E 193 -6.71 -17.97 -17.75
C GLY E 193 -6.35 -16.62 -18.31
N ALA E 194 -5.23 -16.59 -19.02
CA ALA E 194 -4.84 -15.37 -19.72
C ALA E 194 -5.83 -15.11 -20.85
N PRO E 195 -6.30 -13.87 -21.03
CA PRO E 195 -7.29 -13.61 -22.09
C PRO E 195 -6.83 -14.05 -23.47
N THR E 196 -5.55 -13.91 -23.76
CA THR E 196 -5.02 -14.24 -25.09
C THR E 196 -4.85 -15.73 -25.31
N THR E 197 -5.11 -16.57 -24.30
CA THR E 197 -5.19 -18.02 -24.47
C THR E 197 -6.56 -18.55 -24.02
N SER E 198 -7.62 -17.81 -24.36
CA SER E 198 -8.96 -18.16 -23.89
C SER E 198 -9.45 -19.46 -24.50
N LEU E 199 -9.11 -19.72 -25.77
CA LEU E 199 -9.54 -20.97 -26.39
C LEU E 199 -8.93 -22.16 -25.70
N ILE E 200 -7.64 -22.07 -25.35
CA ILE E 200 -6.99 -23.16 -24.64
C ILE E 200 -7.71 -23.42 -23.33
N SER E 201 -8.02 -22.34 -22.60
CA SER E 201 -8.71 -22.52 -21.34
C SER E 201 -10.07 -23.21 -21.55
N VAL E 202 -10.83 -22.76 -22.56
CA VAL E 202 -12.12 -23.39 -22.82
C VAL E 202 -11.94 -24.85 -23.20
N ALA E 203 -10.96 -25.15 -24.04
CA ALA E 203 -10.74 -26.51 -24.47
C ALA E 203 -10.45 -27.43 -23.28
N VAL E 204 -9.56 -26.99 -22.39
CA VAL E 204 -9.22 -27.80 -21.22
C VAL E 204 -10.44 -28.01 -20.33
N THR E 205 -11.18 -26.93 -20.10
CA THR E 205 -12.38 -27.02 -19.26
C THR E 205 -13.37 -28.00 -19.86
N LYS E 206 -13.48 -28.04 -21.20
CA LYS E 206 -14.39 -28.99 -21.85
C LYS E 206 -13.98 -30.43 -21.57
N ILE E 207 -12.68 -30.72 -21.63
CA ILE E 207 -12.20 -32.06 -21.36
C ILE E 207 -12.48 -32.45 -19.90
N ILE E 208 -12.17 -31.54 -18.97
CA ILE E 208 -12.44 -31.83 -17.56
C ILE E 208 -13.93 -31.92 -17.31
N ALA E 209 -14.71 -31.01 -17.91
CA ALA E 209 -16.14 -30.97 -17.64
C ALA E 209 -16.81 -32.30 -18.01
N LYS E 210 -16.36 -32.94 -19.10
CA LYS E 210 -16.96 -34.21 -19.47
C LYS E 210 -16.68 -35.28 -18.42
N VAL E 211 -15.46 -35.33 -17.91
CA VAL E 211 -15.11 -36.34 -16.91
C VAL E 211 -15.96 -36.15 -15.66
N LEU E 212 -16.06 -34.91 -15.19
CA LEU E 212 -16.90 -34.63 -14.03
C LEU E 212 -18.34 -35.06 -14.31
N GLU E 213 -18.83 -34.76 -15.51
CA GLU E 213 -20.21 -35.11 -15.86
C GLU E 213 -20.38 -36.62 -15.97
N ASP E 214 -19.39 -37.31 -16.52
CA ASP E 214 -19.49 -38.77 -16.64
C ASP E 214 -19.46 -39.46 -15.28
N ASN E 215 -18.83 -38.84 -14.29
CA ASN E 215 -18.81 -39.44 -12.96
C ASN E 215 -19.91 -38.88 -12.06
N LYS E 216 -20.90 -38.20 -12.66
CA LYS E 216 -22.05 -37.66 -11.91
C LYS E 216 -21.61 -36.70 -10.81
N LEU E 217 -20.64 -35.87 -11.12
CA LEU E 217 -20.14 -34.84 -10.22
C LEU E 217 -20.52 -33.45 -10.71
N PRO E 218 -20.75 -32.51 -9.79
CA PRO E 218 -21.03 -31.12 -10.20
C PRO E 218 -19.83 -30.52 -10.94
N GLY E 219 -20.12 -29.95 -12.11
CA GLY E 219 -19.09 -29.36 -12.93
C GLY E 219 -18.34 -28.22 -12.28
N ALA E 220 -18.96 -27.55 -11.29
CA ALA E 220 -18.31 -26.41 -10.65
C ALA E 220 -17.08 -26.79 -9.83
N ILE E 221 -16.85 -28.10 -9.62
CA ILE E 221 -15.60 -28.54 -9.00
C ILE E 221 -14.40 -28.00 -9.75
N CYS E 222 -14.54 -27.83 -11.09
CA CYS E 222 -13.54 -27.18 -11.94
C CYS E 222 -14.24 -26.08 -12.75
N SER E 223 -14.48 -24.96 -12.08
CA SER E 223 -15.16 -23.85 -12.75
C SER E 223 -14.18 -23.04 -13.60
N LEU E 224 -14.72 -22.37 -14.60
CA LEU E 224 -13.96 -21.51 -15.48
C LEU E 224 -14.70 -20.18 -15.57
N THR E 225 -13.98 -19.09 -15.32
CA THR E 225 -14.51 -17.75 -15.63
C THR E 225 -13.43 -17.04 -16.43
N CYS E 226 -13.57 -17.03 -17.75
CA CYS E 226 -12.66 -16.27 -18.58
C CYS E 226 -12.84 -14.77 -18.36
N GLY E 227 -11.71 -14.08 -18.31
CA GLY E 227 -11.71 -12.64 -18.15
C GLY E 227 -10.28 -12.16 -18.00
N GLY E 228 -10.17 -10.84 -17.89
CA GLY E 228 -8.89 -10.17 -17.75
C GLY E 228 -8.64 -9.72 -16.33
N ALA E 229 -8.05 -8.53 -16.18
CA ALA E 229 -7.62 -8.07 -14.87
C ALA E 229 -8.78 -7.92 -13.91
N ASP E 230 -9.95 -7.49 -14.41
CA ASP E 230 -11.04 -7.17 -13.49
C ASP E 230 -11.58 -8.42 -12.80
N ILE E 231 -11.81 -9.50 -13.55
CA ILE E 231 -12.11 -10.78 -12.91
C ILE E 231 -10.96 -11.20 -12.02
N GLY E 232 -9.72 -11.01 -12.49
CA GLY E 232 -8.58 -11.39 -11.68
C GLY E 232 -8.54 -10.66 -10.34
N THR E 233 -8.83 -9.36 -10.36
CA THR E 233 -8.86 -8.56 -9.14
C THR E 233 -9.98 -9.03 -8.24
N ALA E 234 -11.13 -9.38 -8.83
CA ALA E 234 -12.25 -9.88 -8.03
C ALA E 234 -11.83 -11.10 -7.22
N MET E 235 -11.16 -12.05 -7.87
CA MET E 235 -10.73 -13.25 -7.18
C MET E 235 -9.77 -12.91 -6.05
N ALA E 236 -8.86 -11.96 -6.29
CA ALA E 236 -7.87 -11.63 -5.28
C ALA E 236 -8.51 -10.95 -4.07
N LYS E 237 -9.65 -10.29 -4.27
CA LYS E 237 -10.36 -9.61 -3.19
C LYS E 237 -11.45 -10.48 -2.56
N ASP E 238 -11.72 -11.65 -3.14
CA ASP E 238 -12.90 -12.42 -2.76
C ASP E 238 -12.58 -13.29 -1.55
N GLU E 239 -13.17 -12.93 -0.39
CA GLU E 239 -13.00 -13.73 0.82
C GLU E 239 -13.45 -15.16 0.58
N ARG E 240 -14.30 -15.40 -0.41
CA ARG E 240 -14.72 -16.76 -0.69
C ARG E 240 -13.65 -17.57 -1.44
N VAL E 241 -12.62 -16.94 -1.99
CA VAL E 241 -11.51 -17.64 -2.64
C VAL E 241 -10.49 -17.92 -1.54
N ASN E 242 -10.48 -19.16 -1.05
CA ASN E 242 -9.71 -19.49 0.14
C ASN E 242 -8.22 -19.51 -0.14
N LEU E 243 -7.82 -20.00 -1.30
CA LEU E 243 -6.44 -19.92 -1.76
C LEU E 243 -6.48 -19.37 -3.19
N LEU E 244 -5.65 -18.36 -3.45
CA LEU E 244 -5.47 -17.82 -4.79
C LEU E 244 -4.07 -18.16 -5.28
N SER E 245 -4.01 -19.07 -6.24
CA SER E 245 -2.76 -19.40 -6.91
C SER E 245 -2.64 -18.47 -8.10
N PHE E 246 -1.62 -17.61 -8.09
CA PHE E 246 -1.42 -16.62 -9.14
C PHE E 246 -0.07 -16.87 -9.81
N THR E 247 -0.10 -17.05 -11.13
CA THR E 247 1.09 -17.20 -11.97
C THR E 247 1.08 -16.10 -13.01
N GLY E 248 2.11 -15.26 -12.99
CA GLY E 248 2.16 -14.12 -13.88
C GLY E 248 3.32 -13.21 -13.52
N SER E 249 3.27 -11.98 -14.02
CA SER E 249 4.36 -11.05 -13.82
C SER E 249 4.46 -10.62 -12.35
N THR E 250 5.67 -10.23 -11.93
CA THR E 250 5.88 -9.70 -10.58
C THR E 250 5.03 -8.45 -10.32
N GLN E 251 4.95 -7.55 -11.28
CA GLN E 251 4.16 -6.33 -11.08
C GLN E 251 2.73 -6.67 -10.69
N VAL E 252 2.08 -7.53 -11.47
CA VAL E 252 0.69 -7.89 -11.16
C VAL E 252 0.62 -8.77 -9.91
N GLY E 253 1.51 -9.76 -9.81
CA GLY E 253 1.49 -10.68 -8.67
C GLY E 253 1.67 -9.97 -7.33
N LYS E 254 2.50 -8.93 -7.30
CA LYS E 254 2.68 -8.15 -6.08
C LYS E 254 1.36 -7.54 -5.62
N GLN E 255 0.57 -7.02 -6.56
CA GLN E 255 -0.72 -6.43 -6.19
C GLN E 255 -1.69 -7.50 -5.75
N VAL E 256 -1.67 -8.66 -6.41
CA VAL E 256 -2.50 -9.79 -6.00
C VAL E 256 -2.13 -10.23 -4.59
N GLY E 257 -0.83 -10.33 -4.30
CA GLY E 257 -0.42 -10.78 -2.99
C GLY E 257 -0.86 -9.85 -1.87
N LEU E 258 -0.83 -8.54 -2.14
CA LEU E 258 -1.25 -7.55 -1.15
C LEU E 258 -2.75 -7.63 -0.88
N MET E 259 -3.55 -7.79 -1.93
CA MET E 259 -4.99 -7.88 -1.78
C MET E 259 -5.40 -9.11 -0.99
N VAL E 260 -4.76 -10.26 -1.28
CA VAL E 260 -5.06 -11.48 -0.54
C VAL E 260 -4.67 -11.32 0.92
N GLN E 261 -3.49 -10.76 1.16
CA GLN E 261 -3.02 -10.54 2.53
C GLN E 261 -3.95 -9.60 3.29
N GLU E 262 -4.50 -8.58 2.60
CA GLU E 262 -5.43 -7.65 3.23
C GLU E 262 -6.61 -8.37 3.88
N ARG E 263 -7.12 -9.42 3.23
CA ARG E 263 -8.29 -10.13 3.71
C ARG E 263 -7.93 -11.43 4.42
N PHE E 264 -6.66 -11.60 4.80
CA PHE E 264 -6.21 -12.82 5.48
C PHE E 264 -6.57 -14.06 4.69
N GLY E 265 -6.46 -13.96 3.36
CA GLY E 265 -6.52 -15.14 2.54
C GLY E 265 -5.16 -15.79 2.42
N ARG E 266 -5.12 -16.88 1.66
CA ARG E 266 -3.90 -17.56 1.31
C ARG E 266 -3.58 -17.28 -0.15
N SER E 267 -2.30 -17.00 -0.44
CA SER E 267 -1.87 -16.88 -1.83
C SER E 267 -0.69 -17.79 -2.12
N LEU E 268 -0.61 -18.21 -3.37
CA LEU E 268 0.51 -18.99 -3.88
C LEU E 268 0.99 -18.25 -5.13
N LEU E 269 2.12 -17.57 -5.01
CA LEU E 269 2.57 -16.63 -6.03
C LEU E 269 3.72 -17.27 -6.78
N GLU E 270 3.59 -17.30 -8.11
CA GLU E 270 4.59 -17.84 -9.05
C GLU E 270 4.85 -16.74 -10.08
N LEU E 271 5.86 -15.93 -9.81
CA LEU E 271 6.06 -14.66 -10.50
C LEU E 271 7.29 -14.73 -11.41
N GLY E 272 7.94 -13.59 -11.65
CA GLY E 272 8.95 -13.50 -12.69
C GLY E 272 10.28 -14.18 -12.33
N GLY E 273 11.08 -14.35 -13.39
CA GLY E 273 12.42 -14.89 -13.24
C GLY E 273 13.43 -14.02 -13.97
N ASN E 274 14.69 -14.17 -13.56
CA ASN E 274 15.83 -13.50 -14.20
C ASN E 274 17.01 -14.47 -14.15
N ASN E 275 16.85 -15.59 -14.85
CA ASN E 275 17.59 -16.82 -14.53
C ASN E 275 18.97 -16.85 -15.16
N ALA E 276 19.97 -17.19 -14.35
CA ALA E 276 21.35 -17.13 -14.78
C ALA E 276 21.88 -18.54 -14.98
N ILE E 277 22.72 -18.68 -16.00
CA ILE E 277 23.60 -19.83 -16.17
C ILE E 277 25.00 -19.33 -15.89
N ILE E 278 25.75 -20.07 -15.06
CA ILE E 278 27.13 -19.73 -14.74
C ILE E 278 28.00 -20.84 -15.27
N ALA E 279 28.92 -20.49 -16.18
CA ALA E 279 29.85 -21.45 -16.76
C ALA E 279 31.26 -21.19 -16.22
N PHE E 280 31.78 -22.14 -15.46
CA PHE E 280 33.13 -22.06 -14.90
C PHE E 280 34.15 -22.57 -15.90
N GLU E 281 35.43 -22.30 -15.62
CA GLU E 281 36.47 -22.64 -16.60
C GLU E 281 36.55 -24.13 -16.84
N ASP E 282 36.16 -24.95 -15.85
CA ASP E 282 36.23 -26.39 -15.97
C ASP E 282 34.99 -27.02 -16.59
N ALA E 283 34.03 -26.22 -17.04
CA ALA E 283 32.79 -26.75 -17.57
C ALA E 283 33.00 -27.43 -18.91
N ASP E 284 32.18 -28.45 -19.17
CA ASP E 284 32.15 -29.11 -20.47
C ASP E 284 31.49 -28.18 -21.49
N LEU E 285 32.30 -27.56 -22.35
CA LEU E 285 31.75 -26.59 -23.28
C LEU E 285 30.78 -27.24 -24.28
N SER E 286 30.97 -28.50 -24.61
CA SER E 286 29.96 -29.14 -25.44
C SER E 286 28.64 -29.32 -24.70
N LEU E 287 28.64 -29.18 -23.37
CA LEU E 287 27.41 -29.18 -22.58
C LEU E 287 26.88 -27.77 -22.36
N VAL E 288 27.77 -26.81 -22.18
CA VAL E 288 27.35 -25.42 -21.95
C VAL E 288 26.61 -24.87 -23.15
N VAL E 289 27.16 -25.06 -24.34
CA VAL E 289 26.64 -24.35 -25.50
C VAL E 289 25.22 -24.80 -25.82
N PRO E 290 24.94 -26.08 -26.10
CA PRO E 290 23.53 -26.45 -26.34
C PRO E 290 22.61 -26.15 -25.17
N SER E 291 23.06 -26.39 -23.93
CA SER E 291 22.23 -26.08 -22.78
C SER E 291 21.86 -24.61 -22.75
N ALA E 292 22.82 -23.73 -22.99
CA ALA E 292 22.54 -22.29 -22.95
C ALA E 292 21.61 -21.86 -24.08
N LEU E 293 21.90 -22.29 -25.31
CA LEU E 293 21.07 -21.91 -26.45
C LEU E 293 19.62 -22.30 -26.21
N PHE E 294 19.37 -23.55 -25.86
CA PHE E 294 18.00 -24.00 -25.68
C PHE E 294 17.34 -23.34 -24.47
N ALA E 295 18.10 -23.05 -23.41
CA ALA E 295 17.47 -22.37 -22.27
C ALA E 295 17.14 -20.92 -22.59
N ALA E 296 17.92 -20.29 -23.49
CA ALA E 296 17.73 -18.89 -23.85
C ALA E 296 16.67 -18.69 -24.94
N VAL E 297 16.68 -19.52 -25.98
CA VAL E 297 15.77 -19.31 -27.11
C VAL E 297 14.56 -20.23 -27.08
N GLY E 298 14.54 -21.24 -26.22
CA GLY E 298 13.39 -22.10 -26.13
C GLY E 298 12.12 -21.31 -25.86
N THR E 299 11.04 -21.70 -26.55
CA THR E 299 9.75 -21.03 -26.41
C THR E 299 9.86 -19.53 -26.71
N ALA E 300 10.75 -19.20 -27.65
CA ALA E 300 11.07 -17.82 -28.01
C ALA E 300 11.37 -16.99 -26.76
N GLY E 301 12.06 -17.61 -25.80
CA GLY E 301 12.46 -16.92 -24.59
C GLY E 301 11.34 -16.52 -23.66
N GLN E 302 10.18 -17.19 -23.74
CA GLN E 302 9.01 -16.84 -22.95
C GLN E 302 8.70 -17.88 -21.90
N ARG E 303 9.70 -18.54 -21.35
CA ARG E 303 9.49 -19.32 -20.14
C ARG E 303 9.85 -18.50 -18.93
N CYS E 304 9.12 -18.72 -17.83
CA CYS E 304 9.52 -18.11 -16.58
C CYS E 304 10.96 -18.47 -16.24
N THR E 305 11.38 -19.68 -16.63
CA THR E 305 12.69 -20.25 -16.39
C THR E 305 13.68 -19.99 -17.52
N THR E 306 13.35 -19.13 -18.48
CA THR E 306 14.27 -18.84 -19.57
C THR E 306 15.61 -18.32 -19.05
N ALA E 307 16.70 -18.76 -19.67
CA ALA E 307 18.00 -18.20 -19.33
C ALA E 307 18.09 -16.78 -19.85
N ARG E 308 18.21 -15.80 -18.95
CA ARG E 308 18.34 -14.41 -19.37
C ARG E 308 19.69 -13.80 -19.06
N ARG E 309 20.50 -14.43 -18.22
CA ARG E 309 21.84 -13.97 -17.90
C ARG E 309 22.80 -15.14 -18.03
N LEU E 310 23.91 -14.93 -18.74
CA LEU E 310 24.92 -15.95 -18.94
C LEU E 310 26.26 -15.42 -18.43
N PHE E 311 26.74 -15.98 -17.32
CA PHE E 311 28.05 -15.65 -16.76
C PHE E 311 29.03 -16.72 -17.23
N ILE E 312 30.12 -16.29 -17.87
CA ILE E 312 31.16 -17.17 -18.40
C ILE E 312 32.50 -16.73 -17.82
N HIS E 313 33.30 -17.71 -17.37
CA HIS E 313 34.65 -17.40 -16.90
C HIS E 313 35.45 -16.75 -18.02
N GLU E 314 36.25 -15.74 -17.66
CA GLU E 314 36.95 -14.94 -18.67
C GLU E 314 37.80 -15.78 -19.60
N SER E 315 38.38 -16.87 -19.09
CA SER E 315 39.27 -17.69 -19.92
C SER E 315 38.52 -18.35 -21.05
N ILE E 316 37.21 -18.56 -20.92
CA ILE E 316 36.44 -19.21 -21.96
C ILE E 316 35.33 -18.33 -22.50
N HIS E 317 35.25 -17.09 -22.03
CA HIS E 317 34.13 -16.22 -22.37
C HIS E 317 34.03 -15.99 -23.87
N ASP E 318 35.14 -15.59 -24.50
CA ASP E 318 35.07 -15.26 -25.91
C ASP E 318 34.76 -16.49 -26.76
N GLU E 319 35.35 -17.66 -26.42
CA GLU E 319 35.05 -18.87 -27.18
C GLU E 319 33.59 -19.27 -27.03
N VAL E 320 33.05 -19.21 -25.80
CA VAL E 320 31.66 -19.61 -25.58
C VAL E 320 30.71 -18.74 -26.37
N VAL E 321 30.95 -17.43 -26.38
CA VAL E 321 30.09 -16.51 -27.13
C VAL E 321 30.14 -16.86 -28.62
N ASN E 322 31.34 -17.10 -29.14
CA ASN E 322 31.48 -17.43 -30.56
C ASN E 322 30.76 -18.72 -30.91
N ARG E 323 30.91 -19.74 -30.06
CA ARG E 323 30.20 -20.98 -30.34
C ARG E 323 28.69 -20.79 -30.20
N LEU E 324 28.27 -19.97 -29.23
CA LEU E 324 26.83 -19.70 -29.09
C LEU E 324 26.29 -18.95 -30.30
N LYS E 325 27.01 -17.94 -30.76
CA LYS E 325 26.59 -17.19 -31.94
C LYS E 325 26.43 -18.11 -33.15
N LYS E 326 27.44 -18.95 -33.43
CA LYS E 326 27.35 -19.86 -34.57
C LYS E 326 26.19 -20.83 -34.42
N ALA E 327 25.79 -21.15 -33.19
CA ALA E 327 24.64 -22.02 -32.99
C ALA E 327 23.33 -21.27 -33.19
N TYR E 328 23.27 -20.02 -32.73
CA TYR E 328 22.08 -19.21 -32.97
C TYR E 328 21.76 -19.15 -34.46
N ALA E 329 22.80 -19.07 -35.29
CA ALA E 329 22.60 -18.97 -36.74
C ALA E 329 21.89 -20.18 -37.30
N GLN E 330 21.97 -21.34 -36.64
CA GLN E 330 21.29 -22.54 -37.12
C GLN E 330 19.89 -22.74 -36.51
N ILE E 331 19.41 -21.82 -35.67
CA ILE E 331 18.05 -21.95 -35.14
C ILE E 331 17.05 -21.83 -36.28
N ARG E 332 16.20 -22.84 -36.43
CA ARG E 332 15.27 -22.91 -37.55
C ARG E 332 13.96 -22.22 -37.21
N VAL E 333 13.63 -21.14 -37.95
CA VAL E 333 12.45 -20.30 -37.70
C VAL E 333 11.33 -20.69 -38.66
N GLY E 334 10.11 -20.68 -38.15
CA GLY E 334 8.97 -20.96 -39.01
C GLY E 334 7.68 -20.91 -38.22
N ASN E 335 6.61 -21.38 -38.86
CA ASN E 335 5.34 -21.52 -38.17
C ASN E 335 5.45 -22.62 -37.12
N PRO E 336 5.04 -22.36 -35.87
CA PRO E 336 5.35 -23.30 -34.78
C PRO E 336 4.69 -24.67 -34.89
N TRP E 337 3.68 -24.83 -35.72
CA TRP E 337 3.06 -26.14 -35.89
C TRP E 337 3.77 -27.00 -36.94
N ASP E 338 4.75 -26.44 -37.67
CA ASP E 338 5.48 -27.22 -38.67
C ASP E 338 6.59 -28.04 -38.04
N PRO E 339 6.72 -29.33 -38.38
CA PRO E 339 7.81 -30.11 -37.80
C PRO E 339 9.12 -29.53 -38.29
N ASN E 340 10.19 -29.76 -37.52
CA ASN E 340 11.54 -29.29 -37.79
C ASN E 340 11.72 -27.80 -37.40
N VAL E 341 10.67 -27.07 -37.02
CA VAL E 341 10.80 -25.67 -36.59
C VAL E 341 11.22 -25.63 -35.12
N LEU E 342 12.18 -24.76 -34.80
CA LEU E 342 12.63 -24.58 -33.43
C LEU E 342 12.20 -23.27 -32.79
N TYR E 343 11.83 -22.26 -33.57
CA TYR E 343 11.66 -20.92 -33.04
C TYR E 343 10.42 -20.29 -33.68
N GLY E 344 9.46 -19.90 -32.85
CA GLY E 344 8.23 -19.29 -33.28
C GLY E 344 8.14 -17.82 -32.91
N PRO E 345 6.92 -17.28 -32.95
CA PRO E 345 6.74 -15.86 -32.68
C PRO E 345 6.65 -15.60 -31.19
N LEU E 346 6.84 -14.33 -30.83
CA LEU E 346 6.46 -13.87 -29.51
C LEU E 346 4.93 -13.87 -29.40
N HIS E 347 4.43 -13.90 -28.17
CA HIS E 347 3.00 -14.10 -28.02
C HIS E 347 2.19 -12.88 -28.48
N THR E 348 2.71 -11.67 -28.29
CA THR E 348 1.92 -10.49 -28.63
C THR E 348 2.82 -9.47 -29.32
N LYS E 349 2.15 -8.48 -29.94
CA LYS E 349 2.86 -7.35 -30.50
C LYS E 349 3.48 -6.52 -29.36
N GLN E 350 2.80 -6.46 -28.22
CA GLN E 350 3.34 -5.77 -27.06
C GLN E 350 4.67 -6.37 -26.63
N ALA E 351 4.78 -7.71 -26.66
CA ALA E 351 6.07 -8.34 -26.38
C ALA E 351 7.14 -7.90 -27.38
N VAL E 352 6.77 -7.77 -28.66
CA VAL E 352 7.73 -7.28 -29.65
C VAL E 352 8.21 -5.87 -29.31
N SER E 353 7.28 -4.96 -29.02
CA SER E 353 7.68 -3.59 -28.67
C SER E 353 8.57 -3.57 -27.43
N MET E 354 8.24 -4.37 -26.43
CA MET E 354 9.06 -4.46 -25.24
C MET E 354 10.41 -5.11 -25.53
N PHE E 355 10.44 -6.11 -26.40
CA PHE E 355 11.73 -6.64 -26.86
C PHE E 355 12.62 -5.51 -27.40
N LEU E 356 12.07 -4.71 -28.32
CA LEU E 356 12.82 -3.62 -28.94
C LEU E 356 13.28 -2.58 -27.92
N GLY E 357 12.40 -2.20 -26.99
CA GLY E 357 12.80 -1.29 -25.95
C GLY E 357 13.95 -1.83 -25.12
N ALA E 358 13.91 -3.13 -24.80
CA ALA E 358 14.97 -3.74 -24.02
C ALA E 358 16.29 -3.73 -24.77
N VAL E 359 16.26 -4.10 -26.05
CA VAL E 359 17.49 -4.10 -26.84
C VAL E 359 18.07 -2.69 -26.90
N GLU E 360 17.25 -1.71 -27.29
CA GLU E 360 17.77 -0.34 -27.36
C GLU E 360 18.23 0.14 -25.98
N GLU E 361 17.50 -0.23 -24.91
CA GLU E 361 17.96 0.15 -23.58
C GLU E 361 19.33 -0.46 -23.28
N ALA E 362 19.53 -1.72 -23.67
CA ALA E 362 20.81 -2.38 -23.46
C ALA E 362 21.93 -1.64 -24.19
N LYS E 363 21.66 -1.21 -25.43
CA LYS E 363 22.63 -0.38 -26.14
C LYS E 363 22.89 0.92 -25.40
N LYS E 364 21.81 1.54 -24.90
CA LYS E 364 21.97 2.81 -24.17
C LYS E 364 22.79 2.61 -22.91
N GLU E 365 22.68 1.45 -22.28
CA GLU E 365 23.40 1.17 -21.03
C GLU E 365 24.80 0.62 -21.24
N GLY E 366 25.28 0.54 -22.48
CA GLY E 366 26.65 0.14 -22.76
C GLY E 366 26.81 -1.24 -23.32
N GLY E 367 25.73 -1.96 -23.60
CA GLY E 367 25.85 -3.29 -24.16
C GLY E 367 26.04 -3.27 -25.66
N THR E 368 26.59 -4.36 -26.19
CA THR E 368 26.76 -4.55 -27.63
C THR E 368 25.91 -5.73 -28.08
N VAL E 369 25.08 -5.50 -29.10
CA VAL E 369 24.32 -6.58 -29.72
C VAL E 369 25.29 -7.33 -30.62
N VAL E 370 25.70 -8.53 -30.20
CA VAL E 370 26.56 -9.35 -31.04
C VAL E 370 25.76 -10.35 -31.86
N TYR E 371 24.46 -10.50 -31.59
CA TYR E 371 23.62 -11.32 -32.47
C TYR E 371 22.17 -10.90 -32.28
N GLY E 372 21.45 -10.78 -33.40
CA GLY E 372 20.04 -10.46 -33.34
C GLY E 372 19.76 -9.00 -33.06
N GLY E 373 18.78 -8.73 -32.20
CA GLY E 373 18.37 -7.38 -31.84
C GLY E 373 17.31 -6.74 -32.70
N LYS E 374 16.78 -7.43 -33.71
CA LYS E 374 15.84 -6.84 -34.64
C LYS E 374 14.57 -7.68 -34.69
N VAL E 375 13.45 -7.03 -35.02
CA VAL E 375 12.25 -7.75 -35.41
C VAL E 375 12.51 -8.45 -36.75
N MET E 376 11.94 -9.64 -36.93
CA MET E 376 12.01 -10.29 -38.22
C MET E 376 10.92 -9.74 -39.12
N ASP E 377 11.28 -9.43 -40.36
CA ASP E 377 10.34 -8.86 -41.33
C ASP E 377 9.54 -10.01 -41.96
N ARG E 378 8.51 -10.42 -41.25
CA ARG E 378 7.63 -11.51 -41.66
C ARG E 378 6.35 -11.40 -40.85
N PRO E 379 5.27 -12.05 -41.31
CA PRO E 379 4.01 -12.02 -40.54
C PRO E 379 4.21 -12.60 -39.13
N GLY E 380 3.35 -12.16 -38.22
CA GLY E 380 3.42 -12.62 -36.84
C GLY E 380 4.26 -11.70 -35.99
N ASN E 381 4.52 -12.18 -34.77
CA ASN E 381 5.28 -11.42 -33.77
C ASN E 381 6.70 -11.97 -33.62
N TYR E 382 7.45 -12.05 -34.72
CA TYR E 382 8.77 -12.68 -34.73
C TYR E 382 9.86 -11.63 -34.49
N VAL E 383 10.74 -11.92 -33.53
CA VAL E 383 11.94 -11.12 -33.28
C VAL E 383 13.14 -12.04 -33.35
N GLU E 384 14.30 -11.46 -33.58
CA GLU E 384 15.51 -12.27 -33.61
C GLU E 384 15.93 -12.64 -32.19
N PRO E 385 16.27 -13.90 -31.93
CA PRO E 385 16.91 -14.21 -30.63
C PRO E 385 18.22 -13.46 -30.57
N THR E 386 18.49 -12.88 -29.40
CA THR E 386 19.45 -11.79 -29.28
C THR E 386 20.49 -12.09 -28.21
N ILE E 387 21.74 -11.76 -28.49
CA ILE E 387 22.82 -11.93 -27.53
C ILE E 387 23.47 -10.58 -27.28
N VAL E 388 23.53 -10.16 -26.01
CA VAL E 388 24.07 -8.86 -25.64
C VAL E 388 25.27 -9.07 -24.71
N THR E 389 26.42 -8.53 -25.11
CA THR E 389 27.64 -8.56 -24.33
C THR E 389 28.00 -7.14 -23.87
N GLY E 390 28.97 -7.05 -22.96
CA GLY E 390 29.54 -5.78 -22.54
C GLY E 390 28.82 -5.04 -21.43
N LEU E 391 27.61 -5.44 -21.05
CA LEU E 391 26.94 -4.79 -19.92
C LEU E 391 27.63 -5.13 -18.60
N GLY E 392 27.60 -4.17 -17.67
CA GLY E 392 27.93 -4.49 -16.30
C GLY E 392 26.89 -5.41 -15.71
N HIS E 393 27.33 -6.33 -14.83
CA HIS E 393 26.39 -7.29 -14.25
C HIS E 393 25.25 -6.61 -13.52
N ASP E 394 25.45 -5.39 -13.02
CA ASP E 394 24.39 -4.65 -12.33
C ASP E 394 23.66 -3.67 -13.25
N ALA E 395 23.84 -3.78 -14.56
CA ALA E 395 23.11 -2.91 -15.45
C ALA E 395 21.62 -3.02 -15.19
N SER E 396 20.93 -1.87 -15.22
CA SER E 396 19.51 -1.87 -14.88
C SER E 396 18.70 -2.79 -15.79
N ILE E 397 18.99 -2.77 -17.10
CA ILE E 397 18.20 -3.63 -18.00
C ILE E 397 18.48 -5.10 -17.71
N ALA E 398 19.70 -5.43 -17.25
CA ALA E 398 20.01 -6.82 -16.92
C ALA E 398 19.29 -7.27 -15.65
N HIS E 399 18.98 -6.34 -14.76
CA HIS E 399 18.25 -6.69 -13.56
C HIS E 399 16.76 -6.78 -13.79
N THR E 400 16.27 -6.36 -14.95
CA THR E 400 14.86 -6.39 -15.31
C THR E 400 14.52 -7.69 -16.02
N GLU E 401 13.31 -8.18 -15.78
CA GLU E 401 12.78 -9.30 -16.56
C GLU E 401 12.09 -8.73 -17.79
N THR E 402 12.69 -8.92 -18.95
CA THR E 402 12.05 -8.67 -20.24
C THR E 402 11.68 -10.03 -20.82
N PHE E 403 10.38 -10.29 -20.94
CA PHE E 403 9.91 -11.60 -21.35
C PHE E 403 10.15 -11.83 -22.83
N ALA E 404 11.41 -11.93 -23.22
CA ALA E 404 11.76 -12.00 -24.62
C ALA E 404 13.12 -12.65 -24.74
N PRO E 405 13.47 -13.18 -25.93
CA PRO E 405 14.76 -13.89 -26.10
C PRO E 405 15.96 -12.96 -26.29
N ILE E 406 16.37 -12.40 -25.17
CA ILE E 406 17.54 -11.53 -25.05
C ILE E 406 18.42 -12.12 -23.97
N LEU E 407 19.64 -12.52 -24.33
CA LEU E 407 20.59 -13.14 -23.41
C LEU E 407 21.69 -12.13 -23.10
N TYR E 408 21.82 -11.77 -21.82
CA TYR E 408 22.89 -10.89 -21.38
C TYR E 408 24.08 -11.73 -20.93
N VAL E 409 25.26 -11.44 -21.47
CA VAL E 409 26.47 -12.21 -21.21
C VAL E 409 27.45 -11.39 -20.37
N PHE E 410 28.04 -12.03 -19.36
CA PHE E 410 28.98 -11.39 -18.47
C PHE E 410 30.23 -12.22 -18.29
N LYS E 411 31.34 -11.52 -18.06
CA LYS E 411 32.57 -12.14 -17.57
C LYS E 411 32.56 -12.20 -16.05
N PHE E 412 33.29 -13.18 -15.51
CA PHE E 412 33.55 -13.24 -14.10
C PHE E 412 34.88 -13.94 -13.91
N LYS E 413 35.44 -13.81 -12.71
CA LYS E 413 36.72 -14.45 -12.40
C LYS E 413 36.58 -15.52 -11.34
N ASN E 414 35.96 -15.21 -10.22
CA ASN E 414 35.94 -16.12 -9.08
C ASN E 414 34.53 -16.58 -8.73
N GLU E 415 34.49 -17.69 -8.00
CA GLU E 415 33.23 -18.31 -7.61
C GLU E 415 32.41 -17.43 -6.68
N GLU E 416 33.07 -16.75 -5.74
CA GLU E 416 32.34 -15.99 -4.73
C GLU E 416 31.54 -14.84 -5.36
N GLU E 417 32.17 -14.10 -6.26
CA GLU E 417 31.50 -12.95 -6.88
C GLU E 417 30.36 -13.39 -7.80
N VAL E 418 30.54 -14.49 -8.53
CA VAL E 418 29.52 -14.86 -9.50
C VAL E 418 28.29 -15.46 -8.80
N PHE E 419 28.48 -16.16 -7.68
CA PHE E 419 27.32 -16.55 -6.86
C PHE E 419 26.58 -15.32 -6.36
N ALA E 420 27.32 -14.30 -5.91
CA ALA E 420 26.68 -13.05 -5.48
C ALA E 420 25.92 -12.38 -6.62
N TRP E 421 26.48 -12.41 -7.84
CA TRP E 421 25.84 -11.75 -8.98
C TRP E 421 24.59 -12.51 -9.42
N ASN E 422 24.60 -13.84 -9.33
CA ASN E 422 23.38 -14.60 -9.55
C ASN E 422 22.29 -14.16 -8.58
N ASN E 423 22.67 -13.89 -7.32
CA ASN E 423 21.77 -13.60 -6.20
C ASN E 423 21.41 -12.13 -6.08
N GLU E 424 22.12 -11.22 -6.77
CA GLU E 424 21.95 -9.80 -6.52
C GLU E 424 20.61 -9.25 -7.04
N VAL E 425 19.94 -9.97 -7.94
CA VAL E 425 18.68 -9.46 -8.49
C VAL E 425 17.55 -9.70 -7.50
N LYS E 426 16.38 -9.13 -7.80
CA LYS E 426 15.21 -9.33 -6.95
C LYS E 426 14.49 -10.62 -7.28
N GLN E 427 14.68 -11.15 -8.48
CA GLN E 427 14.04 -12.41 -8.84
C GLN E 427 14.79 -13.58 -8.24
N GLY E 428 14.07 -14.67 -7.99
CA GLY E 428 14.70 -15.81 -7.37
C GLY E 428 14.15 -17.15 -7.81
N LEU E 429 13.98 -17.31 -9.13
CA LEU E 429 13.35 -18.51 -9.66
C LEU E 429 14.35 -19.62 -9.92
N SER E 430 15.08 -19.55 -11.03
CA SER E 430 15.95 -20.65 -11.46
C SER E 430 17.40 -20.19 -11.61
N SER E 431 18.31 -21.16 -11.49
CA SER E 431 19.73 -20.87 -11.56
C SER E 431 20.48 -22.14 -11.93
N SER E 432 21.60 -21.99 -12.64
CA SER E 432 22.39 -23.14 -13.08
CA SER E 432 22.39 -23.14 -13.06
C SER E 432 23.87 -22.78 -13.07
N ILE E 433 24.69 -23.73 -12.65
CA ILE E 433 26.14 -23.64 -12.82
C ILE E 433 26.59 -24.85 -13.63
N PHE E 434 27.58 -24.65 -14.46
CA PHE E 434 28.20 -25.71 -15.24
C PHE E 434 29.65 -25.82 -14.81
N THR E 435 30.01 -26.96 -14.22
CA THR E 435 31.33 -27.14 -13.64
C THR E 435 31.49 -28.61 -13.32
N LYS E 436 32.74 -29.01 -13.10
CA LYS E 436 33.05 -30.36 -12.63
C LYS E 436 33.48 -30.38 -11.17
N ASP E 437 33.65 -29.23 -10.54
CA ASP E 437 34.26 -29.17 -9.22
C ASP E 437 33.27 -29.58 -8.13
N LEU E 438 33.63 -30.64 -7.41
CA LEU E 438 32.74 -31.24 -6.42
C LEU E 438 32.42 -30.26 -5.29
N GLY E 439 33.46 -29.58 -4.78
CA GLY E 439 33.23 -28.65 -3.68
C GLY E 439 32.40 -27.44 -4.12
N ARG E 440 32.64 -26.96 -5.32
CA ARG E 440 31.87 -25.84 -5.87
C ARG E 440 30.40 -26.20 -6.00
N ILE E 441 30.11 -27.44 -6.40
CA ILE E 441 28.72 -27.88 -6.57
C ILE E 441 27.98 -27.80 -5.24
N PHE E 442 28.57 -28.33 -4.17
CA PHE E 442 27.87 -28.34 -2.88
C PHE E 442 27.83 -26.95 -2.26
N CYS E 443 28.84 -26.12 -2.53
CA CYS E 443 28.76 -24.71 -2.13
C CYS E 443 27.59 -24.01 -2.82
N TRP E 444 27.41 -24.30 -4.11
CA TRP E 444 26.28 -23.77 -4.87
C TRP E 444 24.96 -24.22 -4.26
N LEU E 445 24.90 -25.46 -3.78
CA LEU E 445 23.70 -26.00 -3.17
C LEU E 445 23.53 -25.54 -1.73
N GLY E 446 24.53 -24.87 -1.17
CA GLY E 446 24.55 -24.58 0.24
C GLY E 446 24.06 -23.21 0.61
N PRO E 447 24.25 -22.84 1.88
CA PRO E 447 23.70 -21.56 2.36
C PRO E 447 24.39 -20.34 1.77
N LYS E 448 25.63 -20.48 1.29
CA LYS E 448 26.30 -19.39 0.58
C LYS E 448 26.25 -19.58 -0.92
N GLY E 449 25.34 -20.41 -1.39
CA GLY E 449 25.20 -20.67 -2.81
C GLY E 449 24.03 -19.92 -3.42
N SER E 450 23.37 -20.55 -4.37
CA SER E 450 22.25 -19.92 -5.06
C SER E 450 21.07 -19.74 -4.12
N ASP E 451 20.42 -18.58 -4.20
CA ASP E 451 19.28 -18.28 -3.35
C ASP E 451 17.94 -18.59 -4.01
N CYS E 452 17.94 -19.32 -5.12
CA CYS E 452 16.75 -19.50 -5.92
C CYS E 452 15.98 -20.75 -5.46
N GLY E 453 14.72 -20.85 -5.92
CA GLY E 453 13.97 -22.06 -5.64
C GLY E 453 14.40 -23.25 -6.46
N ILE E 454 15.06 -23.01 -7.61
CA ILE E 454 15.64 -24.06 -8.44
C ILE E 454 17.11 -23.76 -8.62
N VAL E 455 17.95 -24.71 -8.22
CA VAL E 455 19.39 -24.55 -8.16
C VAL E 455 19.95 -25.77 -8.86
N ASN E 456 20.33 -25.63 -10.14
CA ASN E 456 20.69 -26.77 -11.00
C ASN E 456 22.18 -26.83 -11.30
N VAL E 457 22.63 -28.03 -11.68
CA VAL E 457 24.04 -28.29 -11.91
C VAL E 457 24.19 -29.04 -13.24
N ASN E 458 24.92 -28.44 -14.18
CA ASN E 458 25.17 -29.04 -15.50
C ASN E 458 23.89 -29.38 -16.24
N ILE E 459 22.83 -28.66 -15.92
CA ILE E 459 21.57 -28.71 -16.66
C ILE E 459 21.06 -27.27 -16.60
N PRO E 460 20.48 -26.74 -17.69
CA PRO E 460 20.09 -25.32 -17.69
C PRO E 460 18.89 -24.95 -16.82
N THR E 461 18.45 -23.69 -16.94
CA THR E 461 17.51 -23.12 -15.99
C THR E 461 16.09 -23.68 -16.14
N SER E 462 15.77 -24.33 -17.26
CA SER E 462 14.46 -24.96 -17.42
C SER E 462 14.44 -26.42 -17.00
N GLY E 463 15.49 -26.90 -16.34
CA GLY E 463 15.49 -28.25 -15.79
C GLY E 463 14.63 -28.44 -14.54
N ALA E 464 13.43 -29.00 -14.75
CA ALA E 464 12.50 -29.24 -13.66
C ALA E 464 11.50 -30.32 -14.08
N GLU E 465 11.15 -31.18 -13.13
CA GLU E 465 10.18 -32.26 -13.31
C GLU E 465 9.17 -32.25 -12.18
N ILE E 466 8.06 -32.97 -12.39
CA ILE E 466 6.91 -32.89 -11.49
C ILE E 466 7.23 -33.39 -10.08
N GLY E 467 8.20 -34.28 -9.93
CA GLY E 467 8.50 -34.86 -8.62
C GLY E 467 8.87 -33.85 -7.55
N GLY E 468 9.46 -32.73 -7.95
CA GLY E 468 9.89 -31.71 -7.02
C GLY E 468 8.95 -30.53 -6.96
N ALA E 469 9.09 -29.74 -5.89
CA ALA E 469 8.34 -28.51 -5.74
C ALA E 469 8.91 -27.44 -6.66
N PHE E 470 8.04 -26.72 -7.36
CA PHE E 470 8.46 -25.74 -8.36
C PHE E 470 8.02 -24.34 -7.97
N GLY E 471 8.99 -23.43 -7.92
CA GLY E 471 8.75 -22.04 -7.58
C GLY E 471 10.04 -21.38 -7.18
N GLY E 472 9.96 -20.09 -6.89
CA GLY E 472 11.13 -19.29 -6.57
C GLY E 472 10.97 -18.53 -5.27
N GLU E 473 12.01 -17.79 -4.93
CA GLU E 473 12.02 -16.95 -3.74
C GLU E 473 12.08 -15.48 -4.17
N LYS E 474 12.02 -14.61 -3.18
CA LYS E 474 12.14 -13.14 -3.35
C LYS E 474 10.99 -12.69 -4.25
N HIS E 475 11.24 -11.82 -5.23
CA HIS E 475 10.15 -11.30 -6.05
C HIS E 475 9.49 -12.36 -6.91
N THR E 476 9.98 -13.61 -6.92
CA THR E 476 9.25 -14.68 -7.61
C THR E 476 8.05 -15.19 -6.82
N GLY E 477 7.95 -14.86 -5.52
CA GLY E 477 6.70 -15.01 -4.79
C GLY E 477 6.69 -16.07 -3.70
N GLY E 478 7.54 -17.11 -3.82
CA GLY E 478 7.63 -18.08 -2.74
C GLY E 478 6.68 -19.25 -2.86
N GLY E 479 5.72 -19.19 -3.76
CA GLY E 479 4.84 -20.34 -3.94
C GLY E 479 5.60 -21.54 -4.45
N ARG E 480 4.98 -22.71 -4.30
CA ARG E 480 5.53 -23.96 -4.83
C ARG E 480 4.38 -24.74 -5.47
N GLU E 481 4.68 -25.42 -6.56
CA GLU E 481 3.67 -26.16 -7.27
C GLU E 481 4.17 -27.58 -7.50
N SER E 482 3.22 -28.47 -7.79
CA SER E 482 3.50 -29.85 -8.17
C SER E 482 3.99 -30.74 -7.02
N GLY E 483 5.30 -31.00 -6.95
CA GLY E 483 5.83 -32.14 -6.22
C GLY E 483 6.24 -31.87 -4.78
N SER E 484 6.97 -32.84 -4.22
CA SER E 484 7.32 -32.83 -2.80
C SER E 484 6.08 -32.55 -1.97
N ASP E 485 6.17 -31.71 -0.92
CA ASP E 485 4.98 -31.46 -0.12
C ASP E 485 4.29 -30.15 -0.51
N ALA E 486 4.36 -29.79 -1.79
CA ALA E 486 3.67 -28.61 -2.28
C ALA E 486 2.17 -28.68 -2.01
N TRP E 487 1.62 -29.89 -1.94
CA TRP E 487 0.18 -30.04 -1.69
C TRP E 487 -0.27 -29.34 -0.41
N LYS E 488 0.64 -29.13 0.55
CA LYS E 488 0.24 -28.52 1.83
C LYS E 488 -0.24 -27.09 1.68
N GLN E 489 0.19 -26.38 0.63
CA GLN E 489 -0.32 -25.05 0.40
C GLN E 489 -1.80 -25.06 0.01
N TYR E 490 -2.31 -26.21 -0.43
CA TYR E 490 -3.70 -26.35 -0.84
C TYR E 490 -4.58 -26.88 0.27
N MET E 491 -4.03 -27.09 1.46
CA MET E 491 -4.80 -27.60 2.58
C MET E 491 -4.47 -26.79 3.81
N ARG E 492 -5.32 -26.92 4.83
CA ARG E 492 -5.10 -26.28 6.12
C ARG E 492 -4.74 -27.35 7.14
N ARG E 493 -3.68 -27.06 7.91
CA ARG E 493 -3.20 -27.93 8.97
C ARG E 493 -3.93 -27.65 10.27
N SER E 494 -4.29 -28.70 11.00
CA SER E 494 -4.75 -28.58 12.37
C SER E 494 -4.01 -29.59 13.23
N THR E 495 -3.60 -29.14 14.41
CA THR E 495 -2.96 -29.97 15.43
C THR E 495 -4.02 -30.32 16.46
N CYS E 496 -4.34 -31.59 16.57
CA CYS E 496 -5.55 -32.03 17.25
C CYS E 496 -5.14 -32.88 18.44
N THR E 497 -5.58 -32.49 19.62
CA THR E 497 -5.36 -33.28 20.82
C THR E 497 -6.67 -33.93 21.21
N ILE E 498 -6.68 -35.25 21.31
CA ILE E 498 -7.87 -36.01 21.66
C ILE E 498 -7.63 -36.66 23.01
N ASN E 499 -8.35 -36.21 24.02
CA ASN E 499 -8.34 -36.83 25.34
C ASN E 499 -9.37 -37.96 25.32
N TYR E 500 -8.90 -39.19 25.33
CA TYR E 500 -9.80 -40.33 25.37
C TYR E 500 -9.85 -40.97 26.73
N SER E 501 -9.16 -40.39 27.72
CA SER E 501 -9.10 -40.96 29.04
C SER E 501 -10.31 -40.52 29.84
N LYS E 502 -10.49 -41.16 30.99
CA LYS E 502 -11.47 -40.75 31.98
C LYS E 502 -10.91 -39.77 32.99
N ASP E 503 -9.62 -39.41 32.89
CA ASP E 503 -8.98 -38.56 33.88
C ASP E 503 -9.53 -37.14 33.82
N LEU E 504 -9.67 -36.54 34.97
CA LEU E 504 -10.13 -35.21 35.30
C LEU E 504 -8.95 -34.30 35.63
N PRO E 505 -9.09 -33.02 35.28
CA PRO E 505 -8.03 -32.05 35.58
C PRO E 505 -7.90 -31.87 37.09
N LEU E 506 -6.69 -31.51 37.52
CA LEU E 506 -6.46 -31.24 38.93
C LEU E 506 -7.43 -30.17 39.43
N ALA E 507 -8.03 -30.41 40.60
CA ALA E 507 -9.05 -29.50 41.10
C ALA E 507 -8.44 -28.17 41.54
N GLN E 508 -7.14 -28.16 41.84
CA GLN E 508 -6.42 -26.97 42.26
C GLN E 508 -7.12 -26.25 43.40
N GLY E 509 -7.65 -27.03 44.35
CA GLY E 509 -8.27 -26.49 45.53
C GLY E 509 -9.71 -26.07 45.36
N ILE E 510 -10.23 -26.08 44.15
CA ILE E 510 -11.63 -25.77 43.94
C ILE E 510 -12.44 -27.04 44.15
N LYS E 511 -13.57 -26.89 44.82
CA LYS E 511 -14.48 -28.00 45.09
C LYS E 511 -15.48 -28.03 43.96
N PHE E 512 -15.34 -29.00 43.06
CA PHE E 512 -16.32 -29.12 42.01
C PHE E 512 -17.44 -30.05 42.46
N GLN E 513 -18.49 -30.12 41.65
CA GLN E 513 -19.69 -30.85 42.04
C GLN E 513 -19.50 -32.38 42.10
N THR F 5 9.80 4.51 44.57
CA THR F 5 11.02 3.71 44.57
C THR F 5 10.89 2.44 43.73
N LEU F 6 11.99 2.06 43.09
CA LEU F 6 11.97 0.89 42.22
C LEU F 6 11.96 -0.38 43.05
N LEU F 7 11.19 -1.37 42.60
CA LEU F 7 11.12 -2.64 43.29
C LEU F 7 12.50 -3.30 43.36
N ILE F 8 13.31 -3.17 42.31
CA ILE F 8 14.63 -3.80 42.27
C ILE F 8 15.53 -3.22 43.33
N ASN F 9 15.25 -2.01 43.82
CA ASN F 9 16.05 -1.45 44.91
C ASN F 9 15.52 -1.82 46.28
N GLN F 10 14.39 -2.51 46.35
CA GLN F 10 13.92 -2.96 47.66
C GLN F 10 14.48 -4.35 47.95
N PRO F 11 14.97 -4.61 49.16
CA PRO F 11 15.61 -5.91 49.42
C PRO F 11 14.68 -7.08 49.18
N GLN F 12 13.37 -6.89 49.34
CA GLN F 12 12.41 -7.95 49.12
C GLN F 12 12.47 -8.51 47.70
N TYR F 13 12.93 -7.70 46.75
CA TYR F 13 13.03 -8.13 45.36
C TYR F 13 14.47 -8.18 44.88
N ALA F 14 15.43 -8.31 45.81
CA ALA F 14 16.84 -8.37 45.44
C ALA F 14 17.17 -9.58 44.58
N TRP F 15 16.29 -10.58 44.54
CA TRP F 15 16.52 -11.74 43.69
C TRP F 15 16.59 -11.35 42.21
N LEU F 16 16.03 -10.19 41.82
CA LEU F 16 16.17 -9.72 40.44
C LEU F 16 17.62 -9.60 40.02
N LYS F 17 18.53 -9.32 40.95
CA LYS F 17 19.94 -9.17 40.60
C LYS F 17 20.56 -10.48 40.13
N GLU F 18 19.97 -11.63 40.49
CA GLU F 18 20.45 -12.92 40.00
C GLU F 18 20.26 -13.07 38.50
N LEU F 19 19.45 -12.24 37.87
CA LEU F 19 19.27 -12.26 36.42
C LEU F 19 20.15 -11.24 35.73
N GLY F 20 21.04 -10.58 36.46
CA GLY F 20 21.86 -9.53 35.91
C GLY F 20 21.14 -8.21 35.72
N LEU F 21 19.94 -8.07 36.28
CA LEU F 21 19.17 -6.86 36.14
C LEU F 21 19.62 -5.82 37.17
N ARG F 22 19.57 -4.56 36.77
CA ARG F 22 19.89 -3.49 37.71
C ARG F 22 18.84 -2.39 37.56
N GLU F 23 19.12 -1.26 38.22
CA GLU F 23 18.23 -0.09 38.16
C GLU F 23 17.95 0.35 36.71
N GLU F 24 19.01 0.53 35.93
CA GLU F 24 18.89 0.85 34.52
C GLU F 24 19.63 -0.18 33.71
N ASN F 25 18.93 -0.83 32.79
CA ASN F 25 19.49 -1.93 32.02
C ASN F 25 19.61 -1.51 30.56
N GLU F 26 20.70 -1.94 29.94
CA GLU F 26 20.85 -1.74 28.51
C GLU F 26 19.88 -2.64 27.79
N GLY F 27 19.10 -2.08 26.88
CA GLY F 27 18.11 -2.83 26.14
C GLY F 27 18.50 -3.23 24.74
N VAL F 28 19.76 -3.05 24.34
CA VAL F 28 20.24 -3.50 23.03
C VAL F 28 21.40 -4.45 23.23
N TYR F 29 21.36 -5.60 22.56
CA TYR F 29 22.48 -6.51 22.55
C TYR F 29 22.73 -6.97 21.12
N ASN F 30 23.99 -6.87 20.69
CA ASN F 30 24.37 -7.35 19.37
C ASN F 30 25.80 -7.90 19.40
N GLY F 31 26.23 -8.41 20.55
CA GLY F 31 27.61 -8.65 20.88
C GLY F 31 28.13 -7.64 21.87
N SER F 32 27.62 -6.42 21.82
CA SER F 32 27.82 -5.41 22.85
C SER F 32 26.46 -5.00 23.40
N TRP F 33 26.48 -4.49 24.63
CA TRP F 33 25.29 -3.96 25.28
C TRP F 33 25.27 -2.44 25.13
N GLY F 34 24.10 -1.90 24.82
CA GLY F 34 23.97 -0.47 24.65
C GLY F 34 22.51 -0.09 24.65
N GLY F 35 22.23 1.06 24.05
CA GLY F 35 20.88 1.56 24.04
C GLY F 35 20.84 3.07 24.12
N ARG F 36 20.58 3.73 23.01
CA ARG F 36 20.52 5.18 22.99
C ARG F 36 19.11 5.70 22.82
N GLY F 37 18.12 4.82 22.76
CA GLY F 37 16.74 5.22 22.60
C GLY F 37 16.07 5.67 23.87
N GLU F 38 14.74 5.65 23.85
CA GLU F 38 13.94 6.11 24.98
C GLU F 38 14.10 5.15 26.14
N VAL F 39 14.21 5.70 27.34
CA VAL F 39 14.25 4.91 28.56
C VAL F 39 12.82 4.64 28.98
N ILE F 40 12.46 3.36 29.10
CA ILE F 40 11.13 2.95 29.55
C ILE F 40 11.25 2.33 30.93
N THR F 41 10.31 2.64 31.80
CA THR F 41 10.19 2.01 33.11
C THR F 41 9.03 1.03 33.07
N THR F 42 9.27 -0.21 33.43
CA THR F 42 8.20 -1.21 33.43
C THR F 42 7.68 -1.40 34.85
N TYR F 43 6.41 -1.77 34.95
CA TYR F 43 5.69 -1.80 36.22
C TYR F 43 5.15 -3.19 36.55
N CYS F 44 5.07 -3.46 37.83
CA CYS F 44 4.42 -4.67 38.31
C CYS F 44 2.91 -4.47 38.26
N PRO F 45 2.17 -5.25 37.46
CA PRO F 45 0.71 -5.05 37.39
C PRO F 45 -0.04 -5.48 38.67
N ALA F 46 0.61 -6.21 39.58
CA ALA F 46 -0.04 -6.64 40.82
C ALA F 46 -0.14 -5.53 41.86
N ASN F 47 0.73 -4.53 41.79
CA ASN F 47 0.70 -3.43 42.73
C ASN F 47 0.99 -2.09 42.07
N ASN F 48 1.15 -2.04 40.74
CA ASN F 48 1.42 -0.81 40.01
C ASN F 48 2.69 -0.10 40.49
N GLU F 49 3.68 -0.86 40.97
CA GLU F 49 4.95 -0.20 41.30
C GLU F 49 5.97 -0.36 40.18
N PRO F 50 6.83 0.64 39.94
CA PRO F 50 7.88 0.47 38.93
C PRO F 50 8.94 -0.53 39.38
N ILE F 51 9.39 -1.36 38.45
CA ILE F 51 10.36 -2.40 38.79
C ILE F 51 11.76 -1.88 38.54
N ALA F 52 12.06 -1.52 37.29
CA ALA F 52 13.37 -1.03 36.90
C ALA F 52 13.21 -0.39 35.52
N ARG F 53 14.31 0.13 34.99
CA ARG F 53 14.28 0.85 33.72
C ARG F 53 15.10 0.13 32.65
N VAL F 54 14.74 0.39 31.40
CA VAL F 54 15.43 -0.17 30.23
C VAL F 54 15.59 0.92 29.19
N ARG F 55 16.83 1.11 28.73
CA ARG F 55 17.07 2.03 27.63
C ARG F 55 16.88 1.29 26.30
N GLN F 56 15.89 1.71 25.52
CA GLN F 56 15.52 1.00 24.30
C GLN F 56 16.43 1.40 23.14
N ALA F 57 16.20 0.73 22.00
CA ALA F 57 17.04 0.94 20.83
C ALA F 57 16.66 2.23 20.14
N SER F 58 17.67 3.03 19.81
CA SER F 58 17.50 4.12 18.88
C SER F 58 17.55 3.56 17.45
N VAL F 59 17.28 4.43 16.48
CA VAL F 59 17.38 4.04 15.07
C VAL F 59 18.79 3.59 14.73
N ALA F 60 19.79 4.35 15.17
CA ALA F 60 21.19 3.96 14.93
C ALA F 60 21.52 2.62 15.57
N ASP F 61 21.00 2.36 16.78
CA ASP F 61 21.17 1.05 17.41
C ASP F 61 20.63 -0.07 16.54
N TYR F 62 19.42 0.12 16.03
CA TYR F 62 18.80 -0.91 15.21
C TYR F 62 19.64 -1.17 13.95
N GLU F 63 20.07 -0.11 13.27
CA GLU F 63 20.93 -0.27 12.09
C GLU F 63 22.20 -1.03 12.43
N GLU F 64 22.92 -0.61 13.48
CA GLU F 64 24.16 -1.30 13.82
C GLU F 64 23.88 -2.75 14.17
N THR F 65 22.77 -3.01 14.86
CA THR F 65 22.47 -4.37 15.27
C THR F 65 22.18 -5.25 14.06
N VAL F 66 21.41 -4.74 13.09
CA VAL F 66 21.10 -5.56 11.92
C VAL F 66 22.38 -5.91 11.16
N LYS F 67 23.24 -4.91 10.95
CA LYS F 67 24.49 -5.14 10.24
C LYS F 67 25.33 -6.20 10.94
N LYS F 68 25.41 -6.08 12.27
CA LYS F 68 26.18 -7.03 13.08
C LYS F 68 25.56 -8.43 13.05
N ALA F 69 24.23 -8.53 13.05
CA ALA F 69 23.61 -9.85 12.96
C ALA F 69 23.91 -10.51 11.62
N ARG F 70 23.83 -9.73 10.54
CA ARG F 70 24.05 -10.31 9.22
C ARG F 70 25.51 -10.70 9.04
N GLU F 71 26.44 -9.95 9.64
CA GLU F 71 27.83 -10.39 9.68
C GLU F 71 27.97 -11.73 10.42
N ALA F 72 27.33 -11.83 11.60
CA ALA F 72 27.38 -13.08 12.38
C ALA F 72 26.76 -14.24 11.62
N TRP F 73 25.75 -13.98 10.79
CA TRP F 73 25.12 -15.06 10.04
C TRP F 73 26.11 -15.74 9.12
N LYS F 74 27.08 -14.98 8.60
CA LYS F 74 28.09 -15.59 7.72
C LYS F 74 28.83 -16.68 8.46
N ILE F 75 29.15 -16.44 9.74
CA ILE F 75 29.78 -17.45 10.56
C ILE F 75 28.80 -18.54 10.94
N TRP F 76 27.60 -18.12 11.34
CA TRP F 76 26.67 -19.05 11.95
C TRP F 76 26.13 -20.03 10.93
N ALA F 77 25.85 -19.55 9.71
CA ALA F 77 25.34 -20.45 8.67
C ALA F 77 26.37 -21.49 8.25
N ASP F 78 27.67 -21.20 8.41
CA ASP F 78 28.70 -22.19 8.11
C ASP F 78 28.85 -23.25 9.19
N ILE F 79 28.19 -23.08 10.33
CA ILE F 79 28.32 -24.09 11.39
C ILE F 79 27.33 -25.22 11.12
N PRO F 80 27.79 -26.46 11.05
CA PRO F 80 26.87 -27.58 10.75
C PRO F 80 25.70 -27.58 11.72
N ALA F 81 24.51 -27.88 11.22
CA ALA F 81 23.30 -27.86 12.06
C ALA F 81 23.47 -28.61 13.38
N PRO F 82 24.03 -29.84 13.42
CA PRO F 82 24.20 -30.50 14.72
C PRO F 82 25.02 -29.70 15.71
N LYS F 83 26.03 -28.97 15.25
CA LYS F 83 26.80 -28.13 16.16
C LYS F 83 26.00 -26.92 16.59
N ARG F 84 25.15 -26.39 15.73
CA ARG F 84 24.16 -25.41 16.19
C ARG F 84 23.24 -26.05 17.22
N GLY F 85 22.91 -27.33 17.03
CA GLY F 85 22.10 -28.03 18.01
C GLY F 85 22.75 -28.10 19.38
N GLU F 86 24.07 -28.32 19.41
CA GLU F 86 24.81 -28.30 20.68
C GLU F 86 24.67 -26.95 21.37
N ILE F 87 24.77 -25.86 20.62
CA ILE F 87 24.59 -24.53 21.18
C ILE F 87 23.21 -24.39 21.81
N VAL F 88 22.18 -24.85 21.09
CA VAL F 88 20.81 -24.73 21.60
C VAL F 88 20.62 -25.61 22.83
N ARG F 89 21.27 -26.79 22.86
CA ARG F 89 21.27 -27.58 24.09
C ARG F 89 21.83 -26.79 25.26
N GLN F 90 22.93 -26.05 25.05
CA GLN F 90 23.50 -25.31 26.16
C GLN F 90 22.57 -24.18 26.60
N ILE F 91 21.89 -23.52 25.67
CA ILE F 91 20.88 -22.53 26.04
C ILE F 91 19.81 -23.18 26.91
N GLY F 92 19.37 -24.39 26.53
CA GLY F 92 18.44 -25.12 27.37
C GLY F 92 18.95 -25.34 28.77
N ASP F 93 20.23 -25.74 28.89
CA ASP F 93 20.79 -25.93 30.24
C ASP F 93 20.92 -24.61 30.98
N ALA F 94 21.38 -23.57 30.28
CA ALA F 94 21.48 -22.26 30.93
C ALA F 94 20.11 -21.80 31.39
N LEU F 95 19.07 -22.07 30.60
CA LEU F 95 17.72 -21.75 31.05
C LEU F 95 17.35 -22.58 32.27
N ARG F 96 17.67 -23.87 32.24
CA ARG F 96 17.41 -24.73 33.39
C ARG F 96 18.00 -24.16 34.66
N GLU F 97 19.23 -23.65 34.59
CA GLU F 97 19.89 -23.13 35.79
C GLU F 97 19.19 -21.90 36.38
N LYS F 98 18.42 -21.13 35.58
CA LYS F 98 17.77 -19.92 36.07
C LYS F 98 16.25 -20.00 36.13
N ILE F 99 15.65 -21.18 36.01
CA ILE F 99 14.21 -21.25 35.75
C ILE F 99 13.40 -20.59 36.88
N GLN F 100 13.84 -20.74 38.14
CA GLN F 100 13.04 -20.23 39.24
C GLN F 100 13.02 -18.70 39.25
N VAL F 101 14.20 -18.06 39.22
CA VAL F 101 14.22 -16.61 39.21
C VAL F 101 13.62 -16.07 37.91
N LEU F 102 13.88 -16.75 36.79
CA LEU F 102 13.32 -16.27 35.53
C LEU F 102 11.80 -16.37 35.54
N GLY F 103 11.28 -17.50 36.03
CA GLY F 103 9.84 -17.61 36.19
C GLY F 103 9.28 -16.56 37.13
N SER F 104 10.01 -16.25 38.21
CA SER F 104 9.56 -15.23 39.17
C SER F 104 9.46 -13.86 38.52
N LEU F 105 10.42 -13.52 37.65
CA LEU F 105 10.37 -12.25 36.92
C LEU F 105 9.18 -12.19 35.97
N VAL F 106 8.88 -13.30 35.29
CA VAL F 106 7.70 -13.33 34.44
C VAL F 106 6.45 -13.06 35.27
N SER F 107 6.33 -13.68 36.44
CA SER F 107 5.20 -13.39 37.31
C SER F 107 5.20 -11.94 37.75
N LEU F 108 6.39 -11.40 38.02
CA LEU F 108 6.50 -10.04 38.55
C LEU F 108 6.13 -9.00 37.50
N GLU F 109 6.76 -9.08 36.33
CA GLU F 109 6.64 -8.02 35.35
C GLU F 109 5.42 -8.16 34.47
N MET F 110 5.02 -9.38 34.17
CA MET F 110 3.88 -9.62 33.31
C MET F 110 2.60 -9.84 34.10
N GLY F 111 2.67 -10.60 35.19
CA GLY F 111 1.56 -10.75 36.11
C GLY F 111 0.88 -12.12 36.12
N LYS F 112 1.36 -13.09 35.35
CA LYS F 112 0.76 -14.42 35.43
C LYS F 112 1.32 -15.14 36.65
N ILE F 113 0.61 -16.19 37.08
CA ILE F 113 1.00 -16.87 38.34
C ILE F 113 2.31 -17.62 38.16
N LEU F 114 2.95 -17.92 39.30
CA LEU F 114 4.32 -18.45 39.29
C LEU F 114 4.42 -19.75 38.49
N VAL F 115 3.51 -20.69 38.70
CA VAL F 115 3.60 -21.98 38.02
C VAL F 115 3.59 -21.80 36.50
N GLU F 116 2.89 -20.78 35.99
CA GLU F 116 2.89 -20.50 34.56
C GLU F 116 4.15 -19.76 34.14
N GLY F 117 4.65 -18.87 34.98
CA GLY F 117 5.93 -18.23 34.70
C GLY F 117 7.04 -19.25 34.60
N VAL F 118 7.08 -20.16 35.58
CA VAL F 118 8.01 -21.29 35.51
C VAL F 118 7.69 -22.16 34.29
N GLY F 119 6.39 -22.40 34.06
CA GLY F 119 6.00 -23.23 32.92
C GLY F 119 6.51 -22.67 31.60
N GLU F 120 6.49 -21.33 31.46
CA GLU F 120 6.98 -20.68 30.27
C GLU F 120 8.47 -20.93 30.05
N VAL F 121 9.27 -20.90 31.12
CA VAL F 121 10.70 -21.17 30.94
C VAL F 121 10.93 -22.64 30.60
N GLN F 122 10.20 -23.53 31.28
CA GLN F 122 10.30 -24.97 30.99
C GLN F 122 9.96 -25.25 29.52
N GLU F 123 8.99 -24.52 28.99
CA GLU F 123 8.63 -24.62 27.59
C GLU F 123 9.81 -24.28 26.69
N TYR F 124 10.52 -23.20 27.01
CA TYR F 124 11.70 -22.84 26.25
C TYR F 124 12.77 -23.92 26.41
N VAL F 125 12.97 -24.39 27.64
CA VAL F 125 13.88 -25.51 27.88
C VAL F 125 13.44 -26.71 27.04
N ASP F 126 12.13 -27.02 27.07
CA ASP F 126 11.62 -28.18 26.35
C ASP F 126 11.85 -28.06 24.84
N ILE F 127 11.54 -26.89 24.26
CA ILE F 127 11.74 -26.76 22.82
C ILE F 127 13.22 -26.86 22.47
N CYS F 128 14.11 -26.38 23.34
CA CYS F 128 15.54 -26.50 23.07
C CYS F 128 15.94 -27.97 22.92
N ASP F 129 15.55 -28.81 23.88
CA ASP F 129 15.91 -30.23 23.82
C ASP F 129 15.33 -30.90 22.60
N TYR F 130 14.11 -30.50 22.21
CA TYR F 130 13.52 -30.96 20.95
C TYR F 130 14.37 -30.53 19.76
N ALA F 131 14.74 -29.25 19.72
CA ALA F 131 15.51 -28.73 18.60
C ALA F 131 16.86 -29.40 18.49
N VAL F 132 17.39 -29.94 19.61
CA VAL F 132 18.66 -30.64 19.54
C VAL F 132 18.53 -31.86 18.63
N GLY F 133 17.44 -32.61 18.80
CA GLY F 133 17.20 -33.73 17.91
C GLY F 133 16.87 -33.27 16.50
N LEU F 134 16.04 -32.22 16.38
CA LEU F 134 15.67 -31.68 15.08
C LEU F 134 16.88 -31.22 14.27
N SER F 135 17.92 -30.73 14.92
CA SER F 135 19.09 -30.23 14.21
C SER F 135 19.87 -31.34 13.51
N ARG F 136 19.64 -32.61 13.83
CA ARG F 136 20.22 -33.71 13.08
C ARG F 136 19.28 -34.27 12.02
N MET F 137 18.11 -33.64 11.84
CA MET F 137 17.05 -34.15 10.99
C MET F 137 16.62 -33.19 9.88
N ILE F 138 16.76 -31.87 10.06
CA ILE F 138 16.21 -30.95 9.07
C ILE F 138 16.82 -31.18 7.69
N GLY F 139 15.99 -31.14 6.67
CA GLY F 139 16.41 -31.36 5.31
C GLY F 139 15.24 -31.86 4.49
N GLY F 140 15.54 -32.22 3.23
CA GLY F 140 14.55 -32.70 2.29
C GLY F 140 14.91 -34.01 1.64
N PRO F 141 14.00 -34.55 0.81
CA PRO F 141 14.25 -35.85 0.18
C PRO F 141 15.19 -35.79 -1.00
N ILE F 142 15.90 -36.90 -1.22
CA ILE F 142 16.50 -37.20 -2.51
C ILE F 142 15.43 -37.97 -3.28
N LEU F 143 15.07 -37.46 -4.31
CA LEU F 143 13.97 -37.91 -5.12
C LEU F 143 14.47 -38.63 -6.36
N PRO F 144 13.71 -39.57 -6.92
CA PRO F 144 14.13 -40.20 -8.17
C PRO F 144 13.81 -39.30 -9.36
N SER F 145 14.85 -38.77 -9.99
CA SER F 145 14.66 -37.97 -11.19
C SER F 145 14.20 -38.86 -12.34
N GLU F 146 13.37 -38.28 -13.21
CA GLU F 146 13.02 -38.98 -14.44
C GLU F 146 14.16 -38.99 -15.46
N ARG F 147 15.20 -38.21 -15.22
CA ARG F 147 16.30 -38.07 -16.18
C ARG F 147 17.41 -39.05 -15.84
N SER F 148 17.78 -39.89 -16.80
CA SER F 148 18.94 -40.77 -16.66
C SER F 148 20.17 -39.96 -16.31
N GLY F 149 21.03 -40.50 -15.46
CA GLY F 149 22.23 -39.77 -15.12
C GLY F 149 22.00 -38.47 -14.36
N HIS F 150 20.84 -38.29 -13.75
CA HIS F 150 20.56 -37.11 -12.94
C HIS F 150 20.14 -37.46 -11.52
N ALA F 151 20.55 -36.60 -10.60
CA ALA F 151 20.06 -36.59 -9.24
C ALA F 151 19.08 -35.44 -9.08
N LEU F 152 18.07 -35.65 -8.24
CA LEU F 152 17.07 -34.64 -7.91
C LEU F 152 17.00 -34.56 -6.40
N ILE F 153 17.37 -33.42 -5.83
CA ILE F 153 17.41 -33.28 -4.38
C ILE F 153 16.69 -32.00 -3.98
N GLU F 154 16.02 -32.06 -2.83
CA GLU F 154 15.40 -30.91 -2.21
C GLU F 154 16.27 -30.46 -1.05
N GLN F 155 16.79 -29.25 -1.12
CA GLN F 155 17.65 -28.68 -0.08
C GLN F 155 16.90 -27.67 0.76
N TRP F 156 17.35 -27.51 2.00
CA TRP F 156 16.85 -26.44 2.85
C TRP F 156 18.03 -25.66 3.39
N ASN F 157 17.94 -24.34 3.29
CA ASN F 157 18.99 -23.44 3.76
C ASN F 157 18.40 -22.31 4.59
N PRO F 158 19.18 -21.72 5.51
CA PRO F 158 18.63 -20.65 6.35
C PRO F 158 18.17 -19.49 5.50
N VAL F 159 17.14 -18.80 5.99
CA VAL F 159 16.72 -17.58 5.30
C VAL F 159 17.65 -16.44 5.65
N GLY F 160 18.36 -16.51 6.78
CA GLY F 160 19.29 -15.47 7.14
C GLY F 160 18.97 -14.87 8.50
N LEU F 161 18.40 -13.68 8.50
CA LEU F 161 18.02 -12.97 9.72
C LEU F 161 16.54 -13.18 9.99
N VAL F 162 16.21 -13.73 11.15
CA VAL F 162 14.83 -13.89 11.57
C VAL F 162 14.53 -12.83 12.61
N GLY F 163 13.72 -11.84 12.24
CA GLY F 163 13.21 -10.90 13.20
C GLY F 163 12.06 -11.55 13.98
N ILE F 164 12.04 -11.30 15.27
CA ILE F 164 11.07 -11.91 16.18
C ILE F 164 10.45 -10.81 17.02
N ILE F 165 9.19 -10.52 16.75
CA ILE F 165 8.38 -9.61 17.53
C ILE F 165 7.42 -10.48 18.34
N THR F 166 7.38 -10.27 19.65
CA THR F 166 6.62 -11.11 20.55
C THR F 166 5.67 -10.24 21.37
N ALA F 167 4.66 -10.88 21.96
CA ALA F 167 3.62 -10.20 22.71
C ALA F 167 3.95 -10.19 24.20
N PHE F 168 3.20 -9.40 24.96
CA PHE F 168 3.49 -9.30 26.39
C PHE F 168 3.12 -10.57 27.14
N ASN F 169 2.10 -11.30 26.67
CA ASN F 169 1.46 -12.28 27.52
C ASN F 169 2.21 -13.61 27.58
N PHE F 170 3.05 -13.92 26.59
CA PHE F 170 4.01 -15.01 26.68
C PHE F 170 5.38 -14.47 26.35
N PRO F 171 5.98 -13.72 27.28
CA PRO F 171 7.22 -13.02 27.01
C PRO F 171 8.46 -13.90 27.00
N VAL F 172 8.35 -15.19 27.31
CA VAL F 172 9.52 -16.05 27.18
C VAL F 172 9.30 -17.10 26.10
N ALA F 173 8.20 -17.87 26.20
CA ALA F 173 8.03 -19.06 25.36
C ALA F 173 7.95 -18.73 23.87
N VAL F 174 7.16 -17.72 23.51
CA VAL F 174 7.01 -17.42 22.09
C VAL F 174 8.37 -17.13 21.47
N TYR F 175 9.15 -16.26 22.12
CA TYR F 175 10.52 -16.07 21.67
C TYR F 175 11.28 -17.38 21.66
N GLY F 176 11.19 -18.14 22.76
CA GLY F 176 11.91 -19.41 22.83
C GLY F 176 11.60 -20.33 21.66
N TRP F 177 10.31 -20.52 21.36
CA TRP F 177 9.92 -21.35 20.22
C TRP F 177 10.60 -20.89 18.95
N ASN F 178 10.56 -19.58 18.70
CA ASN F 178 11.18 -19.05 17.49
C ASN F 178 12.69 -19.17 17.54
N ASN F 179 13.28 -18.92 18.71
CA ASN F 179 14.74 -18.87 18.78
C ASN F 179 15.35 -20.26 18.62
N ALA F 180 14.87 -21.25 19.38
CA ALA F 180 15.48 -22.57 19.29
C ALA F 180 15.37 -23.12 17.88
N ILE F 181 14.19 -22.97 17.26
CA ILE F 181 13.98 -23.50 15.92
C ILE F 181 14.78 -22.71 14.89
N ALA F 182 14.67 -21.38 14.92
CA ALA F 182 15.40 -20.57 13.93
C ALA F 182 16.90 -20.79 14.05
N MET F 183 17.39 -21.01 15.26
CA MET F 183 18.84 -21.16 15.43
C MET F 183 19.35 -22.43 14.80
N ILE F 184 18.73 -23.59 15.10
CA ILE F 184 19.20 -24.85 14.54
C ILE F 184 19.05 -24.84 13.03
N CYS F 185 18.13 -24.05 12.49
CA CYS F 185 17.98 -23.92 11.06
C CYS F 185 19.02 -23.00 10.44
N GLY F 186 19.97 -22.50 11.22
CA GLY F 186 21.05 -21.67 10.68
C GLY F 186 20.73 -20.21 10.54
N ASN F 187 19.70 -19.71 11.21
CA ASN F 187 19.35 -18.30 11.12
C ASN F 187 19.91 -17.54 12.31
N VAL F 188 20.17 -16.25 12.11
CA VAL F 188 20.35 -15.33 13.21
C VAL F 188 19.01 -14.71 13.54
N CYS F 189 18.88 -14.22 14.78
CA CYS F 189 17.64 -13.78 15.38
C CYS F 189 17.76 -12.34 15.84
N LEU F 190 16.68 -11.57 15.67
CA LEU F 190 16.57 -10.22 16.18
C LEU F 190 15.25 -10.12 16.94
N TRP F 191 15.33 -9.85 18.25
CA TRP F 191 14.17 -9.86 19.13
C TRP F 191 13.73 -8.44 19.44
N LYS F 192 12.44 -8.18 19.24
CA LYS F 192 11.77 -6.99 19.77
C LYS F 192 10.55 -7.47 20.55
N GLY F 193 10.70 -7.59 21.87
CA GLY F 193 9.63 -8.05 22.71
C GLY F 193 8.70 -6.93 23.06
N ALA F 194 7.64 -7.28 23.78
CA ALA F 194 6.70 -6.25 24.19
C ALA F 194 7.39 -5.27 25.14
N PRO F 195 7.20 -3.96 24.96
CA PRO F 195 7.87 -2.99 25.83
C PRO F 195 7.59 -3.20 27.31
N THR F 196 6.38 -3.62 27.68
CA THR F 196 6.02 -3.80 29.08
C THR F 196 6.61 -5.06 29.68
N THR F 197 7.30 -5.88 28.89
CA THR F 197 8.07 -7.03 29.39
C THR F 197 9.54 -6.89 28.98
N SER F 198 10.07 -5.65 29.08
CA SER F 198 11.44 -5.40 28.65
C SER F 198 12.45 -6.10 29.56
N LEU F 199 12.17 -6.15 30.85
CA LEU F 199 13.08 -6.83 31.78
C LEU F 199 13.16 -8.32 31.47
N ILE F 200 12.03 -8.93 31.14
CA ILE F 200 12.03 -10.34 30.74
C ILE F 200 12.90 -10.53 29.49
N SER F 201 12.71 -9.67 28.49
CA SER F 201 13.53 -9.77 27.29
C SER F 201 15.00 -9.61 27.62
N VAL F 202 15.34 -8.65 28.47
CA VAL F 202 16.75 -8.44 28.79
C VAL F 202 17.32 -9.64 29.53
N ALA F 203 16.58 -10.17 30.52
CA ALA F 203 17.07 -11.29 31.30
C ALA F 203 17.31 -12.52 30.43
N VAL F 204 16.37 -12.80 29.53
CA VAL F 204 16.56 -13.94 28.63
C VAL F 204 17.79 -13.72 27.77
N THR F 205 17.91 -12.53 27.19
CA THR F 205 19.04 -12.24 26.31
C THR F 205 20.37 -12.36 27.06
N LYS F 206 20.41 -11.96 28.34
CA LYS F 206 21.64 -12.12 29.12
C LYS F 206 22.01 -13.59 29.26
N ILE F 207 21.02 -14.45 29.48
CA ILE F 207 21.29 -15.88 29.61
C ILE F 207 21.83 -16.43 28.30
N ILE F 208 21.20 -16.06 27.17
CA ILE F 208 21.64 -16.53 25.85
C ILE F 208 23.00 -15.96 25.49
N ALA F 209 23.21 -14.68 25.76
CA ALA F 209 24.48 -14.06 25.39
C ALA F 209 25.66 -14.75 26.07
N LYS F 210 25.47 -15.18 27.31
CA LYS F 210 26.55 -15.87 28.01
C LYS F 210 26.92 -17.18 27.30
N VAL F 211 25.93 -17.95 26.85
CA VAL F 211 26.24 -19.19 26.14
C VAL F 211 27.01 -18.88 24.86
N LEU F 212 26.54 -17.90 24.10
CA LEU F 212 27.23 -17.53 22.88
C LEU F 212 28.66 -17.07 23.15
N GLU F 213 28.85 -16.25 24.18
CA GLU F 213 30.19 -15.71 24.44
C GLU F 213 31.12 -16.80 24.95
N ASP F 214 30.60 -17.71 25.78
CA ASP F 214 31.38 -18.84 26.25
C ASP F 214 31.77 -19.77 25.12
N ASN F 215 30.99 -19.82 24.04
CA ASN F 215 31.33 -20.66 22.90
C ASN F 215 32.07 -19.87 21.81
N LYS F 216 32.55 -18.68 22.13
CA LYS F 216 33.35 -17.88 21.19
C LYS F 216 32.58 -17.67 19.89
N LEU F 217 31.28 -17.40 20.03
CA LEU F 217 30.35 -17.08 18.96
C LEU F 217 29.96 -15.61 18.99
N PRO F 218 29.73 -15.00 17.84
CA PRO F 218 29.29 -13.61 17.82
C PRO F 218 27.92 -13.47 18.48
N GLY F 219 27.82 -12.56 19.44
CA GLY F 219 26.58 -12.40 20.17
C GLY F 219 25.41 -12.01 19.31
N ALA F 220 25.67 -11.38 18.15
CA ALA F 220 24.57 -10.94 17.30
C ALA F 220 23.77 -12.09 16.73
N ILE F 221 24.24 -13.34 16.89
CA ILE F 221 23.43 -14.50 16.51
C ILE F 221 22.06 -14.44 17.18
N CYS F 222 22.00 -13.92 18.42
CA CYS F 222 20.74 -13.69 19.15
C CYS F 222 20.69 -12.23 19.60
N SER F 223 20.40 -11.35 18.64
CA SER F 223 20.36 -9.92 18.89
C SER F 223 19.05 -9.49 19.53
N LEU F 224 19.13 -8.41 20.29
CA LEU F 224 17.99 -7.83 20.98
C LEU F 224 17.99 -6.35 20.69
N THR F 225 16.86 -5.84 20.19
CA THR F 225 16.63 -4.40 20.05
C THR F 225 15.27 -4.13 20.69
N CYS F 226 15.30 -3.75 21.96
CA CYS F 226 14.06 -3.38 22.64
C CYS F 226 13.46 -2.12 22.05
N GLY F 227 12.14 -2.13 21.90
CA GLY F 227 11.42 -0.99 21.38
C GLY F 227 9.96 -1.35 21.19
N GLY F 228 9.20 -0.33 20.78
CA GLY F 228 7.77 -0.45 20.53
C GLY F 228 7.40 -0.45 19.06
N ALA F 229 6.32 0.27 18.71
CA ALA F 229 5.81 0.29 17.34
C ALA F 229 6.85 0.79 16.35
N ASP F 230 7.73 1.69 16.77
CA ASP F 230 8.75 2.25 15.89
C ASP F 230 9.71 1.17 15.39
N ILE F 231 10.33 0.43 16.31
CA ILE F 231 11.32 -0.59 15.94
C ILE F 231 10.65 -1.74 15.20
N GLY F 232 9.47 -2.16 15.68
CA GLY F 232 8.75 -3.22 15.00
C GLY F 232 8.42 -2.89 13.56
N THR F 233 8.00 -1.65 13.30
CA THR F 233 7.73 -1.22 11.93
C THR F 233 8.99 -1.20 11.10
N ALA F 234 10.10 -0.73 11.67
CA ALA F 234 11.36 -0.76 10.95
C ALA F 234 11.68 -2.18 10.49
N MET F 235 11.50 -3.16 11.39
CA MET F 235 11.73 -4.55 11.04
C MET F 235 10.79 -5.00 9.94
N ALA F 236 9.52 -4.61 10.01
CA ALA F 236 8.56 -5.10 9.02
C ALA F 236 8.85 -4.53 7.64
N LYS F 237 9.47 -3.34 7.57
CA LYS F 237 9.87 -2.70 6.32
C LYS F 237 11.30 -3.05 5.88
N ASP F 238 12.07 -3.78 6.68
CA ASP F 238 13.51 -4.02 6.45
C ASP F 238 13.73 -5.22 5.53
N GLU F 239 14.21 -4.98 4.31
CA GLU F 239 14.58 -6.08 3.42
C GLU F 239 15.67 -6.98 3.99
N ARG F 240 16.48 -6.50 4.93
CA ARG F 240 17.49 -7.36 5.54
C ARG F 240 16.86 -8.38 6.49
N VAL F 241 15.59 -8.19 6.88
CA VAL F 241 14.90 -9.15 7.74
C VAL F 241 14.22 -10.16 6.81
N ASN F 242 14.83 -11.34 6.69
CA ASN F 242 14.34 -12.28 5.70
C ASN F 242 13.01 -12.87 6.11
N LEU F 243 12.85 -13.16 7.40
CA LEU F 243 11.60 -13.61 7.97
C LEU F 243 11.29 -12.76 9.21
N LEU F 244 10.08 -12.23 9.28
CA LEU F 244 9.60 -11.52 10.46
C LEU F 244 8.52 -12.39 11.08
N SER F 245 8.84 -12.98 12.21
CA SER F 245 7.85 -13.71 13.01
C SER F 245 7.19 -12.69 13.94
N PHE F 246 5.88 -12.51 13.79
CA PHE F 246 5.13 -11.55 14.58
C PHE F 246 4.08 -12.28 15.41
N THR F 247 4.11 -12.04 16.71
CA THR F 247 3.09 -12.52 17.64
C THR F 247 2.45 -11.31 18.30
N GLY F 248 1.14 -11.16 18.13
CA GLY F 248 0.49 -9.97 18.60
C GLY F 248 -0.96 -9.92 18.15
N SER F 249 -1.50 -8.72 18.18
CA SER F 249 -2.90 -8.54 17.86
C SER F 249 -3.12 -8.69 16.35
N THR F 250 -4.35 -9.05 15.99
CA THR F 250 -4.71 -9.09 14.58
C THR F 250 -4.53 -7.71 13.94
N GLN F 251 -4.95 -6.66 14.65
CA GLN F 251 -4.89 -5.30 14.14
C GLN F 251 -3.46 -4.90 13.76
N VAL F 252 -2.52 -5.05 14.68
CA VAL F 252 -1.14 -4.75 14.33
C VAL F 252 -0.61 -5.78 13.32
N GLY F 253 -0.89 -7.07 13.55
CA GLY F 253 -0.33 -8.11 12.71
C GLY F 253 -0.69 -7.98 11.25
N LYS F 254 -1.93 -7.57 10.97
CA LYS F 254 -2.36 -7.36 9.59
C LYS F 254 -1.48 -6.33 8.90
N GLN F 255 -1.15 -5.24 9.60
CA GLN F 255 -0.29 -4.22 9.01
C GLN F 255 1.14 -4.71 8.87
N VAL F 256 1.63 -5.48 9.84
CA VAL F 256 2.95 -6.09 9.67
C VAL F 256 2.95 -7.00 8.45
N GLY F 257 1.90 -7.81 8.30
CA GLY F 257 1.85 -8.75 7.18
C GLY F 257 1.84 -8.05 5.84
N LEU F 258 1.14 -6.94 5.76
CA LEU F 258 1.10 -6.18 4.51
C LEU F 258 2.45 -5.57 4.20
N MET F 259 3.11 -5.01 5.21
CA MET F 259 4.41 -4.39 4.99
C MET F 259 5.45 -5.39 4.51
N VAL F 260 5.45 -6.60 5.07
CA VAL F 260 6.38 -7.63 4.63
C VAL F 260 6.03 -8.10 3.21
N GLN F 261 4.73 -8.33 2.95
CA GLN F 261 4.31 -8.72 1.61
C GLN F 261 4.69 -7.65 0.59
N GLU F 262 4.63 -6.37 0.99
CA GLU F 262 4.98 -5.28 0.07
C GLU F 262 6.41 -5.41 -0.44
N ARG F 263 7.33 -5.85 0.41
CA ARG F 263 8.73 -5.99 0.03
C ARG F 263 9.10 -7.43 -0.32
N PHE F 264 8.09 -8.30 -0.54
CA PHE F 264 8.30 -9.72 -0.85
C PHE F 264 9.18 -10.40 0.21
N GLY F 265 9.02 -9.99 1.45
CA GLY F 265 9.63 -10.73 2.53
C GLY F 265 8.76 -11.90 2.91
N ARG F 266 9.20 -12.59 3.95
CA ARG F 266 8.44 -13.66 4.57
C ARG F 266 7.98 -13.24 5.96
N SER F 267 6.73 -13.51 6.27
CA SER F 267 6.22 -13.29 7.62
C SER F 267 5.64 -14.58 8.14
N LEU F 268 5.68 -14.70 9.47
CA LEU F 268 5.05 -15.78 10.21
C LEU F 268 4.18 -15.08 11.25
N LEU F 269 2.87 -15.08 11.03
CA LEU F 269 1.95 -14.26 11.83
C LEU F 269 1.17 -15.14 12.80
N GLU F 270 1.23 -14.79 14.08
CA GLU F 270 0.56 -15.52 15.16
C GLU F 270 -0.31 -14.48 15.84
N LEU F 271 -1.57 -14.39 15.42
CA LEU F 271 -2.41 -13.25 15.77
C LEU F 271 -3.48 -13.67 16.78
N GLY F 272 -4.61 -12.97 16.78
CA GLY F 272 -5.54 -13.11 17.89
C GLY F 272 -6.35 -14.39 17.86
N GLY F 273 -6.97 -14.68 19.01
CA GLY F 273 -7.85 -15.81 19.13
C GLY F 273 -9.19 -15.39 19.70
N ASN F 274 -10.22 -16.18 19.41
CA ASN F 274 -11.57 -16.02 19.92
C ASN F 274 -12.16 -17.41 20.03
N ASN F 275 -11.56 -18.18 20.94
CA ASN F 275 -11.62 -19.64 20.93
C ASN F 275 -12.85 -20.13 21.66
N ALA F 276 -13.55 -21.06 21.04
CA ALA F 276 -14.79 -21.58 21.59
C ALA F 276 -14.55 -22.97 22.18
N ILE F 277 -15.26 -23.24 23.27
CA ILE F 277 -15.44 -24.58 23.81
C ILE F 277 -16.88 -24.97 23.54
N ILE F 278 -17.11 -26.16 23.00
CA ILE F 278 -18.45 -26.66 22.71
C ILE F 278 -18.68 -27.91 23.53
N ALA F 279 -19.71 -27.89 24.38
CA ALA F 279 -20.11 -29.02 25.20
C ALA F 279 -21.41 -29.60 24.67
N PHE F 280 -21.37 -30.87 24.24
CA PHE F 280 -22.57 -31.57 23.79
C PHE F 280 -23.27 -32.28 24.95
N GLU F 281 -24.51 -32.74 24.69
CA GLU F 281 -25.35 -33.30 25.75
C GLU F 281 -24.72 -34.54 26.40
N ASP F 282 -23.90 -35.27 25.67
CA ASP F 282 -23.24 -36.49 26.12
C ASP F 282 -21.91 -36.23 26.80
N ALA F 283 -21.54 -34.97 27.02
CA ALA F 283 -20.25 -34.65 27.60
C ALA F 283 -20.17 -35.07 29.07
N ASP F 284 -18.96 -35.42 29.50
CA ASP F 284 -18.70 -35.62 30.93
C ASP F 284 -18.64 -34.26 31.61
N LEU F 285 -19.71 -33.87 32.31
CA LEU F 285 -19.79 -32.53 32.90
C LEU F 285 -18.73 -32.31 33.98
N SER F 286 -18.32 -33.36 34.69
CA SER F 286 -17.23 -33.24 35.66
C SER F 286 -15.89 -33.00 34.98
N LEU F 287 -15.81 -33.19 33.66
CA LEU F 287 -14.66 -32.80 32.88
C LEU F 287 -14.85 -31.40 32.27
N VAL F 288 -16.09 -31.11 31.84
CA VAL F 288 -16.39 -29.86 31.16
C VAL F 288 -16.17 -28.67 32.07
N VAL F 289 -16.71 -28.73 33.27
CA VAL F 289 -16.76 -27.56 34.14
C VAL F 289 -15.35 -27.12 34.52
N PRO F 290 -14.51 -27.95 35.10
CA PRO F 290 -13.13 -27.48 35.38
C PRO F 290 -12.38 -27.12 34.13
N SER F 291 -12.53 -27.88 33.03
CA SER F 291 -11.81 -27.56 31.80
C SER F 291 -12.14 -26.15 31.32
N ALA F 292 -13.43 -25.80 31.33
CA ALA F 292 -13.85 -24.47 30.90
C ALA F 292 -13.36 -23.41 31.88
N LEU F 293 -13.53 -23.64 33.18
CA LEU F 293 -13.07 -22.66 34.18
C LEU F 293 -11.59 -22.35 34.02
N PHE F 294 -10.74 -23.38 34.01
CA PHE F 294 -9.30 -23.13 33.94
C PHE F 294 -8.91 -22.50 32.59
N ALA F 295 -9.59 -22.90 31.50
CA ALA F 295 -9.28 -22.29 30.21
C ALA F 295 -9.84 -20.87 30.12
N ALA F 296 -10.90 -20.57 30.88
CA ALA F 296 -11.48 -19.23 30.80
C ALA F 296 -10.73 -18.23 31.69
N VAL F 297 -10.37 -18.65 32.91
CA VAL F 297 -9.74 -17.74 33.88
C VAL F 297 -8.23 -17.88 33.95
N GLY F 298 -7.65 -18.93 33.34
CA GLY F 298 -6.22 -19.06 33.36
C GLY F 298 -5.52 -17.84 32.79
N THR F 299 -4.45 -17.43 33.47
CA THR F 299 -3.68 -16.24 33.08
C THR F 299 -4.57 -14.99 33.01
N ALA F 300 -5.57 -14.94 33.88
CA ALA F 300 -6.57 -13.87 33.91
C ALA F 300 -7.14 -13.63 32.51
N GLY F 301 -7.32 -14.71 31.76
CA GLY F 301 -7.91 -14.65 30.44
C GLY F 301 -7.05 -14.01 29.38
N GLN F 302 -5.74 -13.97 29.58
CA GLN F 302 -4.80 -13.30 28.69
C GLN F 302 -3.89 -14.31 27.95
N ARG F 303 -4.41 -15.50 27.66
CA ARG F 303 -3.75 -16.38 26.70
C ARG F 303 -4.40 -16.19 25.33
N CYS F 304 -3.57 -16.29 24.28
CA CYS F 304 -4.14 -16.30 22.92
C CYS F 304 -5.14 -17.44 22.74
N THR F 305 -4.94 -18.56 23.46
CA THR F 305 -5.84 -19.71 23.42
C THR F 305 -6.93 -19.68 24.50
N THR F 306 -7.09 -18.56 25.23
CA THR F 306 -8.10 -18.49 26.28
C THR F 306 -9.50 -18.79 25.72
N ALA F 307 -10.30 -19.54 26.48
CA ALA F 307 -11.70 -19.81 26.15
C ALA F 307 -12.53 -18.54 26.34
N ARG F 308 -13.07 -18.00 25.26
CA ARG F 308 -13.88 -16.80 25.33
C ARG F 308 -15.34 -17.03 24.94
N ARG F 309 -15.65 -18.15 24.31
CA ARG F 309 -17.00 -18.52 23.95
C ARG F 309 -17.24 -19.97 24.37
N LEU F 310 -18.34 -20.22 25.08
CA LEU F 310 -18.71 -21.56 25.53
C LEU F 310 -20.08 -21.90 24.98
N PHE F 311 -20.16 -22.86 24.08
CA PHE F 311 -21.44 -23.30 23.58
C PHE F 311 -21.85 -24.55 24.34
N ILE F 312 -23.04 -24.50 24.96
CA ILE F 312 -23.54 -25.61 25.75
C ILE F 312 -24.88 -26.05 25.15
N HIS F 313 -25.07 -27.37 25.05
CA HIS F 313 -26.36 -27.88 24.60
C HIS F 313 -27.47 -27.43 25.54
N GLU F 314 -28.63 -27.07 24.98
CA GLU F 314 -29.73 -26.51 25.77
C GLU F 314 -30.11 -27.39 26.94
N SER F 315 -30.02 -28.71 26.77
CA SER F 315 -30.45 -29.62 27.83
C SER F 315 -29.59 -29.49 29.08
N ILE F 316 -28.33 -29.08 28.93
CA ILE F 316 -27.40 -28.99 30.04
C ILE F 316 -26.90 -27.57 30.27
N HIS F 317 -27.40 -26.59 29.53
CA HIS F 317 -26.87 -25.23 29.62
C HIS F 317 -27.01 -24.66 31.03
N ASP F 318 -28.22 -24.74 31.60
CA ASP F 318 -28.42 -24.11 32.91
C ASP F 318 -27.56 -24.78 33.96
N GLU F 319 -27.45 -26.11 33.92
CA GLU F 319 -26.63 -26.78 34.91
C GLU F 319 -25.16 -26.38 34.79
N VAL F 320 -24.63 -26.37 33.56
CA VAL F 320 -23.22 -26.07 33.39
C VAL F 320 -22.90 -24.67 33.89
N VAL F 321 -23.78 -23.71 33.58
CA VAL F 321 -23.62 -22.33 34.03
C VAL F 321 -23.70 -22.24 35.56
N ASN F 322 -24.65 -22.93 36.18
CA ASN F 322 -24.72 -22.89 37.64
C ASN F 322 -23.44 -23.48 38.25
N ARG F 323 -22.96 -24.60 37.70
CA ARG F 323 -21.73 -25.20 38.20
C ARG F 323 -20.51 -24.32 37.93
N LEU F 324 -20.49 -23.61 36.80
CA LEU F 324 -19.41 -22.66 36.58
C LEU F 324 -19.47 -21.52 37.61
N LYS F 325 -20.67 -21.02 37.90
CA LYS F 325 -20.85 -19.98 38.92
C LYS F 325 -20.34 -20.44 40.29
N LYS F 326 -20.72 -21.64 40.72
CA LYS F 326 -20.25 -22.12 42.03
C LYS F 326 -18.74 -22.26 42.06
N ALA F 327 -18.11 -22.58 40.92
CA ALA F 327 -16.66 -22.77 40.91
C ALA F 327 -15.92 -21.44 40.83
N TYR F 328 -16.43 -20.52 40.00
CA TYR F 328 -15.83 -19.20 39.90
C TYR F 328 -15.71 -18.56 41.29
N ALA F 329 -16.70 -18.79 42.16
CA ALA F 329 -16.67 -18.20 43.49
C ALA F 329 -15.49 -18.70 44.32
N GLN F 330 -14.94 -19.88 44.00
CA GLN F 330 -13.84 -20.47 44.75
C GLN F 330 -12.46 -20.15 44.20
N ILE F 331 -12.38 -19.35 43.15
CA ILE F 331 -11.11 -18.95 42.55
C ILE F 331 -10.31 -18.09 43.53
N ARG F 332 -9.06 -18.49 43.80
CA ARG F 332 -8.21 -17.77 44.73
C ARG F 332 -7.40 -16.70 43.99
N VAL F 333 -7.63 -15.43 44.35
CA VAL F 333 -7.02 -14.26 43.74
C VAL F 333 -5.90 -13.76 44.63
N GLY F 334 -4.82 -13.28 44.02
CA GLY F 334 -3.78 -12.69 44.85
C GLY F 334 -2.58 -12.30 44.02
N ASN F 335 -1.50 -11.98 44.74
CA ASN F 335 -0.25 -11.69 44.08
C ASN F 335 0.19 -12.92 43.30
N PRO F 336 0.59 -12.77 42.03
CA PRO F 336 0.80 -13.94 41.17
C PRO F 336 1.95 -14.82 41.59
N TRP F 337 2.88 -14.31 42.38
CA TRP F 337 3.99 -15.12 42.84
C TRP F 337 3.67 -15.91 44.10
N ASP F 338 2.49 -15.73 44.66
CA ASP F 338 2.08 -16.49 45.85
C ASP F 338 1.57 -17.87 45.41
N PRO F 339 1.98 -18.95 46.08
CA PRO F 339 1.66 -20.29 45.57
C PRO F 339 0.19 -20.66 45.62
N ASN F 340 -0.58 -20.19 46.59
CA ASN F 340 -1.98 -20.58 46.60
C ASN F 340 -2.83 -19.82 45.59
N VAL F 341 -2.27 -18.82 44.93
CA VAL F 341 -3.04 -17.98 44.03
C VAL F 341 -3.24 -18.69 42.69
N LEU F 342 -4.47 -18.66 42.19
CA LEU F 342 -4.78 -19.16 40.86
C LEU F 342 -5.04 -18.03 39.89
N TYR F 343 -5.26 -16.81 40.40
CA TYR F 343 -5.77 -15.72 39.59
C TYR F 343 -5.00 -14.45 39.94
N GLY F 344 -4.30 -13.89 38.96
CA GLY F 344 -3.55 -12.68 39.16
C GLY F 344 -4.21 -11.50 38.44
N PRO F 345 -3.47 -10.41 38.31
CA PRO F 345 -4.05 -9.21 37.72
C PRO F 345 -3.97 -9.20 36.20
N LEU F 346 -4.78 -8.32 35.61
CA LEU F 346 -4.62 -7.92 34.23
C LEU F 346 -3.32 -7.14 34.04
N HIS F 347 -2.81 -7.15 32.81
CA HIS F 347 -1.47 -6.66 32.55
C HIS F 347 -1.35 -5.15 32.69
N THR F 348 -2.40 -4.40 32.36
CA THR F 348 -2.33 -2.94 32.39
C THR F 348 -3.60 -2.36 32.98
N LYS F 349 -3.51 -1.08 33.33
CA LYS F 349 -4.70 -0.32 33.71
C LYS F 349 -5.63 -0.16 32.53
N GLN F 350 -5.08 -0.03 31.31
CA GLN F 350 -5.93 0.04 30.12
C GLN F 350 -6.75 -1.24 29.96
N ALA F 351 -6.10 -2.40 30.14
CA ALA F 351 -6.79 -3.68 30.00
C ALA F 351 -7.98 -3.79 30.95
N VAL F 352 -7.80 -3.30 32.18
CA VAL F 352 -8.92 -3.25 33.13
C VAL F 352 -10.06 -2.44 32.55
N SER F 353 -9.75 -1.23 32.03
CA SER F 353 -10.78 -0.38 31.44
C SER F 353 -11.46 -1.04 30.26
N MET F 354 -10.68 -1.75 29.41
CA MET F 354 -11.26 -2.47 28.28
C MET F 354 -12.14 -3.64 28.75
N PHE F 355 -11.75 -4.31 29.83
CA PHE F 355 -12.64 -5.29 30.45
C PHE F 355 -14.01 -4.67 30.78
N LEU F 356 -14.00 -3.52 31.47
CA LEU F 356 -15.24 -2.85 31.85
C LEU F 356 -16.07 -2.43 30.63
N GLY F 357 -15.42 -1.86 29.63
CA GLY F 357 -16.12 -1.53 28.39
C GLY F 357 -16.74 -2.76 27.74
N ALA F 358 -16.02 -3.89 27.75
CA ALA F 358 -16.58 -5.11 27.16
C ALA F 358 -17.79 -5.58 27.94
N VAL F 359 -17.71 -5.60 29.27
CA VAL F 359 -18.85 -6.02 30.08
C VAL F 359 -20.05 -5.13 29.79
N GLU F 360 -19.85 -3.81 29.85
CA GLU F 360 -20.95 -2.89 29.57
C GLU F 360 -21.49 -3.11 28.15
N GLU F 361 -20.61 -3.32 27.18
CA GLU F 361 -21.05 -3.55 25.81
C GLU F 361 -21.86 -4.84 25.72
N ALA F 362 -21.48 -5.86 26.49
CA ALA F 362 -22.26 -7.09 26.53
C ALA F 362 -23.66 -6.83 27.07
N LYS F 363 -23.76 -6.01 28.13
CA LYS F 363 -25.07 -5.64 28.67
C LYS F 363 -25.90 -4.90 27.64
N LYS F 364 -25.28 -3.95 26.93
CA LYS F 364 -26.01 -3.17 25.92
C LYS F 364 -26.54 -4.05 24.81
N GLU F 365 -25.82 -5.13 24.50
CA GLU F 365 -26.19 -6.08 23.45
C GLU F 365 -27.11 -7.20 23.94
N GLY F 366 -27.55 -7.14 25.20
CA GLY F 366 -28.53 -8.08 25.71
C GLY F 366 -28.00 -9.16 26.63
N GLY F 367 -26.70 -9.14 26.96
CA GLY F 367 -26.17 -10.18 27.81
C GLY F 367 -26.44 -9.93 29.28
N THR F 368 -26.40 -11.02 30.06
CA THR F 368 -26.54 -10.94 31.51
C THR F 368 -25.24 -11.37 32.14
N VAL F 369 -24.70 -10.54 33.03
CA VAL F 369 -23.54 -10.93 33.82
C VAL F 369 -24.02 -11.78 34.98
N VAL F 370 -23.79 -13.09 34.90
CA VAL F 370 -24.20 -14.01 35.96
C VAL F 370 -23.09 -14.23 36.98
N TYR F 371 -21.88 -13.75 36.71
CA TYR F 371 -20.82 -13.75 37.71
C TYR F 371 -19.78 -12.72 37.31
N GLY F 372 -19.25 -12.00 38.29
CA GLY F 372 -18.16 -11.08 38.04
C GLY F 372 -18.59 -9.77 37.40
N GLY F 373 -17.81 -9.29 36.44
CA GLY F 373 -18.12 -8.06 35.74
C GLY F 373 -17.60 -6.80 36.40
N LYS F 374 -16.89 -6.91 37.52
CA LYS F 374 -16.47 -5.74 38.26
C LYS F 374 -14.96 -5.75 38.51
N VAL F 375 -14.42 -4.56 38.73
CA VAL F 375 -13.06 -4.49 39.24
C VAL F 375 -13.05 -5.02 40.68
N MET F 376 -11.94 -5.62 41.07
CA MET F 376 -11.75 -5.98 42.47
C MET F 376 -11.17 -4.77 43.17
N ASP F 377 -11.74 -4.42 44.31
CA ASP F 377 -11.30 -3.23 45.04
C ASP F 377 -10.06 -3.58 45.84
N ARG F 378 -8.92 -3.59 45.13
CA ARG F 378 -7.63 -3.96 45.72
C ARG F 378 -6.55 -3.37 44.83
N PRO F 379 -5.34 -3.17 45.36
CA PRO F 379 -4.27 -2.60 44.53
C PRO F 379 -3.95 -3.49 43.35
N GLY F 380 -3.43 -2.90 42.31
CA GLY F 380 -3.09 -3.67 41.11
C GLY F 380 -4.25 -3.71 40.14
N ASN F 381 -4.07 -4.51 39.10
CA ASN F 381 -5.03 -4.55 37.99
C ASN F 381 -5.91 -5.80 38.07
N TYR F 382 -6.60 -5.97 39.19
CA TYR F 382 -7.42 -7.16 39.43
C TYR F 382 -8.87 -6.90 39.04
N VAL F 383 -9.43 -7.78 38.19
CA VAL F 383 -10.85 -7.73 37.85
C VAL F 383 -11.45 -9.10 38.10
N GLU F 384 -12.77 -9.13 38.26
CA GLU F 384 -13.44 -10.40 38.54
C GLU F 384 -13.57 -11.22 37.27
N PRO F 385 -13.25 -12.52 37.31
CA PRO F 385 -13.52 -13.37 36.15
C PRO F 385 -15.02 -13.42 35.92
N THR F 386 -15.42 -13.28 34.65
CA THR F 386 -16.79 -12.92 34.36
C THR F 386 -17.42 -13.89 33.37
N ILE F 387 -18.66 -14.26 33.66
CA ILE F 387 -19.47 -15.14 32.83
C ILE F 387 -20.69 -14.36 32.35
N VAL F 388 -20.90 -14.38 31.03
CA VAL F 388 -21.99 -13.65 30.39
C VAL F 388 -22.86 -14.64 29.63
N THR F 389 -24.15 -14.67 29.95
CA THR F 389 -25.12 -15.50 29.25
C THR F 389 -26.07 -14.61 28.44
N GLY F 390 -26.84 -15.23 27.55
CA GLY F 390 -27.90 -14.54 26.85
C GLY F 390 -27.51 -13.76 25.61
N LEU F 391 -26.23 -13.57 25.34
CA LEU F 391 -25.86 -12.91 24.10
C LEU F 391 -26.22 -13.80 22.92
N GLY F 392 -26.60 -13.17 21.81
CA GLY F 392 -26.66 -13.89 20.56
C GLY F 392 -25.27 -14.32 20.13
N HIS F 393 -25.17 -15.50 19.54
CA HIS F 393 -23.87 -16.01 19.13
C HIS F 393 -23.17 -15.07 18.16
N ASP F 394 -23.93 -14.26 17.44
CA ASP F 394 -23.41 -13.30 16.47
C ASP F 394 -23.24 -11.90 17.05
N ALA F 395 -23.36 -11.75 18.38
CA ALA F 395 -23.17 -10.44 19.01
C ALA F 395 -21.79 -9.89 18.68
N SER F 396 -21.73 -8.58 18.44
CA SER F 396 -20.49 -7.95 18.01
C SER F 396 -19.37 -8.14 19.04
N ILE F 397 -19.70 -7.97 20.32
CA ILE F 397 -18.68 -8.08 21.36
C ILE F 397 -18.24 -9.53 21.52
N ALA F 398 -19.14 -10.48 21.22
CA ALA F 398 -18.76 -11.88 21.25
C ALA F 398 -17.79 -12.21 20.11
N HIS F 399 -17.91 -11.54 18.98
CA HIS F 399 -16.96 -11.75 17.88
C HIS F 399 -15.65 -11.00 18.06
N THR F 400 -15.55 -10.12 19.04
CA THR F 400 -14.33 -9.37 19.30
C THR F 400 -13.47 -10.09 20.31
N GLU F 401 -12.15 -10.07 20.07
CA GLU F 401 -11.21 -10.58 21.06
C GLU F 401 -11.00 -9.46 22.07
N THR F 402 -11.55 -9.64 23.26
CA THR F 402 -11.26 -8.76 24.39
C THR F 402 -10.33 -9.53 25.30
N PHE F 403 -9.10 -9.03 25.43
CA PHE F 403 -8.05 -9.73 26.15
C PHE F 403 -8.27 -9.59 27.67
N ALA F 404 -9.31 -10.27 28.15
CA ALA F 404 -9.74 -10.17 29.54
C ALA F 404 -10.53 -11.42 29.91
N PRO F 405 -10.65 -11.74 31.20
CA PRO F 405 -11.36 -12.99 31.55
C PRO F 405 -12.88 -12.83 31.49
N ILE F 406 -13.40 -12.82 30.26
CA ILE F 406 -14.84 -12.76 30.01
C ILE F 406 -15.22 -13.95 29.17
N LEU F 407 -16.12 -14.77 29.69
CA LEU F 407 -16.62 -15.97 29.02
C LEU F 407 -18.06 -15.73 28.56
N TYR F 408 -18.28 -15.77 27.25
CA TYR F 408 -19.62 -15.61 26.68
C TYR F 408 -20.26 -16.96 26.46
N VAL F 409 -21.45 -17.15 27.00
CA VAL F 409 -22.14 -18.43 27.03
C VAL F 409 -23.31 -18.39 26.04
N PHE F 410 -23.45 -19.44 25.25
CA PHE F 410 -24.52 -19.54 24.27
C PHE F 410 -25.16 -20.93 24.35
N LYS F 411 -26.45 -20.98 24.05
CA LYS F 411 -27.16 -22.24 23.87
C LYS F 411 -27.05 -22.73 22.44
N PHE F 412 -27.11 -24.03 22.26
CA PHE F 412 -27.23 -24.58 20.91
C PHE F 412 -28.05 -25.85 20.99
N LYS F 413 -28.53 -26.29 19.82
CA LYS F 413 -29.29 -27.53 19.76
C LYS F 413 -28.62 -28.59 18.93
N ASN F 414 -28.25 -28.31 17.68
CA ASN F 414 -27.74 -29.35 16.81
C ASN F 414 -26.26 -29.16 16.48
N GLU F 415 -25.66 -30.26 16.05
CA GLU F 415 -24.22 -30.27 15.81
C GLU F 415 -23.82 -29.32 14.68
N GLU F 416 -24.62 -29.27 13.61
CA GLU F 416 -24.26 -28.49 12.43
C GLU F 416 -24.19 -27.00 12.74
N GLU F 417 -25.17 -26.46 13.47
CA GLU F 417 -25.18 -25.02 13.71
C GLU F 417 -24.02 -24.60 14.62
N VAL F 418 -23.67 -25.44 15.60
CA VAL F 418 -22.64 -25.05 16.55
C VAL F 418 -21.24 -25.17 15.95
N PHE F 419 -21.01 -26.11 15.03
CA PHE F 419 -19.75 -26.07 14.28
C PHE F 419 -19.67 -24.80 13.42
N ALA F 420 -20.79 -24.40 12.81
CA ALA F 420 -20.82 -23.16 12.05
C ALA F 420 -20.54 -21.96 12.93
N TRP F 421 -21.06 -21.97 14.16
CA TRP F 421 -20.87 -20.85 15.06
C TRP F 421 -19.43 -20.78 15.54
N ASN F 422 -18.80 -21.93 15.78
CA ASN F 422 -17.38 -21.92 16.09
C ASN F 422 -16.60 -21.22 14.99
N ASN F 423 -16.97 -21.49 13.73
CA ASN F 423 -16.21 -21.05 12.57
C ASN F 423 -16.60 -19.68 12.07
N GLU F 424 -17.73 -19.11 12.52
CA GLU F 424 -18.23 -17.89 11.93
C GLU F 424 -17.37 -16.68 12.27
N VAL F 425 -16.53 -16.75 13.31
CA VAL F 425 -15.74 -15.59 13.69
C VAL F 425 -14.57 -15.42 12.73
N LYS F 426 -13.89 -14.28 12.81
CA LYS F 426 -12.76 -14.01 11.93
C LYS F 426 -11.48 -14.65 12.45
N GLN F 427 -11.40 -14.92 13.76
CA GLN F 427 -10.24 -15.61 14.34
C GLN F 427 -10.35 -17.10 14.14
N GLY F 428 -9.20 -17.77 14.14
CA GLY F 428 -9.18 -19.21 13.94
C GLY F 428 -8.05 -19.92 14.66
N LEU F 429 -7.86 -19.61 15.94
CA LEU F 429 -6.71 -20.16 16.65
C LEU F 429 -7.05 -21.54 17.23
N SER F 430 -7.78 -21.59 18.33
CA SER F 430 -8.01 -22.84 19.05
C SER F 430 -9.49 -23.16 19.16
N SER F 431 -9.80 -24.44 19.40
CA SER F 431 -11.19 -24.88 19.46
C SER F 431 -11.25 -26.21 20.21
N SER F 432 -12.40 -26.49 20.83
CA SER F 432 -12.54 -27.69 21.65
C SER F 432 -13.99 -28.13 21.70
N ILE F 433 -14.20 -29.42 21.61
CA ILE F 433 -15.52 -29.99 21.85
C ILE F 433 -15.38 -31.01 22.96
N PHE F 434 -16.41 -31.09 23.78
CA PHE F 434 -16.53 -32.12 24.80
C PHE F 434 -17.72 -32.95 24.40
N THR F 435 -17.47 -34.24 24.15
CA THR F 435 -18.47 -35.18 23.65
C THR F 435 -17.85 -36.57 23.76
N LYS F 436 -18.70 -37.59 23.72
CA LYS F 436 -18.26 -38.98 23.66
C LYS F 436 -18.54 -39.59 22.30
N ASP F 437 -19.25 -38.88 21.43
CA ASP F 437 -19.77 -39.45 20.20
C ASP F 437 -18.67 -39.61 19.16
N LEU F 438 -18.41 -40.86 18.76
CA LEU F 438 -17.28 -41.15 17.88
C LEU F 438 -17.42 -40.43 16.55
N GLY F 439 -18.62 -40.45 15.97
CA GLY F 439 -18.81 -39.81 14.68
C GLY F 439 -18.69 -38.31 14.75
N ARG F 440 -19.24 -37.72 15.82
CA ARG F 440 -19.15 -36.27 16.01
C ARG F 440 -17.69 -35.84 16.13
N ILE F 441 -16.87 -36.63 16.82
CA ILE F 441 -15.47 -36.28 17.01
C ILE F 441 -14.77 -36.15 15.67
N PHE F 442 -14.93 -37.16 14.79
CA PHE F 442 -14.20 -37.16 13.54
C PHE F 442 -14.77 -36.15 12.54
N CYS F 443 -16.07 -35.88 12.63
CA CYS F 443 -16.62 -34.76 11.88
C CYS F 443 -15.95 -33.46 12.28
N TRP F 444 -15.74 -33.27 13.58
CA TRP F 444 -15.04 -32.10 14.09
C TRP F 444 -13.62 -32.03 13.55
N LEU F 445 -12.95 -33.19 13.44
CA LEU F 445 -11.58 -33.17 12.93
C LEU F 445 -11.51 -33.09 11.41
N GLY F 446 -12.65 -33.22 10.72
CA GLY F 446 -12.68 -33.35 9.28
C GLY F 446 -12.96 -32.04 8.57
N PRO F 447 -13.22 -32.12 7.26
CA PRO F 447 -13.34 -30.89 6.44
C PRO F 447 -14.56 -30.04 6.75
N LYS F 448 -15.61 -30.61 7.34
CA LYS F 448 -16.79 -29.87 7.77
C LYS F 448 -16.78 -29.60 9.28
N GLY F 449 -15.62 -29.67 9.91
CA GLY F 449 -15.48 -29.43 11.34
C GLY F 449 -14.95 -28.05 11.66
N SER F 450 -14.12 -27.99 12.69
CA SER F 450 -13.57 -26.71 13.11
C SER F 450 -12.60 -26.19 12.07
N ASP F 451 -12.63 -24.90 11.82
CA ASP F 451 -11.73 -24.27 10.85
C ASP F 451 -10.44 -23.75 11.49
N CYS F 452 -10.17 -24.14 12.74
CA CYS F 452 -9.10 -23.57 13.54
C CYS F 452 -7.80 -24.33 13.38
N GLY F 453 -6.71 -23.70 13.80
CA GLY F 453 -5.42 -24.33 13.80
C GLY F 453 -5.22 -25.33 14.91
N ILE F 454 -5.97 -25.19 16.00
CA ILE F 454 -5.95 -26.13 17.12
C ILE F 454 -7.38 -26.61 17.32
N VAL F 455 -7.57 -27.92 17.18
CA VAL F 455 -8.89 -28.54 17.10
C VAL F 455 -8.87 -29.63 18.16
N ASN F 456 -9.47 -29.36 19.31
CA ASN F 456 -9.31 -30.27 20.43
C ASN F 456 -10.61 -30.99 20.76
N VAL F 457 -10.44 -32.11 21.46
CA VAL F 457 -11.52 -33.03 21.79
C VAL F 457 -11.35 -33.40 23.26
N ASN F 458 -12.34 -33.06 24.09
CA ASN F 458 -12.34 -33.40 25.53
C ASN F 458 -11.11 -32.89 26.26
N ILE F 459 -10.52 -31.81 25.77
CA ILE F 459 -9.48 -31.05 26.45
C ILE F 459 -9.71 -29.62 25.98
N PRO F 460 -9.59 -28.60 26.84
CA PRO F 460 -10.00 -27.24 26.44
C PRO F 460 -9.09 -26.60 25.41
N THR F 461 -9.29 -25.30 25.19
CA THR F 461 -8.63 -24.59 24.10
C THR F 461 -7.16 -24.36 24.34
N SER F 462 -6.66 -24.52 25.55
CA SER F 462 -5.23 -24.34 25.77
C SER F 462 -4.44 -25.65 25.64
N GLY F 463 -5.07 -26.73 25.19
CA GLY F 463 -4.33 -27.97 24.98
C GLY F 463 -3.39 -27.97 23.79
N ALA F 464 -2.09 -27.82 24.07
CA ALA F 464 -1.08 -27.78 23.02
C ALA F 464 0.28 -28.08 23.61
N GLU F 465 1.09 -28.84 22.86
CA GLU F 465 2.45 -29.20 23.25
C GLU F 465 3.41 -28.93 22.11
N ILE F 466 4.71 -28.89 22.46
CA ILE F 466 5.72 -28.51 21.47
C ILE F 466 5.81 -29.53 20.34
N GLY F 467 5.41 -30.79 20.56
CA GLY F 467 5.49 -31.79 19.50
C GLY F 467 4.75 -31.41 18.25
N GLY F 468 3.69 -30.61 18.39
CA GLY F 468 2.86 -30.21 17.27
C GLY F 468 3.15 -28.79 16.84
N ALA F 469 2.72 -28.47 15.62
CA ALA F 469 2.80 -27.11 15.11
C ALA F 469 1.71 -26.28 15.76
N PHE F 470 2.05 -25.06 16.18
CA PHE F 470 1.14 -24.17 16.89
C PHE F 470 0.85 -22.91 16.08
N GLY F 471 -0.43 -22.62 15.89
CA GLY F 471 -0.85 -21.44 15.18
C GLY F 471 -2.29 -21.61 14.73
N GLY F 472 -2.81 -20.55 14.12
CA GLY F 472 -4.20 -20.50 13.74
C GLY F 472 -4.38 -20.18 12.26
N GLU F 473 -5.64 -20.11 11.86
CA GLU F 473 -6.03 -19.78 10.51
C GLU F 473 -6.81 -18.46 10.53
N LYS F 474 -7.20 -18.02 9.34
CA LYS F 474 -8.02 -16.80 9.17
C LYS F 474 -7.23 -15.63 9.76
N HIS F 475 -7.88 -14.71 10.48
CA HIS F 475 -7.22 -13.54 11.04
C HIS F 475 -6.20 -13.90 12.11
N THR F 476 -6.07 -15.18 12.48
CA THR F 476 -4.95 -15.55 13.34
C THR F 476 -3.62 -15.56 12.59
N GLY F 477 -3.62 -15.54 11.25
CA GLY F 477 -2.43 -15.23 10.49
C GLY F 477 -1.84 -16.39 9.70
N GLY F 478 -2.08 -17.63 10.13
CA GLY F 478 -1.63 -18.79 9.38
C GLY F 478 -0.25 -19.30 9.74
N GLY F 479 0.54 -18.52 10.50
CA GLY F 479 1.86 -18.98 10.88
C GLY F 479 1.82 -20.20 11.79
N ARG F 480 2.95 -20.90 11.85
CA ARG F 480 3.08 -22.06 12.71
C ARG F 480 4.42 -22.02 13.41
N GLU F 481 4.43 -22.46 14.65
CA GLU F 481 5.62 -22.46 15.49
C GLU F 481 5.83 -23.83 16.14
N SER F 482 7.05 -24.03 16.60
CA SER F 482 7.48 -25.17 17.41
C SER F 482 7.58 -26.46 16.61
N GLY F 483 6.53 -27.28 16.63
CA GLY F 483 6.63 -28.69 16.27
C GLY F 483 6.35 -29.02 14.81
N SER F 484 6.20 -30.33 14.56
CA SER F 484 6.03 -30.91 13.24
C SER F 484 7.09 -30.33 12.31
N ASP F 485 6.72 -29.97 11.07
CA ASP F 485 7.69 -29.35 10.16
C ASP F 485 7.57 -27.84 10.13
N ALA F 486 7.23 -27.22 11.27
CA ALA F 486 7.17 -25.76 11.38
C ALA F 486 8.51 -25.13 11.01
N TRP F 487 9.60 -25.86 11.20
CA TRP F 487 10.94 -25.36 10.88
C TRP F 487 11.08 -24.93 9.41
N LYS F 488 10.25 -25.45 8.50
CA LYS F 488 10.37 -25.06 7.11
C LYS F 488 10.06 -23.58 6.90
N GLN F 489 9.32 -22.96 7.83
CA GLN F 489 9.10 -21.54 7.72
C GLN F 489 10.36 -20.73 7.93
N TYR F 490 11.37 -21.31 8.59
CA TYR F 490 12.61 -20.60 8.87
C TYR F 490 13.71 -20.93 7.86
N MET F 491 13.40 -21.69 6.82
CA MET F 491 14.41 -22.06 5.83
C MET F 491 13.80 -21.89 4.44
N ARG F 492 14.66 -21.86 3.44
CA ARG F 492 14.21 -21.79 2.05
C ARG F 492 14.45 -23.12 1.36
N ARG F 493 13.43 -23.60 0.67
CA ARG F 493 13.51 -24.82 -0.09
C ARG F 493 14.13 -24.54 -1.45
N SER F 494 15.00 -25.45 -1.89
CA SER F 494 15.49 -25.42 -3.25
C SER F 494 15.33 -26.80 -3.83
N THR F 495 14.82 -26.88 -5.04
CA THR F 495 14.72 -28.14 -5.76
C THR F 495 15.88 -28.20 -6.76
N CYS F 496 16.77 -29.17 -6.56
CA CYS F 496 18.08 -29.19 -7.20
C CYS F 496 18.23 -30.41 -8.07
N THR F 497 18.50 -30.18 -9.35
CA THR F 497 18.79 -31.23 -10.30
C THR F 497 20.28 -31.18 -10.64
N ILE F 498 20.96 -32.30 -10.49
CA ILE F 498 22.38 -32.40 -10.77
C ILE F 498 22.55 -33.40 -11.91
N ASN F 499 23.00 -32.91 -13.06
CA ASN F 499 23.43 -33.76 -14.15
C ASN F 499 24.86 -34.18 -13.89
N TYR F 500 25.05 -35.47 -13.57
CA TYR F 500 26.38 -36.01 -13.36
C TYR F 500 26.83 -36.88 -14.52
N SER F 501 26.05 -36.94 -15.59
CA SER F 501 26.34 -37.82 -16.70
C SER F 501 27.33 -37.18 -17.67
N LYS F 502 27.83 -38.00 -18.59
CA LYS F 502 28.57 -37.51 -19.74
C LYS F 502 27.67 -37.22 -20.93
N ASP F 503 26.37 -37.48 -20.80
CA ASP F 503 25.45 -37.38 -21.92
C ASP F 503 25.29 -35.93 -22.38
N LEU F 504 25.25 -35.74 -23.73
CA LEU F 504 24.99 -34.39 -24.20
C LEU F 504 23.55 -34.25 -24.66
N PRO F 505 22.98 -33.04 -24.53
CA PRO F 505 21.59 -32.86 -24.92
C PRO F 505 21.40 -33.14 -26.39
N LEU F 506 20.19 -33.53 -26.75
CA LEU F 506 19.88 -33.76 -28.16
C LEU F 506 20.19 -32.49 -28.94
N ALA F 507 20.85 -32.66 -30.09
CA ALA F 507 21.29 -31.52 -30.89
C ALA F 507 20.14 -30.84 -31.61
N GLN F 508 19.02 -31.54 -31.79
CA GLN F 508 17.84 -31.01 -32.47
C GLN F 508 18.20 -30.46 -33.85
N GLY F 509 19.13 -31.13 -34.52
CA GLY F 509 19.52 -30.73 -35.86
C GLY F 509 20.55 -29.63 -35.97
N ILE F 510 20.97 -29.03 -34.86
CA ILE F 510 21.99 -27.98 -34.86
C ILE F 510 23.38 -28.60 -34.75
N LYS F 511 24.32 -28.08 -35.52
CA LYS F 511 25.70 -28.57 -35.54
C LYS F 511 26.55 -27.80 -34.53
N PHE F 512 26.84 -28.46 -33.41
CA PHE F 512 27.74 -27.99 -32.35
C PHE F 512 29.15 -28.52 -32.60
N GLN F 513 29.97 -28.51 -31.55
CA GLN F 513 31.35 -28.98 -31.62
C GLN F 513 31.80 -29.39 -30.22
N THR G 5 -13.06 -84.38 -20.32
CA THR G 5 -12.69 -83.40 -21.34
C THR G 5 -12.46 -82.03 -20.70
N LEU G 6 -11.49 -81.27 -21.21
CA LEU G 6 -11.11 -80.03 -20.55
C LEU G 6 -12.18 -78.96 -20.70
N LEU G 7 -12.36 -78.16 -19.66
CA LEU G 7 -13.33 -77.07 -19.75
C LEU G 7 -12.99 -76.12 -20.89
N ILE G 8 -11.69 -75.90 -21.16
CA ILE G 8 -11.29 -74.97 -22.19
C ILE G 8 -11.67 -75.44 -23.60
N ASN G 9 -11.88 -76.75 -23.79
CA ASN G 9 -12.31 -77.28 -25.06
C ASN G 9 -13.83 -77.26 -25.23
N GLN G 10 -14.55 -76.81 -24.24
CA GLN G 10 -15.99 -76.67 -24.33
C GLN G 10 -16.34 -75.24 -24.74
N PRO G 11 -17.24 -75.04 -25.72
CA PRO G 11 -17.57 -73.66 -26.13
C PRO G 11 -18.11 -72.84 -24.98
N GLN G 12 -18.68 -73.50 -23.97
CA GLN G 12 -19.23 -72.84 -22.79
C GLN G 12 -18.17 -72.00 -22.08
N TYR G 13 -16.89 -72.39 -22.21
CA TYR G 13 -15.77 -71.72 -21.58
C TYR G 13 -14.76 -71.17 -22.59
N ALA G 14 -15.19 -70.94 -23.83
CA ALA G 14 -14.27 -70.45 -24.85
C ALA G 14 -13.73 -69.05 -24.54
N TRP G 15 -14.36 -68.31 -23.62
CA TRP G 15 -13.84 -67.01 -23.24
C TRP G 15 -12.43 -67.09 -22.68
N LEU G 16 -12.04 -68.26 -22.16
CA LEU G 16 -10.68 -68.47 -21.68
C LEU G 16 -9.61 -68.15 -22.72
N LYS G 17 -9.93 -68.36 -23.99
CA LYS G 17 -8.97 -68.09 -25.06
C LYS G 17 -8.66 -66.60 -25.19
N GLU G 18 -9.55 -65.72 -24.71
CA GLU G 18 -9.29 -64.27 -24.72
C GLU G 18 -8.15 -63.87 -23.80
N LEU G 19 -7.76 -64.75 -22.87
CA LEU G 19 -6.60 -64.53 -22.03
C LEU G 19 -5.36 -65.22 -22.59
N GLY G 20 -5.44 -65.74 -23.81
CA GLY G 20 -4.34 -66.45 -24.43
C GLY G 20 -4.13 -67.86 -23.95
N LEU G 21 -5.10 -68.43 -23.25
CA LEU G 21 -4.98 -69.78 -22.72
C LEU G 21 -5.39 -70.79 -23.79
N ARG G 22 -4.75 -71.95 -23.76
CA ARG G 22 -5.07 -73.06 -24.65
C ARG G 22 -5.11 -74.35 -23.82
N GLU G 23 -5.19 -75.48 -24.52
CA GLU G 23 -5.21 -76.77 -23.82
C GLU G 23 -3.97 -76.95 -22.95
N GLU G 24 -2.79 -76.80 -23.54
CA GLU G 24 -1.54 -76.92 -22.79
C GLU G 24 -0.73 -75.63 -22.97
N ASN G 25 -0.42 -74.98 -21.85
CA ASN G 25 0.21 -73.67 -21.81
C ASN G 25 1.62 -73.78 -21.26
N GLU G 26 2.53 -72.95 -21.78
CA GLU G 26 3.88 -72.90 -21.23
C GLU G 26 3.89 -72.20 -19.87
N GLY G 27 4.52 -72.82 -18.90
CA GLY G 27 4.60 -72.28 -17.55
C GLY G 27 5.90 -71.60 -17.19
N VAL G 28 6.78 -71.33 -18.17
CA VAL G 28 7.99 -70.56 -17.94
C VAL G 28 7.97 -69.36 -18.87
N TYR G 29 8.24 -68.17 -18.33
CA TYR G 29 8.43 -66.99 -19.15
C TYR G 29 9.65 -66.21 -18.65
N ASN G 30 10.56 -65.92 -19.56
CA ASN G 30 11.78 -65.18 -19.23
C ASN G 30 12.16 -64.23 -20.36
N GLY G 31 11.15 -63.80 -21.13
CA GLY G 31 11.34 -63.21 -22.44
C GLY G 31 10.93 -64.15 -23.56
N SER G 32 11.12 -65.45 -23.35
CA SER G 32 10.55 -66.50 -24.19
C SER G 32 9.70 -67.41 -23.30
N TRP G 33 8.73 -68.10 -23.90
CA TRP G 33 7.87 -69.03 -23.20
C TRP G 33 8.40 -70.45 -23.36
N GLY G 34 8.35 -71.21 -22.28
CA GLY G 34 8.78 -72.58 -22.28
C GLY G 34 8.26 -73.33 -21.08
N GLY G 35 8.95 -74.42 -20.75
CA GLY G 35 8.55 -75.26 -19.63
C GLY G 35 8.81 -76.72 -19.91
N ARG G 36 9.90 -77.26 -19.37
CA ARG G 36 10.25 -78.64 -19.61
C ARG G 36 9.98 -79.56 -18.42
N GLY G 37 9.39 -79.06 -17.34
CA GLY G 37 9.04 -79.87 -16.19
C GLY G 37 7.74 -80.62 -16.39
N GLU G 38 7.18 -81.10 -15.27
CA GLU G 38 5.95 -81.87 -15.29
C GLU G 38 4.75 -81.00 -15.68
N VAL G 39 3.84 -81.57 -16.47
CA VAL G 39 2.62 -80.90 -16.90
C VAL G 39 1.54 -81.09 -15.83
N ILE G 40 0.99 -79.96 -15.34
CA ILE G 40 -0.06 -80.00 -14.32
C ILE G 40 -1.38 -79.56 -14.93
N THR G 41 -2.45 -80.24 -14.53
CA THR G 41 -3.82 -79.90 -14.87
C THR G 41 -4.50 -79.25 -13.68
N THR G 42 -5.07 -78.07 -13.88
CA THR G 42 -5.81 -77.39 -12.82
C THR G 42 -7.30 -77.59 -13.04
N TYR G 43 -8.05 -77.62 -11.93
CA TYR G 43 -9.45 -78.00 -11.92
C TYR G 43 -10.32 -76.88 -11.37
N CYS G 44 -11.54 -76.86 -11.84
CA CYS G 44 -12.58 -75.99 -11.34
C CYS G 44 -13.18 -76.60 -10.07
N PRO G 45 -13.01 -75.97 -8.90
CA PRO G 45 -13.56 -76.54 -7.68
C PRO G 45 -15.08 -76.52 -7.61
N ALA G 46 -15.74 -75.79 -8.50
CA ALA G 46 -17.19 -75.78 -8.52
C ALA G 46 -17.77 -77.04 -9.13
N ASN G 47 -17.01 -77.75 -9.98
CA ASN G 47 -17.50 -78.99 -10.59
C ASN G 47 -16.46 -80.09 -10.74
N ASN G 48 -15.23 -79.89 -10.24
CA ASN G 48 -14.15 -80.87 -10.29
C ASN G 48 -13.82 -81.29 -11.72
N GLU G 49 -14.12 -80.46 -12.65
CA GLU G 49 -13.71 -80.79 -14.00
C GLU G 49 -12.38 -80.13 -14.34
N PRO G 50 -11.56 -80.80 -15.13
CA PRO G 50 -10.28 -80.22 -15.54
C PRO G 50 -10.48 -79.02 -16.46
N ILE G 51 -9.66 -78.00 -16.26
CA ILE G 51 -9.77 -76.81 -17.09
C ILE G 51 -8.76 -76.90 -18.23
N ALA G 52 -7.47 -76.95 -17.89
CA ALA G 52 -6.42 -77.01 -18.90
C ALA G 52 -5.13 -77.42 -18.21
N ARG G 53 -4.09 -77.59 -19.01
CA ARG G 53 -2.80 -78.07 -18.54
C ARG G 53 -1.75 -76.97 -18.67
N VAL G 54 -0.71 -77.05 -17.84
CA VAL G 54 0.38 -76.09 -17.85
C VAL G 54 1.67 -76.86 -17.66
N ARG G 55 2.63 -76.63 -18.55
CA ARG G 55 3.95 -77.23 -18.41
C ARG G 55 4.75 -76.42 -17.39
N GLN G 56 5.11 -77.05 -16.28
CA GLN G 56 5.77 -76.34 -15.20
C GLN G 56 7.27 -76.21 -15.49
N ALA G 57 7.96 -75.51 -14.60
CA ALA G 57 9.40 -75.27 -14.78
C ALA G 57 10.18 -76.46 -14.26
N SER G 58 11.13 -76.94 -15.06
CA SER G 58 12.13 -77.90 -14.61
C SER G 58 13.24 -77.16 -13.89
N VAL G 59 14.17 -77.94 -13.32
CA VAL G 59 15.33 -77.34 -12.67
C VAL G 59 16.10 -76.47 -13.67
N ALA G 60 16.37 -77.03 -14.86
CA ALA G 60 17.07 -76.28 -15.90
C ALA G 60 16.31 -75.01 -16.28
N ASP G 61 14.99 -75.09 -16.38
CA ASP G 61 14.18 -73.91 -16.65
C ASP G 61 14.44 -72.81 -15.62
N TYR G 62 14.42 -73.20 -14.33
CA TYR G 62 14.60 -72.23 -13.26
C TYR G 62 15.95 -71.55 -13.36
N GLU G 63 17.00 -72.34 -13.57
CA GLU G 63 18.35 -71.78 -13.71
C GLU G 63 18.43 -70.79 -14.86
N GLU G 64 17.94 -71.15 -16.04
CA GLU G 64 18.00 -70.19 -17.14
C GLU G 64 17.19 -68.96 -16.82
N THR G 65 16.04 -69.15 -16.17
CA THR G 65 15.18 -68.02 -15.89
C THR G 65 15.83 -67.07 -14.87
N VAL G 66 16.50 -67.60 -13.85
CA VAL G 66 17.16 -66.70 -12.91
C VAL G 66 18.26 -65.90 -13.62
N LYS G 67 19.05 -66.57 -14.46
CA LYS G 67 20.11 -65.86 -15.20
C LYS G 67 19.54 -64.78 -16.10
N LYS G 68 18.48 -65.08 -16.86
CA LYS G 68 17.91 -64.06 -17.74
C LYS G 68 17.31 -62.91 -16.92
N ALA G 69 16.73 -63.22 -15.76
CA ALA G 69 16.23 -62.14 -14.91
C ALA G 69 17.36 -61.22 -14.46
N ARG G 70 18.50 -61.80 -14.08
CA ARG G 70 19.60 -60.97 -13.59
C ARG G 70 20.19 -60.14 -14.73
N GLU G 71 20.20 -60.68 -15.95
CA GLU G 71 20.56 -59.88 -17.11
C GLU G 71 19.57 -58.73 -17.31
N ALA G 72 18.27 -59.04 -17.23
CA ALA G 72 17.28 -58.00 -17.46
C ALA G 72 17.41 -56.89 -16.43
N TRP G 73 17.79 -57.23 -15.19
CA TRP G 73 17.93 -56.22 -14.15
C TRP G 73 19.01 -55.20 -14.51
N LYS G 74 20.03 -55.62 -15.26
CA LYS G 74 21.08 -54.68 -15.66
C LYS G 74 20.48 -53.51 -16.43
N ILE G 75 19.57 -53.79 -17.35
CA ILE G 75 18.88 -52.73 -18.08
C ILE G 75 17.88 -52.03 -17.18
N TRP G 76 17.13 -52.82 -16.42
CA TRP G 76 15.97 -52.30 -15.73
C TRP G 76 16.37 -51.35 -14.63
N ALA G 77 17.41 -51.68 -13.87
CA ALA G 77 17.85 -50.83 -12.77
C ALA G 77 18.40 -49.50 -13.27
N ASP G 78 18.91 -49.48 -14.50
CA ASP G 78 19.39 -48.24 -15.10
C ASP G 78 18.25 -47.33 -15.57
N ILE G 79 17.03 -47.82 -15.57
CA ILE G 79 15.89 -47.03 -16.04
C ILE G 79 15.40 -46.18 -14.88
N PRO G 80 15.33 -44.87 -15.07
CA PRO G 80 14.89 -43.98 -13.98
C PRO G 80 13.54 -44.43 -13.45
N ALA G 81 13.41 -44.38 -12.13
CA ALA G 81 12.19 -44.87 -11.47
C ALA G 81 10.92 -44.32 -12.09
N PRO G 82 10.79 -43.02 -12.38
CA PRO G 82 9.54 -42.53 -12.98
C PRO G 82 9.22 -43.22 -14.28
N LYS G 83 10.25 -43.54 -15.04
CA LYS G 83 10.04 -44.26 -16.29
C LYS G 83 9.63 -45.70 -16.02
N ARG G 84 10.18 -46.30 -14.96
CA ARG G 84 9.65 -47.59 -14.52
C ARG G 84 8.19 -47.45 -14.12
N GLY G 85 7.83 -46.32 -13.50
CA GLY G 85 6.43 -46.10 -13.17
C GLY G 85 5.55 -46.13 -14.39
N GLU G 86 6.00 -45.51 -15.48
CA GLU G 86 5.21 -45.49 -16.71
C GLU G 86 4.89 -46.90 -17.19
N ILE G 87 5.87 -47.80 -17.11
CA ILE G 87 5.63 -49.19 -17.47
C ILE G 87 4.55 -49.79 -16.57
N VAL G 88 4.64 -49.54 -15.26
CA VAL G 88 3.66 -50.10 -14.35
C VAL G 88 2.28 -49.53 -14.64
N ARG G 89 2.22 -48.24 -14.97
CA ARG G 89 0.94 -47.65 -15.39
C ARG G 89 0.35 -48.42 -16.54
N GLN G 90 1.18 -48.76 -17.54
CA GLN G 90 0.70 -49.51 -18.69
C GLN G 90 0.26 -50.91 -18.30
N ILE G 91 0.97 -51.54 -17.37
CA ILE G 91 0.50 -52.83 -16.85
C ILE G 91 -0.89 -52.68 -16.25
N GLY G 92 -1.09 -51.63 -15.45
CA GLY G 92 -2.43 -51.37 -14.92
C GLY G 92 -3.48 -51.26 -16.01
N ASP G 93 -3.17 -50.55 -17.10
CA ASP G 93 -4.12 -50.42 -18.21
C ASP G 93 -4.33 -51.75 -18.94
N ALA G 94 -3.26 -52.51 -19.17
CA ALA G 94 -3.44 -53.81 -19.80
C ALA G 94 -4.36 -54.68 -18.94
N LEU G 95 -4.22 -54.60 -17.61
CA LEU G 95 -5.11 -55.31 -16.72
C LEU G 95 -6.54 -54.79 -16.80
N ARG G 96 -6.70 -53.46 -16.87
CA ARG G 96 -8.04 -52.89 -17.03
C ARG G 96 -8.76 -53.48 -18.24
N GLU G 97 -8.06 -53.58 -19.38
CA GLU G 97 -8.69 -54.06 -20.60
C GLU G 97 -9.13 -55.52 -20.48
N LYS G 98 -8.54 -56.30 -19.57
CA LYS G 98 -8.86 -57.71 -19.43
C LYS G 98 -9.61 -58.04 -18.15
N ILE G 99 -10.12 -57.05 -17.43
CA ILE G 99 -10.56 -57.31 -16.06
C ILE G 99 -11.67 -58.35 -16.01
N GLN G 100 -12.58 -58.36 -17.00
CA GLN G 100 -13.71 -59.29 -16.92
C GLN G 100 -13.28 -60.73 -17.11
N VAL G 101 -12.56 -61.02 -18.20
CA VAL G 101 -12.15 -62.41 -18.42
C VAL G 101 -11.16 -62.85 -17.35
N LEU G 102 -10.26 -61.96 -16.93
CA LEU G 102 -9.32 -62.31 -15.89
C LEU G 102 -10.05 -62.55 -14.58
N GLY G 103 -11.00 -61.68 -14.24
CA GLY G 103 -11.82 -61.93 -13.08
C GLY G 103 -12.63 -63.22 -13.22
N SER G 104 -13.07 -63.51 -14.43
CA SER G 104 -13.77 -64.78 -14.66
C SER G 104 -12.85 -65.96 -14.44
N LEU G 105 -11.59 -65.84 -14.86
CA LEU G 105 -10.65 -66.95 -14.67
C LEU G 105 -10.41 -67.21 -13.20
N VAL G 106 -10.29 -66.14 -12.40
CA VAL G 106 -10.11 -66.33 -10.97
C VAL G 106 -11.28 -67.10 -10.38
N SER G 107 -12.50 -66.72 -10.77
CA SER G 107 -13.69 -67.39 -10.26
C SER G 107 -13.74 -68.84 -10.70
N LEU G 108 -13.33 -69.13 -11.95
CA LEU G 108 -13.41 -70.50 -12.46
C LEU G 108 -12.35 -71.39 -11.82
N GLU G 109 -11.09 -70.94 -11.80
CA GLU G 109 -9.98 -71.78 -11.35
C GLU G 109 -9.80 -71.75 -9.84
N MET G 110 -10.03 -70.60 -9.21
CA MET G 110 -9.83 -70.53 -7.77
C MET G 110 -11.11 -70.78 -6.99
N GLY G 111 -12.23 -70.21 -7.42
CA GLY G 111 -13.52 -70.53 -6.85
C GLY G 111 -14.20 -69.43 -6.06
N LYS G 112 -13.61 -68.23 -5.96
CA LYS G 112 -14.31 -67.10 -5.32
C LYS G 112 -15.31 -66.49 -6.32
N ILE G 113 -16.26 -65.73 -5.79
CA ILE G 113 -17.33 -65.19 -6.65
C ILE G 113 -16.77 -64.11 -7.58
N LEU G 114 -17.52 -63.88 -8.66
CA LEU G 114 -17.03 -63.06 -9.75
C LEU G 114 -16.65 -61.67 -9.29
N VAL G 115 -17.51 -61.03 -8.48
CA VAL G 115 -17.23 -59.67 -8.03
C VAL G 115 -15.91 -59.60 -7.29
N GLU G 116 -15.54 -60.68 -6.58
CA GLU G 116 -14.26 -60.69 -5.90
C GLU G 116 -13.12 -61.01 -6.87
N GLY G 117 -13.39 -61.85 -7.87
CA GLY G 117 -12.42 -62.01 -8.94
C GLY G 117 -12.15 -60.70 -9.66
N VAL G 118 -13.21 -59.99 -10.05
CA VAL G 118 -13.05 -58.67 -10.68
C VAL G 118 -12.40 -57.71 -9.71
N GLY G 119 -12.82 -57.73 -8.45
CA GLY G 119 -12.21 -56.85 -7.45
C GLY G 119 -10.74 -57.11 -7.25
N GLU G 120 -10.33 -58.38 -7.26
CA GLU G 120 -8.93 -58.73 -7.11
C GLU G 120 -8.08 -58.16 -8.24
N VAL G 121 -8.59 -58.22 -9.47
CA VAL G 121 -7.86 -57.60 -10.57
C VAL G 121 -7.86 -56.10 -10.38
N GLN G 122 -8.98 -55.54 -9.92
CA GLN G 122 -9.04 -54.10 -9.69
C GLN G 122 -7.97 -53.68 -8.70
N GLU G 123 -7.75 -54.50 -7.67
CA GLU G 123 -6.72 -54.22 -6.68
C GLU G 123 -5.35 -54.14 -7.34
N TYR G 124 -5.05 -55.06 -8.25
CA TYR G 124 -3.78 -54.99 -8.97
C TYR G 124 -3.72 -53.72 -9.80
N VAL G 125 -4.81 -53.40 -10.49
CA VAL G 125 -4.88 -52.14 -11.22
C VAL G 125 -4.63 -50.96 -10.27
N ASP G 126 -5.26 -50.99 -9.09
CA ASP G 126 -5.14 -49.89 -8.12
C ASP G 126 -3.71 -49.75 -7.62
N ILE G 127 -3.04 -50.87 -7.32
CA ILE G 127 -1.67 -50.80 -6.83
C ILE G 127 -0.75 -50.28 -7.93
N CYS G 128 -1.04 -50.59 -9.20
CA CYS G 128 -0.29 -50.00 -10.28
C CYS G 128 -0.42 -48.48 -10.27
N ASP G 129 -1.65 -47.98 -10.18
CA ASP G 129 -1.86 -46.54 -10.19
C ASP G 129 -1.18 -45.88 -9.01
N TYR G 130 -1.22 -46.53 -7.84
CA TYR G 130 -0.50 -46.04 -6.68
C TYR G 130 1.00 -45.99 -6.94
N ALA G 131 1.57 -47.10 -7.44
CA ALA G 131 3.01 -47.20 -7.64
C ALA G 131 3.52 -46.20 -8.67
N VAL G 132 2.64 -45.73 -9.56
CA VAL G 132 3.05 -44.72 -10.55
C VAL G 132 3.47 -43.42 -9.86
N GLY G 133 2.66 -42.96 -8.90
CA GLY G 133 3.06 -41.80 -8.13
C GLY G 133 4.26 -42.09 -7.24
N LEU G 134 4.24 -43.26 -6.59
CA LEU G 134 5.35 -43.63 -5.70
C LEU G 134 6.69 -43.67 -6.44
N SER G 135 6.67 -43.99 -7.73
CA SER G 135 7.90 -44.05 -8.52
C SER G 135 8.58 -42.69 -8.64
N ARG G 136 7.87 -41.61 -8.37
CA ARG G 136 8.49 -40.29 -8.32
C ARG G 136 8.81 -39.85 -6.91
N MET G 137 8.60 -40.70 -5.90
CA MET G 137 8.76 -40.31 -4.51
C MET G 137 9.79 -41.10 -3.72
N ILE G 138 10.02 -42.38 -4.08
CA ILE G 138 10.86 -43.24 -3.24
C ILE G 138 12.25 -42.63 -3.11
N GLY G 139 12.81 -42.75 -1.94
CA GLY G 139 14.12 -42.23 -1.64
C GLY G 139 14.16 -41.94 -0.15
N GLY G 140 15.26 -41.31 0.27
CA GLY G 140 15.50 -40.98 1.65
C GLY G 140 15.86 -39.52 1.83
N PRO G 141 16.07 -39.11 3.09
CA PRO G 141 16.40 -37.71 3.36
C PRO G 141 17.85 -37.34 3.08
N ILE G 142 18.05 -36.06 2.79
CA ILE G 142 19.36 -35.44 2.91
C ILE G 142 19.44 -34.95 4.35
N LEU G 143 20.39 -35.43 5.07
CA LEU G 143 20.53 -35.13 6.47
C LEU G 143 21.63 -34.13 6.69
N PRO G 144 21.52 -33.30 7.72
CA PRO G 144 22.59 -32.35 8.04
C PRO G 144 23.73 -33.05 8.76
N SER G 145 24.88 -33.13 8.10
CA SER G 145 26.04 -33.75 8.72
C SER G 145 26.59 -32.90 9.85
N GLU G 146 27.15 -33.57 10.86
CA GLU G 146 27.86 -32.79 11.87
C GLU G 146 29.22 -32.32 11.36
N ARG G 147 29.67 -32.86 10.23
CA ARG G 147 30.99 -32.55 9.70
C ARG G 147 30.85 -31.42 8.69
N SER G 148 31.58 -30.34 8.92
CA SER G 148 31.68 -29.28 7.92
C SER G 148 32.22 -29.85 6.61
N GLY G 149 31.69 -29.34 5.50
CA GLY G 149 32.13 -29.74 4.18
C GLY G 149 31.74 -31.13 3.76
N HIS G 150 30.78 -31.73 4.47
CA HIS G 150 30.29 -33.06 4.16
C HIS G 150 28.78 -33.03 3.91
N ALA G 151 28.34 -33.89 3.01
CA ALA G 151 26.93 -34.16 2.83
C ALA G 151 26.62 -35.52 3.47
N LEU G 152 25.40 -35.65 3.96
CA LEU G 152 24.96 -36.93 4.49
C LEU G 152 23.66 -37.23 3.77
N ILE G 153 23.65 -38.33 3.01
CA ILE G 153 22.47 -38.68 2.23
C ILE G 153 22.10 -40.13 2.48
N GLU G 154 20.80 -40.40 2.54
CA GLU G 154 20.31 -41.76 2.65
C GLU G 154 19.80 -42.17 1.27
N GLN G 155 20.45 -43.16 0.69
CA GLN G 155 20.09 -43.64 -0.64
C GLN G 155 19.30 -44.93 -0.50
N TRP G 156 18.45 -45.19 -1.49
CA TRP G 156 17.72 -46.44 -1.62
C TRP G 156 17.93 -46.96 -3.03
N ASN G 157 18.27 -48.24 -3.16
CA ASN G 157 18.57 -48.87 -4.43
C ASN G 157 17.87 -50.22 -4.49
N PRO G 158 17.60 -50.74 -5.68
CA PRO G 158 16.96 -52.05 -5.77
C PRO G 158 17.79 -53.13 -5.11
N VAL G 159 17.11 -54.15 -4.59
CA VAL G 159 17.88 -55.28 -4.06
C VAL G 159 18.35 -56.18 -5.19
N GLY G 160 17.67 -56.14 -6.34
CA GLY G 160 18.06 -56.95 -7.49
C GLY G 160 16.90 -57.82 -7.93
N LEU G 161 16.98 -59.10 -7.60
CA LEU G 161 15.96 -60.07 -7.96
C LEU G 161 15.04 -60.30 -6.76
N VAL G 162 13.76 -60.06 -6.97
CA VAL G 162 12.73 -60.29 -5.97
C VAL G 162 11.99 -61.57 -6.37
N GLY G 163 12.20 -62.64 -5.62
CA GLY G 163 11.39 -63.84 -5.80
C GLY G 163 10.04 -63.68 -5.14
N ILE G 164 9.00 -64.16 -5.83
CA ILE G 164 7.62 -63.97 -5.38
C ILE G 164 6.87 -65.29 -5.44
N ILE G 165 6.60 -65.86 -4.27
CA ILE G 165 5.79 -67.06 -4.11
C ILE G 165 4.44 -66.63 -3.55
N THR G 166 3.35 -67.03 -4.19
CA THR G 166 2.04 -66.56 -3.80
C THR G 166 1.13 -67.74 -3.52
N ALA G 167 0.02 -67.47 -2.85
CA ALA G 167 -0.91 -68.49 -2.41
C ALA G 167 -2.07 -68.63 -3.40
N PHE G 168 -2.86 -69.68 -3.22
CA PHE G 168 -3.95 -69.93 -4.15
C PHE G 168 -5.07 -68.91 -4.01
N ASN G 169 -5.24 -68.35 -2.80
CA ASN G 169 -6.49 -67.69 -2.49
C ASN G 169 -6.56 -66.27 -3.02
N PHE G 170 -5.44 -65.61 -3.22
CA PHE G 170 -5.43 -64.33 -3.93
C PHE G 170 -4.41 -64.50 -5.04
N PRO G 171 -4.76 -65.26 -6.08
CA PRO G 171 -3.78 -65.64 -7.11
C PRO G 171 -3.42 -64.51 -8.06
N VAL G 172 -4.04 -63.35 -7.93
CA VAL G 172 -3.71 -62.16 -8.70
C VAL G 172 -3.20 -61.03 -7.79
N ALA G 173 -3.97 -60.66 -6.76
CA ALA G 173 -3.68 -59.45 -5.99
C ALA G 173 -2.33 -59.53 -5.29
N VAL G 174 -2.03 -60.66 -4.65
CA VAL G 174 -0.79 -60.79 -3.90
C VAL G 174 0.42 -60.54 -4.79
N TYR G 175 0.47 -61.21 -5.96
CA TYR G 175 1.53 -60.96 -6.93
C TYR G 175 1.55 -59.49 -7.35
N GLY G 176 0.38 -58.94 -7.66
CA GLY G 176 0.30 -57.54 -8.04
C GLY G 176 0.91 -56.58 -7.03
N TRP G 177 0.59 -56.74 -5.74
CA TRP G 177 1.14 -55.85 -4.72
C TRP G 177 2.66 -55.88 -4.74
N ASN G 178 3.23 -57.08 -4.76
CA ASN G 178 4.68 -57.21 -4.82
C ASN G 178 5.22 -56.71 -6.16
N ASN G 179 4.50 -56.99 -7.26
CA ASN G 179 5.07 -56.69 -8.57
C ASN G 179 5.17 -55.18 -8.82
N ALA G 180 4.05 -54.46 -8.66
CA ALA G 180 4.06 -53.02 -8.94
C ALA G 180 5.08 -52.30 -8.07
N ILE G 181 5.16 -52.67 -6.80
CA ILE G 181 6.09 -52.00 -5.91
C ILE G 181 7.53 -52.38 -6.22
N ALA G 182 7.79 -53.68 -6.36
CA ALA G 182 9.16 -54.10 -6.66
C ALA G 182 9.65 -53.47 -7.98
N MET G 183 8.76 -53.32 -8.94
CA MET G 183 9.19 -52.83 -10.25
C MET G 183 9.56 -51.35 -10.22
N ILE G 184 8.70 -50.50 -9.64
CA ILE G 184 9.07 -49.08 -9.54
C ILE G 184 10.30 -48.91 -8.67
N CYS G 185 10.53 -49.83 -7.72
CA CYS G 185 11.73 -49.83 -6.90
C CYS G 185 12.96 -50.38 -7.64
N GLY G 186 12.84 -50.68 -8.93
CA GLY G 186 13.98 -51.07 -9.73
C GLY G 186 14.40 -52.51 -9.68
N ASN G 187 13.55 -53.39 -9.20
CA ASN G 187 13.87 -54.81 -9.13
C ASN G 187 13.27 -55.56 -10.30
N VAL G 188 13.86 -56.69 -10.62
CA VAL G 188 13.19 -57.67 -11.47
C VAL G 188 12.48 -58.67 -10.59
N CYS G 189 11.51 -59.37 -11.17
CA CYS G 189 10.62 -60.26 -10.44
C CYS G 189 10.66 -61.67 -11.02
N LEU G 190 10.58 -62.66 -10.14
CA LEU G 190 10.39 -64.03 -10.57
C LEU G 190 9.25 -64.61 -9.74
N TRP G 191 8.17 -64.99 -10.41
CA TRP G 191 6.93 -65.45 -9.79
C TRP G 191 6.82 -66.97 -9.81
N LYS G 192 6.54 -67.57 -8.66
CA LYS G 192 6.12 -68.96 -8.58
C LYS G 192 4.76 -69.00 -7.89
N GLY G 193 3.69 -69.17 -8.67
CA GLY G 193 2.36 -69.18 -8.09
C GLY G 193 2.00 -70.53 -7.50
N ALA G 194 0.80 -70.59 -6.91
CA ALA G 194 0.29 -71.85 -6.42
C ALA G 194 0.00 -72.78 -7.60
N PRO G 195 0.38 -74.04 -7.52
CA PRO G 195 0.16 -74.93 -8.67
C PRO G 195 -1.28 -74.96 -9.13
N THR G 196 -2.22 -74.86 -8.20
CA THR G 196 -3.64 -74.97 -8.51
C THR G 196 -4.23 -73.69 -9.08
N THR G 197 -3.45 -72.62 -9.19
CA THR G 197 -3.89 -71.42 -9.90
C THR G 197 -2.91 -71.07 -11.02
N SER G 198 -2.40 -72.10 -11.69
CA SER G 198 -1.36 -71.93 -12.71
C SER G 198 -1.88 -71.18 -13.94
N LEU G 199 -3.13 -71.43 -14.32
CA LEU G 199 -3.67 -70.72 -15.48
C LEU G 199 -3.75 -69.24 -15.19
N ILE G 200 -4.14 -68.89 -13.97
CA ILE G 200 -4.21 -67.48 -13.58
C ILE G 200 -2.81 -66.85 -13.67
N SER G 201 -1.80 -67.55 -13.15
CA SER G 201 -0.44 -67.02 -13.21
C SER G 201 0.02 -66.80 -14.64
N VAL G 202 -0.27 -67.78 -15.51
CA VAL G 202 0.10 -67.65 -16.92
C VAL G 202 -0.60 -66.45 -17.55
N ALA G 203 -1.92 -66.36 -17.32
CA ALA G 203 -2.71 -65.30 -17.95
C ALA G 203 -2.22 -63.90 -17.53
N VAL G 204 -1.92 -63.71 -16.24
CA VAL G 204 -1.38 -62.43 -15.80
C VAL G 204 -0.03 -62.20 -16.46
N THR G 205 0.84 -63.21 -16.43
CA THR G 205 2.16 -63.05 -17.04
C THR G 205 2.03 -62.72 -18.52
N LYS G 206 1.06 -63.32 -19.22
CA LYS G 206 0.85 -63.00 -20.63
C LYS G 206 0.50 -61.53 -20.79
N ILE G 207 -0.33 -60.98 -19.90
CA ILE G 207 -0.69 -59.57 -19.97
C ILE G 207 0.54 -58.70 -19.73
N ILE G 208 1.36 -59.04 -18.73
CA ILE G 208 2.56 -58.25 -18.45
C ILE G 208 3.57 -58.38 -19.58
N ALA G 209 3.75 -59.60 -20.08
CA ALA G 209 4.76 -59.84 -21.11
C ALA G 209 4.52 -58.97 -22.35
N LYS G 210 3.26 -58.81 -22.74
CA LYS G 210 2.94 -57.96 -23.89
C LYS G 210 3.34 -56.51 -23.63
N VAL G 211 3.07 -55.99 -22.43
CA VAL G 211 3.45 -54.62 -22.14
C VAL G 211 4.96 -54.46 -22.22
N LEU G 212 5.69 -55.38 -21.57
CA LEU G 212 7.14 -55.34 -21.60
C LEU G 212 7.66 -55.43 -23.04
N GLU G 213 7.12 -56.36 -23.82
CA GLU G 213 7.62 -56.54 -25.20
C GLU G 213 7.26 -55.34 -26.08
N ASP G 214 6.07 -54.77 -25.89
CA ASP G 214 5.70 -53.57 -26.66
C ASP G 214 6.61 -52.40 -26.32
N ASN G 215 7.17 -52.39 -25.11
CA ASN G 215 8.07 -51.32 -24.70
C ASN G 215 9.53 -51.65 -24.92
N LYS G 216 9.83 -52.73 -25.65
CA LYS G 216 11.22 -53.06 -25.98
C LYS G 216 12.08 -53.14 -24.71
N LEU G 217 11.51 -53.78 -23.69
CA LEU G 217 12.17 -54.11 -22.46
C LEU G 217 12.28 -55.63 -22.37
N PRO G 218 13.35 -56.17 -21.78
CA PRO G 218 13.45 -57.63 -21.62
C PRO G 218 12.33 -58.21 -20.75
N GLY G 219 11.66 -59.24 -21.27
CA GLY G 219 10.55 -59.89 -20.58
C GLY G 219 10.90 -60.47 -19.22
N ALA G 220 12.18 -60.79 -19.00
CA ALA G 220 12.61 -61.38 -17.74
C ALA G 220 12.46 -60.43 -16.56
N ILE G 221 12.13 -59.15 -16.80
CA ILE G 221 11.81 -58.22 -15.72
C ILE G 221 10.68 -58.77 -14.85
N CYS G 222 9.71 -59.46 -15.47
CA CYS G 222 8.63 -60.13 -14.75
C CYS G 222 8.63 -61.57 -15.21
N SER G 223 9.58 -62.35 -14.69
CA SER G 223 9.70 -63.74 -15.05
C SER G 223 8.66 -64.58 -14.31
N LEU G 224 8.35 -65.74 -14.89
CA LEU G 224 7.41 -66.71 -14.36
C LEU G 224 8.03 -68.10 -14.47
N THR G 225 8.09 -68.81 -13.34
CA THR G 225 8.46 -70.23 -13.34
C THR G 225 7.40 -70.98 -12.54
N CYS G 226 6.40 -71.51 -13.24
CA CYS G 226 5.38 -72.31 -12.57
C CYS G 226 5.96 -73.60 -11.99
N GLY G 227 5.55 -73.91 -10.77
CA GLY G 227 6.01 -75.11 -10.10
C GLY G 227 5.49 -75.11 -8.68
N GLY G 228 5.80 -76.21 -7.98
CA GLY G 228 5.42 -76.42 -6.61
C GLY G 228 6.56 -76.27 -5.62
N ALA G 229 6.58 -77.13 -4.60
CA ALA G 229 7.55 -77.00 -3.51
C ALA G 229 8.99 -77.06 -4.01
N ASP G 230 9.27 -77.87 -5.03
CA ASP G 230 10.63 -77.98 -5.53
C ASP G 230 11.16 -76.63 -6.02
N ILE G 231 10.37 -75.91 -6.81
CA ILE G 231 10.82 -74.60 -7.28
C ILE G 231 10.80 -73.60 -6.12
N GLY G 232 9.78 -73.64 -5.29
CA GLY G 232 9.73 -72.75 -4.15
C GLY G 232 10.95 -72.91 -3.26
N THR G 233 11.36 -74.15 -3.01
CA THR G 233 12.54 -74.41 -2.20
C THR G 233 13.80 -73.90 -2.91
N ALA G 234 13.87 -74.10 -4.23
CA ALA G 234 15.01 -73.62 -4.99
C ALA G 234 15.17 -72.12 -4.81
N MET G 235 14.07 -71.39 -4.94
CA MET G 235 14.12 -69.94 -4.75
C MET G 235 14.59 -69.57 -3.35
N ALA G 236 14.15 -70.32 -2.32
CA ALA G 236 14.49 -69.97 -0.95
C ALA G 236 15.97 -70.19 -0.66
N LYS G 237 16.60 -71.18 -1.31
CA LYS G 237 18.01 -71.49 -1.12
C LYS G 237 18.92 -70.76 -2.10
N ASP G 238 18.34 -70.04 -3.07
CA ASP G 238 19.08 -69.41 -4.16
C ASP G 238 19.59 -68.05 -3.70
N GLU G 239 20.90 -67.96 -3.51
CA GLU G 239 21.54 -66.70 -3.13
C GLU G 239 21.28 -65.58 -4.13
N ARG G 240 20.96 -65.93 -5.37
CA ARG G 240 20.69 -64.96 -6.41
C ARG G 240 19.34 -64.27 -6.25
N VAL G 241 18.46 -64.80 -5.40
CA VAL G 241 17.17 -64.17 -5.10
C VAL G 241 17.39 -63.22 -3.93
N ASN G 242 17.48 -61.92 -4.24
CA ASN G 242 17.87 -60.96 -3.22
C ASN G 242 16.78 -60.77 -2.16
N LEU G 243 15.53 -60.78 -2.58
CA LEU G 243 14.40 -60.74 -1.65
C LEU G 243 13.45 -61.85 -2.04
N LEU G 244 13.02 -62.65 -1.07
CA LEU G 244 12.00 -63.67 -1.31
C LEU G 244 10.73 -63.22 -0.59
N SER G 245 9.74 -62.81 -1.36
CA SER G 245 8.43 -62.48 -0.80
C SER G 245 7.58 -63.74 -0.85
N PHE G 246 7.22 -64.26 0.32
CA PHE G 246 6.45 -65.50 0.42
C PHE G 246 5.11 -65.21 1.07
N THR G 247 4.04 -65.61 0.39
CA THR G 247 2.70 -65.58 0.94
C THR G 247 2.16 -67.00 0.95
N GLY G 248 1.81 -67.50 2.13
CA GLY G 248 1.38 -68.89 2.26
C GLY G 248 1.18 -69.24 3.72
N SER G 249 1.18 -70.55 3.98
CA SER G 249 0.94 -71.08 5.31
C SER G 249 2.08 -70.72 6.26
N THR G 250 1.76 -70.67 7.55
CA THR G 250 2.80 -70.47 8.55
C THR G 250 3.80 -71.59 8.51
N GLN G 251 3.32 -72.83 8.37
CA GLN G 251 4.20 -73.98 8.32
C GLN G 251 5.23 -73.85 7.19
N VAL G 252 4.77 -73.57 5.98
CA VAL G 252 5.72 -73.43 4.87
C VAL G 252 6.59 -72.18 5.05
N GLY G 253 5.96 -71.06 5.43
CA GLY G 253 6.69 -69.81 5.52
C GLY G 253 7.84 -69.85 6.51
N LYS G 254 7.65 -70.56 7.63
CA LYS G 254 8.71 -70.75 8.61
C LYS G 254 9.92 -71.46 7.99
N GLN G 255 9.68 -72.49 7.18
CA GLN G 255 10.81 -73.13 6.51
C GLN G 255 11.44 -72.21 5.47
N VAL G 256 10.61 -71.44 4.76
CA VAL G 256 11.16 -70.47 3.81
C VAL G 256 11.99 -69.41 4.54
N GLY G 257 11.45 -68.91 5.67
CA GLY G 257 12.16 -67.90 6.42
C GLY G 257 13.49 -68.40 6.96
N LEU G 258 13.54 -69.66 7.40
CA LEU G 258 14.80 -70.22 7.88
C LEU G 258 15.80 -70.42 6.76
N MET G 259 15.36 -70.94 5.62
CA MET G 259 16.29 -71.14 4.52
C MET G 259 16.86 -69.81 4.04
N VAL G 260 16.00 -68.79 3.94
CA VAL G 260 16.50 -67.48 3.53
C VAL G 260 17.43 -66.91 4.59
N GLN G 261 17.09 -67.09 5.87
CA GLN G 261 17.96 -66.61 6.92
C GLN G 261 19.32 -67.29 6.88
N GLU G 262 19.33 -68.61 6.62
CA GLU G 262 20.59 -69.35 6.55
C GLU G 262 21.56 -68.73 5.55
N ARG G 263 21.06 -68.20 4.44
CA ARG G 263 21.96 -67.64 3.44
C ARG G 263 22.06 -66.13 3.52
N PHE G 264 21.59 -65.52 4.62
CA PHE G 264 21.67 -64.06 4.79
C PHE G 264 21.03 -63.32 3.61
N GLY G 265 19.97 -63.89 3.04
CA GLY G 265 19.14 -63.18 2.10
C GLY G 265 18.10 -62.39 2.87
N ARG G 266 17.20 -61.77 2.13
CA ARG G 266 16.06 -61.06 2.71
C ARG G 266 14.78 -61.85 2.47
N SER G 267 13.91 -61.90 3.48
CA SER G 267 12.60 -62.49 3.30
C SER G 267 11.49 -61.50 3.69
N LEU G 268 10.34 -61.65 3.03
CA LEU G 268 9.12 -60.92 3.34
C LEU G 268 8.03 -61.97 3.51
N LEU G 269 7.61 -62.21 4.75
CA LEU G 269 6.72 -63.31 5.08
C LEU G 269 5.33 -62.77 5.39
N GLU G 270 4.34 -63.35 4.69
CA GLU G 270 2.92 -63.02 4.82
C GLU G 270 2.26 -64.37 5.07
N LEU G 271 2.10 -64.74 6.34
CA LEU G 271 1.73 -66.09 6.71
C LEU G 271 0.29 -66.11 7.23
N GLY G 272 -0.02 -67.08 8.10
CA GLY G 272 -1.40 -67.36 8.44
C GLY G 272 -2.02 -66.38 9.42
N GLY G 273 -3.35 -66.43 9.46
CA GLY G 273 -4.12 -65.57 10.34
C GLY G 273 -5.09 -66.37 11.18
N ASN G 274 -5.52 -65.76 12.27
CA ASN G 274 -6.51 -66.39 13.12
C ASN G 274 -7.34 -65.26 13.68
N ASN G 275 -8.06 -64.58 12.78
CA ASN G 275 -8.49 -63.21 13.04
C ASN G 275 -9.79 -63.16 13.84
N ALA G 276 -9.79 -62.34 14.88
CA ALA G 276 -10.90 -62.23 15.79
C ALA G 276 -11.65 -60.92 15.58
N ILE G 277 -12.96 -60.99 15.69
CA ILE G 277 -13.85 -59.85 15.83
C ILE G 277 -14.35 -59.83 17.26
N ILE G 278 -14.31 -58.66 17.91
CA ILE G 278 -14.78 -58.49 19.28
C ILE G 278 -15.96 -57.53 19.29
N ALA G 279 -17.10 -58.02 19.73
CA ALA G 279 -18.32 -57.23 19.80
C ALA G 279 -18.58 -56.92 21.27
N PHE G 280 -18.51 -55.63 21.62
CA PHE G 280 -18.79 -55.14 22.96
C PHE G 280 -20.28 -54.81 23.13
N GLU G 281 -20.68 -54.61 24.39
CA GLU G 281 -22.10 -54.43 24.68
C GLU G 281 -22.66 -53.17 24.03
N ASP G 282 -21.83 -52.16 23.81
CA ASP G 282 -22.34 -50.93 23.21
C ASP G 282 -22.28 -50.94 21.69
N ALA G 283 -21.92 -52.07 21.06
CA ALA G 283 -21.77 -52.11 19.61
C ALA G 283 -23.12 -51.94 18.92
N ASP G 284 -23.06 -51.32 17.73
CA ASP G 284 -24.20 -51.25 16.81
C ASP G 284 -24.38 -52.64 16.22
N LEU G 285 -25.38 -53.38 16.72
CA LEU G 285 -25.57 -54.76 16.26
C LEU G 285 -25.98 -54.83 14.80
N SER G 286 -26.66 -53.79 14.30
CA SER G 286 -26.97 -53.72 12.88
C SER G 286 -25.73 -53.56 12.01
N LEU G 287 -24.60 -53.20 12.61
CA LEU G 287 -23.33 -53.23 11.92
C LEU G 287 -22.58 -54.53 12.18
N VAL G 288 -22.68 -55.06 13.40
CA VAL G 288 -21.91 -56.24 13.77
C VAL G 288 -22.33 -57.45 12.94
N VAL G 289 -23.64 -57.71 12.84
CA VAL G 289 -24.14 -58.95 12.23
C VAL G 289 -23.73 -58.99 10.76
N PRO G 290 -24.07 -58.00 9.91
CA PRO G 290 -23.57 -58.06 8.53
C PRO G 290 -22.05 -58.05 8.43
N SER G 291 -21.37 -57.25 9.25
CA SER G 291 -19.90 -57.26 9.23
C SER G 291 -19.37 -58.64 9.54
N ALA G 292 -19.91 -59.30 10.56
CA ALA G 292 -19.42 -60.61 10.95
C ALA G 292 -19.69 -61.66 9.88
N LEU G 293 -20.91 -61.67 9.35
CA LEU G 293 -21.28 -62.66 8.32
C LEU G 293 -20.33 -62.59 7.13
N PHE G 294 -20.15 -61.40 6.56
CA PHE G 294 -19.35 -61.29 5.36
C PHE G 294 -17.87 -61.58 5.62
N ALA G 295 -17.38 -61.20 6.79
CA ALA G 295 -15.98 -61.48 7.07
C ALA G 295 -15.75 -62.95 7.31
N ALA G 296 -16.77 -63.67 7.77
CA ALA G 296 -16.60 -65.10 8.06
C ALA G 296 -16.80 -65.97 6.83
N VAL G 297 -17.79 -65.65 5.99
CA VAL G 297 -18.14 -66.50 4.87
C VAL G 297 -17.62 -65.96 3.54
N GLY G 298 -17.12 -64.73 3.50
CA GLY G 298 -16.51 -64.24 2.29
C GLY G 298 -15.39 -65.16 1.82
N THR G 299 -15.35 -65.38 0.51
CA THR G 299 -14.36 -66.24 -0.12
C THR G 299 -14.44 -67.64 0.46
N ALA G 300 -15.65 -68.05 0.82
CA ALA G 300 -15.89 -69.33 1.46
C ALA G 300 -14.91 -69.55 2.62
N GLY G 301 -14.65 -68.47 3.35
CA GLY G 301 -13.77 -68.50 4.51
C GLY G 301 -12.30 -68.70 4.24
N GLN G 302 -11.83 -68.39 3.03
CA GLN G 302 -10.46 -68.65 2.60
C GLN G 302 -9.65 -67.36 2.35
N ARG G 303 -9.91 -66.30 3.11
CA ARG G 303 -9.00 -65.17 3.13
C ARG G 303 -8.05 -65.28 4.30
N CYS G 304 -6.82 -64.78 4.11
CA CYS G 304 -5.93 -64.67 5.24
C CYS G 304 -6.55 -63.82 6.35
N THR G 305 -7.38 -62.85 5.97
CA THR G 305 -8.07 -61.97 6.90
C THR G 305 -9.47 -62.43 7.28
N THR G 306 -9.86 -63.65 6.91
CA THR G 306 -11.19 -64.13 7.29
C THR G 306 -11.36 -64.14 8.81
N ALA G 307 -12.54 -63.73 9.26
CA ALA G 307 -12.88 -63.80 10.67
C ALA G 307 -13.05 -65.25 11.08
N ARG G 308 -12.20 -65.71 11.98
CA ARG G 308 -12.31 -67.07 12.47
C ARG G 308 -12.71 -67.15 13.94
N ARG G 309 -12.61 -66.06 14.67
CA ARG G 309 -12.99 -66.02 16.08
C ARG G 309 -13.90 -64.81 16.30
N LEU G 310 -15.08 -65.05 16.88
CA LEU G 310 -16.04 -63.99 17.16
C LEU G 310 -16.32 -63.98 18.67
N PHE G 311 -15.83 -62.94 19.35
CA PHE G 311 -16.08 -62.72 20.77
C PHE G 311 -17.23 -61.74 20.93
N ILE G 312 -18.25 -62.15 21.68
CA ILE G 312 -19.41 -61.31 21.94
C ILE G 312 -19.58 -61.16 23.45
N HIS G 313 -19.84 -59.94 23.90
CA HIS G 313 -20.15 -59.73 25.32
C HIS G 313 -21.37 -60.55 25.68
N GLU G 314 -21.31 -61.21 26.86
CA GLU G 314 -22.34 -62.17 27.26
C GLU G 314 -23.75 -61.56 27.21
N SER G 315 -23.87 -60.27 27.44
CA SER G 315 -25.19 -59.64 27.44
C SER G 315 -25.84 -59.70 26.06
N ILE G 316 -25.04 -59.74 24.98
CA ILE G 316 -25.59 -59.74 23.63
C ILE G 316 -25.22 -60.99 22.86
N HIS G 317 -24.55 -61.95 23.51
CA HIS G 317 -24.01 -63.12 22.82
C HIS G 317 -25.11 -63.92 22.12
N ASP G 318 -26.17 -64.26 22.84
CA ASP G 318 -27.21 -65.08 22.25
C ASP G 318 -27.92 -64.34 21.12
N GLU G 319 -28.15 -63.04 21.28
CA GLU G 319 -28.85 -62.29 20.23
C GLU G 319 -28.02 -62.24 18.95
N VAL G 320 -26.72 -61.98 19.08
CA VAL G 320 -25.87 -61.90 17.91
C VAL G 320 -25.79 -63.25 17.20
N VAL G 321 -25.69 -64.34 17.96
CA VAL G 321 -25.67 -65.66 17.35
C VAL G 321 -26.97 -65.92 16.60
N ASN G 322 -28.12 -65.58 17.20
CA ASN G 322 -29.39 -65.80 16.52
C ASN G 322 -29.49 -64.99 15.24
N ARG G 323 -29.09 -63.72 15.29
CA ARG G 323 -29.19 -62.88 14.11
C ARG G 323 -28.25 -63.34 13.00
N LEU G 324 -27.09 -63.91 13.33
CA LEU G 324 -26.21 -64.48 12.30
C LEU G 324 -26.80 -65.74 11.67
N LYS G 325 -27.36 -66.63 12.49
CA LYS G 325 -27.97 -67.85 12.01
C LYS G 325 -29.07 -67.55 11.00
N LYS G 326 -29.97 -66.63 11.34
CA LYS G 326 -31.05 -66.28 10.43
C LYS G 326 -30.50 -65.66 9.15
N ALA G 327 -29.32 -65.02 9.24
CA ALA G 327 -28.69 -64.42 8.07
C ALA G 327 -27.86 -65.43 7.28
N TYR G 328 -27.11 -66.30 7.97
CA TYR G 328 -26.39 -67.37 7.27
C TYR G 328 -27.33 -68.18 6.41
N ALA G 329 -28.56 -68.38 6.88
CA ALA G 329 -29.55 -69.17 6.17
C ALA G 329 -29.92 -68.58 4.82
N GLN G 330 -29.73 -67.27 4.62
CA GLN G 330 -30.07 -66.62 3.35
C GLN G 330 -28.88 -66.52 2.41
N ILE G 331 -27.73 -67.11 2.78
CA ILE G 331 -26.57 -67.08 1.92
C ILE G 331 -26.85 -67.87 0.64
N ARG G 332 -26.64 -67.23 -0.51
CA ARG G 332 -26.93 -67.82 -1.80
C ARG G 332 -25.72 -68.59 -2.31
N VAL G 333 -25.89 -69.90 -2.49
CA VAL G 333 -24.82 -70.80 -2.90
C VAL G 333 -24.98 -71.09 -4.39
N GLY G 334 -23.86 -71.18 -5.11
CA GLY G 334 -23.95 -71.56 -6.51
C GLY G 334 -22.59 -71.56 -7.18
N ASN G 335 -22.60 -71.67 -8.50
CA ASN G 335 -21.35 -71.51 -9.23
C ASN G 335 -20.86 -70.09 -8.98
N PRO G 336 -19.59 -69.89 -8.64
CA PRO G 336 -19.15 -68.55 -8.22
C PRO G 336 -19.24 -67.51 -9.33
N TRP G 337 -19.37 -67.91 -10.58
CA TRP G 337 -19.55 -66.93 -11.64
C TRP G 337 -21.01 -66.61 -11.94
N ASP G 338 -21.96 -67.31 -11.32
CA ASP G 338 -23.39 -67.15 -11.57
C ASP G 338 -23.99 -65.95 -10.85
N PRO G 339 -24.95 -65.27 -11.46
CA PRO G 339 -25.50 -64.06 -10.86
C PRO G 339 -26.15 -64.36 -9.52
N ASN G 340 -26.12 -63.36 -8.63
CA ASN G 340 -26.72 -63.45 -7.31
C ASN G 340 -26.00 -64.40 -6.36
N VAL G 341 -25.00 -65.14 -6.83
CA VAL G 341 -24.32 -66.08 -5.94
C VAL G 341 -23.41 -65.29 -4.99
N LEU G 342 -23.50 -65.62 -3.70
CA LEU G 342 -22.65 -65.04 -2.68
C LEU G 342 -21.59 -66.00 -2.14
N TYR G 343 -21.73 -67.31 -2.39
CA TYR G 343 -20.92 -68.32 -1.72
C TYR G 343 -20.49 -69.39 -2.72
N GLY G 344 -19.18 -69.56 -2.89
CA GLY G 344 -18.68 -70.59 -3.79
C GLY G 344 -18.06 -71.75 -3.04
N PRO G 345 -17.36 -72.63 -3.77
CA PRO G 345 -16.77 -73.82 -3.14
C PRO G 345 -15.41 -73.50 -2.55
N LEU G 346 -14.97 -74.42 -1.69
CA LEU G 346 -13.59 -74.46 -1.25
C LEU G 346 -12.67 -74.79 -2.42
N HIS G 347 -11.41 -74.42 -2.29
CA HIS G 347 -10.49 -74.50 -3.42
C HIS G 347 -10.15 -75.93 -3.80
N THR G 348 -10.08 -76.83 -2.83
CA THR G 348 -9.62 -78.19 -3.11
C THR G 348 -10.53 -79.19 -2.42
N LYS G 349 -10.41 -80.45 -2.84
CA LYS G 349 -11.07 -81.53 -2.13
C LYS G 349 -10.47 -81.71 -0.74
N GLN G 350 -9.15 -81.53 -0.64
CA GLN G 350 -8.48 -81.65 0.65
C GLN G 350 -9.04 -80.64 1.65
N ALA G 351 -9.27 -79.40 1.21
CA ALA G 351 -9.85 -78.37 2.06
C ALA G 351 -11.20 -78.79 2.60
N VAL G 352 -12.02 -79.44 1.77
CA VAL G 352 -13.29 -79.98 2.26
C VAL G 352 -13.04 -80.99 3.37
N SER G 353 -12.07 -81.90 3.15
CA SER G 353 -11.77 -82.90 4.15
C SER G 353 -11.28 -82.26 5.46
N MET G 354 -10.45 -81.20 5.37
CA MET G 354 -9.96 -80.53 6.56
C MET G 354 -11.08 -79.79 7.30
N PHE G 355 -12.02 -79.22 6.56
CA PHE G 355 -13.21 -78.63 7.18
C PHE G 355 -13.89 -79.62 8.13
N LEU G 356 -14.19 -80.82 7.63
CA LEU G 356 -14.86 -81.83 8.45
C LEU G 356 -13.99 -82.24 9.63
N GLY G 357 -12.67 -82.33 9.42
CA GLY G 357 -11.79 -82.63 10.55
C GLY G 357 -11.90 -81.59 11.65
N ALA G 358 -11.94 -80.31 11.28
CA ALA G 358 -12.07 -79.25 12.28
C ALA G 358 -13.42 -79.30 12.99
N VAL G 359 -14.50 -79.53 12.23
CA VAL G 359 -15.84 -79.56 12.82
C VAL G 359 -15.93 -80.65 13.88
N GLU G 360 -15.49 -81.86 13.53
CA GLU G 360 -15.48 -82.95 14.50
C GLU G 360 -14.58 -82.63 15.69
N GLU G 361 -13.43 -82.00 15.43
CA GLU G 361 -12.54 -81.63 16.52
C GLU G 361 -13.19 -80.61 17.44
N ALA G 362 -13.92 -79.64 16.88
CA ALA G 362 -14.59 -78.65 17.71
C ALA G 362 -15.65 -79.31 18.59
N LYS G 363 -16.39 -80.28 18.05
CA LYS G 363 -17.33 -81.03 18.87
C LYS G 363 -16.62 -81.78 19.99
N LYS G 364 -15.48 -82.41 19.68
CA LYS G 364 -14.76 -83.16 20.70
C LYS G 364 -14.26 -82.27 21.81
N GLU G 365 -13.92 -81.02 21.49
CA GLU G 365 -13.43 -80.06 22.45
C GLU G 365 -14.54 -79.27 23.15
N GLY G 366 -15.81 -79.62 22.90
CA GLY G 366 -16.92 -79.04 23.65
C GLY G 366 -17.77 -78.04 22.90
N GLY G 367 -17.51 -77.78 21.63
CA GLY G 367 -18.31 -76.83 20.88
C GLY G 367 -19.61 -77.42 20.38
N THR G 368 -20.58 -76.54 20.11
CA THR G 368 -21.85 -76.93 19.52
C THR G 368 -21.96 -76.29 18.16
N VAL G 369 -22.28 -77.09 17.14
CA VAL G 369 -22.54 -76.55 15.81
C VAL G 369 -23.96 -75.97 15.83
N VAL G 370 -24.06 -74.64 15.77
CA VAL G 370 -25.37 -74.01 15.72
C VAL G 370 -25.80 -73.69 14.29
N TYR G 371 -24.88 -73.73 13.33
CA TYR G 371 -25.28 -73.63 11.94
C TYR G 371 -24.20 -74.29 11.10
N GLY G 372 -24.64 -75.09 10.13
CA GLY G 372 -23.74 -75.70 9.18
C GLY G 372 -23.00 -76.93 9.67
N GLY G 373 -21.72 -77.01 9.38
CA GLY G 373 -20.91 -78.11 9.83
C GLY G 373 -20.90 -79.33 8.92
N LYS G 374 -21.57 -79.28 7.77
CA LYS G 374 -21.69 -80.43 6.89
C LYS G 374 -21.28 -80.07 5.47
N VAL G 375 -20.83 -81.09 4.71
CA VAL G 375 -20.66 -80.92 3.28
C VAL G 375 -22.02 -80.77 2.64
N MET G 376 -22.09 -79.96 1.58
CA MET G 376 -23.31 -79.83 0.80
C MET G 376 -23.39 -80.93 -0.24
N ASP G 377 -24.57 -81.52 -0.39
CA ASP G 377 -24.75 -82.63 -1.32
C ASP G 377 -24.91 -82.04 -2.71
N ARG G 378 -23.78 -81.70 -3.31
CA ARG G 378 -23.78 -81.07 -4.61
C ARG G 378 -22.39 -81.23 -5.20
N PRO G 379 -22.26 -81.13 -6.53
CA PRO G 379 -20.94 -81.24 -7.14
C PRO G 379 -20.00 -80.14 -6.66
N GLY G 380 -18.71 -80.42 -6.71
CA GLY G 380 -17.73 -79.44 -6.32
C GLY G 380 -17.38 -79.55 -4.85
N ASN G 381 -16.62 -78.56 -4.40
CA ASN G 381 -16.07 -78.60 -3.03
C ASN G 381 -16.87 -77.72 -2.09
N TYR G 382 -18.18 -77.96 -2.02
CA TYR G 382 -19.08 -77.09 -1.26
C TYR G 382 -19.31 -77.58 0.16
N VAL G 383 -19.09 -76.69 1.14
CA VAL G 383 -19.37 -76.98 2.54
C VAL G 383 -20.28 -75.89 3.12
N GLU G 384 -20.99 -76.25 4.17
CA GLU G 384 -21.89 -75.28 4.79
C GLU G 384 -21.05 -74.29 5.60
N PRO G 385 -21.27 -72.99 5.45
CA PRO G 385 -20.61 -72.05 6.38
C PRO G 385 -21.11 -72.35 7.78
N THR G 386 -20.19 -72.32 8.74
CA THR G 386 -20.38 -72.98 10.02
C THR G 386 -20.15 -72.04 11.19
N ILE G 387 -21.03 -72.14 12.19
CA ILE G 387 -20.92 -71.38 13.44
C ILE G 387 -20.86 -72.35 14.61
N VAL G 388 -19.86 -72.19 15.48
CA VAL G 388 -19.63 -73.03 16.64
C VAL G 388 -19.63 -72.18 17.92
N THR G 389 -20.48 -72.54 18.88
CA THR G 389 -20.54 -71.91 20.19
C THR G 389 -20.04 -72.86 21.28
N GLY G 390 -19.83 -72.32 22.48
CA GLY G 390 -19.55 -73.15 23.62
C GLY G 390 -18.10 -73.58 23.80
N LEU G 391 -17.23 -73.33 22.82
CA LEU G 391 -15.81 -73.62 23.02
C LEU G 391 -15.19 -72.61 23.98
N GLY G 392 -14.24 -73.08 24.78
CA GLY G 392 -13.38 -72.19 25.51
C GLY G 392 -12.44 -71.46 24.56
N HIS G 393 -12.11 -70.21 24.90
CA HIS G 393 -11.25 -69.40 24.03
C HIS G 393 -9.89 -70.05 23.79
N ASP G 394 -9.45 -70.90 24.70
CA ASP G 394 -8.14 -71.55 24.57
C ASP G 394 -8.19 -72.92 23.90
N ALA G 395 -9.34 -73.33 23.36
CA ALA G 395 -9.43 -74.62 22.69
C ALA G 395 -8.39 -74.73 21.58
N SER G 396 -7.81 -75.92 21.46
CA SER G 396 -6.73 -76.15 20.50
C SER G 396 -7.17 -75.88 19.06
N ILE G 397 -8.41 -76.26 18.72
CA ILE G 397 -8.90 -76.05 17.36
C ILE G 397 -9.17 -74.56 17.08
N ALA G 398 -9.55 -73.78 18.11
CA ALA G 398 -9.76 -72.34 17.92
C ALA G 398 -8.45 -71.58 17.76
N HIS G 399 -7.37 -72.07 18.37
CA HIS G 399 -6.06 -71.45 18.19
C HIS G 399 -5.40 -71.88 16.88
N THR G 400 -5.99 -72.84 16.15
CA THR G 400 -5.50 -73.31 14.86
C THR G 400 -6.16 -72.56 13.72
N GLU G 401 -5.40 -72.31 12.65
CA GLU G 401 -5.95 -71.76 11.42
C GLU G 401 -6.42 -72.92 10.54
N THR G 402 -7.74 -73.07 10.42
CA THR G 402 -8.35 -73.98 9.44
C THR G 402 -8.90 -73.12 8.32
N PHE G 403 -8.31 -73.26 7.12
CA PHE G 403 -8.64 -72.38 5.99
C PHE G 403 -10.00 -72.79 5.41
N ALA G 404 -11.04 -72.53 6.19
CA ALA G 404 -12.40 -72.93 5.86
C ALA G 404 -13.38 -72.03 6.60
N PRO G 405 -14.64 -71.95 6.16
CA PRO G 405 -15.59 -71.04 6.84
C PRO G 405 -16.17 -71.64 8.12
N ILE G 406 -15.34 -71.69 9.16
CA ILE G 406 -15.76 -72.12 10.49
C ILE G 406 -15.47 -70.97 11.43
N LEU G 407 -16.54 -70.40 12.00
CA LEU G 407 -16.49 -69.26 12.89
C LEU G 407 -16.74 -69.73 14.31
N TYR G 408 -15.76 -69.52 15.19
CA TYR G 408 -15.87 -69.88 16.60
C TYR G 408 -16.35 -68.70 17.43
N VAL G 409 -17.41 -68.90 18.22
CA VAL G 409 -18.05 -67.84 19.00
C VAL G 409 -17.72 -68.05 20.47
N PHE G 410 -17.32 -66.98 21.15
CA PHE G 410 -16.97 -67.04 22.56
C PHE G 410 -17.73 -65.96 23.33
N LYS G 411 -18.01 -66.25 24.59
CA LYS G 411 -18.46 -65.21 25.49
C LYS G 411 -17.28 -64.53 26.16
N PHE G 412 -17.44 -63.24 26.45
CA PHE G 412 -16.50 -62.51 27.29
C PHE G 412 -17.29 -61.50 28.11
N LYS G 413 -16.65 -61.01 29.17
CA LYS G 413 -17.24 -60.02 30.06
C LYS G 413 -16.45 -58.71 30.06
N ASN G 414 -15.14 -58.77 30.23
CA ASN G 414 -14.35 -57.56 30.42
C ASN G 414 -13.44 -57.28 29.24
N GLU G 415 -13.10 -56.00 29.11
CA GLU G 415 -12.29 -55.51 28.02
C GLU G 415 -10.87 -56.05 28.09
N GLU G 416 -10.28 -56.08 29.28
CA GLU G 416 -8.88 -56.48 29.43
C GLU G 416 -8.69 -57.94 29.04
N GLU G 417 -9.58 -58.83 29.49
CA GLU G 417 -9.43 -60.24 29.20
C GLU G 417 -9.66 -60.52 27.72
N VAL G 418 -10.60 -59.79 27.08
CA VAL G 418 -10.87 -60.14 25.68
C VAL G 418 -9.77 -59.62 24.77
N PHE G 419 -9.10 -58.52 25.14
CA PHE G 419 -7.89 -58.12 24.42
C PHE G 419 -6.80 -59.19 24.57
N ALA G 420 -6.65 -59.73 25.77
CA ALA G 420 -5.69 -60.81 25.97
C ALA G 420 -6.03 -62.01 25.10
N TRP G 421 -7.33 -62.31 24.93
CA TRP G 421 -7.71 -63.47 24.15
C TRP G 421 -7.47 -63.27 22.66
N ASN G 422 -7.64 -62.04 22.19
CA ASN G 422 -7.25 -61.73 20.82
C ASN G 422 -5.78 -62.02 20.60
N ASN G 423 -4.96 -61.67 21.59
CA ASN G 423 -3.51 -61.72 21.45
C ASN G 423 -2.91 -63.09 21.81
N GLU G 424 -3.68 -63.98 22.45
CA GLU G 424 -3.12 -65.22 22.99
C GLU G 424 -2.74 -66.23 21.91
N VAL G 425 -3.29 -66.10 20.72
CA VAL G 425 -3.00 -67.05 19.64
C VAL G 425 -1.61 -66.76 19.10
N LYS G 426 -1.09 -67.64 18.24
CA LYS G 426 0.23 -67.45 17.63
C LYS G 426 0.16 -66.59 16.36
N GLN G 427 -1.00 -66.50 15.71
CA GLN G 427 -1.17 -65.66 14.54
C GLN G 427 -1.34 -64.21 14.97
N GLY G 428 -0.99 -63.30 14.06
CA GLY G 428 -1.08 -61.88 14.40
C GLY G 428 -1.43 -60.99 13.23
N LEU G 429 -2.43 -61.39 12.44
CA LEU G 429 -2.75 -60.69 11.21
C LEU G 429 -3.71 -59.55 11.44
N SER G 430 -5.00 -59.86 11.54
CA SER G 430 -6.04 -58.86 11.60
C SER G 430 -6.86 -58.99 12.87
N SER G 431 -7.50 -57.89 13.27
CA SER G 431 -8.27 -57.86 14.51
C SER G 431 -9.29 -56.73 14.40
N SER G 432 -10.46 -56.93 15.01
CA SER G 432 -11.51 -55.93 14.92
C SER G 432 -12.32 -55.85 16.20
N ILE G 433 -12.57 -54.64 16.66
CA ILE G 433 -13.53 -54.42 17.72
C ILE G 433 -14.69 -53.59 17.18
N PHE G 434 -15.86 -53.88 17.69
CA PHE G 434 -17.07 -53.11 17.42
C PHE G 434 -17.52 -52.51 18.74
N THR G 435 -17.52 -51.18 18.81
CA THR G 435 -17.79 -50.48 20.06
C THR G 435 -17.94 -48.99 19.75
N LYS G 436 -18.56 -48.28 20.69
CA LYS G 436 -18.67 -46.83 20.59
C LYS G 436 -17.75 -46.12 21.57
N ASP G 437 -17.08 -46.84 22.45
CA ASP G 437 -16.35 -46.23 23.55
C ASP G 437 -15.01 -45.67 23.08
N LEU G 438 -14.83 -44.35 23.23
CA LEU G 438 -13.62 -43.69 22.79
C LEU G 438 -12.40 -44.20 23.55
N GLY G 439 -12.53 -44.38 24.89
CA GLY G 439 -11.39 -44.83 25.67
C GLY G 439 -10.98 -46.24 25.32
N ARG G 440 -11.96 -47.10 25.08
CA ARG G 440 -11.69 -48.46 24.62
C ARG G 440 -11.01 -48.46 23.26
N ILE G 441 -11.49 -47.62 22.33
CA ILE G 441 -10.93 -47.64 20.98
C ILE G 441 -9.45 -47.32 21.04
N PHE G 442 -9.07 -46.27 21.76
CA PHE G 442 -7.67 -45.89 21.76
C PHE G 442 -6.83 -46.86 22.59
N CYS G 443 -7.45 -47.50 23.58
CA CYS G 443 -6.74 -48.60 24.25
C CYS G 443 -6.44 -49.72 23.27
N TRP G 444 -7.40 -50.02 22.39
CA TRP G 444 -7.22 -51.03 21.34
C TRP G 444 -6.08 -50.64 20.39
N LEU G 445 -5.97 -49.36 20.04
CA LEU G 445 -4.90 -48.89 19.15
C LEU G 445 -3.57 -48.71 19.87
N GLY G 446 -3.54 -48.84 21.20
CA GLY G 446 -2.36 -48.53 21.97
C GLY G 446 -1.49 -49.73 22.28
N PRO G 447 -0.49 -49.54 23.14
CA PRO G 447 0.49 -50.61 23.38
C PRO G 447 -0.04 -51.81 24.16
N LYS G 448 -1.12 -51.67 24.92
CA LYS G 448 -1.79 -52.77 25.59
C LYS G 448 -3.04 -53.22 24.82
N GLY G 449 -3.12 -52.88 23.54
CA GLY G 449 -4.25 -53.24 22.71
C GLY G 449 -3.94 -54.46 21.86
N SER G 450 -4.45 -54.45 20.63
CA SER G 450 -4.25 -55.58 19.74
C SER G 450 -2.78 -55.69 19.33
N ASP G 451 -2.28 -56.92 19.28
CA ASP G 451 -0.90 -57.14 18.84
C ASP G 451 -0.81 -57.45 17.34
N CYS G 452 -1.88 -57.23 16.59
CA CYS G 452 -1.92 -57.65 15.19
C CYS G 452 -1.39 -56.57 14.26
N GLY G 453 -1.09 -57.00 13.02
CA GLY G 453 -0.64 -56.02 12.04
C GLY G 453 -1.76 -55.15 11.50
N ILE G 454 -2.99 -55.62 11.58
CA ILE G 454 -4.18 -54.87 11.17
C ILE G 454 -5.11 -54.77 12.37
N VAL G 455 -5.42 -53.54 12.79
CA VAL G 455 -6.16 -53.29 14.03
C VAL G 455 -7.34 -52.39 13.66
N ASN G 456 -8.52 -52.98 13.55
CA ASN G 456 -9.68 -52.28 12.99
C ASN G 456 -10.71 -51.94 14.06
N VAL G 457 -11.56 -50.96 13.75
CA VAL G 457 -12.61 -50.49 14.65
C VAL G 457 -13.89 -50.30 13.84
N ASN G 458 -14.94 -51.03 14.20
CA ASN G 458 -16.25 -50.95 13.56
C ASN G 458 -16.19 -51.24 12.08
N ILE G 459 -15.19 -52.02 11.67
CA ILE G 459 -15.11 -52.58 10.33
C ILE G 459 -14.47 -53.95 10.55
N PRO G 460 -14.87 -55.00 9.84
CA PRO G 460 -14.35 -56.34 10.17
C PRO G 460 -12.89 -56.54 9.80
N THR G 461 -12.43 -57.78 9.94
CA THR G 461 -11.01 -58.09 9.84
C THR G 461 -10.48 -57.99 8.42
N SER G 462 -11.33 -57.93 7.40
CA SER G 462 -10.85 -57.77 6.03
C SER G 462 -10.78 -56.31 5.58
N GLY G 463 -10.99 -55.36 6.51
CA GLY G 463 -10.84 -53.94 6.21
C GLY G 463 -9.40 -53.51 6.04
N ALA G 464 -9.00 -53.34 4.78
CA ALA G 464 -7.65 -52.94 4.41
C ALA G 464 -7.70 -52.40 2.99
N GLU G 465 -6.89 -51.39 2.73
CA GLU G 465 -6.77 -50.76 1.42
C GLU G 465 -5.30 -50.60 1.08
N ILE G 466 -5.01 -50.32 -0.19
CA ILE G 466 -3.61 -50.28 -0.63
C ILE G 466 -2.84 -49.13 0.01
N GLY G 467 -3.52 -48.05 0.42
CA GLY G 467 -2.84 -46.90 1.00
C GLY G 467 -1.98 -47.23 2.21
N GLY G 468 -2.35 -48.25 2.98
CA GLY G 468 -1.62 -48.65 4.15
C GLY G 468 -0.77 -49.89 3.87
N ALA G 469 0.20 -50.14 4.76
CA ALA G 469 0.98 -51.36 4.69
C ALA G 469 0.14 -52.54 5.19
N PHE G 470 0.26 -53.66 4.50
CA PHE G 470 -0.52 -54.85 4.79
C PHE G 470 0.40 -55.97 5.26
N GLY G 471 0.08 -56.54 6.41
CA GLY G 471 0.86 -57.64 6.94
C GLY G 471 0.56 -57.83 8.40
N GLY G 472 1.17 -58.88 8.97
CA GLY G 472 0.89 -59.28 10.33
C GLY G 472 2.15 -59.41 11.18
N GLU G 473 1.93 -59.77 12.44
CA GLU G 473 3.00 -59.99 13.41
C GLU G 473 2.95 -61.44 13.86
N LYS G 474 3.93 -61.81 14.68
CA LYS G 474 4.01 -63.16 15.28
C LYS G 474 4.10 -64.19 14.15
N HIS G 475 3.36 -65.30 14.22
CA HIS G 475 3.52 -66.29 13.16
C HIS G 475 2.99 -65.81 11.82
N THR G 476 2.41 -64.62 11.72
CA THR G 476 2.05 -64.12 10.39
C THR G 476 3.28 -63.65 9.61
N GLY G 477 4.43 -63.46 10.26
CA GLY G 477 5.69 -63.34 9.58
C GLY G 477 6.35 -61.97 9.60
N GLY G 478 5.58 -60.90 9.76
CA GLY G 478 6.19 -59.58 9.91
C GLY G 478 6.36 -58.81 8.61
N GLY G 479 6.24 -59.46 7.46
CA GLY G 479 6.32 -58.74 6.21
C GLY G 479 5.17 -57.79 6.03
N ARG G 480 5.40 -56.80 5.17
CA ARG G 480 4.40 -55.79 4.83
C ARG G 480 4.39 -55.58 3.33
N GLU G 481 3.20 -55.33 2.79
CA GLU G 481 3.01 -55.15 1.36
C GLU G 481 2.19 -53.89 1.10
N SER G 482 2.21 -53.48 -0.16
CA SER G 482 1.39 -52.39 -0.69
C SER G 482 1.88 -51.02 -0.20
N GLY G 483 1.15 -50.39 0.70
CA GLY G 483 1.27 -48.96 0.95
C GLY G 483 2.24 -48.55 2.02
N SER G 484 2.07 -47.32 2.48
CA SER G 484 3.01 -46.67 3.40
C SER G 484 4.42 -46.83 2.87
N ASP G 485 5.40 -47.09 3.73
CA ASP G 485 6.76 -47.28 3.23
C ASP G 485 7.11 -48.75 3.13
N ALA G 486 6.10 -49.58 2.84
CA ALA G 486 6.40 -51.00 2.61
C ALA G 486 7.41 -51.15 1.48
N TRP G 487 7.47 -50.16 0.57
CA TRP G 487 8.42 -50.21 -0.53
C TRP G 487 9.86 -50.37 -0.03
N LYS G 488 10.15 -50.00 1.22
CA LYS G 488 11.52 -50.10 1.72
C LYS G 488 12.03 -51.56 1.82
N GLN G 489 11.15 -52.56 1.96
CA GLN G 489 11.61 -53.94 1.97
C GLN G 489 12.17 -54.41 0.63
N TYR G 490 11.80 -53.75 -0.46
CA TYR G 490 12.20 -54.12 -1.80
C TYR G 490 13.46 -53.38 -2.25
N MET G 491 14.09 -52.62 -1.34
CA MET G 491 15.27 -51.84 -1.65
C MET G 491 16.29 -51.98 -0.53
N ARG G 492 17.53 -51.59 -0.83
CA ARG G 492 18.58 -51.52 0.18
C ARG G 492 18.91 -50.07 0.50
N ARG G 493 18.95 -49.76 1.79
CA ARG G 493 19.29 -48.44 2.29
C ARG G 493 20.80 -48.31 2.39
N SER G 494 21.33 -47.17 1.97
CA SER G 494 22.72 -46.83 2.20
C SER G 494 22.80 -45.45 2.83
N THR G 495 23.65 -45.33 3.83
CA THR G 495 23.91 -44.05 4.49
C THR G 495 25.23 -43.54 3.92
N CYS G 496 25.19 -42.42 3.22
CA CYS G 496 26.29 -42.01 2.37
C CYS G 496 26.86 -40.69 2.85
N THR G 497 28.14 -40.68 3.19
CA THR G 497 28.84 -39.47 3.55
C THR G 497 29.75 -39.04 2.41
N ILE G 498 29.55 -37.81 1.94
CA ILE G 498 30.36 -37.23 0.87
C ILE G 498 31.13 -36.06 1.46
N ASN G 499 32.45 -36.20 1.54
CA ASN G 499 33.34 -35.09 1.83
C ASN G 499 33.65 -34.40 0.51
N TYR G 500 33.14 -33.19 0.36
CA TYR G 500 33.42 -32.37 -0.81
C TYR G 500 34.44 -31.27 -0.52
N SER G 501 34.99 -31.25 0.69
CA SER G 501 35.88 -30.16 1.08
C SER G 501 37.31 -30.41 0.63
N LYS G 502 38.13 -29.37 0.78
CA LYS G 502 39.57 -29.49 0.62
C LYS G 502 40.24 -29.91 1.92
N ASP G 503 39.48 -30.03 3.00
CA ASP G 503 40.05 -30.35 4.30
C ASP G 503 40.51 -31.80 4.31
N LEU G 504 41.69 -32.03 4.92
CA LEU G 504 42.45 -33.24 5.19
C LEU G 504 42.30 -33.63 6.66
N PRO G 505 42.31 -34.92 7.01
CA PRO G 505 42.30 -35.28 8.42
C PRO G 505 43.62 -34.90 9.07
N LEU G 506 43.54 -34.56 10.36
CA LEU G 506 44.74 -34.19 11.11
C LEU G 506 45.75 -35.32 11.13
N ALA G 507 47.01 -34.98 10.88
CA ALA G 507 48.08 -35.97 10.79
C ALA G 507 48.42 -36.56 12.15
N GLN G 508 48.05 -35.88 13.23
CA GLN G 508 48.32 -36.34 14.60
C GLN G 508 49.81 -36.65 14.79
N GLY G 509 50.66 -35.78 14.23
CA GLY G 509 52.10 -35.89 14.36
C GLY G 509 52.78 -36.78 13.35
N ILE G 510 52.04 -37.45 12.48
CA ILE G 510 52.65 -38.25 11.44
C ILE G 510 53.01 -37.34 10.28
N LYS G 511 54.21 -37.53 9.72
CA LYS G 511 54.68 -36.70 8.61
C LYS G 511 54.21 -37.34 7.31
N PHE G 512 53.16 -36.76 6.73
CA PHE G 512 52.62 -37.16 5.43
C PHE G 512 53.24 -36.31 4.32
N GLN G 513 53.60 -36.96 3.22
CA GLN G 513 54.27 -36.29 2.09
C GLN G 513 53.47 -35.09 1.58
N THR H 5 47.73 -60.09 41.47
CA THR H 5 46.98 -59.02 42.11
C THR H 5 46.12 -58.27 41.10
N LEU H 6 44.91 -57.88 41.53
CA LEU H 6 43.97 -57.20 40.65
C LEU H 6 44.36 -55.74 40.48
N LEU H 7 44.21 -55.22 39.26
CA LEU H 7 44.51 -53.81 39.04
C LEU H 7 43.68 -52.92 39.94
N ILE H 8 42.43 -53.32 40.22
CA ILE H 8 41.54 -52.48 41.01
C ILE H 8 42.02 -52.33 42.46
N ASN H 9 42.83 -53.25 42.97
CA ASN H 9 43.36 -53.12 44.32
C ASN H 9 44.66 -52.33 44.39
N GLN H 10 45.20 -51.89 43.25
CA GLN H 10 46.38 -51.05 43.19
C GLN H 10 45.96 -49.58 43.20
N PRO H 11 46.65 -48.75 44.00
CA PRO H 11 46.21 -47.35 44.15
C PRO H 11 46.19 -46.57 42.85
N GLN H 12 47.02 -46.92 41.88
CA GLN H 12 47.04 -46.23 40.59
C GLN H 12 45.68 -46.27 39.92
N TYR H 13 44.86 -47.29 40.21
CA TYR H 13 43.59 -47.47 39.54
C TYR H 13 42.40 -47.24 40.48
N ALA H 14 42.61 -46.45 41.54
CA ALA H 14 41.53 -46.16 42.46
C ALA H 14 40.41 -45.39 41.78
N TRP H 15 40.70 -44.78 40.63
CA TRP H 15 39.65 -44.08 39.89
C TRP H 15 38.53 -45.03 39.47
N LEU H 16 38.81 -46.33 39.35
CA LEU H 16 37.75 -47.30 39.04
C LEU H 16 36.61 -47.24 40.06
N LYS H 17 36.92 -46.89 41.31
CA LYS H 17 35.88 -46.84 42.34
C LYS H 17 34.85 -45.76 42.03
N GLU H 18 35.24 -44.73 41.27
CA GLU H 18 34.31 -43.67 40.87
C GLU H 18 33.19 -44.20 40.00
N LEU H 19 33.38 -45.37 39.40
CA LEU H 19 32.36 -46.04 38.62
C LEU H 19 31.59 -47.08 39.45
N GLY H 20 31.81 -47.11 40.77
CA GLY H 20 31.17 -48.08 41.61
C GLY H 20 31.75 -49.47 41.51
N LEU H 21 32.91 -49.62 40.91
CA LEU H 21 33.51 -50.92 40.73
C LEU H 21 34.31 -51.32 41.96
N ARG H 22 34.30 -52.61 42.25
CA ARG H 22 35.09 -53.15 43.35
C ARG H 22 35.76 -54.43 42.85
N GLU H 23 36.42 -55.14 43.77
CA GLU H 23 37.14 -56.37 43.42
C GLU H 23 36.21 -57.37 42.74
N GLU H 24 35.09 -57.70 43.39
CA GLU H 24 34.11 -58.63 42.84
C GLU H 24 32.77 -57.91 42.71
N ASN H 25 32.24 -57.82 41.48
CA ASN H 25 31.06 -57.02 41.19
C ASN H 25 29.88 -57.90 40.76
N GLU H 26 28.68 -57.50 41.17
CA GLU H 26 27.49 -58.18 40.68
C GLU H 26 27.27 -57.80 39.22
N GLY H 27 27.09 -58.81 38.38
CA GLY H 27 26.86 -58.64 36.96
C GLY H 27 25.44 -58.84 36.51
N VAL H 28 24.49 -58.92 37.43
CA VAL H 28 23.08 -58.99 37.10
C VAL H 28 22.39 -57.82 37.77
N TYR H 29 21.58 -57.09 37.00
CA TYR H 29 20.74 -56.04 37.56
C TYR H 29 19.35 -56.12 36.96
N ASN H 30 18.34 -56.17 37.81
CA ASN H 30 16.96 -56.18 37.35
C ASN H 30 16.07 -55.33 38.24
N GLY H 31 16.67 -54.29 38.86
CA GLY H 31 16.12 -53.60 40.01
C GLY H 31 16.86 -53.91 41.29
N SER H 32 17.36 -55.13 41.42
CA SER H 32 18.33 -55.52 42.45
C SER H 32 19.58 -56.06 41.76
N TRP H 33 20.70 -56.01 42.48
CA TRP H 33 21.97 -56.52 41.98
C TRP H 33 22.21 -57.93 42.48
N GLY H 34 22.69 -58.79 41.59
CA GLY H 34 23.00 -60.15 41.95
C GLY H 34 23.92 -60.82 40.93
N GLY H 35 23.89 -62.15 40.92
CA GLY H 35 24.73 -62.94 40.05
C GLY H 35 25.18 -64.23 40.71
N ARG H 36 24.55 -65.34 40.36
CA ARG H 36 24.89 -66.64 40.94
C ARG H 36 25.67 -67.53 39.99
N GLY H 37 25.97 -67.06 38.78
CA GLY H 37 26.73 -67.84 37.82
C GLY H 37 28.24 -67.80 38.08
N GLU H 38 28.98 -68.22 37.06
CA GLU H 38 30.43 -68.29 37.22
C GLU H 38 31.00 -66.89 37.34
N VAL H 39 31.98 -66.74 38.23
CA VAL H 39 32.65 -65.46 38.41
C VAL H 39 33.76 -65.37 37.37
N ILE H 40 33.75 -64.32 36.56
CA ILE H 40 34.72 -64.12 35.50
C ILE H 40 35.64 -62.97 35.88
N THR H 41 36.92 -63.16 35.59
CA THR H 41 37.93 -62.13 35.78
C THR H 41 38.27 -61.54 34.43
N THR H 42 38.17 -60.23 34.29
CA THR H 42 38.54 -59.57 33.06
C THR H 42 39.95 -58.98 33.18
N TYR H 43 40.62 -58.89 32.03
CA TYR H 43 42.03 -58.56 31.99
C TYR H 43 42.26 -57.30 31.16
N CYS H 44 43.33 -56.58 31.53
CA CYS H 44 43.81 -55.46 30.72
C CYS H 44 44.65 -56.03 29.58
N PRO H 45 44.21 -55.88 28.34
CA PRO H 45 44.98 -56.43 27.20
C PRO H 45 46.31 -55.73 26.96
N ALA H 46 46.55 -54.56 27.55
CA ALA H 46 47.83 -53.88 27.35
C ALA H 46 48.95 -54.50 28.16
N ASN H 47 48.64 -55.23 29.24
CA ASN H 47 49.64 -55.87 30.07
C ASN H 47 49.23 -57.24 30.60
N ASN H 48 48.07 -57.76 30.21
CA ASN H 48 47.57 -59.07 30.64
C ASN H 48 47.43 -59.20 32.16
N GLU H 49 47.21 -58.08 32.86
CA GLU H 49 46.95 -58.09 34.31
C GLU H 49 45.44 -58.15 34.58
N PRO H 50 45.03 -58.88 35.60
CA PRO H 50 43.60 -58.92 35.94
C PRO H 50 43.16 -57.58 36.52
N ILE H 51 41.95 -57.14 36.14
CA ILE H 51 41.42 -55.86 36.63
C ILE H 51 40.51 -56.09 37.84
N ALA H 52 39.43 -56.83 37.64
CA ALA H 52 38.43 -57.12 38.66
C ALA H 52 37.58 -58.30 38.19
N ARG H 53 36.62 -58.70 39.01
CA ARG H 53 35.77 -59.84 38.75
C ARG H 53 34.30 -59.44 38.64
N VAL H 54 33.54 -60.26 37.94
CA VAL H 54 32.11 -60.05 37.74
C VAL H 54 31.42 -61.39 37.89
N ARG H 55 30.41 -61.45 38.77
CA ARG H 55 29.60 -62.65 38.94
C ARG H 55 28.52 -62.65 37.85
N GLN H 56 28.58 -63.63 36.95
CA GLN H 56 27.68 -63.67 35.82
C GLN H 56 26.33 -64.27 36.23
N ALA H 57 25.39 -64.25 35.29
CA ALA H 57 24.04 -64.72 35.55
C ALA H 57 23.97 -66.24 35.53
N SER H 58 23.30 -66.80 36.53
CA SER H 58 22.87 -68.17 36.42
C SER H 58 21.61 -68.24 35.56
N VAL H 59 21.17 -69.47 35.28
CA VAL H 59 19.91 -69.62 34.56
C VAL H 59 18.77 -68.97 35.37
N ALA H 60 18.72 -69.27 36.67
CA ALA H 60 17.68 -68.68 37.52
C ALA H 60 17.78 -67.15 37.50
N ASP H 61 19.01 -66.61 37.54
CA ASP H 61 19.20 -65.18 37.41
C ASP H 61 18.57 -64.66 36.13
N TYR H 62 18.85 -65.36 35.03
CA TYR H 62 18.29 -64.95 33.74
C TYR H 62 16.76 -64.98 33.78
N GLU H 63 16.19 -66.07 34.30
CA GLU H 63 14.73 -66.20 34.36
C GLU H 63 14.11 -65.08 35.18
N GLU H 64 14.64 -64.84 36.38
CA GLU H 64 14.07 -63.82 37.26
C GLU H 64 14.15 -62.43 36.64
N THR H 65 15.23 -62.17 35.89
CA THR H 65 15.41 -60.87 35.25
C THR H 65 14.41 -60.62 34.12
N VAL H 66 14.17 -61.62 33.28
CA VAL H 66 13.23 -61.43 32.16
C VAL H 66 11.82 -61.14 32.68
N LYS H 67 11.37 -61.92 33.66
CA LYS H 67 10.06 -61.69 34.27
C LYS H 67 9.97 -60.29 34.87
N LYS H 68 11.00 -59.85 35.59
CA LYS H 68 10.96 -58.53 36.18
C LYS H 68 10.93 -57.45 35.11
N ALA H 69 11.69 -57.66 34.04
CA ALA H 69 11.71 -56.73 32.93
C ALA H 69 10.34 -56.62 32.31
N ARG H 70 9.71 -57.77 32.07
CA ARG H 70 8.39 -57.78 31.45
C ARG H 70 7.33 -57.17 32.36
N GLU H 71 7.48 -57.35 33.68
CA GLU H 71 6.63 -56.59 34.61
C GLU H 71 6.89 -55.12 34.47
N ALA H 72 8.17 -54.73 34.43
CA ALA H 72 8.51 -53.33 34.27
C ALA H 72 7.94 -52.76 32.98
N TRP H 73 7.85 -53.59 31.93
CA TRP H 73 7.32 -53.04 30.68
C TRP H 73 5.89 -52.57 30.85
N LYS H 74 5.10 -53.22 31.72
CA LYS H 74 3.72 -52.78 31.91
C LYS H 74 3.65 -51.32 32.37
N ILE H 75 4.57 -50.90 33.24
CA ILE H 75 4.63 -49.51 33.67
C ILE H 75 5.23 -48.62 32.60
N TRP H 76 6.33 -49.08 32.00
CA TRP H 76 7.14 -48.22 31.15
C TRP H 76 6.42 -47.88 29.85
N ALA H 77 5.70 -48.83 29.28
CA ALA H 77 4.97 -48.57 28.05
C ALA H 77 3.81 -47.62 28.26
N ASP H 78 3.30 -47.51 29.49
CA ASP H 78 2.25 -46.56 29.82
C ASP H 78 2.78 -45.13 29.97
N ILE H 79 4.09 -44.95 30.03
CA ILE H 79 4.65 -43.62 30.16
C ILE H 79 4.73 -42.98 28.77
N PRO H 80 4.14 -41.79 28.60
CA PRO H 80 4.17 -41.14 27.27
C PRO H 80 5.60 -40.96 26.77
N ALA H 81 5.78 -41.16 25.46
CA ALA H 81 7.10 -41.09 24.85
C ALA H 81 7.91 -39.85 25.24
N PRO H 82 7.35 -38.63 25.24
CA PRO H 82 8.17 -37.47 25.63
C PRO H 82 8.74 -37.57 27.03
N LYS H 83 7.99 -38.16 27.95
CA LYS H 83 8.51 -38.34 29.30
C LYS H 83 9.56 -39.46 29.32
N ARG H 84 9.39 -40.50 28.49
CA ARG H 84 10.46 -41.48 28.31
C ARG H 84 11.72 -40.81 27.76
N GLY H 85 11.55 -39.81 26.89
CA GLY H 85 12.68 -39.02 26.39
C GLY H 85 13.38 -38.25 27.49
N GLU H 86 12.61 -37.75 28.46
CA GLU H 86 13.19 -37.06 29.59
C GLU H 86 14.13 -37.97 30.37
N ILE H 87 13.72 -39.22 30.56
CA ILE H 87 14.59 -40.20 31.23
C ILE H 87 15.87 -40.41 30.44
N VAL H 88 15.75 -40.57 29.11
CA VAL H 88 16.91 -40.78 28.27
C VAL H 88 17.80 -39.53 28.26
N ARG H 89 17.19 -38.32 28.28
CA ARG H 89 17.98 -37.10 28.43
C ARG H 89 18.82 -37.13 29.71
N GLN H 90 18.22 -37.56 30.82
CA GLN H 90 18.93 -37.63 32.10
C GLN H 90 20.05 -38.67 32.06
N ILE H 91 19.83 -39.79 31.37
CA ILE H 91 20.92 -40.74 31.12
C ILE H 91 22.07 -40.06 30.38
N GLY H 92 21.74 -39.28 29.35
CA GLY H 92 22.77 -38.54 28.64
C GLY H 92 23.59 -37.65 29.55
N ASP H 93 22.92 -36.94 30.46
CA ASP H 93 23.65 -36.12 31.42
C ASP H 93 24.47 -36.96 32.39
N ALA H 94 23.90 -38.09 32.84
CA ALA H 94 24.64 -38.95 33.76
C ALA H 94 25.92 -39.47 33.12
N LEU H 95 25.84 -39.80 31.82
CA LEU H 95 27.04 -40.22 31.08
C LEU H 95 28.05 -39.08 30.97
N ARG H 96 27.57 -37.87 30.67
CA ARG H 96 28.45 -36.71 30.58
C ARG H 96 29.31 -36.57 31.81
N GLU H 97 28.70 -36.71 32.99
CA GLU H 97 29.40 -36.54 34.25
C GLU H 97 30.50 -37.58 34.46
N LYS H 98 30.38 -38.75 33.82
CA LYS H 98 31.32 -39.84 34.00
C LYS H 98 32.18 -40.07 32.76
N ILE H 99 32.16 -39.15 31.80
CA ILE H 99 32.71 -39.44 30.48
C ILE H 99 34.21 -39.76 30.57
N GLN H 100 34.93 -39.09 31.46
CA GLN H 100 36.37 -39.32 31.54
C GLN H 100 36.67 -40.68 32.17
N VAL H 101 36.11 -40.96 33.35
CA VAL H 101 36.38 -42.24 34.01
C VAL H 101 35.80 -43.41 33.22
N LEU H 102 34.63 -43.22 32.59
CA LEU H 102 34.07 -44.32 31.81
C LEU H 102 34.96 -44.62 30.60
N GLY H 103 35.39 -43.57 29.88
CA GLY H 103 36.30 -43.77 28.77
C GLY H 103 37.61 -44.39 29.21
N SER H 104 38.09 -44.02 30.39
CA SER H 104 39.30 -44.63 30.94
C SER H 104 39.07 -46.12 31.18
N LEU H 105 37.88 -46.49 31.62
CA LEU H 105 37.58 -47.90 31.77
C LEU H 105 37.53 -48.61 30.43
N VAL H 106 36.94 -47.98 29.41
CA VAL H 106 36.94 -48.58 28.08
C VAL H 106 38.37 -48.82 27.61
N SER H 107 39.24 -47.82 27.77
CA SER H 107 40.64 -48.00 27.41
C SER H 107 41.28 -49.12 28.21
N LEU H 108 40.93 -49.24 29.49
CA LEU H 108 41.59 -50.21 30.36
C LEU H 108 41.17 -51.63 30.02
N GLU H 109 39.86 -51.89 29.95
CA GLU H 109 39.35 -53.26 29.81
C GLU H 109 39.28 -53.72 28.36
N MET H 110 38.99 -52.81 27.43
CA MET H 110 38.87 -53.18 26.03
C MET H 110 40.18 -52.98 25.28
N GLY H 111 40.86 -51.85 25.51
CA GLY H 111 42.20 -51.62 25.00
C GLY H 111 42.36 -50.55 23.93
N LYS H 112 41.28 -49.88 23.53
CA LYS H 112 41.40 -48.79 22.56
C LYS H 112 41.90 -47.51 23.25
N ILE H 113 42.41 -46.59 22.43
CA ILE H 113 43.03 -45.36 22.96
C ILE H 113 41.99 -44.48 23.63
N LEU H 114 42.49 -43.59 24.50
CA LEU H 114 41.62 -42.83 25.39
C LEU H 114 40.64 -41.97 24.59
N VAL H 115 41.13 -41.24 23.59
CA VAL H 115 40.25 -40.34 22.83
C VAL H 115 39.10 -41.14 22.21
N GLU H 116 39.34 -42.40 21.88
CA GLU H 116 38.28 -43.26 21.36
C GLU H 116 37.41 -43.82 22.47
N GLY H 117 38.00 -44.09 23.64
CA GLY H 117 37.18 -44.48 24.79
C GLY H 117 36.21 -43.39 25.21
N VAL H 118 36.70 -42.15 25.30
CA VAL H 118 35.84 -41.01 25.61
C VAL H 118 34.82 -40.78 24.50
N GLY H 119 35.29 -40.81 23.25
CA GLY H 119 34.41 -40.59 22.11
C GLY H 119 33.28 -41.60 22.05
N GLU H 120 33.56 -42.85 22.42
CA GLU H 120 32.51 -43.87 22.46
C GLU H 120 31.43 -43.47 23.44
N VAL H 121 31.82 -42.97 24.61
CA VAL H 121 30.83 -42.48 25.56
C VAL H 121 30.14 -41.26 24.97
N GLN H 122 30.89 -40.42 24.25
CA GLN H 122 30.31 -39.23 23.63
C GLN H 122 29.20 -39.59 22.65
N GLU H 123 29.39 -40.68 21.90
CA GLU H 123 28.33 -41.17 21.02
C GLU H 123 27.08 -41.55 21.80
N TYR H 124 27.24 -42.20 22.96
CA TYR H 124 26.10 -42.54 23.78
C TYR H 124 25.40 -41.27 24.27
N VAL H 125 26.20 -40.30 24.73
CA VAL H 125 25.66 -38.99 25.06
C VAL H 125 24.93 -38.40 23.85
N ASP H 126 25.58 -38.47 22.68
CA ASP H 126 25.00 -37.87 21.50
C ASP H 126 23.68 -38.53 21.14
N ILE H 127 23.64 -39.86 21.13
CA ILE H 127 22.39 -40.49 20.72
C ILE H 127 21.28 -40.19 21.73
N CYS H 128 21.63 -40.03 23.02
CA CYS H 128 20.62 -39.66 24.00
C CYS H 128 19.97 -38.33 23.65
N ASP H 129 20.78 -37.30 23.39
CA ASP H 129 20.22 -36.00 23.08
C ASP H 129 19.36 -36.06 21.82
N TYR H 130 19.81 -36.85 20.84
CA TYR H 130 19.03 -37.11 19.64
C TYR H 130 17.69 -37.76 19.98
N ALA H 131 17.72 -38.81 20.81
CA ALA H 131 16.51 -39.55 21.13
C ALA H 131 15.49 -38.72 21.91
N VAL H 132 15.93 -37.65 22.59
CA VAL H 132 15.00 -36.77 23.29
C VAL H 132 14.03 -36.12 22.31
N GLY H 133 14.56 -35.59 21.22
CA GLY H 133 13.70 -35.02 20.21
C GLY H 133 12.87 -36.07 19.51
N LEU H 134 13.52 -37.20 19.18
CA LEU H 134 12.83 -38.29 18.51
C LEU H 134 11.63 -38.78 19.31
N SER H 135 11.70 -38.67 20.64
CA SER H 135 10.60 -39.12 21.50
C SER H 135 9.35 -38.27 21.34
N ARG H 136 9.46 -37.07 20.77
CA ARG H 136 8.29 -36.28 20.43
C ARG H 136 7.88 -36.44 18.98
N MET H 137 8.54 -37.32 18.24
CA MET H 137 8.31 -37.45 16.79
C MET H 137 7.84 -38.82 16.33
N ILE H 138 8.20 -39.90 17.03
CA ILE H 138 7.94 -41.25 16.54
C ILE H 138 6.45 -41.47 16.35
N GLY H 139 6.11 -42.13 15.25
CA GLY H 139 4.74 -42.41 14.90
C GLY H 139 4.63 -42.62 13.41
N GLY H 140 3.40 -42.78 12.95
CA GLY H 140 3.13 -43.04 11.56
C GLY H 140 2.13 -42.04 11.01
N PRO H 141 1.85 -42.14 9.72
CA PRO H 141 0.94 -41.18 9.10
C PRO H 141 -0.53 -41.49 9.36
N ILE H 142 -1.32 -40.43 9.37
CA ILE H 142 -2.76 -40.52 9.12
C ILE H 142 -2.95 -40.47 7.62
N LEU H 143 -3.48 -41.48 7.08
CA LEU H 143 -3.62 -41.62 5.65
C LEU H 143 -5.06 -41.34 5.23
N PRO H 144 -5.25 -40.87 4.02
CA PRO H 144 -6.62 -40.61 3.56
C PRO H 144 -7.30 -41.93 3.18
N SER H 145 -8.33 -42.31 3.93
CA SER H 145 -9.04 -43.54 3.62
C SER H 145 -9.87 -43.38 2.35
N GLU H 146 -9.95 -44.44 1.57
CA GLU H 146 -10.83 -44.53 0.40
C GLU H 146 -12.28 -44.75 0.80
N ARG H 147 -12.54 -45.08 2.06
CA ARG H 147 -13.88 -45.38 2.54
C ARG H 147 -14.45 -44.15 3.24
N SER H 148 -15.59 -43.67 2.74
CA SER H 148 -16.26 -42.55 3.37
C SER H 148 -16.56 -42.91 4.83
N GLY H 149 -16.39 -41.93 5.72
CA GLY H 149 -16.64 -42.15 7.13
C GLY H 149 -15.65 -43.06 7.83
N HIS H 150 -14.47 -43.28 7.24
CA HIS H 150 -13.44 -44.09 7.87
C HIS H 150 -12.17 -43.26 8.01
N ALA H 151 -11.45 -43.51 9.09
CA ALA H 151 -10.10 -43.01 9.27
C ALA H 151 -9.14 -44.16 9.06
N LEU H 152 -7.96 -43.83 8.55
CA LEU H 152 -6.89 -44.81 8.37
C LEU H 152 -5.63 -44.26 9.02
N ILE H 153 -5.14 -44.94 10.03
CA ILE H 153 -3.98 -44.44 10.76
C ILE H 153 -2.96 -45.55 10.87
N GLU H 154 -1.69 -45.19 10.76
CA GLU H 154 -0.59 -46.13 10.98
C GLU H 154 -0.01 -45.85 12.36
N GLN H 155 -0.14 -46.83 13.25
CA GLN H 155 0.31 -46.78 14.63
C GLN H 155 1.61 -47.55 14.81
N TRP H 156 2.40 -47.11 15.78
CA TRP H 156 3.61 -47.79 16.20
C TRP H 156 3.56 -48.00 17.71
N ASN H 157 3.88 -49.21 18.16
CA ASN H 157 3.88 -49.50 19.58
C ASN H 157 5.11 -50.32 19.92
N PRO H 158 5.60 -50.27 21.15
CA PRO H 158 6.79 -51.05 21.50
C PRO H 158 6.59 -52.55 21.27
N VAL H 159 7.68 -53.23 20.95
CA VAL H 159 7.61 -54.67 20.81
C VAL H 159 7.62 -55.35 22.18
N GLY H 160 8.11 -54.67 23.20
CA GLY H 160 8.12 -55.22 24.54
C GLY H 160 9.50 -55.27 25.14
N LEU H 161 10.07 -56.46 25.21
CA LEU H 161 11.39 -56.64 25.76
C LEU H 161 12.38 -56.71 24.60
N VAL H 162 13.34 -55.80 24.60
CA VAL H 162 14.40 -55.76 23.59
C VAL H 162 15.66 -56.33 24.24
N GLY H 163 16.05 -57.53 23.79
CA GLY H 163 17.35 -58.06 24.16
C GLY H 163 18.44 -57.43 23.32
N ILE H 164 19.56 -57.11 23.97
CA ILE H 164 20.68 -56.43 23.33
C ILE H 164 21.95 -57.19 23.68
N ILE H 165 22.51 -57.89 22.69
CA ILE H 165 23.79 -58.58 22.80
C ILE H 165 24.80 -57.76 22.02
N THR H 166 25.91 -57.43 22.66
CA THR H 166 26.90 -56.52 22.10
C THR H 166 28.28 -57.16 22.08
N ALA H 167 29.16 -56.60 21.26
CA ALA H 167 30.51 -57.12 21.03
C ALA H 167 31.53 -56.41 21.92
N PHE H 168 32.74 -56.96 21.95
CA PHE H 168 33.76 -56.41 22.83
C PHE H 168 34.26 -55.07 22.36
N ASN H 169 34.19 -54.82 21.06
CA ASN H 169 35.01 -53.77 20.48
C ASN H 169 34.39 -52.39 20.65
N PHE H 170 33.08 -52.32 20.79
CA PHE H 170 32.40 -51.06 21.17
C PHE H 170 31.48 -51.37 22.32
N PRO H 171 32.04 -51.58 23.50
CA PRO H 171 31.27 -52.10 24.64
C PRO H 171 30.35 -51.07 25.31
N VAL H 172 30.30 -49.83 24.82
CA VAL H 172 29.38 -48.82 25.33
C VAL H 172 28.42 -48.35 24.23
N ALA H 173 28.99 -47.87 23.11
CA ALA H 173 28.18 -47.21 22.08
C ALA H 173 27.13 -48.13 21.48
N VAL H 174 27.50 -49.37 21.14
CA VAL H 174 26.53 -50.25 20.49
C VAL H 174 25.30 -50.39 21.39
N TYR H 175 25.53 -50.75 22.65
CA TYR H 175 24.43 -50.79 23.60
C TYR H 175 23.73 -49.44 23.69
N GLY H 176 24.51 -48.37 23.83
CA GLY H 176 23.93 -47.03 23.91
C GLY H 176 22.96 -46.74 22.78
N TRP H 177 23.37 -47.03 21.54
CA TRP H 177 22.48 -46.83 20.40
C TRP H 177 21.17 -47.59 20.57
N ASN H 178 21.25 -48.87 20.94
CA ASN H 178 20.05 -49.67 21.13
C ASN H 178 19.27 -49.22 22.36
N ASN H 179 19.96 -48.85 23.43
CA ASN H 179 19.26 -48.50 24.67
C ASN H 179 18.43 -47.23 24.51
N ALA H 180 19.06 -46.16 24.00
CA ALA H 180 18.37 -44.89 23.86
C ALA H 180 17.14 -45.01 22.97
N ILE H 181 17.29 -45.65 21.81
CA ILE H 181 16.17 -45.74 20.87
C ILE H 181 15.10 -46.69 21.39
N ALA H 182 15.50 -47.87 21.88
CA ALA H 182 14.52 -48.82 22.40
C ALA H 182 13.72 -48.22 23.55
N MET H 183 14.36 -47.38 24.38
CA MET H 183 13.70 -46.80 25.54
C MET H 183 12.66 -45.76 25.14
N ILE H 184 13.01 -44.82 24.25
CA ILE H 184 11.98 -43.83 23.89
C ILE H 184 10.84 -44.53 23.18
N CYS H 185 11.14 -45.66 22.53
CA CYS H 185 10.14 -46.44 21.84
C CYS H 185 9.29 -47.30 22.79
N GLY H 186 9.45 -47.14 24.10
CA GLY H 186 8.57 -47.83 25.03
C GLY H 186 8.95 -49.25 25.34
N ASN H 187 10.17 -49.64 25.05
CA ASN H 187 10.64 -50.98 25.32
C ASN H 187 11.43 -51.00 26.63
N VAL H 188 11.43 -52.16 27.27
CA VAL H 188 12.41 -52.44 28.29
C VAL H 188 13.59 -53.15 27.61
N CYS H 189 14.74 -53.12 28.26
CA CYS H 189 15.98 -53.63 27.67
C CYS H 189 16.57 -54.71 28.56
N LEU H 190 17.16 -55.71 27.92
CA LEU H 190 17.97 -56.71 28.60
C LEU H 190 19.31 -56.77 27.90
N TRP H 191 20.36 -56.41 28.61
CA TRP H 191 21.71 -56.32 28.07
C TRP H 191 22.53 -57.54 28.50
N LYS H 192 23.13 -58.21 27.52
CA LYS H 192 24.19 -59.20 27.74
C LYS H 192 25.38 -58.78 26.90
N GLY H 193 26.36 -58.15 27.54
CA GLY H 193 27.53 -57.67 26.84
C GLY H 193 28.54 -58.77 26.64
N ALA H 194 29.65 -58.39 26.02
CA ALA H 194 30.75 -59.33 25.83
C ALA H 194 31.39 -59.70 27.16
N PRO H 195 31.68 -60.98 27.41
CA PRO H 195 32.26 -61.37 28.71
C PRO H 195 33.56 -60.64 29.03
N THR H 196 34.42 -60.40 28.04
CA THR H 196 35.70 -59.75 28.31
C THR H 196 35.59 -58.24 28.50
N THR H 197 34.39 -57.68 28.41
CA THR H 197 34.15 -56.30 28.80
C THR H 197 33.03 -56.22 29.84
N SER H 198 33.01 -57.17 30.77
CA SER H 198 31.95 -57.21 31.78
C SER H 198 32.02 -56.03 32.74
N LEU H 199 33.23 -55.57 33.09
CA LEU H 199 33.35 -54.43 33.97
C LEU H 199 32.72 -53.19 33.36
N ILE H 200 32.92 -52.98 32.04
CA ILE H 200 32.30 -51.86 31.35
C ILE H 200 30.79 -51.95 31.41
N SER H 201 30.25 -53.14 31.12
CA SER H 201 28.80 -53.31 31.16
C SER H 201 28.25 -53.00 32.55
N VAL H 202 28.93 -53.48 33.59
CA VAL H 202 28.49 -53.16 34.95
C VAL H 202 28.57 -51.67 35.19
N ALA H 203 29.68 -51.04 34.78
CA ALA H 203 29.84 -49.61 35.00
C ALA H 203 28.73 -48.82 34.30
N VAL H 204 28.41 -49.18 33.06
CA VAL H 204 27.33 -48.49 32.38
C VAL H 204 26.01 -48.74 33.11
N THR H 205 25.73 -50.00 33.45
CA THR H 205 24.46 -50.33 34.09
C THR H 205 24.28 -49.55 35.39
N LYS H 206 25.36 -49.38 36.16
CA LYS H 206 25.26 -48.61 37.41
C LYS H 206 24.86 -47.17 37.13
N ILE H 207 25.40 -46.58 36.06
CA ILE H 207 25.07 -45.20 35.71
C ILE H 207 23.59 -45.08 35.34
N ILE H 208 23.08 -46.01 34.52
CA ILE H 208 21.68 -45.97 34.12
C ILE H 208 20.77 -46.27 35.30
N ALA H 209 21.16 -47.26 36.12
CA ALA H 209 20.34 -47.73 37.24
C ALA H 209 20.07 -46.61 38.23
N LYS H 210 21.07 -45.74 38.46
CA LYS H 210 20.86 -44.62 39.37
C LYS H 210 19.84 -43.63 38.83
N VAL H 211 19.91 -43.33 37.53
CA VAL H 211 18.92 -42.43 36.95
C VAL H 211 17.52 -43.02 37.07
N LEU H 212 17.39 -44.29 36.75
CA LEU H 212 16.09 -44.94 36.89
C LEU H 212 15.58 -44.88 38.33
N GLU H 213 16.45 -45.16 39.30
CA GLU H 213 16.02 -45.14 40.70
C GLU H 213 15.68 -43.72 41.16
N ASP H 214 16.45 -42.74 40.69
CA ASP H 214 16.15 -41.35 41.02
C ASP H 214 14.81 -40.91 40.45
N ASN H 215 14.37 -41.51 39.34
CA ASN H 215 13.06 -41.19 38.78
C ASN H 215 12.00 -42.16 39.24
N LYS H 216 12.30 -42.98 40.25
CA LYS H 216 11.34 -43.91 40.84
C LYS H 216 10.74 -44.83 39.78
N LEU H 217 11.58 -45.29 38.86
CA LEU H 217 11.18 -46.21 37.83
C LEU H 217 11.76 -47.57 38.15
N PRO H 218 11.09 -48.66 37.79
CA PRO H 218 11.68 -49.99 38.03
C PRO H 218 12.96 -50.15 37.23
N GLY H 219 14.03 -50.52 37.93
CA GLY H 219 15.32 -50.64 37.30
C GLY H 219 15.37 -51.65 36.17
N ALA H 220 14.46 -52.62 36.18
CA ALA H 220 14.48 -53.66 35.16
C ALA H 220 14.18 -53.13 33.77
N ILE H 221 13.76 -51.86 33.66
CA ILE H 221 13.63 -51.24 32.34
C ILE H 221 14.94 -51.33 31.58
N CYS H 222 16.06 -51.24 32.29
CA CYS H 222 17.39 -51.43 31.72
C CYS H 222 18.07 -52.54 32.51
N SER H 223 17.67 -53.78 32.26
CA SER H 223 18.20 -54.94 32.94
C SER H 223 19.51 -55.40 32.33
N LEU H 224 20.34 -56.03 33.15
CA LEU H 224 21.63 -56.54 32.73
C LEU H 224 21.80 -57.96 33.25
N THR H 225 22.17 -58.87 32.36
CA THR H 225 22.56 -60.25 32.69
C THR H 225 23.92 -60.53 32.04
N CYS H 226 25.00 -60.39 32.79
CA CYS H 226 26.32 -60.75 32.27
C CYS H 226 26.43 -62.25 32.05
N GLY H 227 27.02 -62.63 30.92
CA GLY H 227 27.17 -64.03 30.60
C GLY H 227 27.74 -64.19 29.20
N GLY H 228 27.96 -65.46 28.84
CA GLY H 228 28.52 -65.80 27.54
C GLY H 228 27.52 -66.41 26.56
N ALA H 229 27.96 -67.41 25.80
CA ALA H 229 27.11 -67.99 24.77
C ALA H 229 25.87 -68.65 25.34
N ASP H 230 25.91 -69.15 26.58
CA ASP H 230 24.72 -69.76 27.15
CA ASP H 230 24.73 -69.75 27.19
C ASP H 230 23.61 -68.73 27.38
N ILE H 231 23.94 -67.56 27.92
CA ILE H 231 22.92 -66.54 28.11
C ILE H 231 22.52 -65.92 26.77
N GLY H 232 23.48 -65.69 25.88
CA GLY H 232 23.14 -65.15 24.57
C GLY H 232 22.17 -66.06 23.84
N THR H 233 22.44 -67.36 23.90
CA THR H 233 21.58 -68.37 23.25
C THR H 233 20.20 -68.41 23.88
N ALA H 234 20.14 -68.39 25.21
CA ALA H 234 18.84 -68.36 25.88
C ALA H 234 18.01 -67.18 25.39
N MET H 235 18.63 -66.02 25.31
CA MET H 235 17.94 -64.86 24.77
C MET H 235 17.47 -65.12 23.35
N ALA H 236 18.27 -65.86 22.57
CA ALA H 236 17.93 -66.14 21.17
C ALA H 236 16.75 -67.11 21.03
N LYS H 237 16.55 -68.02 22.00
CA LYS H 237 15.44 -68.96 21.98
C LYS H 237 14.25 -68.48 22.79
N ASP H 238 14.38 -67.37 23.51
CA ASP H 238 13.37 -66.95 24.47
C ASP H 238 12.23 -66.23 23.75
N GLU H 239 11.06 -66.87 23.68
CA GLU H 239 9.90 -66.20 23.09
C GLU H 239 9.57 -64.89 23.78
N ARG H 240 10.01 -64.70 25.02
CA ARG H 240 9.76 -63.45 25.70
C ARG H 240 10.65 -62.31 25.23
N VAL H 241 11.73 -62.60 24.50
CA VAL H 241 12.57 -61.52 23.98
C VAL H 241 11.97 -61.14 22.63
N ASN H 242 11.23 -60.02 22.61
CA ASN H 242 10.44 -59.66 21.44
C ASN H 242 11.33 -59.25 20.28
N LEU H 243 12.42 -58.54 20.57
CA LEU H 243 13.42 -58.17 19.60
C LEU H 243 14.77 -58.53 20.19
N LEU H 244 15.59 -59.25 19.41
CA LEU H 244 16.97 -59.51 19.79
C LEU H 244 17.88 -58.72 18.87
N SER H 245 18.51 -57.69 19.42
CA SER H 245 19.55 -56.95 18.73
C SER H 245 20.88 -57.61 19.05
N PHE H 246 21.52 -58.16 18.01
CA PHE H 246 22.77 -58.86 18.18
C PHE H 246 23.86 -58.13 17.40
N THR H 247 24.94 -57.78 18.07
CA THR H 247 26.12 -57.22 17.43
C THR H 247 27.29 -58.14 17.73
N GLY H 248 27.91 -58.67 16.69
CA GLY H 248 28.98 -59.63 16.87
C GLY H 248 29.37 -60.25 15.54
N SER H 249 30.04 -61.38 15.63
CA SER H 249 30.54 -62.01 14.42
C SER H 249 29.39 -62.55 13.57
N THR H 250 29.65 -62.64 12.27
CA THR H 250 28.71 -63.24 11.35
C THR H 250 28.43 -64.71 11.72
N GLN H 251 29.46 -65.44 12.11
CA GLN H 251 29.26 -66.85 12.47
C GLN H 251 28.22 -67.00 13.59
N VAL H 252 28.40 -66.27 14.69
CA VAL H 252 27.43 -66.36 15.79
C VAL H 252 26.09 -65.74 15.39
N GLY H 253 26.13 -64.58 14.72
CA GLY H 253 24.89 -63.89 14.35
C GLY H 253 23.99 -64.74 13.47
N LYS H 254 24.59 -65.50 12.53
CA LYS H 254 23.83 -66.41 11.69
C LYS H 254 23.05 -67.43 12.53
N GLN H 255 23.68 -67.99 13.56
CA GLN H 255 22.95 -68.92 14.43
C GLN H 255 21.90 -68.17 15.25
N VAL H 256 22.24 -66.98 15.72
CA VAL H 256 21.28 -66.14 16.44
C VAL H 256 20.09 -65.81 15.55
N GLY H 257 20.34 -65.45 14.29
CA GLY H 257 19.25 -65.14 13.39
C GLY H 257 18.35 -66.32 13.14
N LEU H 258 18.93 -67.51 12.98
CA LEU H 258 18.13 -68.71 12.75
C LEU H 258 17.31 -69.04 13.99
N MET H 259 17.90 -68.92 15.17
CA MET H 259 17.12 -69.21 16.38
C MET H 259 15.95 -68.25 16.53
N VAL H 260 16.13 -66.97 16.26
CA VAL H 260 15.01 -66.05 16.36
C VAL H 260 13.98 -66.36 15.27
N GLN H 261 14.44 -66.65 14.05
CA GLN H 261 13.50 -66.94 12.98
C GLN H 261 12.67 -68.18 13.31
N GLU H 262 13.30 -69.19 13.93
CA GLU H 262 12.62 -70.42 14.30
C GLU H 262 11.41 -70.16 15.20
N ARG H 263 11.50 -69.16 16.07
CA ARG H 263 10.40 -68.81 16.97
C ARG H 263 9.60 -67.61 16.49
N PHE H 264 9.77 -67.19 15.23
CA PHE H 264 9.04 -66.05 14.68
C PHE H 264 9.23 -64.81 15.54
N GLY H 265 10.43 -64.64 16.06
CA GLY H 265 10.80 -63.41 16.73
C GLY H 265 11.29 -62.34 15.77
N ARG H 266 11.71 -61.24 16.36
CA ARG H 266 12.38 -60.16 15.65
C ARG H 266 13.86 -60.17 16.02
N SER H 267 14.72 -60.05 15.02
CA SER H 267 16.14 -59.89 15.26
C SER H 267 16.64 -58.68 14.48
N LEU H 268 17.67 -58.05 15.04
CA LEU H 268 18.38 -56.95 14.40
C LEU H 268 19.85 -57.35 14.44
N LEU H 269 20.42 -57.64 13.28
CA LEU H 269 21.74 -58.25 13.18
C LEU H 269 22.76 -57.24 12.67
N GLU H 270 23.85 -57.07 13.42
CA GLU H 270 24.94 -56.16 13.07
C GLU H 270 26.21 -56.98 13.09
N LEU H 271 26.60 -57.53 11.94
CA LEU H 271 27.60 -58.60 11.91
C LEU H 271 28.90 -58.05 11.32
N GLY H 272 29.70 -58.92 10.70
CA GLY H 272 31.06 -58.58 10.36
C GLY H 272 31.18 -57.66 9.15
N GLY H 273 32.38 -57.08 9.00
CA GLY H 273 32.65 -56.23 7.86
C GLY H 273 33.92 -56.68 7.17
N ASN H 274 34.02 -56.30 5.90
CA ASN H 274 35.22 -56.57 5.12
C ASN H 274 35.39 -55.35 4.22
N ASN H 275 35.64 -54.21 4.87
CA ASN H 275 35.38 -52.91 4.25
C ASN H 275 36.52 -52.46 3.37
N ALA H 276 36.16 -52.00 2.17
CA ALA H 276 37.14 -51.66 1.15
C ALA H 276 37.23 -50.15 0.97
N ILE H 277 38.44 -49.66 0.76
CA ILE H 277 38.69 -48.32 0.26
C ILE H 277 39.20 -48.46 -1.17
N ILE H 278 38.64 -47.68 -2.08
CA ILE H 278 39.07 -47.65 -3.48
C ILE H 278 39.60 -46.25 -3.76
N ALA H 279 40.86 -46.17 -4.18
CA ALA H 279 41.50 -44.90 -4.52
C ALA H 279 41.66 -44.82 -6.04
N PHE H 280 40.99 -43.86 -6.67
CA PHE H 280 41.06 -43.68 -8.11
C PHE H 280 42.22 -42.76 -8.52
N GLU H 281 42.50 -42.75 -9.82
CA GLU H 281 43.68 -42.05 -10.32
C GLU H 281 43.64 -40.56 -10.02
N ASP H 282 42.44 -39.97 -9.94
CA ASP H 282 42.28 -38.54 -9.69
C ASP H 282 42.19 -38.21 -8.19
N ALA H 283 42.40 -39.19 -7.32
CA ALA H 283 42.24 -38.93 -5.89
C ALA H 283 43.31 -37.96 -5.36
N ASP H 284 42.92 -37.17 -4.38
CA ASP H 284 43.87 -36.35 -3.63
C ASP H 284 44.66 -37.28 -2.73
N LEU H 285 45.91 -37.56 -3.09
CA LEU H 285 46.72 -38.49 -2.31
C LEU H 285 47.00 -37.98 -0.90
N SER H 286 47.06 -36.65 -0.71
CA SER H 286 47.21 -36.10 0.63
C SER H 286 46.00 -36.34 1.50
N LEU H 287 44.87 -36.72 0.92
CA LEU H 287 43.71 -37.20 1.65
C LEU H 287 43.67 -38.72 1.76
N VAL H 288 44.13 -39.43 0.71
CA VAL H 288 44.05 -40.89 0.67
C VAL H 288 44.90 -41.52 1.76
N VAL H 289 46.16 -41.10 1.87
CA VAL H 289 47.11 -41.82 2.73
C VAL H 289 46.69 -41.72 4.20
N PRO H 290 46.51 -40.53 4.80
CA PRO H 290 46.05 -40.50 6.20
C PRO H 290 44.70 -41.16 6.40
N SER H 291 43.74 -40.99 5.46
CA SER H 291 42.45 -41.66 5.60
C SER H 291 42.62 -43.17 5.68
N ALA H 292 43.44 -43.73 4.79
CA ALA H 292 43.64 -45.18 4.79
C ALA H 292 44.33 -45.65 6.06
N LEU H 293 45.39 -44.96 6.49
CA LEU H 293 46.09 -45.36 7.71
C LEU H 293 45.14 -45.38 8.92
N PHE H 294 44.41 -44.29 9.13
CA PHE H 294 43.56 -44.21 10.31
C PHE H 294 42.45 -45.24 10.25
N ALA H 295 41.91 -45.52 9.07
CA ALA H 295 40.83 -46.51 8.97
C ALA H 295 41.33 -47.94 9.16
N ALA H 296 42.59 -48.22 8.81
CA ALA H 296 43.12 -49.57 8.94
C ALA H 296 43.66 -49.84 10.32
N VAL H 297 44.37 -48.87 10.92
CA VAL H 297 45.03 -49.12 12.18
C VAL H 297 44.27 -48.55 13.38
N GLY H 298 43.26 -47.72 13.16
CA GLY H 298 42.46 -47.26 14.28
C GLY H 298 41.90 -48.44 15.05
N THR H 299 41.97 -48.33 16.39
CA THR H 299 41.52 -49.38 17.30
C THR H 299 42.20 -50.71 16.98
N ALA H 300 43.45 -50.64 16.53
CA ALA H 300 44.23 -51.81 16.10
C ALA H 300 43.41 -52.66 15.14
N GLY H 301 42.65 -52.01 14.27
CA GLY H 301 41.90 -52.73 13.26
C GLY H 301 40.73 -53.53 13.78
N GLN H 302 40.17 -53.16 14.95
CA GLN H 302 39.09 -53.91 15.55
C GLN H 302 37.78 -53.14 15.55
N ARG H 303 37.55 -52.32 14.54
CA ARG H 303 36.24 -51.79 14.27
C ARG H 303 35.54 -52.66 13.24
N CYS H 304 34.22 -52.80 13.38
CA CYS H 304 33.44 -53.44 12.35
C CYS H 304 33.65 -52.75 11.00
N THR H 305 33.88 -51.45 11.04
CA THR H 305 34.08 -50.60 9.88
C THR H 305 35.55 -50.45 9.47
N THR H 306 36.46 -51.23 10.07
CA THR H 306 37.87 -51.12 9.74
C THR H 306 38.12 -51.35 8.25
N ALA H 307 39.00 -50.54 7.67
CA ALA H 307 39.45 -50.75 6.30
C ALA H 307 40.37 -51.97 6.23
N ARG H 308 39.93 -53.03 5.55
CA ARG H 308 40.73 -54.25 5.43
C ARG H 308 41.18 -54.54 4.00
N ARG H 309 40.57 -53.90 3.01
CA ARG H 309 40.95 -54.09 1.62
C ARG H 309 41.14 -52.71 1.03
N LEU H 310 42.30 -52.49 0.38
CA LEU H 310 42.61 -51.22 -0.22
C LEU H 310 42.90 -51.42 -1.71
N PHE H 311 41.99 -50.95 -2.55
CA PHE H 311 42.15 -51.02 -4.00
C PHE H 311 42.73 -49.69 -4.47
N ILE H 312 43.85 -49.74 -5.15
CA ILE H 312 44.51 -48.54 -5.65
C ILE H 312 44.68 -48.66 -7.16
N HIS H 313 44.34 -47.57 -7.87
CA HIS H 313 44.55 -47.50 -9.30
C HIS H 313 46.02 -47.70 -9.62
N GLU H 314 46.28 -48.46 -10.69
CA GLU H 314 47.64 -48.87 -11.04
C GLU H 314 48.58 -47.68 -11.18
N SER H 315 48.07 -46.56 -11.68
CA SER H 315 48.90 -45.40 -11.95
C SER H 315 49.54 -44.83 -10.68
N ILE H 316 48.89 -45.03 -9.53
CA ILE H 316 49.35 -44.48 -8.25
C ILE H 316 49.59 -45.57 -7.21
N HIS H 317 49.53 -46.85 -7.61
CA HIS H 317 49.57 -47.94 -6.64
C HIS H 317 50.85 -47.93 -5.81
N ASP H 318 52.01 -47.86 -6.46
CA ASP H 318 53.26 -47.96 -5.72
C ASP H 318 53.47 -46.75 -4.82
N GLU H 319 53.14 -45.55 -5.31
CA GLU H 319 53.34 -44.35 -4.49
C GLU H 319 52.50 -44.39 -3.22
N VAL H 320 51.24 -44.83 -3.34
CA VAL H 320 50.39 -44.90 -2.15
C VAL H 320 50.93 -45.93 -1.17
N VAL H 321 51.35 -47.10 -1.67
CA VAL H 321 51.90 -48.14 -0.80
C VAL H 321 53.16 -47.63 -0.10
N ASN H 322 54.04 -46.97 -0.85
CA ASN H 322 55.26 -46.41 -0.26
C ASN H 322 54.94 -45.36 0.81
N ARG H 323 54.01 -44.44 0.50
CA ARG H 323 53.67 -43.41 1.47
C ARG H 323 52.99 -44.00 2.69
N LEU H 324 52.19 -45.05 2.48
CA LEU H 324 51.57 -45.76 3.59
C LEU H 324 52.61 -46.47 4.45
N LYS H 325 53.60 -47.12 3.82
CA LYS H 325 54.65 -47.77 4.60
C LYS H 325 55.39 -46.76 5.48
N LYS H 326 55.79 -45.63 4.91
CA LYS H 326 56.49 -44.61 5.69
C LYS H 326 55.60 -44.05 6.79
N ALA H 327 54.28 -44.05 6.59
CA ALA H 327 53.39 -43.54 7.61
C ALA H 327 53.13 -44.58 8.70
N TYR H 328 52.96 -45.85 8.32
CA TYR H 328 52.81 -46.91 9.32
C TYR H 328 53.98 -46.93 10.30
N ALA H 329 55.19 -46.66 9.80
CA ALA H 329 56.36 -46.68 10.67
C ALA H 329 56.32 -45.58 11.73
N GLN H 330 55.55 -44.53 11.50
CA GLN H 330 55.45 -43.43 12.45
C GLN H 330 54.27 -43.59 13.41
N ILE H 331 53.56 -44.73 13.36
CA ILE H 331 52.44 -44.94 14.26
C ILE H 331 52.95 -45.04 15.69
N ARG H 332 52.35 -44.25 16.58
CA ARG H 332 52.78 -44.18 17.96
C ARG H 332 52.10 -45.32 18.73
N VAL H 333 52.91 -46.27 19.21
CA VAL H 333 52.43 -47.44 19.93
C VAL H 333 52.69 -47.20 21.41
N GLY H 334 51.77 -47.65 22.27
CA GLY H 334 51.98 -47.53 23.69
C GLY H 334 50.77 -48.00 24.48
N ASN H 335 50.78 -47.66 25.76
CA ASN H 335 49.62 -47.92 26.60
C ASN H 335 48.42 -47.16 26.03
N PRO H 336 47.27 -47.80 25.88
CA PRO H 336 46.13 -47.12 25.23
C PRO H 336 45.64 -45.91 26.01
N TRP H 337 45.95 -45.80 27.29
CA TRP H 337 45.55 -44.63 28.06
C TRP H 337 46.63 -43.55 28.11
N ASP H 338 47.84 -43.81 27.61
CA ASP H 338 48.87 -42.78 27.65
C ASP H 338 48.66 -41.79 26.50
N PRO H 339 48.83 -40.48 26.77
CA PRO H 339 48.55 -39.47 25.74
C PRO H 339 49.51 -39.62 24.56
N ASN H 340 49.09 -39.04 23.43
CA ASN H 340 49.83 -39.04 22.17
C ASN H 340 49.88 -40.43 21.55
N VAL H 341 49.41 -41.45 22.28
CA VAL H 341 49.43 -42.80 21.75
C VAL H 341 48.28 -42.93 20.75
N LEU H 342 48.58 -43.50 19.59
CA LEU H 342 47.56 -43.71 18.57
C LEU H 342 47.14 -45.17 18.43
N TYR H 343 47.93 -46.12 18.94
CA TYR H 343 47.79 -47.55 18.62
C TYR H 343 47.97 -48.40 19.87
N GLY H 344 46.94 -49.17 20.23
CA GLY H 344 46.99 -50.06 21.36
C GLY H 344 47.02 -51.52 20.98
N PRO H 345 46.75 -52.40 21.94
CA PRO H 345 46.81 -53.84 21.68
C PRO H 345 45.51 -54.41 21.13
N LEU H 346 45.63 -55.63 20.61
CA LEU H 346 44.47 -56.45 20.34
C LEU H 346 43.78 -56.79 21.65
N HIS H 347 42.49 -57.13 21.56
CA HIS H 347 41.70 -57.29 22.77
C HIS H 347 42.06 -58.58 23.52
N THR H 348 42.43 -59.64 22.82
CA THR H 348 42.69 -60.92 23.48
C THR H 348 43.96 -61.55 22.92
N LYS H 349 44.45 -62.56 23.64
CA LYS H 349 45.56 -63.37 23.15
C LYS H 349 45.14 -64.18 21.93
N GLN H 350 43.88 -64.64 21.89
CA GLN H 350 43.38 -65.37 20.73
C GLN H 350 43.44 -64.53 19.47
N ALA H 351 43.08 -63.24 19.58
CA ALA H 351 43.18 -62.35 18.44
C ALA H 351 44.61 -62.28 17.92
N VAL H 352 45.59 -62.27 18.82
CA VAL H 352 46.98 -62.34 18.39
C VAL H 352 47.22 -63.61 17.59
N SER H 353 46.70 -64.74 18.07
CA SER H 353 46.85 -66.00 17.35
C SER H 353 46.22 -65.93 15.96
N MET H 354 45.03 -65.31 15.86
CA MET H 354 44.35 -65.19 14.57
C MET H 354 45.10 -64.27 13.64
N PHE H 355 45.62 -63.16 14.18
CA PHE H 355 46.45 -62.26 13.38
C PHE H 355 47.60 -63.04 12.73
N LEU H 356 48.37 -63.77 13.52
CA LEU H 356 49.48 -64.54 12.95
C LEU H 356 48.97 -65.60 11.97
N GLY H 357 47.86 -66.26 12.29
CA GLY H 357 47.30 -67.22 11.35
C GLY H 357 46.94 -66.60 10.02
N ALA H 358 46.35 -65.40 10.05
CA ALA H 358 45.97 -64.71 8.83
C ALA H 358 47.18 -64.31 7.99
N VAL H 359 48.23 -63.78 8.64
CA VAL H 359 49.44 -63.40 7.94
C VAL H 359 50.08 -64.60 7.24
N GLU H 360 50.21 -65.72 7.97
CA GLU H 360 50.79 -66.92 7.37
C GLU H 360 49.96 -67.41 6.20
N GLU H 361 48.63 -67.40 6.35
CA GLU H 361 47.75 -67.79 5.25
C GLU H 361 47.87 -66.85 4.06
N ALA H 362 48.00 -65.54 4.32
CA ALA H 362 48.16 -64.60 3.23
C ALA H 362 49.44 -64.87 2.47
N LYS H 363 50.52 -65.17 3.18
CA LYS H 363 51.77 -65.53 2.50
C LYS H 363 51.58 -66.79 1.66
N LYS H 364 50.93 -67.82 2.23
CA LYS H 364 50.73 -69.07 1.51
C LYS H 364 49.89 -68.87 0.25
N GLU H 365 48.98 -67.89 0.27
CA GLU H 365 48.15 -67.58 -0.90
C GLU H 365 48.83 -66.63 -1.86
N GLY H 366 50.10 -66.31 -1.64
CA GLY H 366 50.86 -65.51 -2.57
C GLY H 366 51.10 -64.07 -2.19
N GLY H 367 50.70 -63.65 -0.97
CA GLY H 367 50.87 -62.28 -0.56
C GLY H 367 52.27 -61.97 -0.08
N THR H 368 52.59 -60.69 -0.13
CA THR H 368 53.86 -60.17 0.38
C THR H 368 53.58 -59.22 1.53
N VAL H 369 54.21 -59.46 2.68
CA VAL H 369 54.13 -58.52 3.80
C VAL H 369 55.12 -57.38 3.52
N VAL H 370 54.59 -56.20 3.20
CA VAL H 370 55.47 -55.05 2.98
C VAL H 370 55.66 -54.24 4.24
N TYR H 371 54.84 -54.47 5.26
CA TYR H 371 55.04 -53.85 6.57
C TYR H 371 54.29 -54.68 7.61
N GLY H 372 54.94 -54.87 8.76
CA GLY H 372 54.34 -55.54 9.89
C GLY H 372 54.34 -57.05 9.78
N GLY H 373 53.22 -57.67 10.18
CA GLY H 373 53.06 -59.11 10.11
C GLY H 373 53.55 -59.90 11.31
N LYS H 374 54.07 -59.23 12.34
CA LYS H 374 54.63 -59.93 13.49
C LYS H 374 54.04 -59.39 14.79
N VAL H 375 54.09 -60.23 15.82
CA VAL H 375 53.80 -59.79 17.17
C VAL H 375 54.86 -58.79 17.61
N MET H 376 54.46 -57.81 18.42
CA MET H 376 55.41 -56.91 19.05
C MET H 376 55.89 -57.54 20.35
N ASP H 377 57.21 -57.52 20.56
CA ASP H 377 57.83 -58.11 21.75
C ASP H 377 57.69 -57.11 22.90
N ARG H 378 56.51 -57.12 23.52
CA ARG H 378 56.20 -56.20 24.60
C ARG H 378 55.02 -56.76 25.38
N PRO H 379 54.80 -56.27 26.61
CA PRO H 379 53.64 -56.73 27.37
C PRO H 379 52.36 -56.43 26.63
N GLY H 380 51.34 -57.25 26.88
CA GLY H 380 50.07 -57.05 26.24
C GLY H 380 49.92 -57.82 24.94
N ASN H 381 48.84 -57.48 24.24
CA ASN H 381 48.50 -58.18 23.01
C ASN H 381 48.82 -57.29 21.81
N TYR H 382 50.05 -56.79 21.72
CA TYR H 382 50.41 -55.86 20.65
C TYR H 382 50.93 -56.63 19.44
N VAL H 383 50.37 -56.32 18.28
CA VAL H 383 50.86 -56.85 17.02
C VAL H 383 51.17 -55.66 16.12
N GLU H 384 52.00 -55.93 15.11
CA GLU H 384 52.40 -54.89 14.17
C GLU H 384 51.27 -54.63 13.18
N PRO H 385 50.92 -53.37 12.91
CA PRO H 385 49.99 -53.10 11.80
C PRO H 385 50.61 -53.56 10.50
N THR H 386 49.80 -54.20 9.66
CA THR H 386 50.33 -55.00 8.57
C THR H 386 49.74 -54.60 7.23
N ILE H 387 50.58 -54.52 6.20
CA ILE H 387 50.18 -54.21 4.84
C ILE H 387 50.58 -55.39 3.95
N VAL H 388 49.62 -55.96 3.22
CA VAL H 388 49.88 -57.12 2.36
C VAL H 388 49.57 -56.74 0.92
N THR H 389 50.54 -56.93 0.05
CA THR H 389 50.45 -56.70 -1.39
C THR H 389 50.49 -58.02 -2.14
N GLY H 390 50.15 -57.95 -3.43
CA GLY H 390 50.29 -59.08 -4.32
C GLY H 390 49.16 -60.09 -4.30
N LEU H 391 48.25 -60.02 -3.32
CA LEU H 391 47.14 -60.95 -3.32
C LEU H 391 46.18 -60.63 -4.44
N GLY H 392 45.62 -61.68 -5.05
CA GLY H 392 44.47 -61.50 -5.92
C GLY H 392 43.25 -61.09 -5.10
N HIS H 393 42.43 -60.20 -5.69
CA HIS H 393 41.26 -59.69 -5.01
C HIS H 393 40.33 -60.79 -4.53
N ASP H 394 40.37 -61.96 -5.18
CA ASP H 394 39.52 -63.09 -4.80
C ASP H 394 40.21 -64.05 -3.85
N ALA H 395 41.41 -63.71 -3.36
CA ALA H 395 42.10 -64.58 -2.42
C ALA H 395 41.21 -64.83 -1.21
N SER H 396 41.23 -66.08 -0.73
CA SER H 396 40.32 -66.50 0.33
C SER H 396 40.53 -65.69 1.61
N ILE H 397 41.78 -65.43 1.98
CA ILE H 397 42.01 -64.69 3.22
C ILE H 397 41.55 -63.25 3.08
N ALA H 398 41.61 -62.69 1.86
CA ALA H 398 41.11 -61.35 1.63
C ALA H 398 39.58 -61.31 1.73
N HIS H 399 38.92 -62.42 1.42
CA HIS H 399 37.48 -62.47 1.57
C HIS H 399 37.04 -62.79 2.99
N THR H 400 37.98 -63.15 3.86
CA THR H 400 37.67 -63.43 5.26
C THR H 400 37.86 -62.16 6.11
N GLU H 401 36.98 -61.99 7.09
CA GLU H 401 37.16 -60.93 8.08
C GLU H 401 38.12 -61.45 9.14
N THR H 402 39.34 -60.93 9.18
CA THR H 402 40.23 -61.21 10.30
C THR H 402 40.29 -59.96 11.17
N PHE H 403 39.76 -60.06 12.38
CA PHE H 403 39.58 -58.90 13.23
C PHE H 403 40.91 -58.42 13.81
N ALA H 404 41.79 -57.93 12.95
CA ALA H 404 43.14 -57.54 13.31
C ALA H 404 43.65 -56.55 12.27
N PRO H 405 44.70 -55.78 12.57
CA PRO H 405 45.12 -54.75 11.59
C PRO H 405 45.96 -55.29 10.44
N ILE H 406 45.28 -55.93 9.49
CA ILE H 406 45.90 -56.42 8.27
C ILE H 406 45.17 -55.78 7.12
N LEU H 407 45.89 -55.00 6.33
CA LEU H 407 45.33 -54.29 5.18
C LEU H 407 45.81 -55.00 3.92
N TYR H 408 44.88 -55.57 3.17
CA TYR H 408 45.22 -56.21 1.90
C TYR H 408 45.08 -55.16 0.80
N VAL H 409 46.15 -54.99 0.04
CA VAL H 409 46.24 -53.94 -0.98
C VAL H 409 46.13 -54.62 -2.33
N PHE H 410 45.31 -54.03 -3.21
CA PHE H 410 45.09 -54.56 -4.53
C PHE H 410 45.25 -53.45 -5.55
N LYS H 411 45.71 -53.85 -6.74
CA LYS H 411 45.72 -52.98 -7.93
C LYS H 411 44.40 -53.13 -8.65
N PHE H 412 44.01 -52.07 -9.34
CA PHE H 412 42.88 -52.15 -10.24
C PHE H 412 43.11 -51.15 -11.36
N LYS H 413 42.37 -51.33 -12.44
CA LYS H 413 42.47 -50.40 -13.56
C LYS H 413 41.19 -49.64 -13.82
N ASN H 414 40.05 -50.32 -13.95
CA ASN H 414 38.84 -49.62 -14.37
C ASN H 414 37.75 -49.66 -13.29
N GLU H 415 36.83 -48.71 -13.42
CA GLU H 415 35.80 -48.48 -12.42
C GLU H 415 34.84 -49.66 -12.28
N GLU H 416 34.47 -50.29 -13.41
CA GLU H 416 33.47 -51.34 -13.37
C GLU H 416 33.94 -52.54 -12.56
N GLU H 417 35.20 -52.97 -12.76
CA GLU H 417 35.68 -54.16 -12.09
C GLU H 417 35.88 -53.95 -10.59
N VAL H 418 36.36 -52.77 -10.19
CA VAL H 418 36.68 -52.53 -8.78
C VAL H 418 35.41 -52.31 -7.96
N PHE H 419 34.32 -51.80 -8.56
CA PHE H 419 33.05 -51.84 -7.85
C PHE H 419 32.58 -53.27 -7.65
N ALA H 420 32.74 -54.11 -8.68
CA ALA H 420 32.42 -55.52 -8.56
C ALA H 420 33.27 -56.18 -7.49
N TRP H 421 34.55 -55.79 -7.42
CA TRP H 421 35.43 -56.36 -6.41
C TRP H 421 35.03 -55.91 -5.02
N ASN H 422 34.59 -54.64 -4.87
CA ASN H 422 34.05 -54.23 -3.59
C ASN H 422 32.87 -55.11 -3.19
N ASN H 423 31.99 -55.41 -4.14
CA ASN H 423 30.73 -56.10 -3.87
C ASN H 423 30.84 -57.62 -3.86
N GLU H 424 31.97 -58.19 -4.31
CA GLU H 424 32.07 -59.63 -4.49
C GLU H 424 32.12 -60.38 -3.16
N VAL H 425 32.47 -59.71 -2.06
CA VAL H 425 32.55 -60.37 -0.77
C VAL H 425 31.16 -60.59 -0.19
N LYS H 426 31.09 -61.40 0.85
CA LYS H 426 29.84 -61.67 1.53
C LYS H 426 29.46 -60.56 2.52
N GLN H 427 30.42 -59.75 2.97
CA GLN H 427 30.16 -58.64 3.87
C GLN H 427 29.63 -57.42 3.11
N GLY H 428 28.87 -56.58 3.81
CA GLY H 428 28.31 -55.41 3.15
C GLY H 428 28.14 -54.24 4.09
N LEU H 429 29.17 -53.95 4.88
CA LEU H 429 29.02 -52.93 5.91
C LEU H 429 29.40 -51.56 5.34
N SER H 430 30.69 -51.29 5.25
CA SER H 430 31.18 -49.97 4.88
C SER H 430 32.01 -50.07 3.61
N SER H 431 32.11 -48.94 2.91
CA SER H 431 32.86 -48.87 1.66
C SER H 431 33.20 -47.41 1.39
N SER H 432 34.32 -47.19 0.72
CA SER H 432 34.81 -45.84 0.51
C SER H 432 35.48 -45.72 -0.83
N ILE H 433 35.13 -44.70 -1.60
CA ILE H 433 35.91 -44.33 -2.78
C ILE H 433 36.52 -42.97 -2.57
N PHE H 434 37.73 -42.80 -3.11
CA PHE H 434 38.42 -41.52 -3.13
C PHE H 434 38.60 -41.13 -4.58
N THR H 435 37.95 -40.04 -4.97
CA THR H 435 37.92 -39.57 -6.35
C THR H 435 37.33 -38.18 -6.36
N LYS H 436 37.58 -37.48 -7.47
CA LYS H 436 37.02 -36.17 -7.72
C LYS H 436 35.92 -36.21 -8.76
N ASP H 437 35.72 -37.35 -9.40
CA ASP H 437 34.87 -37.45 -10.57
C ASP H 437 33.40 -37.50 -10.16
N LEU H 438 32.65 -36.50 -10.62
CA LEU H 438 31.25 -36.35 -10.25
C LEU H 438 30.41 -37.55 -10.69
N GLY H 439 30.60 -38.01 -11.92
CA GLY H 439 29.82 -39.13 -12.41
C GLY H 439 30.17 -40.42 -11.70
N ARG H 440 31.46 -40.63 -11.42
CA ARG H 440 31.89 -41.82 -10.70
C ARG H 440 31.30 -41.84 -9.29
N ILE H 441 31.25 -40.68 -8.64
CA ILE H 441 30.68 -40.59 -7.29
C ILE H 441 29.22 -41.03 -7.29
N PHE H 442 28.43 -40.50 -8.23
CA PHE H 442 27.01 -40.84 -8.24
C PHE H 442 26.79 -42.24 -8.76
N CYS H 443 27.68 -42.73 -9.62
CA CYS H 443 27.64 -44.14 -9.98
C CYS H 443 27.87 -45.02 -8.75
N TRP H 444 28.83 -44.63 -7.91
CA TRP H 444 29.10 -45.35 -6.66
C TRP H 444 27.89 -45.38 -5.75
N LEU H 445 27.15 -44.26 -5.67
CA LEU H 445 25.95 -44.18 -4.83
C LEU H 445 24.73 -44.83 -5.47
N GLY H 446 24.80 -45.24 -6.74
CA GLY H 446 23.63 -45.71 -7.44
C GLY H 446 23.50 -47.22 -7.40
N PRO H 447 22.59 -47.75 -8.22
CA PRO H 447 22.31 -49.20 -8.15
C PRO H 447 23.44 -50.06 -8.64
N LYS H 448 24.36 -49.51 -9.44
CA LYS H 448 25.54 -50.20 -9.91
C LYS H 448 26.78 -49.80 -9.12
N GLY H 449 26.60 -49.27 -7.92
CA GLY H 449 27.69 -48.88 -7.06
C GLY H 449 27.91 -49.88 -5.94
N SER H 450 28.29 -49.36 -4.78
CA SER H 450 28.57 -50.21 -3.63
C SER H 450 27.29 -50.86 -3.13
N ASP H 451 27.38 -52.14 -2.76
CA ASP H 451 26.24 -52.87 -2.22
C ASP H 451 26.18 -52.80 -0.70
N CYS H 452 26.92 -51.87 -0.10
CA CYS H 452 27.07 -51.80 1.34
C CYS H 452 26.04 -50.90 1.98
N GLY H 453 25.91 -51.04 3.30
CA GLY H 453 25.06 -50.14 4.06
C GLY H 453 25.67 -48.76 4.30
N ILE H 454 26.99 -48.64 4.19
CA ILE H 454 27.68 -47.37 4.35
C ILE H 454 28.50 -47.14 3.08
N VAL H 455 28.22 -46.03 2.39
CA VAL H 455 28.80 -45.77 1.07
C VAL H 455 29.35 -44.35 1.09
N ASN H 456 30.67 -44.21 1.27
CA ASN H 456 31.30 -42.92 1.54
C ASN H 456 32.18 -42.44 0.39
N VAL H 457 32.45 -41.14 0.38
CA VAL H 457 33.21 -40.46 -0.66
C VAL H 457 34.19 -39.50 -0.01
N ASN H 458 35.49 -39.74 -0.23
CA ASN H 458 36.58 -38.91 0.29
C ASN H 458 36.58 -38.83 1.80
N ILE H 459 36.03 -39.86 2.45
CA ILE H 459 36.12 -40.04 3.90
C ILE H 459 36.26 -41.55 4.09
N PRO H 460 37.05 -42.04 5.06
CA PRO H 460 37.32 -43.49 5.15
C PRO H 460 36.12 -44.33 5.60
N THR H 461 36.34 -45.63 5.82
CA THR H 461 35.23 -46.56 6.06
C THR H 461 34.62 -46.41 7.44
N SER H 462 35.29 -45.73 8.37
CA SER H 462 34.73 -45.49 9.70
C SER H 462 33.98 -44.17 9.80
N GLY H 463 33.78 -43.46 8.69
CA GLY H 463 33.00 -42.24 8.68
C GLY H 463 31.52 -42.46 8.86
N ALA H 464 31.01 -42.18 10.08
CA ALA H 464 29.59 -42.35 10.39
C ALA H 464 29.23 -41.52 11.63
N GLU H 465 28.03 -40.95 11.61
CA GLU H 465 27.49 -40.15 12.70
C GLU H 465 26.08 -40.64 13.04
N ILE H 466 25.60 -40.27 14.23
CA ILE H 466 24.34 -40.79 14.75
C ILE H 466 23.14 -40.40 13.89
N GLY H 467 23.25 -39.32 13.11
CA GLY H 467 22.13 -38.87 12.31
C GLY H 467 21.58 -39.89 11.32
N GLY H 468 22.43 -40.74 10.77
CA GLY H 468 22.00 -41.70 9.78
C GLY H 468 21.84 -43.09 10.35
N ALA H 469 21.12 -43.94 9.62
CA ALA H 469 21.01 -45.33 10.02
C ALA H 469 22.33 -46.04 9.80
N PHE H 470 22.74 -46.87 10.76
CA PHE H 470 24.04 -47.56 10.72
C PHE H 470 23.81 -49.06 10.61
N GLY H 471 24.44 -49.67 9.63
CA GLY H 471 24.34 -51.11 9.46
C GLY H 471 24.74 -51.52 8.07
N GLY H 472 24.75 -52.84 7.85
CA GLY H 472 25.21 -53.40 6.61
C GLY H 472 24.19 -54.33 5.97
N GLU H 473 24.57 -54.82 4.79
CA GLU H 473 23.77 -55.76 4.00
C GLU H 473 24.52 -57.08 3.88
N LYS H 474 23.86 -58.04 3.25
CA LYS H 474 24.46 -59.38 3.01
C LYS H 474 24.84 -59.97 4.37
N HIS H 475 26.02 -60.57 4.52
CA HIS H 475 26.38 -61.21 5.78
C HIS H 475 26.54 -60.24 6.95
N THR H 476 26.46 -58.93 6.73
CA THR H 476 26.44 -58.03 7.88
C THR H 476 25.10 -58.06 8.62
N GLY H 477 24.05 -58.66 8.05
CA GLY H 477 22.86 -59.01 8.80
C GLY H 477 21.62 -58.20 8.45
N GLY H 478 21.80 -56.98 7.93
CA GLY H 478 20.69 -56.18 7.49
C GLY H 478 20.13 -55.21 8.52
N GLY H 479 20.47 -55.36 9.79
CA GLY H 479 19.98 -54.45 10.80
C GLY H 479 20.49 -53.04 10.62
N ARG H 480 19.79 -52.10 11.27
CA ARG H 480 20.15 -50.69 11.32
C ARG H 480 19.99 -50.16 12.73
N GLU H 481 20.88 -49.24 13.11
CA GLU H 481 20.86 -48.64 14.42
C GLU H 481 20.94 -47.13 14.30
N SER H 482 20.58 -46.45 15.42
CA SER H 482 20.76 -45.02 15.61
C SER H 482 19.80 -44.13 14.81
N GLY H 483 20.22 -43.66 13.63
CA GLY H 483 19.58 -42.52 13.00
C GLY H 483 18.48 -42.88 12.03
N SER H 484 18.07 -41.87 11.25
CA SER H 484 16.96 -42.00 10.31
C SER H 484 15.77 -42.66 11.00
N ASP H 485 15.08 -43.59 10.35
CA ASP H 485 13.96 -44.30 10.98
C ASP H 485 14.35 -45.70 11.47
N ALA H 486 15.60 -45.87 11.94
CA ALA H 486 15.98 -47.15 12.53
C ALA H 486 15.07 -47.51 13.70
N TRP H 487 14.48 -46.50 14.34
CA TRP H 487 13.62 -46.74 15.49
C TRP H 487 12.48 -47.69 15.17
N LYS H 488 12.05 -47.74 13.90
CA LYS H 488 10.94 -48.60 13.53
C LYS H 488 11.24 -50.07 13.75
N GLN H 489 12.50 -50.46 13.79
CA GLN H 489 12.82 -51.84 14.13
C GLN H 489 12.48 -52.16 15.59
N TYR H 490 12.38 -51.14 16.44
CA TYR H 490 12.13 -51.30 17.87
C TYR H 490 10.65 -51.21 18.24
N MET H 491 9.76 -51.12 17.24
CA MET H 491 8.32 -51.01 17.45
C MET H 491 7.60 -51.92 16.46
N ARG H 492 6.31 -52.14 16.69
CA ARG H 492 5.48 -52.86 15.74
C ARG H 492 4.51 -51.87 15.10
N ARG H 493 4.42 -51.93 13.77
CA ARG H 493 3.49 -51.15 12.99
C ARG H 493 2.14 -51.85 12.96
N SER H 494 1.07 -51.08 13.05
CA SER H 494 -0.27 -51.60 12.82
C SER H 494 -1.04 -50.66 11.92
N THR H 495 -1.77 -51.22 10.97
CA THR H 495 -2.59 -50.43 10.05
C THR H 495 -4.04 -50.44 10.51
N CYS H 496 -4.55 -49.28 10.88
CA CYS H 496 -5.79 -49.19 11.64
C CYS H 496 -6.83 -48.42 10.85
N THR H 497 -7.96 -49.07 10.56
CA THR H 497 -9.10 -48.42 9.93
C THR H 497 -10.17 -48.23 11.01
N ILE H 498 -10.63 -47.00 11.16
CA ILE H 498 -11.66 -46.69 12.13
C ILE H 498 -12.88 -46.21 11.36
N ASN H 499 -13.94 -47.01 11.40
CA ASN H 499 -15.25 -46.59 10.93
C ASN H 499 -15.93 -45.82 12.05
N TYR H 500 -16.06 -44.51 11.85
CA TYR H 500 -16.77 -43.63 12.78
C TYR H 500 -18.14 -43.27 12.26
N SER H 501 -18.56 -43.84 11.16
CA SER H 501 -19.81 -43.45 10.52
C SER H 501 -20.99 -44.24 11.07
N LYS H 502 -22.19 -43.78 10.70
CA LYS H 502 -23.43 -44.51 10.92
C LYS H 502 -23.76 -45.48 9.78
N ASP H 503 -22.90 -45.55 8.77
CA ASP H 503 -23.20 -46.37 7.60
C ASP H 503 -23.15 -47.85 7.93
N LEU H 504 -24.04 -48.60 7.32
CA LEU H 504 -24.09 -50.06 7.40
C LEU H 504 -23.51 -50.68 6.14
N PRO H 505 -23.00 -51.90 6.22
CA PRO H 505 -22.47 -52.56 5.02
C PRO H 505 -23.61 -52.81 4.03
N LEU H 506 -23.26 -52.90 2.75
CA LEU H 506 -24.25 -53.27 1.76
C LEU H 506 -24.85 -54.62 2.11
N ALA H 507 -26.18 -54.70 2.03
CA ALA H 507 -26.89 -55.91 2.46
C ALA H 507 -26.72 -57.07 1.49
N GLN H 508 -26.37 -56.79 0.23
CA GLN H 508 -26.14 -57.83 -0.78
C GLN H 508 -27.31 -58.80 -0.86
N GLY H 509 -28.53 -58.29 -0.71
CA GLY H 509 -29.70 -59.12 -0.86
C GLY H 509 -30.10 -59.93 0.36
N ILE H 510 -29.32 -59.90 1.45
CA ILE H 510 -29.65 -60.62 2.68
C ILE H 510 -30.52 -59.74 3.55
N LYS H 511 -31.57 -60.32 4.14
CA LYS H 511 -32.51 -59.59 4.98
C LYS H 511 -32.04 -59.59 6.43
N PHE H 512 -31.52 -58.44 6.87
CA PHE H 512 -31.11 -58.15 8.24
C PHE H 512 -32.26 -57.46 9.00
N GLN H 513 -32.04 -57.21 10.29
CA GLN H 513 -33.07 -56.61 11.13
C GLN H 513 -32.89 -55.10 11.16
PA NAD I . -12.56 7.91 13.32
O1A NAD I . -11.35 7.76 12.46
O2A NAD I . -12.67 6.84 14.37
O5B NAD I . -13.96 7.95 12.42
C5B NAD I . -14.28 9.13 11.71
C4B NAD I . -15.37 8.74 10.64
O4B NAD I . -14.78 7.69 9.58
C3B NAD I . -16.39 8.17 11.20
O3B NAD I . -17.60 8.54 10.41
C2B NAD I . -16.25 6.65 10.97
O2B NAD I . -17.48 6.07 10.97
C1B NAD I . -15.57 6.63 9.60
N9A NAD I . -14.71 5.46 9.49
C8A NAD I . -14.14 4.58 10.30
N7A NAD I . -13.44 3.72 9.51
C5A NAD I . -13.60 4.10 8.22
C6A NAD I . -13.09 3.57 7.03
N6A NAD I . -12.21 2.41 6.79
N1A NAD I . -13.39 4.13 5.87
C2A NAD I . -14.20 5.25 5.84
N3A NAD I . -14.70 5.76 7.00
C4A NAD I . -14.38 5.19 8.19
O3 NAD I . -12.46 9.39 14.02
PN NAD I . -13.39 9.94 15.33
O1N NAD I . -13.11 8.98 16.52
O2N NAD I . -14.87 9.97 15.01
O5D NAD I . -12.86 11.48 15.59
C5D NAD I . -11.64 11.70 16.27
C4D NAD I . -10.47 11.96 15.30
O4D NAD I . -10.87 12.99 14.11
C3D NAD I . -9.46 12.52 15.92
O3D NAD I . -8.19 11.95 15.32
C2D NAD I . -9.59 13.98 15.61
O2D NAD I . -8.41 14.70 15.74
C1D NAD I . -10.03 13.94 14.11
N1N NAD I . -10.72 15.21 13.76
C2N NAD I . -10.14 16.08 12.86
C3N NAD I . -10.83 17.26 12.56
C7N NAD I . -10.21 18.29 11.53
O7N NAD I . -10.90 19.16 11.10
N7N NAD I . -8.80 18.13 11.10
C4N NAD I . -12.04 17.54 13.15
C5N NAD I . -12.60 16.66 14.04
C6N NAD I . -11.92 15.49 14.34
PA NAD J . 6.88 7.87 -18.33
O1A NAD J . 5.89 7.43 -17.30
O2A NAD J . 7.39 6.71 -19.17
O5B NAD J . 8.13 8.63 -17.56
C5B NAD J . 7.96 9.96 -17.08
C4B NAD J . 9.10 10.15 -16.04
O4B NAD J . 8.79 9.16 -14.82
C3B NAD J . 10.26 9.81 -16.52
O3B NAD J . 11.25 10.82 -16.04
C2B NAD J . 10.62 8.41 -15.91
O2B NAD J . 11.95 8.28 -15.64
C1B NAD J . 9.86 8.43 -14.59
N9A NAD J . 9.50 7.04 -14.23
C8A NAD J . 9.35 5.87 -14.84
N7A NAD J . 9.01 4.98 -13.88
C5A NAD J . 8.96 5.62 -12.70
C6A NAD J . 8.66 5.15 -11.41
N6A NAD J . 8.30 3.82 -10.90
N1A NAD J . 8.69 5.97 -10.39
C2A NAD J . 9.01 7.31 -10.59
N3A NAD J . 9.29 7.75 -11.83
C4A NAD J . 9.28 6.89 -12.89
O3 NAD J . 6.23 8.99 -19.33
PN NAD J . 6.82 9.21 -20.91
O1N NAD J . 6.70 7.88 -21.66
O2N NAD J . 8.26 9.65 -20.88
O5D NAD J . 5.88 10.38 -21.56
C5D NAD J . 4.59 10.02 -22.04
C4D NAD J . 3.45 10.35 -21.09
O4D NAD J . 3.64 11.76 -20.31
C3D NAD J . 2.34 10.47 -21.79
O3D NAD J . 1.26 9.61 -21.15
C2D NAD J . 2.03 11.94 -21.80
O2D NAD J . 0.68 12.25 -21.97
C1D NAD J . 2.52 12.37 -20.39
N1N NAD J . 2.74 13.84 -20.37
C2N NAD J . 1.87 14.66 -19.66
C3N NAD J . 2.09 16.03 -19.67
C7N NAD J . 1.14 16.99 -18.88
O7N NAD J . 1.46 18.13 -18.69
N7N NAD J . -0.18 16.46 -18.38
C4N NAD J . 3.17 16.56 -20.38
C5N NAD J . 4.02 15.74 -21.08
C6N NAD J . 3.79 14.36 -21.07
PA NAD K . -32.07 65.26 -9.65
O1A NAD K . -30.76 65.81 -10.13
O2A NAD K . -33.26 66.09 -10.04
O5B NAD K . -32.00 65.07 -8.00
C5B NAD K . -31.22 63.99 -7.44
C4B NAD K . -30.94 64.28 -5.94
O4B NAD K . -29.92 65.51 -5.84
C3B NAD K . -32.01 64.62 -5.27
O3B NAD K . -31.99 64.01 -3.88
C2B NAD K . -31.94 66.15 -5.11
O2B NAD K . -32.58 66.59 -3.98
C1B NAD K . -30.43 66.37 -5.00
N9A NAD K . -30.20 67.70 -5.49
C8A NAD K . -30.88 68.55 -6.24
N7A NAD K . -30.06 69.63 -6.35
C5A NAD K . -28.91 69.39 -5.69
C6A NAD K . -27.77 70.17 -5.54
N6A NAD K . -27.43 71.53 -6.01
N1A NAD K . -26.73 69.71 -4.85
C2A NAD K . -26.81 68.46 -4.26
N3A NAD K . -27.92 67.71 -4.42
C4A NAD K . -28.98 68.19 -5.14
O3 NAD K . -32.20 63.77 -10.29
PN NAD K . -33.61 62.85 -10.22
O1N NAD K . -34.69 63.70 -10.91
O2N NAD K . -33.98 62.59 -8.77
O5D NAD K . -33.34 61.41 -10.95
C5D NAD K . -33.25 61.31 -12.37
C4D NAD K . -31.79 61.29 -12.82
O4D NAD K . -30.91 60.31 -11.88
C3D NAD K . -31.67 60.80 -14.04
O3D NAD K . -30.48 61.50 -14.71
C2D NAD K . -31.34 59.37 -13.79
O2D NAD K . -30.79 58.73 -14.89
C1D NAD K . -30.29 59.54 -12.66
N1N NAD K . -30.13 58.20 -12.04
C2N NAD K . -28.93 57.55 -12.12
C3N NAD K . -28.82 56.29 -11.55
C7N NAD K . -27.42 55.57 -11.65
O7N NAD K . -27.19 54.59 -10.99
N7N NAD K . -26.43 56.14 -12.60
C4N NAD K . -29.88 55.69 -10.93
C5N NAD K . -31.09 56.34 -10.86
C6N NAD K . -31.21 57.61 -11.43
C1 EDO L . 14.93 39.69 10.02
O1 EDO L . 15.64 40.37 9.01
C2 EDO L . 14.41 38.35 9.47
O2 EDO L . 15.34 37.35 9.77
PA NAD M . 4.52 71.94 -9.36
O1A NAD M . 5.10 73.34 -9.24
O2A NAD M . 3.05 71.94 -9.09
O5B NAD M . 4.67 71.30 -10.91
C5B NAD M . 4.40 69.92 -11.14
C4B NAD M . 4.10 69.74 -12.67
O4B NAD M . 2.73 70.52 -13.01
C3B NAD M . 5.03 70.26 -13.43
O3B NAD M . 5.38 69.25 -14.51
C2B NAD M . 4.43 71.59 -14.02
O2B NAD M . 4.84 71.90 -15.27
C1B NAD M . 2.93 71.32 -14.04
N9A NAD M . 2.19 72.58 -13.87
C8A NAD M . 2.41 73.82 -13.40
N7A NAD M . 1.25 74.49 -13.55
C5A NAD M . 0.33 73.67 -14.12
C6A NAD M . -1.01 73.85 -14.46
N6A NAD M . -1.91 75.03 -14.36
N1A NAD M . -1.71 72.87 -14.99
C2A NAD M . -1.11 71.64 -15.20
N3A NAD M . 0.19 71.46 -14.86
C4A NAD M . 0.91 72.48 -14.32
O3 NAD M . 5.22 70.87 -8.34
PN NAD M . 6.88 70.57 -8.26
O1N NAD M . 7.55 71.94 -7.95
O2N NAD M . 7.43 70.05 -9.58
O5D NAD M . 7.15 69.42 -7.10
C5D NAD M . 6.83 69.60 -5.73
C4D NAD M . 5.52 68.95 -5.30
O4D NAD M . 5.26 67.52 -6.00
C3D NAD M . 5.53 68.72 -3.99
O3D NAD M . 4.27 69.31 -3.36
C2D NAD M . 5.56 67.21 -3.84
O2D NAD M . 4.93 66.73 -2.71
C1D NAD M . 4.76 66.78 -5.10
N1N NAD M . 5.10 65.36 -5.39
C2N NAD M . 4.18 64.38 -5.11
C3N NAD M . 4.51 63.05 -5.36
C7N NAD M . 3.47 61.92 -5.03
O7N NAD M . 3.65 60.80 -5.43
N7N NAD M . 2.26 62.28 -4.25
C4N NAD M . 5.73 62.74 -5.92
C5N NAD M . 6.65 63.72 -6.21
C6N NAD M . 6.32 65.05 -5.93
PA NAD N . 0.47 -11.01 -16.44
O1A NAD N . 0.42 -9.91 -17.48
O2A NAD N . 0.78 -10.44 -15.11
O5B NAD N . -0.99 -11.82 -16.46
C5B NAD N . -1.02 -13.12 -15.88
C4B NAD N . -2.52 -13.44 -15.55
O4B NAD N . -3.03 -12.37 -14.43
C3B NAD N . -3.29 -13.32 -16.59
O3B NAD N . -4.42 -14.32 -16.48
C2B NAD N . -3.90 -11.91 -16.49
O2B NAD N . -5.09 -11.89 -17.14
C1B NAD N . -4.05 -11.74 -14.96
N9A NAD N . -4.00 -10.33 -14.63
C8A NAD N . -3.59 -9.21 -15.22
N7A NAD N . -3.82 -8.22 -14.36
C5A NAD N . -4.38 -8.74 -13.24
C6A NAD N . -4.79 -8.12 -12.07
N6A NAD N . -4.75 -6.68 -11.70
N1A NAD N . -5.31 -8.82 -11.06
C2A NAD N . -5.43 -10.19 -11.22
N3A NAD N . -5.03 -10.81 -12.38
C4A NAD N . -4.49 -10.05 -13.39
O3 NAD N . 1.62 -12.14 -16.79
PN NAD N . 1.82 -12.88 -18.31
O1N NAD N . 2.01 -11.64 -19.22
O2N NAD N . 0.64 -13.72 -18.78
O5D NAD N . 3.16 -13.83 -18.25
C5D NAD N . 4.46 -13.28 -18.10
C4D NAD N . 5.00 -13.39 -16.68
O4D NAD N . 4.49 -14.75 -15.95
C3D NAD N . 6.31 -13.44 -16.69
O3D NAD N . 6.90 -12.40 -15.71
C2D NAD N . 6.67 -14.84 -16.27
O2D NAD N . 7.89 -14.93 -15.61
C1D NAD N . 5.49 -15.23 -15.33
N1N NAD N . 5.36 -16.72 -15.18
C2N NAD N . 5.78 -17.30 -14.00
C3N NAD N . 5.67 -18.68 -13.82
C7N NAD N . 6.16 -19.29 -12.45
O7N NAD N . 5.82 -20.39 -12.13
N7N NAD N . 7.11 -18.49 -11.60
C4N NAD N . 5.17 -19.48 -14.82
C5N NAD N . 4.76 -18.90 -16.02
C6N NAD N . 4.86 -17.50 -16.19
PA NAD O . 0.22 -5.94 20.39
O1A NAD O . -0.32 -6.01 18.99
O2A NAD O . -0.36 -4.81 21.19
O5B NAD O . 1.89 -5.87 20.40
C5B NAD O . 2.60 -7.06 20.07
C4B NAD O . 4.06 -6.64 19.70
O4B NAD O . 4.02 -5.75 18.37
C3B NAD O . 4.56 -5.89 20.63
O3B NAD O . 5.97 -6.31 20.86
C2B NAD O . 4.59 -4.43 20.08
O2B NAD O . 5.68 -3.76 20.56
C1B NAD O . 4.67 -4.63 18.57
N9A NAD O . 3.95 -3.54 17.93
C8A NAD O . 3.01 -2.67 18.29
N7A NAD O . 2.78 -1.91 17.20
C5A NAD O . 3.57 -2.33 16.19
C6A NAD O . 3.71 -1.87 14.87
N6A NAD O . 3.02 -0.79 14.11
N1A NAD O . 4.56 -2.47 14.05
C2A NAD O . 5.33 -3.53 14.48
N3A NAD O . 5.21 -3.95 15.76
C4A NAD O . 4.31 -3.34 16.62
O3 NAD O . -0.23 -7.36 21.06
PN NAD O . -0.18 -7.65 22.73
O1N NAD O . -1.05 -6.54 23.37
O2N NAD O . 1.27 -7.57 23.20
O5D NAD O . -0.78 -9.14 23.00
C5D NAD O . -2.17 -9.38 22.87
C4D NAD O . -2.53 -10.06 21.55
O4D NAD O . -1.40 -11.12 21.10
C3D NAD O . -3.66 -10.72 21.66
O3D NAD O . -4.49 -10.48 20.40
C2D NAD O . -3.24 -12.16 21.72
O2D NAD O . -4.23 -13.03 21.28
C1D NAD O . -2.05 -12.13 20.72
N1N NAD O . -1.22 -13.35 20.87
C2N NAD O . -1.20 -14.30 19.86
C3N NAD O . -0.40 -15.43 20.04
C7N NAD O . -0.33 -16.56 18.94
O7N NAD O . 0.56 -17.36 19.01
N7N NAD O . -1.37 -16.65 17.88
C4N NAD O . 0.34 -15.58 21.18
C5N NAD O . 0.31 -14.63 22.18
C6N NAD O . -0.49 -13.50 22.00
PA NAD P . 0.77 -72.99 1.06
O1A NAD P . 1.74 -72.86 2.20
O2A NAD P . 0.06 -74.31 1.07
O5B NAD P . 1.53 -72.70 -0.39
C5B NAD P . 1.83 -71.32 -0.67
C4B NAD P . 2.91 -71.24 -1.80
O4B NAD P . 4.28 -71.91 -1.28
C3B NAD P . 2.54 -71.92 -2.84
O3B NAD P . 2.85 -71.12 -4.07
C2B NAD P . 3.38 -73.22 -2.85
O2B NAD P . 3.62 -73.68 -4.12
C1B NAD P . 4.67 -72.80 -2.17
N9A NAD P . 5.18 -73.91 -1.40
C8A NAD P . 4.72 -75.04 -0.89
N7A NAD P . 5.75 -75.61 -0.24
C5A NAD P . 6.85 -74.81 -0.36
C6A NAD P . 8.13 -74.95 0.12
N6A NAD P . 8.79 -76.01 0.93
N1A NAD P . 9.04 -74.00 -0.13
C2A NAD P . 8.69 -72.87 -0.87
N3A NAD P . 7.43 -72.75 -1.34
C4A NAD P . 6.49 -73.74 -1.08
O3 NAD P . -0.33 -71.79 1.22
PN NAD P . -1.86 -71.85 0.50
O1N NAD P . -2.55 -73.13 1.06
O2N NAD P . -1.80 -71.89 -1.02
O5D NAD P . -2.59 -70.47 1.02
C5D NAD P . -3.30 -70.47 2.25
C4D NAD P . -2.44 -69.93 3.37
O4D NAD P . -1.75 -68.56 2.88
C3D NAD P . -3.14 -69.63 4.45
O3D NAD P . -2.36 -70.06 5.69
C2D NAD P . -3.28 -68.13 4.40
O2D NAD P . -3.47 -67.50 5.63
C1D NAD P . -1.90 -67.73 3.82
N1N NAD P . -2.07 -66.39 3.19
C2N NAD P . -1.51 -65.29 3.78
C3N NAD P . -1.70 -64.06 3.14
C7N NAD P . -1.09 -62.77 3.79
O7N NAD P . -1.00 -61.77 3.15
N7N NAD P . -0.65 -62.81 5.21
C4N NAD P . -2.42 -63.97 1.98
C5N NAD P . -2.96 -65.10 1.40
C6N NAD P . -2.78 -66.33 2.02
PA NAD Q . 31.36 -62.75 18.92
O1A NAD Q . 30.49 -63.48 17.95
O2A NAD Q . 32.52 -63.62 19.36
O5B NAD Q . 30.44 -62.35 20.25
C5B NAD Q . 29.54 -61.22 20.20
C4B NAD Q . 28.50 -61.39 21.37
O4B NAD Q . 27.66 -62.76 21.17
C3B NAD Q . 29.10 -61.47 22.54
O3B NAD Q . 28.37 -60.64 23.56
C2B NAD Q . 29.06 -62.98 22.93
O2B NAD Q . 28.95 -63.15 24.29
C1B NAD Q . 27.78 -63.45 22.28
N9A NAD Q . 27.94 -64.83 21.94
C8A NAD Q . 28.92 -65.71 21.77
N7A NAD Q . 28.31 -66.86 21.41
C5A NAD Q . 26.97 -66.66 21.36
C6A NAD Q . 25.91 -67.53 21.05
N6A NAD Q . 25.87 -68.96 20.67
N1A NAD Q . 24.65 -67.08 21.07
C2A NAD Q . 24.42 -65.75 21.42
N3A NAD Q . 25.44 -64.90 21.72
C4A NAD Q . 26.72 -65.39 21.70
O3 NAD Q . 31.91 -61.35 18.26
PN NAD Q . 33.10 -60.36 18.95
O1N NAD Q . 34.42 -61.14 19.12
O2N NAD Q . 32.64 -59.90 20.32
O5D NAD Q . 33.23 -58.99 18.05
C5D NAD Q . 33.85 -59.05 16.79
C4D NAD Q . 32.78 -59.13 15.69
O4D NAD Q . 31.61 -58.06 15.99
C3D NAD Q . 33.29 -58.84 14.51
O3D NAD Q . 32.76 -59.85 13.50
C2D NAD Q . 32.79 -57.44 14.24
O2D NAD Q . 32.66 -57.16 12.89
C1D NAD Q . 31.37 -57.49 14.89
N1N NAD Q . 30.87 -56.10 15.11
C2N NAD Q . 29.89 -55.61 14.29
C3N NAD Q . 29.41 -54.31 14.52
C7N NAD Q . 28.29 -53.74 13.57
O7N NAD Q . 27.70 -52.76 13.92
N7N NAD Q . 28.00 -54.40 12.27
C4N NAD Q . 29.90 -53.55 15.56
C5N NAD Q . 30.87 -54.06 16.39
C6N NAD Q . 31.35 -55.36 16.16
#